data_1A5J
#
_entry.id   1A5J
#
_cell.length_a   1.000
_cell.length_b   1.000
_cell.length_c   1.000
_cell.angle_alpha   90.00
_cell.angle_beta   90.00
_cell.angle_gamma   90.00
#
_symmetry.space_group_name_H-M   'P 1'
#
_entity_poly.entity_id   1
_entity_poly.type   'polypeptide(L)'
_entity_poly.pdbx_seq_one_letter_code
;GIPDLVKGPWTKEEDQKVIELVKKYGTKQWTLIAKHLKGRLGKQCRERWHNHLNPEVKKSSWTEEEDRIIFEAHKVLGNR
WAEIAKLLPGRTDNAVKNHWNSTIKRKVDT
;
_entity_poly.pdbx_strand_id   A
#
# COMPACT_ATOMS: atom_id res chain seq x y z
N GLY A 1 31.48 -36.69 8.27
CA GLY A 1 30.68 -35.53 7.93
C GLY A 1 31.23 -34.83 6.69
N ILE A 2 30.98 -33.54 6.61
CA ILE A 2 31.43 -32.74 5.49
C ILE A 2 30.74 -33.22 4.21
N PRO A 3 29.42 -32.90 4.12
CA PRO A 3 28.63 -33.29 2.96
C PRO A 3 28.97 -32.41 1.75
N ASP A 4 28.08 -32.46 0.77
CA ASP A 4 28.26 -31.68 -0.44
C ASP A 4 28.14 -30.18 -0.11
N LEU A 5 28.56 -29.36 -1.05
CA LEU A 5 28.51 -27.92 -0.87
C LEU A 5 29.60 -27.49 0.10
N VAL A 6 30.54 -28.40 0.34
CA VAL A 6 31.64 -28.13 1.24
C VAL A 6 32.83 -27.59 0.44
N LYS A 7 32.86 -27.96 -0.83
CA LYS A 7 33.94 -27.52 -1.70
C LYS A 7 33.68 -26.08 -2.14
N GLY A 8 32.85 -25.39 -1.35
CA GLY A 8 32.53 -24.01 -1.65
C GLY A 8 31.31 -23.56 -0.82
N PRO A 9 31.53 -23.47 0.52
CA PRO A 9 30.48 -23.04 1.42
C PRO A 9 30.26 -21.53 1.33
N TRP A 10 29.03 -21.18 0.96
CA TRP A 10 28.66 -19.78 0.83
C TRP A 10 28.40 -19.23 2.22
N THR A 11 28.22 -17.91 2.29
CA THR A 11 27.95 -17.25 3.55
C THR A 11 27.14 -15.98 3.32
N LYS A 12 27.13 -15.13 4.34
CA LYS A 12 26.40 -13.88 4.27
C LYS A 12 26.98 -13.02 3.14
N GLU A 13 28.27 -13.18 2.93
CA GLU A 13 28.96 -12.43 1.90
C GLU A 13 28.22 -12.56 0.55
N GLU A 14 28.38 -13.72 -0.05
CA GLU A 14 27.74 -13.99 -1.33
C GLU A 14 26.24 -13.66 -1.25
N ASP A 15 25.65 -14.01 -0.12
CA ASP A 15 24.24 -13.74 0.10
C ASP A 15 23.99 -12.24 0.10
N GLN A 16 25.02 -11.51 0.52
CA GLN A 16 24.92 -10.06 0.58
C GLN A 16 24.76 -9.48 -0.83
N LYS A 17 25.30 -10.19 -1.80
CA LYS A 17 25.21 -9.76 -3.18
C LYS A 17 23.77 -9.92 -3.66
N VAL A 18 23.20 -11.06 -3.37
CA VAL A 18 21.82 -11.35 -3.77
C VAL A 18 20.92 -10.22 -3.29
N ILE A 19 21.22 -9.72 -2.11
CA ILE A 19 20.44 -8.63 -1.52
C ILE A 19 20.69 -7.36 -2.32
N GLU A 20 21.91 -7.24 -2.82
CA GLU A 20 22.28 -6.07 -3.60
C GLU A 20 21.69 -6.15 -5.00
N LEU A 21 21.37 -7.38 -5.40
CA LEU A 21 20.80 -7.61 -6.72
C LEU A 21 19.27 -7.50 -6.63
N VAL A 22 18.72 -8.11 -5.59
CA VAL A 22 17.29 -8.10 -5.39
C VAL A 22 16.82 -6.65 -5.23
N LYS A 23 17.68 -5.84 -4.62
CA LYS A 23 17.37 -4.44 -4.40
C LYS A 23 17.54 -3.68 -5.71
N LYS A 24 18.59 -4.03 -6.44
CA LYS A 24 18.88 -3.39 -7.71
C LYS A 24 17.89 -3.89 -8.76
N TYR A 25 17.22 -4.97 -8.42
CA TYR A 25 16.24 -5.56 -9.34
C TYR A 25 14.82 -5.16 -8.94
N GLY A 26 14.50 -5.41 -7.67
CA GLY A 26 13.19 -5.08 -7.16
C GLY A 26 12.49 -6.33 -6.62
N THR A 27 13.22 -7.43 -6.62
CA THR A 27 12.68 -8.69 -6.15
C THR A 27 11.65 -9.24 -7.13
N LYS A 28 12.10 -9.39 -8.37
CA LYS A 28 11.22 -9.91 -9.42
C LYS A 28 11.85 -11.16 -10.03
N GLN A 29 13.15 -11.07 -10.28
CA GLN A 29 13.87 -12.18 -10.86
C GLN A 29 14.56 -13.01 -9.76
N TRP A 30 13.74 -13.75 -9.03
CA TRP A 30 14.24 -14.58 -7.95
C TRP A 30 15.27 -15.55 -8.54
N THR A 31 15.21 -15.69 -9.86
CA THR A 31 16.13 -16.58 -10.55
C THR A 31 17.58 -16.12 -10.35
N LEU A 32 17.72 -14.82 -10.18
CA LEU A 32 19.04 -14.24 -9.98
C LEU A 32 19.65 -14.81 -8.70
N ILE A 33 18.91 -14.66 -7.61
CA ILE A 33 19.37 -15.16 -6.32
C ILE A 33 19.92 -16.57 -6.49
N ALA A 34 19.06 -17.47 -6.93
CA ALA A 34 19.45 -18.85 -7.13
C ALA A 34 20.55 -18.91 -8.20
N LYS A 35 20.19 -18.49 -9.41
CA LYS A 35 21.13 -18.49 -10.51
C LYS A 35 22.48 -17.94 -10.03
N HIS A 36 22.40 -17.07 -9.04
CA HIS A 36 23.60 -16.47 -8.48
C HIS A 36 24.21 -17.41 -7.43
N LEU A 37 23.41 -17.69 -6.41
CA LEU A 37 23.87 -18.58 -5.33
C LEU A 37 23.33 -19.99 -5.58
N LYS A 38 24.14 -20.79 -6.27
CA LYS A 38 23.76 -22.15 -6.58
C LYS A 38 24.03 -23.04 -5.37
N GLY A 39 24.11 -24.33 -5.62
CA GLY A 39 24.35 -25.30 -4.56
C GLY A 39 23.06 -25.64 -3.82
N ARG A 40 22.34 -24.60 -3.44
CA ARG A 40 21.09 -24.78 -2.72
C ARG A 40 19.96 -24.01 -3.42
N LEU A 41 18.81 -23.99 -2.76
CA LEU A 41 17.65 -23.31 -3.32
C LEU A 41 17.79 -21.80 -3.09
N GLY A 42 17.30 -21.04 -4.05
CA GLY A 42 17.36 -19.59 -3.96
C GLY A 42 16.16 -19.04 -3.19
N LYS A 43 15.46 -19.94 -2.51
CA LYS A 43 14.30 -19.56 -1.73
C LYS A 43 14.76 -19.00 -0.38
N GLN A 44 14.05 -19.39 0.66
CA GLN A 44 14.37 -18.93 2.01
C GLN A 44 14.88 -17.49 1.97
N CYS A 45 13.98 -16.59 1.59
CA CYS A 45 14.33 -15.18 1.51
C CYS A 45 13.04 -14.37 1.40
N ARG A 46 12.15 -14.86 0.55
CA ARG A 46 10.88 -14.19 0.33
C ARG A 46 10.36 -13.60 1.66
N GLU A 47 10.64 -14.31 2.73
CA GLU A 47 10.21 -13.87 4.05
C GLU A 47 11.05 -12.67 4.51
N ARG A 48 11.02 -11.63 3.68
CA ARG A 48 11.77 -10.42 3.98
C ARG A 48 11.47 -9.35 2.94
N TRP A 49 11.41 -9.77 1.68
CA TRP A 49 11.13 -8.86 0.59
C TRP A 49 9.64 -8.97 0.25
N HIS A 50 9.06 -10.09 0.64
CA HIS A 50 7.66 -10.32 0.39
C HIS A 50 6.85 -10.09 1.66
N ASN A 51 7.49 -10.38 2.79
CA ASN A 51 6.85 -10.20 4.08
C ASN A 51 7.49 -9.02 4.81
N HIS A 52 7.14 -7.83 4.36
CA HIS A 52 7.67 -6.61 4.96
C HIS A 52 6.76 -5.43 4.61
N LEU A 53 6.69 -5.13 3.33
CA LEU A 53 5.87 -4.04 2.86
C LEU A 53 4.56 -4.01 3.64
N ASN A 54 4.29 -2.87 4.27
CA ASN A 54 3.08 -2.72 5.05
C ASN A 54 3.07 -1.32 5.68
N PRO A 55 2.98 -0.29 4.80
CA PRO A 55 2.97 1.09 5.26
C PRO A 55 1.60 1.45 5.86
N GLU A 56 1.33 2.74 5.88
CA GLU A 56 0.07 3.23 6.42
C GLU A 56 -0.78 3.84 5.30
N VAL A 57 -1.86 4.49 5.72
CA VAL A 57 -2.77 5.12 4.77
C VAL A 57 -2.09 6.36 4.17
N LYS A 58 -1.17 6.92 4.94
CA LYS A 58 -0.45 8.10 4.50
C LYS A 58 0.60 8.47 5.55
N LYS A 59 1.17 7.44 6.15
CA LYS A 59 2.19 7.63 7.17
C LYS A 59 1.63 8.52 8.29
N SER A 60 1.42 7.90 9.45
CA SER A 60 0.89 8.62 10.59
C SER A 60 -0.64 8.66 10.52
N SER A 61 -1.14 8.92 9.33
CA SER A 61 -2.58 8.99 9.11
C SER A 61 -3.22 7.65 9.51
N TRP A 62 -4.37 7.39 8.89
CA TRP A 62 -5.10 6.15 9.18
C TRP A 62 -4.21 4.99 8.76
N THR A 63 -4.71 3.78 9.03
CA THR A 63 -3.97 2.58 8.69
C THR A 63 -4.84 1.67 7.81
N GLU A 64 -4.48 0.39 7.81
CA GLU A 64 -5.21 -0.59 7.02
C GLU A 64 -6.47 -1.03 7.76
N GLU A 65 -6.29 -1.96 8.69
CA GLU A 65 -7.40 -2.48 9.47
C GLU A 65 -8.29 -1.33 9.94
N GLU A 66 -7.67 -0.17 10.13
CA GLU A 66 -8.39 1.02 10.58
C GLU A 66 -9.32 1.50 9.47
N ASP A 67 -8.83 1.47 8.25
CA ASP A 67 -9.60 1.91 7.10
C ASP A 67 -10.77 0.95 6.89
N ARG A 68 -10.45 -0.34 6.91
CA ARG A 68 -11.46 -1.36 6.73
C ARG A 68 -12.58 -1.20 7.76
N ILE A 69 -12.20 -1.32 9.02
CA ILE A 69 -13.16 -1.20 10.11
C ILE A 69 -14.18 -0.10 9.75
N ILE A 70 -13.68 1.12 9.67
CA ILE A 70 -14.52 2.26 9.35
C ILE A 70 -15.32 1.94 8.09
N PHE A 71 -14.62 1.40 7.10
CA PHE A 71 -15.25 1.06 5.84
C PHE A 71 -16.26 -0.09 6.02
N GLU A 72 -16.16 -0.73 7.18
CA GLU A 72 -17.05 -1.84 7.49
C GLU A 72 -17.73 -1.61 8.84
N ALA A 73 -17.77 -0.34 9.24
CA ALA A 73 -18.38 0.02 10.50
C ALA A 73 -19.56 0.96 10.23
N HIS A 74 -19.41 1.77 9.20
CA HIS A 74 -20.45 2.71 8.83
C HIS A 74 -21.65 1.96 8.26
N LYS A 75 -21.41 0.70 7.93
CA LYS A 75 -22.46 -0.14 7.38
C LYS A 75 -22.97 -1.10 8.46
N VAL A 76 -22.56 -0.82 9.69
CA VAL A 76 -22.96 -1.64 10.82
C VAL A 76 -23.84 -0.81 11.76
N LEU A 77 -23.49 0.46 11.87
CA LEU A 77 -24.23 1.37 12.73
C LEU A 77 -24.71 2.57 11.91
N GLY A 78 -23.77 3.43 11.57
CA GLY A 78 -24.08 4.62 10.78
C GLY A 78 -22.98 5.66 10.90
N ASN A 79 -23.38 6.88 11.17
CA ASN A 79 -22.43 7.98 11.30
C ASN A 79 -21.98 8.08 12.76
N ARG A 80 -22.06 6.95 13.45
CA ARG A 80 -21.66 6.89 14.85
C ARG A 80 -20.14 6.98 14.97
N TRP A 81 -19.59 8.04 14.40
CA TRP A 81 -18.15 8.26 14.44
C TRP A 81 -17.70 8.12 15.89
N ALA A 82 -18.55 8.59 16.79
CA ALA A 82 -18.24 8.52 18.22
C ALA A 82 -17.96 7.07 18.60
N GLU A 83 -18.59 6.16 17.87
CA GLU A 83 -18.42 4.74 18.13
C GLU A 83 -17.33 4.16 17.23
N ILE A 84 -17.33 4.63 15.98
CA ILE A 84 -16.35 4.17 15.01
C ILE A 84 -14.95 4.27 15.62
N ALA A 85 -14.68 5.44 16.19
CA ALA A 85 -13.38 5.68 16.82
C ALA A 85 -13.23 4.78 18.05
N LYS A 86 -14.30 4.75 18.85
CA LYS A 86 -14.30 3.93 20.05
C LYS A 86 -13.63 2.58 19.76
N LEU A 87 -13.75 2.17 18.50
CA LEU A 87 -13.17 0.91 18.08
C LEU A 87 -11.65 1.06 17.97
N LEU A 88 -11.23 2.08 17.25
CA LEU A 88 -9.82 2.35 17.06
C LEU A 88 -9.38 3.44 18.03
N PRO A 89 -8.55 3.02 19.02
CA PRO A 89 -8.04 3.95 20.02
C PRO A 89 -6.95 4.86 19.43
N GLY A 90 -7.17 6.15 19.55
CA GLY A 90 -6.23 7.13 19.04
C GLY A 90 -6.95 8.27 18.31
N ARG A 91 -7.82 7.88 17.39
CA ARG A 91 -8.57 8.86 16.62
C ARG A 91 -9.88 9.19 17.34
N THR A 92 -10.44 10.35 16.97
CA THR A 92 -11.68 10.79 17.56
C THR A 92 -12.84 10.65 16.57
N ASP A 93 -13.97 11.22 16.95
CA ASP A 93 -15.15 11.16 16.09
C ASP A 93 -14.97 12.11 14.91
N ASN A 94 -14.49 13.31 15.21
CA ASN A 94 -14.25 14.30 14.18
C ASN A 94 -13.19 13.80 13.20
N ALA A 95 -12.50 12.75 13.64
CA ALA A 95 -11.45 12.16 12.81
C ALA A 95 -12.08 11.24 11.77
N VAL A 96 -12.67 10.16 12.28
CA VAL A 96 -13.31 9.18 11.40
C VAL A 96 -14.35 9.89 10.52
N LYS A 97 -15.20 10.66 11.18
CA LYS A 97 -16.23 11.40 10.47
C LYS A 97 -15.64 12.01 9.20
N ASN A 98 -14.63 12.86 9.39
CA ASN A 98 -13.97 13.51 8.29
C ASN A 98 -13.37 12.44 7.36
N HIS A 99 -12.73 11.46 7.98
CA HIS A 99 -12.10 10.38 7.23
C HIS A 99 -13.10 9.84 6.20
N TRP A 100 -14.38 10.05 6.48
CA TRP A 100 -15.42 9.59 5.59
C TRP A 100 -15.35 10.41 4.30
N ASN A 101 -15.38 11.72 4.48
CA ASN A 101 -15.31 12.63 3.36
C ASN A 101 -13.86 12.83 2.94
N SER A 102 -12.97 12.24 3.72
CA SER A 102 -11.54 12.35 3.45
C SER A 102 -11.18 11.48 2.24
N THR A 103 -11.09 10.18 2.49
CA THR A 103 -10.75 9.24 1.44
C THR A 103 -11.72 8.05 1.44
N ILE A 104 -12.56 8.03 2.46
CA ILE A 104 -13.55 6.96 2.59
C ILE A 104 -14.91 7.46 2.10
N LYS A 105 -14.86 8.30 1.07
CA LYS A 105 -16.08 8.85 0.51
C LYS A 105 -16.17 8.44 -0.97
N ARG A 106 -15.80 7.21 -1.24
CA ARG A 106 -15.83 6.70 -2.60
C ARG A 106 -17.28 6.54 -3.07
N LYS A 107 -18.01 5.69 -2.37
CA LYS A 107 -19.40 5.44 -2.71
C LYS A 107 -20.20 6.73 -2.49
N VAL A 108 -20.20 7.56 -3.52
CA VAL A 108 -20.94 8.82 -3.47
C VAL A 108 -21.28 9.26 -4.90
N ASP A 109 -20.28 9.19 -5.77
CA ASP A 109 -20.47 9.58 -7.15
C ASP A 109 -20.86 8.36 -7.98
N THR A 110 -21.60 7.46 -7.34
CA THR A 110 -22.05 6.25 -7.99
C THR A 110 -22.51 6.56 -9.42
N GLY A 1 36.20 -10.70 14.03
CA GLY A 1 35.42 -11.32 12.99
C GLY A 1 34.40 -10.33 12.41
N ILE A 2 34.09 -10.53 11.13
CA ILE A 2 33.14 -9.67 10.45
C ILE A 2 32.20 -10.53 9.61
N PRO A 3 31.45 -11.43 10.30
CA PRO A 3 30.51 -12.30 9.62
C PRO A 3 29.27 -11.54 9.18
N ASP A 4 29.26 -10.25 9.46
CA ASP A 4 28.15 -9.40 9.10
C ASP A 4 28.63 -8.31 8.14
N LEU A 5 29.48 -8.71 7.21
CA LEU A 5 30.02 -7.79 6.23
C LEU A 5 30.28 -6.44 6.90
N VAL A 6 31.53 -6.25 7.32
CA VAL A 6 31.92 -5.02 7.97
C VAL A 6 33.17 -4.47 7.29
N LYS A 7 34.03 -3.88 8.11
CA LYS A 7 35.28 -3.30 7.60
C LYS A 7 35.00 -2.63 6.25
N GLY A 8 33.77 -2.18 6.10
CA GLY A 8 33.37 -1.52 4.87
C GLY A 8 32.36 -2.37 4.08
N PRO A 9 31.09 -2.35 4.57
CA PRO A 9 30.03 -3.11 3.93
C PRO A 9 29.59 -2.44 2.62
N TRP A 10 28.48 -2.93 2.10
CA TRP A 10 27.94 -2.39 0.86
C TRP A 10 27.56 -0.93 1.10
N THR A 11 27.36 -0.22 0.01
CA THR A 11 27.00 1.18 0.09
C THR A 11 26.18 1.61 -1.14
N LYS A 12 25.68 2.83 -1.09
CA LYS A 12 24.88 3.35 -2.19
C LYS A 12 25.47 2.88 -3.52
N GLU A 13 26.79 2.73 -3.52
CA GLU A 13 27.49 2.28 -4.71
C GLU A 13 27.03 0.88 -5.11
N GLU A 14 27.13 -0.03 -4.16
CA GLU A 14 26.72 -1.41 -4.40
C GLU A 14 25.28 -1.46 -4.91
N ASP A 15 24.56 -0.39 -4.64
CA ASP A 15 23.17 -0.29 -5.06
C ASP A 15 23.10 0.39 -6.44
N GLN A 16 24.19 1.08 -6.77
CA GLN A 16 24.27 1.77 -8.05
C GLN A 16 24.84 0.84 -9.11
N LYS A 17 25.65 -0.11 -8.67
CA LYS A 17 26.26 -1.06 -9.57
C LYS A 17 25.26 -2.17 -9.89
N VAL A 18 24.64 -2.68 -8.83
CA VAL A 18 23.66 -3.75 -8.98
C VAL A 18 22.47 -3.22 -9.77
N ILE A 19 22.12 -1.97 -9.51
CA ILE A 19 21.00 -1.33 -10.18
C ILE A 19 21.29 -1.26 -11.68
N GLU A 20 22.20 -0.37 -12.03
CA GLU A 20 22.57 -0.19 -13.42
C GLU A 20 22.77 -1.54 -14.10
N LEU A 21 23.04 -2.55 -13.27
CA LEU A 21 23.24 -3.90 -13.78
C LEU A 21 21.89 -4.55 -14.04
N VAL A 22 21.26 -4.98 -12.95
CA VAL A 22 19.96 -5.64 -13.05
C VAL A 22 19.09 -4.89 -14.07
N LYS A 23 19.33 -3.58 -14.15
CA LYS A 23 18.59 -2.74 -15.08
C LYS A 23 19.02 -3.06 -16.51
N LYS A 24 20.33 -3.06 -16.72
CA LYS A 24 20.88 -3.35 -18.02
C LYS A 24 20.63 -4.81 -18.38
N TYR A 25 20.40 -5.60 -17.33
CA TYR A 25 20.14 -7.02 -17.51
C TYR A 25 18.64 -7.29 -17.72
N GLY A 26 17.86 -6.86 -16.74
CA GLY A 26 16.42 -7.05 -16.80
C GLY A 26 16.06 -8.49 -17.15
N THR A 27 15.55 -9.20 -16.15
CA THR A 27 15.17 -10.59 -16.33
C THR A 27 15.07 -11.31 -14.99
N LYS A 28 16.23 -11.53 -14.38
CA LYS A 28 16.29 -12.19 -13.09
C LYS A 28 17.73 -12.62 -12.81
N GLN A 29 18.59 -11.62 -12.68
CA GLN A 29 20.00 -11.88 -12.40
C GLN A 29 20.34 -11.47 -10.97
N TRP A 30 20.29 -12.45 -10.08
CA TRP A 30 20.60 -12.20 -8.68
C TRP A 30 22.07 -12.59 -8.44
N THR A 31 22.65 -13.21 -9.45
CA THR A 31 24.04 -13.65 -9.36
C THR A 31 24.97 -12.44 -9.45
N LEU A 32 24.73 -11.61 -10.44
CA LEU A 32 25.54 -10.42 -10.65
C LEU A 32 25.66 -9.66 -9.33
N ILE A 33 24.51 -9.45 -8.70
CA ILE A 33 24.46 -8.73 -7.45
C ILE A 33 25.41 -9.41 -6.45
N ALA A 34 25.42 -10.73 -6.50
CA ALA A 34 26.27 -11.50 -5.61
C ALA A 34 27.57 -11.86 -6.34
N LYS A 35 27.78 -11.19 -7.46
CA LYS A 35 28.98 -11.43 -8.26
C LYS A 35 29.84 -10.17 -8.29
N HIS A 36 29.15 -9.03 -8.39
CA HIS A 36 29.85 -7.75 -8.43
C HIS A 36 30.15 -7.30 -6.99
N LEU A 37 29.58 -8.01 -6.04
CA LEU A 37 29.78 -7.69 -4.64
C LEU A 37 29.75 -8.98 -3.82
N LYS A 38 30.88 -9.27 -3.18
CA LYS A 38 30.99 -10.47 -2.36
C LYS A 38 30.53 -10.15 -0.94
N GLY A 39 30.39 -11.20 -0.15
CA GLY A 39 29.97 -11.05 1.22
C GLY A 39 28.51 -11.48 1.40
N ARG A 40 27.65 -10.91 0.58
CA ARG A 40 26.23 -11.23 0.62
C ARG A 40 25.86 -12.17 -0.53
N LEU A 41 24.80 -12.94 -0.30
CA LEU A 41 24.33 -13.87 -1.31
C LEU A 41 23.45 -13.13 -2.31
N GLY A 42 22.83 -13.90 -3.19
CA GLY A 42 21.96 -13.32 -4.21
C GLY A 42 20.49 -13.57 -3.87
N LYS A 43 20.04 -12.92 -2.82
CA LYS A 43 18.66 -13.06 -2.38
C LYS A 43 18.15 -11.71 -1.86
N GLN A 44 18.93 -11.14 -0.95
CA GLN A 44 18.57 -9.86 -0.36
C GLN A 44 19.65 -8.82 -0.66
N CYS A 45 19.41 -8.03 -1.70
CA CYS A 45 20.34 -7.00 -2.09
C CYS A 45 19.61 -6.01 -3.00
N ARG A 46 19.19 -6.51 -4.16
CA ARG A 46 18.48 -5.67 -5.12
C ARG A 46 17.00 -5.60 -4.75
N GLU A 47 16.75 -5.37 -3.47
CA GLU A 47 15.38 -5.27 -2.98
C GLU A 47 15.02 -3.81 -2.69
N ARG A 48 15.62 -2.92 -3.47
CA ARG A 48 15.38 -1.50 -3.31
C ARG A 48 14.21 -1.06 -4.19
N TRP A 49 14.28 -1.44 -5.45
CA TRP A 49 13.23 -1.10 -6.41
C TRP A 49 12.07 -2.06 -6.19
N HIS A 50 12.36 -3.15 -5.50
CA HIS A 50 11.34 -4.15 -5.22
C HIS A 50 10.50 -3.71 -4.02
N ASN A 51 11.17 -3.60 -2.88
CA ASN A 51 10.49 -3.19 -1.66
C ASN A 51 10.57 -1.67 -1.53
N HIS A 52 10.23 -1.00 -2.62
CA HIS A 52 10.25 0.46 -2.64
C HIS A 52 8.82 1.00 -2.48
N LEU A 53 8.01 0.74 -3.50
CA LEU A 53 6.63 1.19 -3.48
C LEU A 53 6.05 1.00 -2.07
N ASN A 54 5.91 2.11 -1.37
CA ASN A 54 5.37 2.09 -0.02
C ASN A 54 3.87 2.38 -0.07
N PRO A 55 3.09 1.45 0.54
CA PRO A 55 1.64 1.60 0.58
C PRO A 55 1.22 2.66 1.59
N GLU A 56 1.01 2.21 2.82
CA GLU A 56 0.60 3.11 3.88
C GLU A 56 -0.64 3.89 3.48
N VAL A 57 -1.27 4.50 4.46
CA VAL A 57 -2.47 5.29 4.21
C VAL A 57 -2.07 6.74 3.91
N LYS A 58 -0.84 6.90 3.48
CA LYS A 58 -0.33 8.22 3.15
C LYS A 58 0.28 8.86 4.40
N LYS A 59 1.58 8.65 4.56
CA LYS A 59 2.29 9.18 5.70
C LYS A 59 1.46 8.97 6.97
N SER A 60 1.84 9.68 8.02
CA SER A 60 1.14 9.57 9.28
C SER A 60 -0.35 9.84 9.08
N SER A 61 -1.14 8.79 9.26
CA SER A 61 -2.58 8.90 9.10
C SER A 61 -3.26 7.61 9.56
N TRP A 62 -4.39 7.33 8.95
CA TRP A 62 -5.14 6.12 9.27
C TRP A 62 -4.28 4.91 8.92
N THR A 63 -4.82 3.74 9.22
CA THR A 63 -4.11 2.50 8.93
C THR A 63 -4.96 1.58 8.07
N GLU A 64 -4.66 0.29 8.14
CA GLU A 64 -5.39 -0.69 7.36
C GLU A 64 -6.69 -1.07 8.08
N GLU A 65 -6.56 -1.97 9.05
CA GLU A 65 -7.72 -2.42 9.82
C GLU A 65 -8.60 -1.22 10.20
N GLU A 66 -7.94 -0.09 10.40
CA GLU A 66 -8.65 1.13 10.77
C GLU A 66 -9.55 1.59 9.63
N ASP A 67 -9.00 1.50 8.42
CA ASP A 67 -9.74 1.90 7.24
C ASP A 67 -10.86 0.89 6.97
N ARG A 68 -10.48 -0.38 6.97
CA ARG A 68 -11.43 -1.45 6.73
C ARG A 68 -12.56 -1.40 7.77
N ILE A 69 -12.17 -1.59 9.02
CA ILE A 69 -13.14 -1.57 10.11
C ILE A 69 -14.17 -0.48 9.84
N ILE A 70 -13.73 0.76 9.97
CA ILE A 70 -14.60 1.91 9.75
C ILE A 70 -15.45 1.66 8.50
N PHE A 71 -14.77 1.38 7.40
CA PHE A 71 -15.44 1.12 6.15
C PHE A 71 -16.54 0.08 6.32
N GLU A 72 -16.25 -0.92 7.14
CA GLU A 72 -17.20 -1.99 7.40
C GLU A 72 -17.95 -1.72 8.71
N ALA A 73 -17.79 -0.50 9.21
CA ALA A 73 -18.43 -0.11 10.45
C ALA A 73 -19.52 0.93 10.15
N HIS A 74 -19.36 1.59 9.01
CA HIS A 74 -20.31 2.61 8.60
C HIS A 74 -21.58 1.93 8.08
N LYS A 75 -21.46 0.64 7.81
CA LYS A 75 -22.59 -0.13 7.30
C LYS A 75 -23.21 -0.92 8.45
N VAL A 76 -22.78 -0.58 9.66
CA VAL A 76 -23.29 -1.26 10.84
C VAL A 76 -24.12 -0.27 11.67
N LEU A 77 -23.77 1.00 11.54
CA LEU A 77 -24.48 2.04 12.27
C LEU A 77 -24.80 3.19 11.32
N GLY A 78 -23.75 3.89 10.89
CA GLY A 78 -23.91 5.00 9.98
C GLY A 78 -22.86 6.08 10.25
N ASN A 79 -23.35 7.29 10.52
CA ASN A 79 -22.47 8.41 10.80
C ASN A 79 -22.16 8.46 12.30
N ARG A 80 -22.38 7.32 12.95
CA ARG A 80 -22.13 7.22 14.38
C ARG A 80 -20.62 7.20 14.65
N TRP A 81 -19.94 8.19 14.11
CA TRP A 81 -18.50 8.30 14.29
C TRP A 81 -18.20 8.12 15.78
N ALA A 82 -19.09 8.65 16.60
CA ALA A 82 -18.93 8.55 18.04
C ALA A 82 -18.67 7.09 18.42
N GLU A 83 -19.16 6.19 17.59
CA GLU A 83 -18.99 4.77 17.82
C GLU A 83 -18.03 4.17 16.79
N ILE A 84 -18.23 4.57 15.54
CA ILE A 84 -17.40 4.08 14.46
C ILE A 84 -15.93 4.14 14.89
N ALA A 85 -15.59 5.21 15.61
CA ALA A 85 -14.23 5.40 16.09
C ALA A 85 -13.98 4.45 17.26
N LYS A 86 -15.01 4.30 18.10
CA LYS A 86 -14.91 3.44 19.26
C LYS A 86 -14.68 1.99 18.80
N LEU A 87 -13.45 1.73 18.37
CA LEU A 87 -13.09 0.40 17.90
C LEU A 87 -11.57 0.23 18.03
N LEU A 88 -10.85 1.26 17.63
CA LEU A 88 -9.40 1.23 17.69
C LEU A 88 -8.90 2.43 18.51
N PRO A 89 -7.72 2.22 19.17
CA PRO A 89 -7.14 3.27 19.98
C PRO A 89 -6.50 4.35 19.11
N GLY A 90 -7.27 5.41 18.87
CA GLY A 90 -6.79 6.52 18.06
C GLY A 90 -7.91 7.06 17.17
N ARG A 91 -7.92 8.37 17.02
CA ARG A 91 -8.92 9.03 16.20
C ARG A 91 -10.30 8.89 16.85
N THR A 92 -10.94 10.04 17.05
CA THR A 92 -12.26 10.06 17.67
C THR A 92 -13.34 10.03 16.58
N ASP A 93 -14.39 10.82 16.82
CA ASP A 93 -15.49 10.89 15.87
C ASP A 93 -15.17 11.92 14.80
N ASN A 94 -14.73 13.09 15.25
CA ASN A 94 -14.38 14.16 14.34
C ASN A 94 -13.24 13.70 13.42
N ALA A 95 -12.62 12.61 13.81
CA ALA A 95 -11.52 12.05 13.04
C ALA A 95 -12.08 11.21 11.89
N VAL A 96 -12.67 10.08 12.26
CA VAL A 96 -13.24 9.18 11.27
C VAL A 96 -14.24 9.96 10.40
N LYS A 97 -15.14 10.66 11.07
CA LYS A 97 -16.14 11.45 10.37
C LYS A 97 -15.50 12.09 9.14
N ASN A 98 -14.54 12.97 9.39
CA ASN A 98 -13.86 13.66 8.31
C ASN A 98 -13.24 12.62 7.36
N HIS A 99 -12.52 11.68 7.97
CA HIS A 99 -11.86 10.63 7.20
C HIS A 99 -12.83 10.09 6.14
N TRP A 100 -14.12 10.17 6.47
CA TRP A 100 -15.15 9.70 5.55
C TRP A 100 -15.06 10.52 4.27
N ASN A 101 -15.39 11.80 4.39
CA ASN A 101 -15.35 12.70 3.25
C ASN A 101 -13.90 12.94 2.85
N SER A 102 -13.00 12.38 3.64
CA SER A 102 -11.58 12.52 3.37
C SER A 102 -11.19 11.69 2.15
N THR A 103 -11.03 10.40 2.38
CA THR A 103 -10.66 9.50 1.30
C THR A 103 -11.67 8.34 1.20
N ILE A 104 -12.50 8.24 2.23
CA ILE A 104 -13.51 7.19 2.27
C ILE A 104 -14.80 7.72 1.64
N LYS A 105 -14.64 8.61 0.68
CA LYS A 105 -15.78 9.19 0.00
C LYS A 105 -15.41 9.50 -1.46
N ARG A 106 -15.92 8.66 -2.35
CA ARG A 106 -15.65 8.82 -3.76
C ARG A 106 -16.50 9.95 -4.34
N LYS A 107 -17.80 9.69 -4.40
CA LYS A 107 -18.73 10.68 -4.93
C LYS A 107 -18.79 11.87 -3.98
N VAL A 108 -17.77 12.71 -4.08
CA VAL A 108 -17.69 13.90 -3.24
C VAL A 108 -16.87 14.98 -3.97
N ASP A 109 -15.74 14.55 -4.50
CA ASP A 109 -14.86 15.46 -5.22
C ASP A 109 -14.06 14.67 -6.26
N THR A 110 -14.73 14.33 -7.35
CA THR A 110 -14.09 13.59 -8.42
C THR A 110 -12.88 14.35 -8.96
N GLY A 1 39.70 -24.97 -6.91
CA GLY A 1 39.46 -24.05 -8.00
C GLY A 1 38.37 -23.03 -7.63
N ILE A 2 37.29 -23.56 -7.07
CA ILE A 2 36.16 -22.72 -6.67
C ILE A 2 35.75 -23.08 -5.24
N PRO A 3 34.79 -22.29 -4.71
CA PRO A 3 34.29 -22.52 -3.36
C PRO A 3 33.37 -23.73 -3.31
N ASP A 4 32.58 -23.80 -2.25
CA ASP A 4 31.65 -24.90 -2.07
C ASP A 4 30.39 -24.64 -2.90
N LEU A 5 29.60 -25.69 -3.07
CA LEU A 5 28.38 -25.59 -3.83
C LEU A 5 28.70 -25.62 -5.33
N VAL A 6 29.91 -26.07 -5.62
CA VAL A 6 30.36 -26.17 -7.01
C VAL A 6 29.79 -27.43 -7.64
N LYS A 7 29.53 -28.42 -6.79
CA LYS A 7 28.99 -29.69 -7.26
C LYS A 7 27.47 -29.56 -7.39
N GLY A 8 27.01 -28.31 -7.41
CA GLY A 8 25.59 -28.04 -7.53
C GLY A 8 25.31 -26.55 -7.43
N PRO A 9 25.86 -25.79 -8.41
CA PRO A 9 25.67 -24.35 -8.45
C PRO A 9 24.26 -23.99 -8.92
N TRP A 10 23.59 -23.19 -8.10
CA TRP A 10 22.24 -22.76 -8.43
C TRP A 10 22.32 -21.75 -9.56
N THR A 11 21.19 -21.56 -10.24
CA THR A 11 21.12 -20.63 -11.35
C THR A 11 19.69 -20.10 -11.51
N LYS A 12 19.56 -19.11 -12.39
CA LYS A 12 18.26 -18.51 -12.64
C LYS A 12 17.19 -19.61 -12.68
N GLU A 13 17.62 -20.78 -13.14
CA GLU A 13 16.71 -21.92 -13.22
C GLU A 13 16.20 -22.31 -11.83
N GLU A 14 17.16 -22.47 -10.92
CA GLU A 14 16.82 -22.84 -9.55
C GLU A 14 15.79 -21.86 -8.98
N ASP A 15 15.89 -20.62 -9.43
CA ASP A 15 14.98 -19.58 -8.97
C ASP A 15 13.64 -19.73 -9.69
N GLN A 16 13.72 -19.88 -10.99
CA GLN A 16 12.52 -20.03 -11.81
C GLN A 16 11.65 -21.17 -11.26
N LYS A 17 12.30 -22.09 -10.56
CA LYS A 17 11.60 -23.22 -9.98
C LYS A 17 11.00 -22.81 -8.64
N VAL A 18 11.85 -22.27 -7.78
CA VAL A 18 11.41 -21.83 -6.47
C VAL A 18 10.28 -20.82 -6.62
N ILE A 19 10.39 -20.00 -7.66
CA ILE A 19 9.38 -18.99 -7.94
C ILE A 19 8.06 -19.67 -8.29
N GLU A 20 8.02 -20.19 -9.51
CA GLU A 20 6.83 -20.87 -9.99
C GLU A 20 6.25 -21.76 -8.89
N LEU A 21 7.13 -22.53 -8.27
CA LEU A 21 6.73 -23.44 -7.22
C LEU A 21 5.98 -22.64 -6.13
N VAL A 22 6.67 -21.63 -5.62
CA VAL A 22 6.08 -20.79 -4.59
C VAL A 22 4.83 -20.10 -5.14
N LYS A 23 4.70 -20.14 -6.45
CA LYS A 23 3.56 -19.54 -7.11
C LYS A 23 2.43 -20.56 -7.22
N LYS A 24 2.79 -21.81 -7.00
CA LYS A 24 1.82 -22.89 -7.07
C LYS A 24 1.58 -23.44 -5.67
N TYR A 25 2.53 -23.19 -4.79
CA TYR A 25 2.44 -23.65 -3.41
C TYR A 25 1.83 -22.57 -2.51
N GLY A 26 2.43 -21.38 -2.57
CA GLY A 26 1.95 -20.28 -1.77
C GLY A 26 3.12 -19.40 -1.30
N THR A 27 3.30 -19.36 0.01
CA THR A 27 4.37 -18.57 0.60
C THR A 27 4.62 -19.01 2.04
N LYS A 28 4.36 -20.28 2.30
CA LYS A 28 4.56 -20.82 3.63
C LYS A 28 5.32 -22.15 3.52
N GLN A 29 5.78 -22.44 2.30
CA GLN A 29 6.52 -23.66 2.06
C GLN A 29 7.92 -23.33 1.54
N TRP A 30 8.86 -23.28 2.46
CA TRP A 30 10.24 -22.98 2.11
C TRP A 30 10.91 -24.29 1.68
N THR A 31 10.18 -25.37 1.83
CA THR A 31 10.68 -26.68 1.48
C THR A 31 10.82 -26.80 -0.05
N LEU A 32 9.76 -26.40 -0.73
CA LEU A 32 9.75 -26.45 -2.19
C LEU A 32 11.00 -25.75 -2.73
N ILE A 33 11.62 -24.96 -1.86
CA ILE A 33 12.81 -24.23 -2.23
C ILE A 33 14.04 -25.09 -1.93
N ALA A 34 14.07 -25.62 -0.72
CA ALA A 34 15.18 -26.45 -0.29
C ALA A 34 14.80 -27.92 -0.46
N LYS A 35 13.93 -28.17 -1.43
CA LYS A 35 13.48 -29.52 -1.70
C LYS A 35 13.71 -29.84 -3.19
N HIS A 36 13.48 -28.84 -4.02
CA HIS A 36 13.65 -29.00 -5.45
C HIS A 36 15.11 -28.73 -5.82
N LEU A 37 15.86 -28.23 -4.85
CA LEU A 37 17.26 -27.93 -5.06
C LEU A 37 18.04 -28.27 -3.78
N LYS A 38 18.84 -29.33 -3.89
CA LYS A 38 19.64 -29.77 -2.76
C LYS A 38 21.07 -29.26 -2.93
N GLY A 39 21.54 -28.56 -1.91
CA GLY A 39 22.89 -28.01 -1.93
C GLY A 39 23.05 -26.88 -0.91
N ARG A 40 21.93 -26.23 -0.62
CA ARG A 40 21.93 -25.14 0.34
C ARG A 40 20.76 -25.28 1.31
N LEU A 41 20.83 -24.52 2.38
CA LEU A 41 19.79 -24.55 3.40
C LEU A 41 18.60 -23.72 2.92
N GLY A 42 17.47 -23.92 3.59
CA GLY A 42 16.26 -23.20 3.24
C GLY A 42 15.93 -22.16 4.32
N LYS A 43 16.35 -20.93 4.06
CA LYS A 43 16.09 -19.84 4.99
C LYS A 43 16.34 -18.50 4.28
N GLN A 44 17.43 -18.45 3.54
CA GLN A 44 17.79 -17.24 2.81
C GLN A 44 17.73 -17.51 1.30
N CYS A 45 16.60 -17.14 0.72
CA CYS A 45 16.39 -17.32 -0.71
C CYS A 45 15.33 -16.33 -1.18
N ARG A 46 14.08 -16.67 -0.89
CA ARG A 46 12.96 -15.82 -1.28
C ARG A 46 12.57 -14.91 -0.11
N GLU A 47 13.37 -13.87 0.09
CA GLU A 47 13.11 -12.92 1.16
C GLU A 47 12.70 -11.58 0.58
N ARG A 48 12.91 -11.42 -0.72
CA ARG A 48 12.56 -10.19 -1.40
C ARG A 48 11.18 -10.31 -2.03
N TRP A 49 11.16 -10.76 -3.27
CA TRP A 49 9.90 -10.92 -3.99
C TRP A 49 8.88 -11.53 -3.02
N HIS A 50 9.38 -12.32 -2.09
CA HIS A 50 8.53 -12.95 -1.10
C HIS A 50 7.83 -11.89 -0.27
N ASN A 51 8.62 -11.14 0.48
CA ASN A 51 8.09 -10.08 1.32
C ASN A 51 8.40 -8.72 0.70
N HIS A 52 8.63 -7.75 1.56
CA HIS A 52 8.93 -6.40 1.10
C HIS A 52 7.67 -5.76 0.52
N LEU A 53 7.05 -6.48 -0.39
CA LEU A 53 5.84 -5.99 -1.04
C LEU A 53 4.67 -6.10 -0.06
N ASN A 54 4.58 -5.10 0.81
CA ASN A 54 3.52 -5.06 1.80
C ASN A 54 3.50 -3.68 2.46
N PRO A 55 3.14 -2.66 1.64
CA PRO A 55 3.07 -1.30 2.14
C PRO A 55 1.82 -1.08 2.99
N GLU A 56 1.42 0.18 3.10
CA GLU A 56 0.25 0.52 3.89
C GLU A 56 -0.68 1.43 3.09
N VAL A 57 -1.68 1.96 3.77
CA VAL A 57 -2.64 2.85 3.14
C VAL A 57 -1.96 4.16 2.77
N LYS A 58 -1.06 4.59 3.65
CA LYS A 58 -0.34 5.83 3.45
C LYS A 58 0.59 6.08 4.63
N LYS A 59 1.61 6.90 4.39
CA LYS A 59 2.56 7.23 5.43
C LYS A 59 1.86 8.04 6.53
N SER A 60 1.60 7.37 7.64
CA SER A 60 0.93 8.00 8.77
C SER A 60 -0.58 7.97 8.57
N SER A 61 -1.24 8.95 9.17
CA SER A 61 -2.69 9.04 9.06
C SER A 61 -3.33 7.70 9.44
N TRP A 62 -4.48 7.45 8.84
CA TRP A 62 -5.20 6.21 9.10
C TRP A 62 -4.33 5.04 8.63
N THR A 63 -4.82 3.84 8.90
CA THR A 63 -4.09 2.64 8.51
C THR A 63 -4.98 1.75 7.64
N GLU A 64 -4.61 0.47 7.61
CA GLU A 64 -5.36 -0.49 6.82
C GLU A 64 -6.61 -0.95 7.59
N GLU A 65 -6.39 -1.85 8.53
CA GLU A 65 -7.49 -2.38 9.33
C GLU A 65 -8.39 -1.23 9.79
N GLU A 66 -7.77 -0.08 10.04
CA GLU A 66 -8.51 1.08 10.49
C GLU A 66 -9.46 1.56 9.39
N ASP A 67 -8.97 1.48 8.16
CA ASP A 67 -9.76 1.91 7.01
C ASP A 67 -10.92 0.92 6.81
N ARG A 68 -10.57 -0.35 6.77
CA ARG A 68 -11.56 -1.40 6.58
C ARG A 68 -12.62 -1.34 7.70
N ILE A 69 -12.16 -1.56 8.91
CA ILE A 69 -13.05 -1.53 10.07
C ILE A 69 -14.10 -0.43 9.87
N ILE A 70 -13.63 0.81 9.95
CA ILE A 70 -14.51 1.95 9.77
C ILE A 70 -15.34 1.76 8.51
N PHE A 71 -14.66 1.47 7.42
CA PHE A 71 -15.32 1.26 6.15
C PHE A 71 -16.41 0.19 6.26
N GLU A 72 -16.24 -0.67 7.26
CA GLU A 72 -17.19 -1.74 7.49
C GLU A 72 -17.92 -1.53 8.81
N ALA A 73 -17.74 -0.34 9.37
CA ALA A 73 -18.37 0.00 10.63
C ALA A 73 -19.51 0.99 10.38
N HIS A 74 -19.41 1.70 9.26
CA HIS A 74 -20.42 2.67 8.89
C HIS A 74 -21.66 1.95 8.36
N LYS A 75 -21.47 0.68 8.04
CA LYS A 75 -22.56 -0.13 7.53
C LYS A 75 -23.13 -0.99 8.67
N VAL A 76 -22.71 -0.67 9.88
CA VAL A 76 -23.17 -1.40 11.05
C VAL A 76 -24.05 -0.48 11.90
N LEU A 77 -23.75 0.81 11.84
CA LEU A 77 -24.52 1.79 12.59
C LEU A 77 -24.88 2.96 11.67
N GLY A 78 -23.88 3.76 11.35
CA GLY A 78 -24.08 4.91 10.50
C GLY A 78 -22.98 5.96 10.69
N ASN A 79 -23.41 7.18 10.93
CA ASN A 79 -22.46 8.27 11.15
C ASN A 79 -22.11 8.35 12.63
N ARG A 80 -22.26 7.23 13.31
CA ARG A 80 -21.97 7.16 14.73
C ARG A 80 -20.45 7.21 14.96
N TRP A 81 -19.84 8.23 14.39
CA TRP A 81 -18.40 8.40 14.52
C TRP A 81 -18.03 8.23 15.99
N ALA A 82 -18.95 8.68 16.85
CA ALA A 82 -18.73 8.59 18.28
C ALA A 82 -18.46 7.13 18.66
N GLU A 83 -19.08 6.23 17.92
CA GLU A 83 -18.91 4.81 18.16
C GLU A 83 -17.95 4.20 17.13
N ILE A 84 -18.07 4.70 15.91
CA ILE A 84 -17.22 4.23 14.83
C ILE A 84 -15.75 4.34 15.25
N ALA A 85 -15.41 5.50 15.79
CA ALA A 85 -14.05 5.75 16.24
C ALA A 85 -13.79 4.98 17.52
N LYS A 86 -14.79 4.98 18.40
CA LYS A 86 -14.69 4.29 19.67
C LYS A 86 -14.62 2.79 19.42
N LEU A 87 -13.49 2.37 18.87
CA LEU A 87 -13.29 0.95 18.57
C LEU A 87 -11.80 0.71 18.28
N LEU A 88 -11.23 1.63 17.51
CA LEU A 88 -9.82 1.52 17.14
C LEU A 88 -9.00 2.45 18.03
N PRO A 89 -7.76 1.98 18.37
CA PRO A 89 -6.87 2.76 19.21
C PRO A 89 -6.26 3.92 18.43
N GLY A 90 -6.98 5.04 18.44
CA GLY A 90 -6.52 6.23 17.74
C GLY A 90 -7.66 6.89 16.97
N ARG A 91 -7.61 8.21 16.91
CA ARG A 91 -8.63 8.98 16.22
C ARG A 91 -9.95 8.89 16.97
N THR A 92 -10.73 9.96 16.86
CA THR A 92 -12.02 10.03 17.52
C THR A 92 -13.14 10.08 16.49
N ASP A 93 -14.22 10.77 16.87
CA ASP A 93 -15.37 10.91 15.99
C ASP A 93 -15.07 11.98 14.94
N ASN A 94 -14.63 13.13 15.41
CA ASN A 94 -14.32 14.24 14.53
C ASN A 94 -13.20 13.82 13.58
N ALA A 95 -12.55 12.71 13.92
CA ALA A 95 -11.47 12.20 13.10
C ALA A 95 -12.04 11.33 11.98
N VAL A 96 -12.64 10.21 12.38
CA VAL A 96 -13.23 9.30 11.42
C VAL A 96 -14.24 10.06 10.56
N LYS A 97 -15.15 10.75 11.22
CA LYS A 97 -16.16 11.52 10.53
C LYS A 97 -15.54 12.15 9.28
N ASN A 98 -14.58 13.02 9.52
CA ASN A 98 -13.90 13.70 8.42
C ASN A 98 -13.28 12.66 7.48
N HIS A 99 -12.63 11.67 8.08
CA HIS A 99 -12.00 10.62 7.32
C HIS A 99 -12.99 10.05 6.30
N TRP A 100 -14.27 10.25 6.60
CA TRP A 100 -15.32 9.76 5.73
C TRP A 100 -15.25 10.56 4.42
N ASN A 101 -15.27 11.88 4.57
CA ASN A 101 -15.22 12.75 3.42
C ASN A 101 -13.76 12.95 3.00
N SER A 102 -12.87 12.30 3.74
CA SER A 102 -11.45 12.40 3.46
C SER A 102 -11.11 11.55 2.22
N THR A 103 -11.07 10.25 2.42
CA THR A 103 -10.76 9.33 1.33
C THR A 103 -11.80 8.21 1.27
N ILE A 104 -12.67 8.18 2.28
CA ILE A 104 -13.71 7.17 2.35
C ILE A 104 -15.02 7.78 1.85
N LYS A 105 -14.91 8.60 0.81
CA LYS A 105 -16.07 9.24 0.24
C LYS A 105 -16.14 8.92 -1.26
N ARG A 106 -15.97 7.65 -1.56
CA ARG A 106 -16.01 7.20 -2.94
C ARG A 106 -17.45 7.09 -3.43
N LYS A 107 -18.21 6.25 -2.74
CA LYS A 107 -19.61 6.06 -3.09
C LYS A 107 -20.38 7.36 -2.88
N VAL A 108 -20.23 8.26 -3.83
CA VAL A 108 -20.90 9.55 -3.76
C VAL A 108 -21.15 10.08 -5.17
N ASP A 109 -20.11 10.01 -5.99
CA ASP A 109 -20.20 10.47 -7.36
C ASP A 109 -20.67 9.33 -8.25
N THR A 110 -21.68 8.63 -7.77
CA THR A 110 -22.24 7.51 -8.51
C THR A 110 -22.30 7.83 -10.01
N GLY A 1 28.80 -16.93 -9.87
CA GLY A 1 30.05 -16.37 -10.33
C GLY A 1 29.82 -15.06 -11.10
N ILE A 2 30.57 -14.91 -12.18
CA ILE A 2 30.46 -13.72 -13.01
C ILE A 2 30.24 -14.15 -14.47
N PRO A 3 29.01 -14.67 -14.74
CA PRO A 3 28.67 -15.11 -16.08
C PRO A 3 28.41 -13.91 -17.00
N ASP A 4 27.65 -14.18 -18.06
CA ASP A 4 27.32 -13.14 -19.02
C ASP A 4 26.42 -12.10 -18.35
N LEU A 5 26.32 -10.95 -19.00
CA LEU A 5 25.50 -9.87 -18.48
C LEU A 5 26.27 -9.14 -17.38
N VAL A 6 27.53 -9.50 -17.25
CA VAL A 6 28.38 -8.87 -16.24
C VAL A 6 29.34 -7.89 -16.93
N LYS A 7 30.62 -8.01 -16.57
CA LYS A 7 31.63 -7.14 -17.14
C LYS A 7 31.07 -5.72 -17.27
N GLY A 8 30.14 -5.40 -16.39
CA GLY A 8 29.53 -4.09 -16.40
C GLY A 8 28.00 -4.20 -16.54
N PRO A 9 27.35 -4.53 -15.39
CA PRO A 9 25.90 -4.67 -15.37
C PRO A 9 25.21 -3.31 -15.41
N TRP A 10 23.89 -3.35 -15.37
CA TRP A 10 23.11 -2.12 -15.40
C TRP A 10 23.38 -1.35 -14.09
N THR A 11 23.07 -0.07 -14.14
CA THR A 11 23.27 0.78 -12.97
C THR A 11 22.28 1.94 -12.99
N LYS A 12 22.24 2.68 -11.88
CA LYS A 12 21.36 3.81 -11.75
C LYS A 12 21.38 4.62 -13.05
N GLU A 13 22.55 4.63 -13.69
CA GLU A 13 22.72 5.35 -14.94
C GLU A 13 21.73 4.84 -15.99
N GLU A 14 21.64 3.52 -16.06
CA GLU A 14 20.74 2.89 -17.01
C GLU A 14 19.29 3.32 -16.75
N ASP A 15 18.94 3.35 -15.48
CA ASP A 15 17.59 3.75 -15.08
C ASP A 15 17.39 5.23 -15.40
N GLN A 16 18.14 6.06 -14.70
CA GLN A 16 18.06 7.50 -14.89
C GLN A 16 17.87 7.83 -16.38
N LYS A 17 18.43 6.96 -17.21
CA LYS A 17 18.32 7.14 -18.65
C LYS A 17 16.93 6.74 -19.12
N VAL A 18 16.62 5.47 -18.90
CA VAL A 18 15.32 4.94 -19.29
C VAL A 18 14.22 5.73 -18.60
N ILE A 19 14.63 6.47 -17.57
CA ILE A 19 13.69 7.29 -16.81
C ILE A 19 13.46 8.60 -17.54
N GLU A 20 14.50 9.42 -17.56
CA GLU A 20 14.44 10.72 -18.22
C GLU A 20 14.00 10.55 -19.68
N LEU A 21 14.17 9.33 -20.17
CA LEU A 21 13.80 9.03 -21.54
C LEU A 21 12.28 8.83 -21.62
N VAL A 22 11.82 7.77 -20.98
CA VAL A 22 10.40 7.47 -20.97
C VAL A 22 9.60 8.71 -20.56
N LYS A 23 10.31 9.62 -19.91
CA LYS A 23 9.69 10.86 -19.46
C LYS A 23 9.42 11.76 -20.67
N LYS A 24 10.49 12.08 -21.37
CA LYS A 24 10.38 12.93 -22.55
C LYS A 24 9.54 12.21 -23.62
N TYR A 25 9.51 10.89 -23.52
CA TYR A 25 8.76 10.08 -24.46
C TYR A 25 7.29 9.97 -24.04
N GLY A 26 7.10 9.44 -22.83
CA GLY A 26 5.75 9.28 -22.31
C GLY A 26 4.74 9.04 -23.44
N THR A 27 4.40 7.78 -23.61
CA THR A 27 3.44 7.41 -24.65
C THR A 27 3.30 5.89 -24.72
N LYS A 28 4.39 5.23 -25.09
CA LYS A 28 4.40 3.79 -25.20
C LYS A 28 5.66 3.34 -25.96
N GLN A 29 6.77 3.99 -25.64
CA GLN A 29 8.03 3.68 -26.29
C GLN A 29 8.95 2.95 -25.31
N TRP A 30 8.80 1.63 -25.27
CA TRP A 30 9.61 0.82 -24.39
C TRP A 30 10.84 0.36 -25.17
N THR A 31 10.84 0.68 -26.46
CA THR A 31 11.95 0.32 -27.32
C THR A 31 13.24 1.01 -26.86
N LEU A 32 13.10 2.28 -26.52
CA LEU A 32 14.23 3.06 -26.07
C LEU A 32 14.96 2.30 -24.96
N ILE A 33 14.17 1.83 -24.00
CA ILE A 33 14.73 1.09 -22.88
C ILE A 33 15.57 -0.08 -23.41
N ALA A 34 15.05 -0.72 -24.45
CA ALA A 34 15.72 -1.85 -25.05
C ALA A 34 16.59 -1.35 -26.21
N LYS A 35 16.73 -0.03 -26.28
CA LYS A 35 17.54 0.58 -27.34
C LYS A 35 18.77 1.24 -26.72
N HIS A 36 18.56 1.83 -25.55
CA HIS A 36 19.64 2.50 -24.85
C HIS A 36 20.42 1.47 -24.02
N LEU A 37 19.79 0.34 -23.81
CA LEU A 37 20.41 -0.73 -23.04
C LEU A 37 20.03 -2.08 -23.64
N LYS A 38 21.04 -2.79 -24.13
CA LYS A 38 20.82 -4.09 -24.73
C LYS A 38 21.66 -5.14 -24.00
N GLY A 39 20.96 -6.04 -23.33
CA GLY A 39 21.63 -7.09 -22.58
C GLY A 39 20.63 -7.90 -21.75
N ARG A 40 19.61 -7.20 -21.26
CA ARG A 40 18.58 -7.83 -20.46
C ARG A 40 17.20 -7.47 -20.99
N LEU A 41 17.02 -7.70 -22.29
CA LEU A 41 15.75 -7.41 -22.94
C LEU A 41 15.19 -6.10 -22.39
N GLY A 42 13.93 -5.86 -22.69
CA GLY A 42 13.27 -4.65 -22.24
C GLY A 42 11.95 -4.99 -21.52
N LYS A 43 12.04 -5.97 -20.64
CA LYS A 43 10.87 -6.40 -19.89
C LYS A 43 10.99 -5.92 -18.44
N GLN A 44 11.94 -6.53 -17.73
CA GLN A 44 12.18 -6.18 -16.34
C GLN A 44 12.72 -4.75 -16.24
N CYS A 45 11.81 -3.80 -16.29
CA CYS A 45 12.20 -2.40 -16.20
C CYS A 45 11.03 -1.61 -15.60
N ARG A 46 9.85 -1.89 -16.15
CA ARG A 46 8.64 -1.21 -15.68
C ARG A 46 8.71 -0.98 -14.17
N GLU A 47 9.35 -1.93 -13.49
CA GLU A 47 9.50 -1.85 -12.05
C GLU A 47 10.40 -0.67 -11.66
N ARG A 48 9.80 0.51 -11.65
CA ARG A 48 10.54 1.71 -11.31
C ARG A 48 9.59 2.78 -10.79
N TRP A 49 8.58 3.08 -11.60
CA TRP A 49 7.59 4.09 -11.23
C TRP A 49 6.23 3.41 -11.17
N HIS A 50 6.15 2.23 -11.79
CA HIS A 50 4.92 1.48 -11.82
C HIS A 50 4.60 0.96 -10.41
N ASN A 51 5.64 0.48 -9.75
CA ASN A 51 5.49 -0.05 -8.41
C ASN A 51 5.60 1.09 -7.40
N HIS A 52 6.60 1.93 -7.61
CA HIS A 52 6.85 3.06 -6.74
C HIS A 52 5.55 3.87 -6.59
N LEU A 53 5.19 4.56 -7.67
CA LEU A 53 3.99 5.38 -7.68
C LEU A 53 2.81 4.53 -7.21
N ASN A 54 2.50 4.67 -5.93
CA ASN A 54 1.39 3.92 -5.35
C ASN A 54 0.79 4.73 -4.19
N PRO A 55 -0.56 4.71 -4.12
CA PRO A 55 -1.27 5.42 -3.07
C PRO A 55 -1.15 4.69 -1.72
N GLU A 56 -2.12 3.83 -1.47
CA GLU A 56 -2.13 3.06 -0.24
C GLU A 56 -2.12 4.00 0.97
N VAL A 57 -2.54 3.47 2.10
CA VAL A 57 -2.59 4.24 3.33
C VAL A 57 -1.27 4.05 4.09
N LYS A 58 -1.35 3.26 5.15
CA LYS A 58 -0.18 2.99 5.97
C LYS A 58 0.48 4.32 6.37
N LYS A 59 1.68 4.21 6.91
CA LYS A 59 2.42 5.39 7.34
C LYS A 59 1.50 6.30 8.15
N SER A 60 1.99 7.50 8.42
CA SER A 60 1.23 8.47 9.18
C SER A 60 -0.22 8.50 8.69
N SER A 61 -1.10 8.96 9.57
CA SER A 61 -2.52 9.04 9.23
C SER A 61 -3.19 7.70 9.49
N TRP A 62 -4.31 7.49 8.80
CA TRP A 62 -5.06 6.25 8.95
C TRP A 62 -4.18 5.10 8.46
N THR A 63 -4.71 3.90 8.60
CA THR A 63 -3.99 2.70 8.17
C THR A 63 -4.89 1.80 7.34
N GLU A 64 -4.42 0.58 7.14
CA GLU A 64 -5.18 -0.39 6.36
C GLU A 64 -6.35 -0.93 7.17
N GLU A 65 -6.05 -1.84 8.08
CA GLU A 65 -7.07 -2.43 8.93
C GLU A 65 -7.97 -1.34 9.51
N GLU A 66 -7.37 -0.18 9.74
CA GLU A 66 -8.10 0.94 10.30
C GLU A 66 -9.14 1.44 9.30
N ASP A 67 -8.79 1.33 8.03
CA ASP A 67 -9.68 1.78 6.96
C ASP A 67 -10.91 0.87 6.93
N ARG A 68 -10.65 -0.42 6.81
CA ARG A 68 -11.72 -1.40 6.77
C ARG A 68 -12.64 -1.24 7.98
N ILE A 69 -12.04 -1.42 9.16
CA ILE A 69 -12.80 -1.30 10.39
C ILE A 69 -13.82 -0.17 10.27
N ILE A 70 -13.31 1.00 9.88
CA ILE A 70 -14.17 2.16 9.71
C ILE A 70 -15.34 1.80 8.80
N PHE A 71 -15.01 1.61 7.52
CA PHE A 71 -16.03 1.26 6.54
C PHE A 71 -16.94 0.15 7.06
N GLU A 72 -16.42 -0.61 8.01
CA GLU A 72 -17.17 -1.71 8.60
C GLU A 72 -18.19 -1.17 9.59
N ALA A 73 -17.68 -0.52 10.63
CA ALA A 73 -18.54 0.04 11.66
C ALA A 73 -19.56 0.97 11.01
N HIS A 74 -19.18 1.52 9.87
CA HIS A 74 -20.05 2.43 9.13
C HIS A 74 -21.13 1.62 8.42
N LYS A 75 -20.86 0.33 8.27
CA LYS A 75 -21.81 -0.55 7.60
C LYS A 75 -22.58 -1.36 8.66
N VAL A 76 -22.52 -0.88 9.89
CA VAL A 76 -23.20 -1.54 10.99
C VAL A 76 -24.09 -0.53 11.70
N LEU A 77 -23.56 0.67 11.87
CA LEU A 77 -24.31 1.73 12.53
C LEU A 77 -24.66 2.82 11.51
N GLY A 78 -23.65 3.62 11.17
CA GLY A 78 -23.84 4.69 10.22
C GLY A 78 -22.78 5.78 10.40
N ASN A 79 -23.25 6.99 10.65
CA ASN A 79 -22.37 8.12 10.85
C ASN A 79 -22.03 8.25 12.34
N ARG A 80 -22.20 7.14 13.04
CA ARG A 80 -21.90 7.11 14.46
C ARG A 80 -20.39 7.19 14.70
N TRP A 81 -19.80 8.26 14.20
CA TRP A 81 -18.37 8.47 14.35
C TRP A 81 -18.04 8.35 15.83
N ALA A 82 -18.97 8.78 16.66
CA ALA A 82 -18.79 8.73 18.10
C ALA A 82 -18.68 7.28 18.55
N GLU A 83 -19.24 6.39 17.73
CA GLU A 83 -19.22 4.97 18.03
C GLU A 83 -18.36 4.23 17.00
N ILE A 84 -17.98 4.96 15.95
CA ILE A 84 -17.18 4.39 14.89
C ILE A 84 -15.70 4.39 15.32
N ALA A 85 -15.31 5.48 15.97
CA ALA A 85 -13.94 5.61 16.43
C ALA A 85 -13.72 4.69 17.63
N LYS A 86 -14.78 4.49 18.40
CA LYS A 86 -14.71 3.63 19.57
C LYS A 86 -13.92 2.38 19.22
N LEU A 87 -13.97 2.00 17.96
CA LEU A 87 -13.27 0.82 17.48
C LEU A 87 -11.79 1.16 17.30
N LEU A 88 -11.56 2.28 16.63
CA LEU A 88 -10.20 2.72 16.38
C LEU A 88 -9.78 3.72 17.47
N PRO A 89 -8.81 3.28 18.31
CA PRO A 89 -8.32 4.13 19.39
C PRO A 89 -7.40 5.24 18.86
N GLY A 90 -7.36 6.33 19.59
CA GLY A 90 -6.54 7.45 19.20
C GLY A 90 -7.33 8.44 18.34
N ARG A 91 -8.27 7.91 17.58
CA ARG A 91 -9.10 8.72 16.72
C ARG A 91 -10.49 8.92 17.33
N THR A 92 -10.95 10.16 17.28
CA THR A 92 -12.26 10.48 17.84
C THR A 92 -13.33 10.37 16.75
N ASP A 93 -14.40 11.12 16.94
CA ASP A 93 -15.50 11.12 15.99
C ASP A 93 -15.18 12.07 14.83
N ASN A 94 -14.74 13.27 15.20
CA ASN A 94 -14.40 14.27 14.20
C ASN A 94 -13.24 13.76 13.35
N ALA A 95 -12.59 12.71 13.84
CA ALA A 95 -11.48 12.12 13.14
C ALA A 95 -11.99 11.30 11.96
N VAL A 96 -12.67 10.21 12.30
CA VAL A 96 -13.22 9.33 11.28
C VAL A 96 -14.16 10.13 10.37
N LYS A 97 -15.12 10.79 11.00
CA LYS A 97 -16.09 11.59 10.25
C LYS A 97 -15.36 12.32 9.12
N ASN A 98 -14.36 13.10 9.50
CA ASN A 98 -13.58 13.86 8.54
C ASN A 98 -12.95 12.89 7.53
N HIS A 99 -12.41 11.81 8.06
CA HIS A 99 -11.78 10.81 7.23
C HIS A 99 -12.78 10.27 6.21
N TRP A 100 -14.05 10.45 6.53
CA TRP A 100 -15.12 10.00 5.65
C TRP A 100 -15.08 10.85 4.38
N ASN A 101 -14.95 12.16 4.58
CA ASN A 101 -14.90 13.09 3.47
C ASN A 101 -13.45 13.27 3.03
N SER A 102 -12.56 12.54 3.71
CA SER A 102 -11.15 12.61 3.39
C SER A 102 -10.85 11.86 2.10
N THR A 103 -10.70 10.55 2.24
CA THR A 103 -10.42 9.70 1.08
C THR A 103 -11.43 8.56 1.00
N ILE A 104 -12.27 8.48 2.02
CA ILE A 104 -13.29 7.46 2.09
C ILE A 104 -14.55 7.95 1.38
N LYS A 105 -14.34 8.66 0.29
CA LYS A 105 -15.45 9.20 -0.48
C LYS A 105 -15.60 8.40 -1.78
N ARG A 106 -16.41 8.94 -2.68
CA ARG A 106 -16.65 8.29 -3.96
C ARG A 106 -15.76 8.91 -5.04
N LYS A 107 -16.20 10.05 -5.55
CA LYS A 107 -15.46 10.76 -6.58
C LYS A 107 -14.16 11.32 -5.97
N VAL A 108 -13.34 10.41 -5.47
CA VAL A 108 -12.08 10.81 -4.86
C VAL A 108 -10.94 10.05 -5.56
N ASP A 109 -11.00 8.74 -5.47
CA ASP A 109 -9.98 7.89 -6.08
C ASP A 109 -8.61 8.57 -5.91
N THR A 110 -8.27 8.84 -4.67
CA THR A 110 -6.99 9.47 -4.37
C THR A 110 -6.78 9.54 -2.85
N GLY A 1 -23.96 8.78 -31.14
CA GLY A 1 -23.63 8.78 -32.56
C GLY A 1 -22.94 10.10 -32.95
N ILE A 2 -22.47 10.81 -31.95
CA ILE A 2 -21.79 12.08 -32.17
C ILE A 2 -20.28 11.87 -32.04
N PRO A 3 -19.52 12.82 -32.66
CA PRO A 3 -18.07 12.75 -32.62
C PRO A 3 -17.54 13.16 -31.24
N ASP A 4 -16.26 13.51 -31.21
CA ASP A 4 -15.63 13.92 -29.97
C ASP A 4 -16.24 13.15 -28.80
N LEU A 5 -15.79 11.91 -28.64
CA LEU A 5 -16.29 11.06 -27.57
C LEU A 5 -17.80 10.89 -27.73
N VAL A 6 -18.24 9.64 -27.64
CA VAL A 6 -19.65 9.32 -27.77
C VAL A 6 -20.25 9.12 -26.38
N LYS A 7 -21.41 8.47 -26.36
CA LYS A 7 -22.09 8.20 -25.11
C LYS A 7 -21.52 6.93 -24.48
N GLY A 8 -20.45 6.45 -25.08
CA GLY A 8 -19.79 5.24 -24.58
C GLY A 8 -18.61 4.87 -25.46
N PRO A 9 -17.63 5.81 -25.54
CA PRO A 9 -16.44 5.59 -26.34
C PRO A 9 -15.48 4.61 -25.65
N TRP A 10 -14.24 4.64 -26.09
CA TRP A 10 -13.22 3.76 -25.53
C TRP A 10 -13.18 4.01 -24.02
N THR A 11 -12.41 3.17 -23.34
CA THR A 11 -12.27 3.29 -21.89
C THR A 11 -10.90 2.77 -21.44
N LYS A 12 -10.81 2.51 -20.14
CA LYS A 12 -9.57 2.01 -19.58
C LYS A 12 -9.06 0.83 -20.41
N GLU A 13 -10.01 0.06 -20.93
CA GLU A 13 -9.68 -1.10 -21.74
C GLU A 13 -8.69 -0.71 -22.83
N GLU A 14 -9.21 -0.05 -23.86
CA GLU A 14 -8.38 0.38 -24.98
C GLU A 14 -7.16 1.15 -24.46
N ASP A 15 -7.40 1.97 -23.44
CA ASP A 15 -6.34 2.77 -22.85
C ASP A 15 -5.29 1.83 -22.24
N GLN A 16 -5.76 0.67 -21.82
CA GLN A 16 -4.87 -0.31 -21.21
C GLN A 16 -3.87 -0.84 -22.25
N LYS A 17 -4.30 -0.82 -23.50
CA LYS A 17 -3.46 -1.30 -24.58
C LYS A 17 -2.27 -0.33 -24.76
N VAL A 18 -2.61 0.95 -24.81
CA VAL A 18 -1.58 1.98 -24.97
C VAL A 18 -0.48 1.76 -23.93
N ILE A 19 -0.90 1.63 -22.69
CA ILE A 19 0.04 1.42 -21.60
C ILE A 19 0.94 0.22 -21.94
N GLU A 20 0.33 -0.79 -22.53
CA GLU A 20 1.06 -1.99 -22.91
C GLU A 20 1.99 -1.69 -24.09
N LEU A 21 1.65 -0.64 -24.82
CA LEU A 21 2.44 -0.24 -25.97
C LEU A 21 3.62 0.61 -25.50
N VAL A 22 3.30 1.83 -25.10
CA VAL A 22 4.32 2.75 -24.62
C VAL A 22 5.33 1.99 -23.77
N LYS A 23 4.84 0.94 -23.13
CA LYS A 23 5.68 0.12 -22.27
C LYS A 23 6.67 -0.67 -23.13
N LYS A 24 6.12 -1.39 -24.09
CA LYS A 24 6.93 -2.19 -25.00
C LYS A 24 7.79 -1.26 -25.86
N TYR A 25 7.33 -0.03 -25.98
CA TYR A 25 8.05 0.96 -26.77
C TYR A 25 9.13 1.65 -25.94
N GLY A 26 8.68 2.28 -24.86
CA GLY A 26 9.59 2.99 -23.98
C GLY A 26 10.65 3.75 -24.77
N THR A 27 10.49 5.06 -24.79
CA THR A 27 11.43 5.91 -25.51
C THR A 27 10.83 7.31 -25.70
N LYS A 28 9.81 7.38 -26.55
CA LYS A 28 9.15 8.64 -26.82
C LYS A 28 8.25 8.48 -28.05
N GLN A 29 7.24 7.62 -27.90
CA GLN A 29 6.30 7.37 -28.97
C GLN A 29 4.87 7.60 -28.50
N TRP A 30 4.49 8.86 -28.44
CA TRP A 30 3.16 9.23 -28.00
C TRP A 30 2.22 9.15 -29.21
N THR A 31 2.82 8.95 -30.38
CA THR A 31 2.07 8.85 -31.60
C THR A 31 1.23 7.57 -31.62
N LEU A 32 1.84 6.50 -31.15
CA LEU A 32 1.18 5.21 -31.10
C LEU A 32 -0.17 5.36 -30.38
N ILE A 33 -0.13 6.02 -29.24
CA ILE A 33 -1.33 6.25 -28.46
C ILE A 33 -2.35 7.00 -29.32
N ALA A 34 -2.07 8.27 -29.55
CA ALA A 34 -2.96 9.09 -30.36
C ALA A 34 -3.32 8.34 -31.64
N LYS A 35 -2.44 7.43 -32.03
CA LYS A 35 -2.66 6.65 -33.23
C LYS A 35 -3.61 5.49 -32.92
N HIS A 36 -3.45 4.95 -31.72
CA HIS A 36 -4.29 3.84 -31.28
C HIS A 36 -5.60 4.39 -30.72
N LEU A 37 -5.47 5.17 -29.66
CA LEU A 37 -6.64 5.75 -29.01
C LEU A 37 -6.88 7.15 -29.58
N LYS A 38 -7.72 7.20 -30.61
CA LYS A 38 -8.04 8.46 -31.25
C LYS A 38 -9.26 9.07 -30.57
N GLY A 39 -9.32 8.89 -29.26
CA GLY A 39 -10.43 9.42 -28.48
C GLY A 39 -10.17 10.87 -28.06
N ARG A 40 -8.91 11.27 -28.18
CA ARG A 40 -8.52 12.61 -27.82
C ARG A 40 -7.15 12.95 -28.42
N LEU A 41 -6.84 14.23 -28.44
CA LEU A 41 -5.57 14.69 -28.98
C LEU A 41 -4.43 14.20 -28.08
N GLY A 42 -3.23 14.64 -28.41
CA GLY A 42 -2.05 14.27 -27.66
C GLY A 42 -1.76 15.27 -26.54
N LYS A 43 -2.81 15.96 -26.12
CA LYS A 43 -2.69 16.96 -25.07
C LYS A 43 -2.88 16.28 -23.71
N GLN A 44 -4.14 16.00 -23.40
CA GLN A 44 -4.47 15.36 -22.13
C GLN A 44 -4.28 13.85 -22.24
N CYS A 45 -3.10 13.46 -22.71
CA CYS A 45 -2.79 12.04 -22.87
C CYS A 45 -2.05 11.58 -21.62
N ARG A 46 -0.98 12.31 -21.30
CA ARG A 46 -0.18 11.98 -20.13
C ARG A 46 -1.02 12.04 -18.86
N GLU A 47 -1.77 10.98 -18.63
CA GLU A 47 -2.62 10.91 -17.46
C GLU A 47 -2.77 9.46 -16.99
N ARG A 48 -2.92 8.57 -17.97
CA ARG A 48 -3.07 7.16 -17.68
C ARG A 48 -2.17 6.76 -16.51
N TRP A 49 -1.01 7.39 -16.45
CA TRP A 49 -0.06 7.11 -15.39
C TRP A 49 0.12 8.39 -14.56
N HIS A 50 0.21 9.50 -15.28
CA HIS A 50 0.39 10.80 -14.64
C HIS A 50 -0.52 10.88 -13.41
N ASN A 51 -1.81 11.00 -13.67
CA ASN A 51 -2.79 11.10 -12.61
C ASN A 51 -3.51 9.76 -12.46
N HIS A 52 -2.81 8.81 -11.85
CA HIS A 52 -3.38 7.49 -11.65
C HIS A 52 -2.79 6.87 -10.38
N LEU A 53 -1.47 6.95 -10.29
CA LEU A 53 -0.76 6.40 -9.14
C LEU A 53 -1.58 6.69 -7.87
N ASN A 54 -2.37 5.70 -7.48
CA ASN A 54 -3.19 5.81 -6.29
C ASN A 54 -2.81 4.72 -5.29
N PRO A 55 -1.93 5.09 -4.33
CA PRO A 55 -1.49 4.14 -3.32
C PRO A 55 -2.59 3.90 -2.27
N GLU A 56 -2.15 3.47 -1.10
CA GLU A 56 -3.08 3.19 -0.02
C GLU A 56 -2.81 4.14 1.16
N VAL A 57 -3.43 3.82 2.28
CA VAL A 57 -3.27 4.63 3.48
C VAL A 57 -1.90 4.34 4.11
N LYS A 58 -1.92 3.56 5.18
CA LYS A 58 -0.70 3.21 5.87
C LYS A 58 -0.01 4.49 6.36
N LYS A 59 1.24 4.32 6.76
CA LYS A 59 2.03 5.45 7.25
C LYS A 59 1.21 6.21 8.30
N SER A 60 1.74 7.36 8.70
CA SER A 60 1.08 8.20 9.69
C SER A 60 -0.42 8.29 9.37
N SER A 61 -1.17 8.80 10.33
CA SER A 61 -2.60 8.96 10.17
C SER A 61 -3.29 7.58 10.27
N TRP A 62 -4.37 7.45 9.53
CA TRP A 62 -5.12 6.21 9.53
C TRP A 62 -4.21 5.11 8.99
N THR A 63 -4.81 3.94 8.80
CA THR A 63 -4.06 2.80 8.29
C THR A 63 -4.97 1.90 7.45
N GLU A 64 -4.50 0.67 7.24
CA GLU A 64 -5.25 -0.30 6.47
C GLU A 64 -6.44 -0.82 7.28
N GLU A 65 -6.13 -1.70 8.22
CA GLU A 65 -7.14 -2.29 9.07
C GLU A 65 -8.10 -1.20 9.57
N GLU A 66 -7.53 -0.04 9.86
CA GLU A 66 -8.31 1.07 10.34
C GLU A 66 -9.34 1.52 9.29
N ASP A 67 -8.92 1.39 8.04
CA ASP A 67 -9.79 1.77 6.93
C ASP A 67 -10.95 0.77 6.84
N ARG A 68 -10.59 -0.50 6.77
CA ARG A 68 -11.58 -1.56 6.66
C ARG A 68 -12.55 -1.48 7.85
N ILE A 69 -11.98 -1.57 9.04
CA ILE A 69 -12.78 -1.52 10.25
C ILE A 69 -13.84 -0.43 10.11
N ILE A 70 -13.39 0.81 10.19
CA ILE A 70 -14.30 1.95 10.07
C ILE A 70 -15.25 1.72 8.89
N PHE A 71 -14.65 1.47 7.73
CA PHE A 71 -15.43 1.24 6.52
C PHE A 71 -16.53 0.22 6.78
N GLU A 72 -16.34 -0.57 7.83
CA GLU A 72 -17.31 -1.59 8.20
C GLU A 72 -18.27 -1.06 9.27
N ALA A 73 -17.67 -0.41 10.27
CA ALA A 73 -18.45 0.14 11.36
C ALA A 73 -19.55 1.05 10.79
N HIS A 74 -19.25 1.63 9.64
CA HIS A 74 -20.19 2.51 8.98
C HIS A 74 -21.34 1.70 8.40
N LYS A 75 -21.14 0.39 8.35
CA LYS A 75 -22.15 -0.50 7.82
C LYS A 75 -22.86 -1.20 8.99
N VAL A 76 -22.65 -0.66 10.18
CA VAL A 76 -23.26 -1.22 11.37
C VAL A 76 -24.20 -0.17 11.99
N LEU A 77 -23.80 1.09 11.87
CA LEU A 77 -24.60 2.17 12.41
C LEU A 77 -24.85 3.21 11.31
N GLY A 78 -23.80 3.94 10.98
CA GLY A 78 -23.89 4.97 9.94
C GLY A 78 -22.84 6.06 10.17
N ASN A 79 -23.34 7.27 10.38
CA ASN A 79 -22.47 8.41 10.61
C ASN A 79 -22.18 8.53 12.10
N ARG A 80 -22.40 7.44 12.82
CA ARG A 80 -22.16 7.42 14.24
C ARG A 80 -20.66 7.44 14.54
N TRP A 81 -20.01 8.48 14.03
CA TRP A 81 -18.58 8.64 14.23
C TRP A 81 -18.31 8.54 15.73
N ALA A 82 -19.25 9.03 16.51
CA ALA A 82 -19.12 9.01 17.97
C ALA A 82 -19.06 7.56 18.44
N GLU A 83 -19.64 6.68 17.63
CA GLU A 83 -19.66 5.26 17.95
C GLU A 83 -18.78 4.48 16.98
N ILE A 84 -18.36 5.17 15.93
CA ILE A 84 -17.51 4.56 14.92
C ILE A 84 -16.07 4.49 15.43
N ALA A 85 -15.62 5.62 15.99
CA ALA A 85 -14.27 5.70 16.52
C ALA A 85 -14.08 4.62 17.58
N LYS A 86 -15.20 4.10 18.07
CA LYS A 86 -15.16 3.06 19.09
C LYS A 86 -14.61 1.77 18.47
N LEU A 87 -13.36 1.84 18.05
CA LEU A 87 -12.72 0.69 17.44
C LEU A 87 -11.20 0.83 17.57
N LEU A 88 -10.74 2.07 17.42
CA LEU A 88 -9.32 2.35 17.51
C LEU A 88 -8.97 2.73 18.96
N PRO A 89 -7.70 3.12 19.15
CA PRO A 89 -7.22 3.50 20.47
C PRO A 89 -7.73 4.89 20.86
N GLY A 90 -8.52 5.46 19.96
CA GLY A 90 -9.08 6.78 20.19
C GLY A 90 -9.14 7.59 18.89
N ARG A 91 -10.34 7.97 18.52
CA ARG A 91 -10.54 8.75 17.31
C ARG A 91 -11.75 9.69 17.47
N THR A 92 -12.11 9.92 18.71
CA THR A 92 -13.23 10.79 19.02
C THR A 92 -14.39 10.52 18.05
N ASP A 93 -14.54 11.41 17.10
CA ASP A 93 -15.60 11.29 16.11
C ASP A 93 -15.29 12.20 14.92
N ASN A 94 -14.88 13.41 15.23
CA ASN A 94 -14.56 14.39 14.21
C ASN A 94 -13.40 13.86 13.36
N ALA A 95 -12.73 12.85 13.89
CA ALA A 95 -11.59 12.25 13.20
C ALA A 95 -12.11 11.40 12.04
N VAL A 96 -12.84 10.35 12.39
CA VAL A 96 -13.38 9.45 11.39
C VAL A 96 -14.38 10.22 10.52
N LYS A 97 -15.27 10.94 11.18
CA LYS A 97 -16.26 11.72 10.47
C LYS A 97 -15.64 12.34 9.22
N ASN A 98 -14.49 12.97 9.43
CA ASN A 98 -13.78 13.61 8.34
C ASN A 98 -13.13 12.53 7.46
N HIS A 99 -12.62 11.50 8.12
CA HIS A 99 -11.97 10.41 7.42
C HIS A 99 -12.90 9.88 6.33
N TRP A 100 -14.18 10.20 6.48
CA TRP A 100 -15.19 9.75 5.52
C TRP A 100 -15.00 10.57 4.24
N ASN A 101 -14.92 11.88 4.41
CA ASN A 101 -14.74 12.77 3.29
C ASN A 101 -13.25 12.94 3.00
N SER A 102 -12.44 12.37 3.88
CA SER A 102 -11.00 12.44 3.74
C SER A 102 -10.55 11.56 2.58
N THR A 103 -10.54 10.26 2.82
CA THR A 103 -10.13 9.30 1.82
C THR A 103 -11.12 8.14 1.75
N ILE A 104 -12.04 8.13 2.70
CA ILE A 104 -13.05 7.08 2.77
C ILE A 104 -14.35 7.58 2.13
N LYS A 105 -14.19 8.41 1.11
CA LYS A 105 -15.33 8.96 0.42
C LYS A 105 -15.30 8.51 -1.05
N ARG A 106 -14.91 7.26 -1.23
CA ARG A 106 -14.83 6.69 -2.57
C ARG A 106 -16.24 6.36 -3.08
N LYS A 107 -16.83 5.35 -2.46
CA LYS A 107 -18.17 4.93 -2.84
C LYS A 107 -19.18 6.00 -2.43
N VAL A 108 -18.99 7.18 -2.98
CA VAL A 108 -19.88 8.30 -2.68
C VAL A 108 -21.15 8.17 -3.51
N ASP A 109 -20.98 8.31 -4.82
CA ASP A 109 -22.10 8.21 -5.73
C ASP A 109 -23.33 8.87 -5.11
N THR A 110 -23.27 10.19 -4.99
CA THR A 110 -24.36 10.95 -4.41
C THR A 110 -24.95 10.20 -3.22
N GLY A 1 36.66 -28.07 2.04
CA GLY A 1 38.05 -28.49 2.18
C GLY A 1 38.99 -27.30 2.05
N ILE A 2 38.62 -26.21 2.70
CA ILE A 2 39.43 -25.00 2.67
C ILE A 2 39.71 -24.63 1.21
N PRO A 3 38.62 -24.28 0.49
CA PRO A 3 38.74 -23.89 -0.91
C PRO A 3 39.32 -22.49 -1.04
N ASP A 4 39.09 -21.89 -2.21
CA ASP A 4 39.59 -20.56 -2.48
C ASP A 4 38.79 -19.54 -1.65
N LEU A 5 39.38 -18.37 -1.49
CA LEU A 5 38.73 -17.31 -0.72
C LEU A 5 38.86 -17.62 0.76
N VAL A 6 39.73 -18.57 1.07
CA VAL A 6 39.94 -18.96 2.45
C VAL A 6 40.95 -18.01 3.11
N LYS A 7 41.76 -17.39 2.26
CA LYS A 7 42.76 -16.46 2.74
C LYS A 7 42.09 -15.12 3.07
N GLY A 8 40.77 -15.17 3.19
CA GLY A 8 40.00 -13.97 3.50
C GLY A 8 38.51 -14.21 3.28
N PRO A 9 37.93 -15.10 4.13
CA PRO A 9 36.52 -15.42 4.03
C PRO A 9 35.66 -14.28 4.57
N TRP A 10 34.78 -13.77 3.72
CA TRP A 10 33.91 -12.68 4.09
C TRP A 10 32.72 -13.27 4.86
N THR A 11 31.94 -12.39 5.47
CA THR A 11 30.78 -12.81 6.23
C THR A 11 29.72 -11.71 6.23
N LYS A 12 28.77 -11.85 7.15
CA LYS A 12 27.70 -10.88 7.27
C LYS A 12 28.29 -9.50 7.53
N GLU A 13 29.39 -9.50 8.26
CA GLU A 13 30.07 -8.25 8.59
C GLU A 13 30.29 -7.41 7.33
N GLU A 14 31.26 -7.84 6.53
CA GLU A 14 31.57 -7.15 5.29
C GLU A 14 30.31 -6.93 4.46
N ASP A 15 29.47 -7.96 4.46
CA ASP A 15 28.22 -7.88 3.70
C ASP A 15 27.34 -6.78 4.29
N GLN A 16 27.51 -6.56 5.59
CA GLN A 16 26.73 -5.54 6.28
C GLN A 16 27.13 -4.15 5.78
N LYS A 17 28.36 -4.06 5.29
CA LYS A 17 28.87 -2.80 4.78
C LYS A 17 28.12 -2.42 3.50
N VAL A 18 28.10 -3.36 2.57
CA VAL A 18 27.41 -3.14 1.31
C VAL A 18 26.00 -2.61 1.58
N ILE A 19 25.30 -3.31 2.46
CA ILE A 19 23.95 -2.90 2.81
C ILE A 19 23.96 -1.48 3.36
N GLU A 20 24.96 -1.21 4.19
CA GLU A 20 25.10 0.11 4.79
C GLU A 20 25.66 1.10 3.77
N LEU A 21 26.13 0.55 2.66
CA LEU A 21 26.69 1.37 1.60
C LEU A 21 25.56 1.90 0.72
N VAL A 22 24.71 0.99 0.30
CA VAL A 22 23.58 1.34 -0.56
C VAL A 22 22.63 2.26 0.23
N LYS A 23 22.66 2.09 1.54
CA LYS A 23 21.80 2.88 2.41
C LYS A 23 22.36 4.30 2.51
N LYS A 24 23.69 4.38 2.62
CA LYS A 24 24.35 5.66 2.73
C LYS A 24 24.51 6.26 1.33
N TYR A 25 24.48 5.39 0.33
CA TYR A 25 24.62 5.82 -1.06
C TYR A 25 23.26 6.22 -1.64
N GLY A 26 22.34 5.27 -1.60
CA GLY A 26 21.00 5.52 -2.12
C GLY A 26 21.04 6.48 -3.30
N THR A 27 21.09 5.91 -4.49
CA THR A 27 21.13 6.71 -5.71
C THR A 27 21.07 5.82 -6.95
N LYS A 28 22.04 4.91 -7.03
CA LYS A 28 22.11 3.99 -8.15
C LYS A 28 23.44 3.25 -8.12
N GLN A 29 23.79 2.77 -6.92
CA GLN A 29 25.03 2.04 -6.73
C GLN A 29 24.73 0.58 -6.39
N TRP A 30 24.73 -0.25 -7.42
CA TRP A 30 24.48 -1.67 -7.24
C TRP A 30 25.74 -2.44 -7.62
N THR A 31 26.73 -1.70 -8.09
CA THR A 31 28.00 -2.28 -8.49
C THR A 31 28.95 -2.35 -7.30
N LEU A 32 29.00 -1.26 -6.56
CA LEU A 32 29.86 -1.17 -5.39
C LEU A 32 29.57 -2.35 -4.47
N ILE A 33 28.37 -2.89 -4.60
CA ILE A 33 27.96 -4.03 -3.79
C ILE A 33 28.78 -5.25 -4.18
N ALA A 34 28.83 -5.50 -5.48
CA ALA A 34 29.56 -6.64 -6.01
C ALA A 34 31.01 -6.21 -6.29
N LYS A 35 31.31 -4.97 -5.93
CA LYS A 35 32.64 -4.44 -6.14
C LYS A 35 33.33 -4.24 -4.79
N HIS A 36 32.51 -4.22 -3.75
CA HIS A 36 33.03 -4.05 -2.40
C HIS A 36 33.37 -5.41 -1.80
N LEU A 37 32.49 -6.37 -2.04
CA LEU A 37 32.67 -7.72 -1.53
C LEU A 37 33.04 -8.65 -2.69
N LYS A 38 34.34 -8.82 -2.89
CA LYS A 38 34.83 -9.68 -3.95
C LYS A 38 34.79 -11.13 -3.49
N GLY A 39 35.52 -11.98 -4.20
CA GLY A 39 35.58 -13.39 -3.87
C GLY A 39 34.33 -14.12 -4.38
N ARG A 40 33.18 -13.58 -4.00
CA ARG A 40 31.91 -14.17 -4.40
C ARG A 40 30.98 -13.08 -4.95
N LEU A 41 29.85 -13.54 -5.47
CA LEU A 41 28.87 -12.63 -6.03
C LEU A 41 28.32 -11.72 -4.93
N GLY A 42 27.91 -10.53 -5.33
CA GLY A 42 27.36 -9.57 -4.37
C GLY A 42 26.37 -10.24 -3.42
N LYS A 43 26.84 -10.46 -2.20
CA LYS A 43 26.00 -11.09 -1.19
C LYS A 43 24.58 -10.56 -1.31
N GLN A 44 23.76 -11.31 -2.05
CA GLN A 44 22.38 -10.92 -2.25
C GLN A 44 22.29 -9.60 -2.98
N CYS A 45 21.49 -9.59 -4.03
CA CYS A 45 21.31 -8.38 -4.83
C CYS A 45 19.81 -8.06 -4.89
N ARG A 46 19.42 -7.07 -4.11
CA ARG A 46 18.04 -6.66 -4.07
C ARG A 46 17.17 -7.77 -3.45
N GLU A 47 17.07 -7.74 -2.14
CA GLU A 47 16.29 -8.73 -1.42
C GLU A 47 16.15 -8.34 0.05
N ARG A 48 16.12 -7.03 0.28
CA ARG A 48 15.99 -6.53 1.64
C ARG A 48 15.78 -5.01 1.61
N TRP A 49 15.17 -4.54 0.53
CA TRP A 49 14.92 -3.12 0.36
C TRP A 49 14.17 -2.92 -0.95
N HIS A 50 14.93 -2.97 -2.04
CA HIS A 50 14.36 -2.80 -3.36
C HIS A 50 13.02 -3.54 -3.44
N ASN A 51 12.96 -4.66 -2.75
CA ASN A 51 11.76 -5.47 -2.73
C ASN A 51 11.14 -5.45 -1.34
N HIS A 52 10.92 -4.24 -0.85
CA HIS A 52 10.35 -4.05 0.47
C HIS A 52 9.05 -3.25 0.36
N LEU A 53 9.22 -1.95 0.16
CA LEU A 53 8.07 -1.07 0.04
C LEU A 53 7.23 -1.13 1.31
N ASN A 54 6.48 -0.08 1.56
CA ASN A 54 5.62 -0.01 2.73
C ASN A 54 5.09 1.42 2.89
N PRO A 55 4.21 1.80 1.92
CA PRO A 55 3.61 3.13 1.93
C PRO A 55 2.53 3.22 3.00
N GLU A 56 1.62 4.17 2.80
CA GLU A 56 0.53 4.39 3.74
C GLU A 56 -0.78 4.58 2.98
N VAL A 57 -1.79 5.02 3.72
CA VAL A 57 -3.10 5.26 3.14
C VAL A 57 -3.06 6.54 2.30
N LYS A 58 -3.55 7.62 2.89
CA LYS A 58 -3.58 8.90 2.21
C LYS A 58 -3.12 9.99 3.19
N LYS A 59 -3.31 11.23 2.75
CA LYS A 59 -2.92 12.38 3.57
C LYS A 59 -3.83 12.44 4.80
N SER A 60 -3.26 12.07 5.94
CA SER A 60 -4.01 12.08 7.18
C SER A 60 -3.20 11.42 8.30
N SER A 61 -3.48 10.15 8.51
CA SER A 61 -2.78 9.39 9.54
C SER A 61 -3.56 8.12 9.88
N TRP A 62 -4.13 7.52 8.85
CA TRP A 62 -4.91 6.30 9.03
C TRP A 62 -4.05 5.12 8.59
N THR A 63 -4.69 3.97 8.47
CA THR A 63 -4.00 2.76 8.05
C THR A 63 -4.95 1.84 7.27
N GLU A 64 -4.51 0.60 7.11
CA GLU A 64 -5.29 -0.38 6.39
C GLU A 64 -6.43 -0.90 7.27
N GLU A 65 -6.08 -1.86 8.12
CA GLU A 65 -7.05 -2.45 9.02
C GLU A 65 -7.90 -1.36 9.68
N GLU A 66 -7.31 -0.18 9.80
CA GLU A 66 -7.99 0.94 10.41
C GLU A 66 -9.10 1.45 9.48
N ASP A 67 -8.80 1.44 8.19
CA ASP A 67 -9.75 1.89 7.20
C ASP A 67 -10.94 0.94 7.17
N ARG A 68 -10.62 -0.35 7.08
CA ARG A 68 -11.65 -1.37 7.04
C ARG A 68 -12.58 -1.24 8.23
N ILE A 69 -12.01 -1.41 9.42
CA ILE A 69 -12.78 -1.31 10.65
C ILE A 69 -13.81 -0.19 10.51
N ILE A 70 -13.33 0.95 10.02
CA ILE A 70 -14.20 2.10 9.84
C ILE A 70 -15.37 1.72 8.93
N PHE A 71 -15.05 1.50 7.67
CA PHE A 71 -16.06 1.13 6.69
C PHE A 71 -16.93 -0.01 7.22
N GLU A 72 -16.38 -0.75 8.17
CA GLU A 72 -17.10 -1.86 8.77
C GLU A 72 -18.15 -1.36 9.75
N ALA A 73 -17.69 -0.54 10.69
CA ALA A 73 -18.57 0.02 11.70
C ALA A 73 -19.60 0.93 11.01
N HIS A 74 -19.19 1.48 9.89
CA HIS A 74 -20.07 2.36 9.13
C HIS A 74 -21.17 1.55 8.45
N LYS A 75 -20.94 0.24 8.39
CA LYS A 75 -21.90 -0.65 7.77
C LYS A 75 -22.67 -1.40 8.87
N VAL A 76 -22.58 -0.87 10.07
CA VAL A 76 -23.27 -1.46 11.20
C VAL A 76 -24.14 -0.41 11.89
N LEU A 77 -23.58 0.79 12.00
CA LEU A 77 -24.30 1.88 12.63
C LEU A 77 -24.64 2.94 11.58
N GLY A 78 -23.62 3.70 11.20
CA GLY A 78 -23.80 4.74 10.20
C GLY A 78 -22.75 5.84 10.36
N ASN A 79 -23.24 7.05 10.63
CA ASN A 79 -22.36 8.19 10.81
C ASN A 79 -21.99 8.31 12.28
N ARG A 80 -22.18 7.21 13.00
CA ARG A 80 -21.86 7.19 14.43
C ARG A 80 -20.35 7.23 14.64
N TRP A 81 -19.74 8.27 14.10
CA TRP A 81 -18.30 8.44 14.22
C TRP A 81 -17.93 8.32 15.70
N ALA A 82 -18.84 8.80 16.54
CA ALA A 82 -18.63 8.76 17.97
C ALA A 82 -18.54 7.30 18.43
N GLU A 83 -19.20 6.43 17.67
CA GLU A 83 -19.20 5.02 17.99
C GLU A 83 -18.39 4.24 16.94
N ILE A 84 -18.01 4.95 15.89
CA ILE A 84 -17.24 4.35 14.82
C ILE A 84 -15.78 4.27 15.23
N ALA A 85 -15.31 5.34 15.86
CA ALA A 85 -13.93 5.42 16.30
C ALA A 85 -13.73 4.46 17.48
N LYS A 86 -14.85 4.03 18.05
CA LYS A 86 -14.82 3.12 19.18
C LYS A 86 -14.09 1.83 18.77
N LEU A 87 -14.31 1.45 17.51
CA LEU A 87 -13.69 0.24 16.99
C LEU A 87 -12.21 0.51 16.72
N LEU A 88 -11.83 1.77 16.90
CA LEU A 88 -10.45 2.16 16.69
C LEU A 88 -9.86 2.67 18.00
N PRO A 89 -8.50 2.66 18.07
CA PRO A 89 -7.80 3.12 19.25
C PRO A 89 -7.83 4.65 19.34
N GLY A 90 -8.88 5.16 19.98
CA GLY A 90 -9.03 6.59 20.14
C GLY A 90 -8.90 7.31 18.80
N ARG A 91 -10.04 7.73 18.27
CA ARG A 91 -10.07 8.44 16.99
C ARG A 91 -11.23 9.42 16.96
N THR A 92 -11.70 9.79 18.15
CA THR A 92 -12.80 10.72 18.27
C THR A 92 -13.82 10.49 17.15
N ASP A 93 -14.55 11.55 16.83
CA ASP A 93 -15.55 11.48 15.78
C ASP A 93 -15.14 12.41 14.64
N ASN A 94 -14.56 13.54 15.00
CA ASN A 94 -14.13 14.51 14.02
C ASN A 94 -12.99 13.92 13.19
N ALA A 95 -12.43 12.83 13.70
CA ALA A 95 -11.33 12.17 13.04
C ALA A 95 -11.88 11.30 11.90
N VAL A 96 -12.57 10.24 12.30
CA VAL A 96 -13.15 9.32 11.33
C VAL A 96 -14.12 10.10 10.41
N LYS A 97 -15.06 10.78 11.04
CA LYS A 97 -16.04 11.56 10.29
C LYS A 97 -15.35 12.24 9.11
N ASN A 98 -14.40 13.11 9.44
CA ASN A 98 -13.67 13.82 8.41
C ASN A 98 -13.02 12.83 7.46
N HIS A 99 -12.28 11.88 8.04
CA HIS A 99 -11.61 10.87 7.26
C HIS A 99 -12.58 10.29 6.22
N TRP A 100 -13.86 10.39 6.53
CA TRP A 100 -14.89 9.89 5.63
C TRP A 100 -14.84 10.73 4.35
N ASN A 101 -15.22 11.98 4.49
CA ASN A 101 -15.22 12.89 3.35
C ASN A 101 -13.78 13.18 2.93
N SER A 102 -12.85 12.63 3.69
CA SER A 102 -11.44 12.82 3.41
C SER A 102 -11.03 12.01 2.18
N THR A 103 -10.81 10.71 2.40
CA THR A 103 -10.42 9.82 1.33
C THR A 103 -11.40 8.65 1.22
N ILE A 104 -12.21 8.51 2.27
CA ILE A 104 -13.19 7.44 2.31
C ILE A 104 -14.51 7.93 1.69
N LYS A 105 -14.38 8.83 0.74
CA LYS A 105 -15.54 9.39 0.07
C LYS A 105 -15.18 9.71 -1.39
N ARG A 106 -15.90 9.06 -2.29
CA ARG A 106 -15.67 9.26 -3.71
C ARG A 106 -16.30 10.58 -4.16
N LYS A 107 -17.62 10.57 -4.20
CA LYS A 107 -18.35 11.76 -4.62
C LYS A 107 -18.22 12.84 -3.54
N VAL A 108 -17.05 13.48 -3.56
CA VAL A 108 -16.78 14.54 -2.59
C VAL A 108 -15.81 15.55 -3.22
N ASP A 109 -14.72 15.02 -3.74
CA ASP A 109 -13.71 15.86 -4.37
C ASP A 109 -13.56 17.15 -3.56
N THR A 110 -12.96 17.00 -2.39
CA THR A 110 -12.75 18.15 -1.51
C THR A 110 -14.09 18.73 -1.06
N GLY A 1 16.38 -40.87 -19.69
CA GLY A 1 16.64 -41.09 -18.27
C GLY A 1 15.84 -40.11 -17.41
N ILE A 2 16.46 -38.97 -17.14
CA ILE A 2 15.81 -37.95 -16.34
C ILE A 2 14.74 -37.24 -17.17
N PRO A 3 13.99 -36.34 -16.49
CA PRO A 3 12.93 -35.59 -17.15
C PRO A 3 13.52 -34.48 -18.04
N ASP A 4 12.62 -33.76 -18.68
CA ASP A 4 13.03 -32.67 -19.55
C ASP A 4 13.75 -31.60 -18.72
N LEU A 5 14.31 -30.62 -19.42
CA LEU A 5 15.03 -29.54 -18.77
C LEU A 5 16.46 -30.01 -18.44
N VAL A 6 16.88 -31.05 -19.14
CA VAL A 6 18.21 -31.59 -18.93
C VAL A 6 19.24 -30.67 -19.57
N LYS A 7 20.15 -31.28 -20.31
CA LYS A 7 21.20 -30.53 -20.98
C LYS A 7 21.68 -29.40 -20.08
N GLY A 8 21.58 -29.64 -18.78
CA GLY A 8 22.00 -28.66 -17.79
C GLY A 8 20.79 -28.10 -17.04
N PRO A 9 20.32 -28.89 -16.03
CA PRO A 9 19.19 -28.48 -15.24
C PRO A 9 19.57 -27.38 -14.24
N TRP A 10 18.84 -26.29 -14.28
CA TRP A 10 19.09 -25.17 -13.38
C TRP A 10 18.56 -25.53 -12.00
N THR A 11 19.27 -25.09 -10.98
CA THR A 11 18.88 -25.35 -9.61
C THR A 11 18.98 -24.08 -8.77
N LYS A 12 18.93 -24.28 -7.46
CA LYS A 12 19.01 -23.16 -6.53
C LYS A 12 20.04 -22.15 -7.04
N GLU A 13 21.25 -22.65 -7.24
CA GLU A 13 22.34 -21.80 -7.73
C GLU A 13 21.84 -20.92 -8.88
N GLU A 14 21.42 -21.58 -9.96
CA GLU A 14 20.93 -20.88 -11.13
C GLU A 14 19.85 -19.88 -10.71
N ASP A 15 18.98 -20.32 -9.83
CA ASP A 15 17.89 -19.48 -9.35
C ASP A 15 18.48 -18.27 -8.63
N GLN A 16 19.56 -18.52 -7.90
CA GLN A 16 20.22 -17.46 -7.15
C GLN A 16 20.68 -16.35 -8.10
N LYS A 17 20.87 -16.73 -9.35
CA LYS A 17 21.30 -15.78 -10.37
C LYS A 17 20.17 -14.79 -10.65
N VAL A 18 18.99 -15.35 -10.91
CA VAL A 18 17.82 -14.53 -11.20
C VAL A 18 17.69 -13.44 -10.14
N ILE A 19 17.85 -13.85 -8.89
CA ILE A 19 17.74 -12.93 -7.77
C ILE A 19 18.86 -11.89 -7.89
N GLU A 20 19.98 -12.33 -8.42
CA GLU A 20 21.13 -11.45 -8.58
C GLU A 20 20.97 -10.60 -9.84
N LEU A 21 20.12 -11.09 -10.73
CA LEU A 21 19.87 -10.38 -11.99
C LEU A 21 18.91 -9.22 -11.73
N VAL A 22 17.80 -9.55 -11.07
CA VAL A 22 16.79 -8.56 -10.76
C VAL A 22 17.42 -7.46 -9.89
N LYS A 23 18.30 -7.89 -8.99
CA LYS A 23 18.97 -6.96 -8.10
C LYS A 23 19.90 -6.07 -8.91
N LYS A 24 20.46 -6.64 -9.96
CA LYS A 24 21.38 -5.91 -10.82
C LYS A 24 20.56 -5.08 -11.83
N TYR A 25 19.35 -5.56 -12.10
CA TYR A 25 18.47 -4.89 -13.03
C TYR A 25 17.68 -3.78 -12.34
N GLY A 26 16.92 -4.19 -11.33
CA GLY A 26 16.11 -3.24 -10.58
C GLY A 26 15.32 -2.32 -11.52
N THR A 27 14.01 -2.55 -11.55
CA THR A 27 13.14 -1.76 -12.40
C THR A 27 11.78 -2.45 -12.57
N LYS A 28 11.81 -3.58 -13.26
CA LYS A 28 10.60 -4.33 -13.50
C LYS A 28 10.86 -5.37 -14.59
N GLN A 29 11.95 -6.10 -14.43
CA GLN A 29 12.32 -7.11 -15.39
C GLN A 29 12.03 -8.50 -14.83
N TRP A 30 10.84 -9.00 -15.14
CA TRP A 30 10.42 -10.32 -14.68
C TRP A 30 10.62 -11.31 -15.83
N THR A 31 10.88 -10.76 -17.01
CA THR A 31 11.10 -11.59 -18.19
C THR A 31 12.43 -12.33 -18.09
N LEU A 32 13.44 -11.61 -17.61
CA LEU A 32 14.76 -12.20 -17.46
C LEU A 32 14.66 -13.50 -16.68
N ILE A 33 13.92 -13.43 -15.57
CA ILE A 33 13.74 -14.59 -14.73
C ILE A 33 13.11 -15.72 -15.55
N ALA A 34 12.06 -15.36 -16.28
CA ALA A 34 11.36 -16.32 -17.11
C ALA A 34 12.12 -16.51 -18.43
N LYS A 35 13.28 -15.88 -18.49
CA LYS A 35 14.11 -15.96 -19.68
C LYS A 35 15.37 -16.76 -19.36
N HIS A 36 15.86 -16.59 -18.13
CA HIS A 36 17.05 -17.28 -17.69
C HIS A 36 16.67 -18.67 -17.18
N LEU A 37 15.62 -18.72 -16.39
CA LEU A 37 15.15 -19.98 -15.83
C LEU A 37 13.91 -20.44 -16.60
N LYS A 38 14.13 -20.79 -17.86
CA LYS A 38 13.04 -21.24 -18.70
C LYS A 38 12.74 -22.71 -18.39
N GLY A 39 11.79 -23.25 -19.14
CA GLY A 39 11.39 -24.64 -18.95
C GLY A 39 10.27 -24.76 -17.91
N ARG A 40 10.35 -23.90 -16.90
CA ARG A 40 9.36 -23.90 -15.84
C ARG A 40 8.59 -22.58 -15.84
N LEU A 41 8.43 -22.01 -17.03
CA LEU A 41 7.73 -20.75 -17.17
C LEU A 41 8.12 -19.82 -16.04
N GLY A 42 7.36 -18.74 -15.91
CA GLY A 42 7.63 -17.75 -14.87
C GLY A 42 6.36 -17.46 -14.06
N LYS A 43 5.40 -18.36 -14.18
CA LYS A 43 4.14 -18.21 -13.47
C LYS A 43 4.42 -17.67 -12.06
N GLN A 44 5.58 -18.04 -11.54
CA GLN A 44 5.97 -17.60 -10.21
C GLN A 44 6.92 -16.40 -10.30
N CYS A 45 6.45 -15.37 -11.00
CA CYS A 45 7.24 -14.17 -11.18
C CYS A 45 6.89 -13.20 -10.04
N ARG A 46 6.27 -13.75 -9.01
CA ARG A 46 5.88 -12.95 -7.86
C ARG A 46 5.71 -13.83 -6.62
N GLU A 47 6.72 -13.82 -5.77
CA GLU A 47 6.68 -14.61 -4.55
C GLU A 47 7.92 -14.32 -3.70
N ARG A 48 7.67 -13.67 -2.56
CA ARG A 48 8.75 -13.33 -1.65
C ARG A 48 9.36 -11.97 -2.04
N TRP A 49 9.17 -11.61 -3.29
CA TRP A 49 9.68 -10.35 -3.80
C TRP A 49 8.50 -9.42 -4.08
N HIS A 50 7.40 -10.04 -4.49
CA HIS A 50 6.19 -9.30 -4.79
C HIS A 50 5.30 -9.21 -3.55
N ASN A 51 4.60 -10.31 -3.30
CA ASN A 51 3.71 -10.37 -2.14
C ASN A 51 4.55 -10.38 -0.86
N HIS A 52 5.20 -9.25 -0.61
CA HIS A 52 6.03 -9.13 0.57
C HIS A 52 6.05 -7.67 1.04
N LEU A 53 6.61 -6.82 0.20
CA LEU A 53 6.70 -5.40 0.51
C LEU A 53 5.30 -4.79 0.44
N ASN A 54 4.44 -5.26 1.32
CA ASN A 54 3.07 -4.78 1.38
C ASN A 54 3.08 -3.25 1.43
N PRO A 55 2.33 -2.63 0.47
CA PRO A 55 2.26 -1.18 0.40
C PRO A 55 1.36 -0.62 1.51
N GLU A 56 0.84 0.57 1.28
CA GLU A 56 -0.02 1.23 2.24
C GLU A 56 -1.32 1.67 1.57
N VAL A 57 -2.08 2.47 2.30
CA VAL A 57 -3.34 2.97 1.79
C VAL A 57 -3.09 4.18 0.89
N LYS A 58 -3.32 5.36 1.45
CA LYS A 58 -3.12 6.59 0.71
C LYS A 58 -2.73 7.70 1.69
N LYS A 59 -2.81 8.93 1.21
CA LYS A 59 -2.47 10.09 2.02
C LYS A 59 -3.46 10.19 3.18
N SER A 60 -2.94 9.98 4.38
CA SER A 60 -3.75 10.04 5.58
C SER A 60 -3.02 9.41 6.76
N SER A 61 -3.40 9.83 7.96
CA SER A 61 -2.78 9.31 9.16
C SER A 61 -3.55 8.10 9.66
N TRP A 62 -4.28 7.47 8.75
CA TRP A 62 -5.07 6.30 9.08
C TRP A 62 -4.22 5.05 8.78
N THR A 63 -4.86 3.90 8.89
CA THR A 63 -4.19 2.65 8.62
C THR A 63 -5.03 1.77 7.68
N GLU A 64 -4.61 0.52 7.54
CA GLU A 64 -5.30 -0.41 6.67
C GLU A 64 -6.58 -0.91 7.35
N GLU A 65 -6.40 -1.77 8.33
CA GLU A 65 -7.53 -2.32 9.06
C GLU A 65 -8.49 -1.20 9.47
N GLU A 66 -7.91 -0.05 9.77
CA GLU A 66 -8.70 1.10 10.18
C GLU A 66 -9.62 1.55 9.04
N ASP A 67 -9.19 1.25 7.83
CA ASP A 67 -9.96 1.61 6.65
C ASP A 67 -11.14 0.66 6.50
N ARG A 68 -10.83 -0.61 6.34
CA ARG A 68 -11.85 -1.63 6.19
C ARG A 68 -12.80 -1.60 7.39
N ILE A 69 -12.20 -1.69 8.57
CA ILE A 69 -12.98 -1.69 9.80
C ILE A 69 -14.02 -0.57 9.73
N ILE A 70 -13.54 0.67 9.88
CA ILE A 70 -14.41 1.81 9.84
C ILE A 70 -15.37 1.69 8.66
N PHE A 71 -14.80 1.42 7.49
CA PHE A 71 -15.61 1.27 6.28
C PHE A 71 -16.75 0.28 6.51
N GLU A 72 -16.57 -0.58 7.51
CA GLU A 72 -17.57 -1.56 7.84
C GLU A 72 -18.49 -1.05 8.95
N ALA A 73 -17.86 -0.51 9.99
CA ALA A 73 -18.59 0.02 11.12
C ALA A 73 -19.60 1.06 10.62
N HIS A 74 -19.35 1.56 9.42
CA HIS A 74 -20.22 2.55 8.82
C HIS A 74 -21.41 1.86 8.15
N LYS A 75 -21.23 0.58 7.89
CA LYS A 75 -22.27 -0.21 7.25
C LYS A 75 -23.00 -1.03 8.32
N VAL A 76 -22.68 -0.75 9.57
CA VAL A 76 -23.29 -1.46 10.67
C VAL A 76 -24.12 -0.46 11.50
N LEU A 77 -23.64 0.77 11.54
CA LEU A 77 -24.32 1.82 12.29
C LEU A 77 -24.66 2.97 11.34
N GLY A 78 -23.63 3.66 10.90
CA GLY A 78 -23.81 4.79 10.00
C GLY A 78 -22.75 5.87 10.25
N ASN A 79 -23.23 7.08 10.50
CA ASN A 79 -22.35 8.19 10.75
C ASN A 79 -22.03 8.27 12.25
N ARG A 80 -22.22 7.13 12.91
CA ARG A 80 -21.96 7.05 14.34
C ARG A 80 -20.45 7.08 14.61
N TRP A 81 -19.81 8.13 14.10
CA TRP A 81 -18.38 8.30 14.28
C TRP A 81 -18.07 8.14 15.78
N ALA A 82 -18.98 8.65 16.59
CA ALA A 82 -18.83 8.58 18.03
C ALA A 82 -18.61 7.12 18.45
N GLU A 83 -19.10 6.22 17.60
CA GLU A 83 -18.96 4.80 17.86
C GLU A 83 -17.85 4.20 17.01
N ILE A 84 -17.74 4.72 15.79
CA ILE A 84 -16.73 4.25 14.87
C ILE A 84 -15.35 4.35 15.53
N ALA A 85 -15.04 5.56 16.00
CA ALA A 85 -13.77 5.80 16.65
C ALA A 85 -13.65 4.90 17.89
N LYS A 86 -14.77 4.74 18.57
CA LYS A 86 -14.80 3.91 19.76
C LYS A 86 -14.41 2.48 19.40
N LEU A 87 -14.57 2.16 18.12
CA LEU A 87 -14.24 0.83 17.63
C LEU A 87 -12.77 0.81 17.21
N LEU A 88 -12.20 2.00 17.09
CA LEU A 88 -10.80 2.12 16.71
C LEU A 88 -10.09 3.08 17.66
N PRO A 89 -9.31 2.48 18.60
CA PRO A 89 -8.57 3.26 19.58
C PRO A 89 -7.36 3.94 18.93
N GLY A 90 -7.49 5.23 18.71
CA GLY A 90 -6.42 6.00 18.11
C GLY A 90 -6.95 7.28 17.46
N ARG A 91 -8.22 7.23 17.10
CA ARG A 91 -8.87 8.37 16.46
C ARG A 91 -10.22 8.65 17.11
N THR A 92 -10.66 9.89 16.99
CA THR A 92 -11.93 10.29 17.56
C THR A 92 -13.03 10.25 16.49
N ASP A 93 -14.16 10.87 16.83
CA ASP A 93 -15.28 10.92 15.90
C ASP A 93 -15.01 11.96 14.82
N ASN A 94 -14.57 13.13 15.27
CA ASN A 94 -14.26 14.21 14.35
C ASN A 94 -13.16 13.77 13.39
N ALA A 95 -12.50 12.67 13.76
CA ALA A 95 -11.43 12.14 12.95
C ALA A 95 -12.02 11.31 11.80
N VAL A 96 -12.65 10.20 12.19
CA VAL A 96 -13.26 9.32 11.21
C VAL A 96 -14.23 10.12 10.34
N LYS A 97 -15.17 10.77 11.01
CA LYS A 97 -16.17 11.58 10.32
C LYS A 97 -15.52 12.26 9.11
N ASN A 98 -14.51 13.07 9.40
CA ASN A 98 -13.80 13.78 8.35
C ASN A 98 -13.18 12.78 7.38
N HIS A 99 -12.43 11.83 7.94
CA HIS A 99 -11.79 10.81 7.13
C HIS A 99 -12.79 10.26 6.12
N TRP A 100 -14.07 10.36 6.46
CA TRP A 100 -15.12 9.88 5.58
C TRP A 100 -15.08 10.71 4.31
N ASN A 101 -15.44 11.98 4.45
CA ASN A 101 -15.46 12.88 3.31
C ASN A 101 -14.02 13.15 2.86
N SER A 102 -13.08 12.59 3.61
CA SER A 102 -11.67 12.76 3.29
C SER A 102 -11.32 11.95 2.05
N THR A 103 -11.11 10.65 2.26
CA THR A 103 -10.76 9.75 1.17
C THR A 103 -11.76 8.60 1.10
N ILE A 104 -12.55 8.46 2.16
CA ILE A 104 -13.53 7.40 2.22
C ILE A 104 -14.86 7.90 1.64
N LYS A 105 -14.73 8.82 0.69
CA LYS A 105 -15.90 9.40 0.05
C LYS A 105 -15.57 9.72 -1.41
N ARG A 106 -16.17 8.95 -2.31
CA ARG A 106 -15.93 9.16 -3.73
C ARG A 106 -16.82 10.29 -4.25
N LYS A 107 -18.10 9.99 -4.39
CA LYS A 107 -19.06 10.97 -4.89
C LYS A 107 -19.21 12.09 -3.85
N VAL A 108 -18.25 13.01 -3.89
CA VAL A 108 -18.25 14.13 -2.97
C VAL A 108 -18.83 15.35 -3.68
N ASP A 109 -18.20 15.72 -4.78
CA ASP A 109 -18.63 16.86 -5.56
C ASP A 109 -19.07 17.97 -4.61
N THR A 110 -18.08 18.59 -3.97
CA THR A 110 -18.36 19.67 -3.03
C THR A 110 -19.60 19.35 -2.21
N GLY A 1 34.95 -33.54 -14.93
CA GLY A 1 34.30 -32.30 -14.55
C GLY A 1 35.23 -31.47 -13.65
N ILE A 2 34.76 -31.19 -12.45
CA ILE A 2 35.52 -30.40 -11.50
C ILE A 2 36.34 -29.35 -12.27
N PRO A 3 35.60 -28.48 -13.01
CA PRO A 3 36.24 -27.43 -13.78
C PRO A 3 36.71 -26.30 -12.87
N ASP A 4 36.93 -25.14 -13.48
CA ASP A 4 37.38 -23.98 -12.75
C ASP A 4 36.31 -23.56 -11.73
N LEU A 5 36.67 -22.59 -10.91
CA LEU A 5 35.75 -22.10 -9.89
C LEU A 5 35.59 -23.16 -8.80
N VAL A 6 36.50 -24.12 -8.82
CA VAL A 6 36.49 -25.19 -7.83
C VAL A 6 37.48 -24.88 -6.72
N LYS A 7 38.48 -24.09 -7.07
CA LYS A 7 39.51 -23.71 -6.11
C LYS A 7 38.95 -22.63 -5.18
N GLY A 8 37.62 -22.53 -5.16
CA GLY A 8 36.96 -21.55 -4.32
C GLY A 8 35.49 -21.42 -4.70
N PRO A 9 34.71 -22.49 -4.35
CA PRO A 9 33.29 -22.51 -4.64
C PRO A 9 32.52 -21.59 -3.69
N TRP A 10 31.85 -20.62 -4.28
CA TRP A 10 31.06 -19.67 -3.49
C TRP A 10 29.74 -20.34 -3.11
N THR A 11 29.00 -19.67 -2.25
CA THR A 11 27.72 -20.19 -1.79
C THR A 11 26.78 -19.03 -1.41
N LYS A 12 25.75 -19.39 -0.67
CA LYS A 12 24.78 -18.40 -0.22
C LYS A 12 25.46 -17.40 0.71
N GLU A 13 26.52 -17.86 1.36
CA GLU A 13 27.27 -17.03 2.28
C GLU A 13 27.75 -15.76 1.56
N GLU A 14 28.71 -15.95 0.68
CA GLU A 14 29.27 -14.83 -0.08
C GLU A 14 28.14 -14.01 -0.71
N ASP A 15 27.14 -14.72 -1.21
CA ASP A 15 26.00 -14.08 -1.85
C ASP A 15 25.25 -13.25 -0.81
N GLN A 16 25.19 -13.78 0.40
CA GLN A 16 24.51 -13.10 1.49
C GLN A 16 25.15 -11.74 1.74
N LYS A 17 26.41 -11.63 1.36
CA LYS A 17 27.15 -10.39 1.55
C LYS A 17 26.61 -9.33 0.60
N VAL A 18 26.59 -9.69 -0.68
CA VAL A 18 26.10 -8.78 -1.70
C VAL A 18 24.75 -8.19 -1.26
N ILE A 19 23.86 -9.08 -0.83
CA ILE A 19 22.55 -8.67 -0.37
C ILE A 19 22.70 -7.65 0.76
N GLU A 20 23.68 -7.90 1.62
CA GLU A 20 23.94 -7.02 2.74
C GLU A 20 24.59 -5.72 2.25
N LEU A 21 25.09 -5.76 1.02
CA LEU A 21 25.73 -4.61 0.42
C LEU A 21 24.67 -3.72 -0.22
N VAL A 22 24.06 -4.25 -1.27
CA VAL A 22 23.03 -3.52 -2.00
C VAL A 22 22.03 -2.95 -0.99
N LYS A 23 21.93 -3.61 0.16
CA LYS A 23 21.02 -3.18 1.20
C LYS A 23 21.58 -1.92 1.87
N LYS A 24 22.77 -2.06 2.42
CA LYS A 24 23.42 -0.94 3.09
C LYS A 24 23.79 0.12 2.05
N TYR A 25 23.69 -0.26 0.79
CA TYR A 25 24.00 0.64 -0.30
C TYR A 25 22.75 1.34 -0.82
N GLY A 26 21.78 0.52 -1.22
CA GLY A 26 20.53 1.04 -1.74
C GLY A 26 20.78 2.08 -2.83
N THR A 27 20.69 1.62 -4.07
CA THR A 27 20.90 2.49 -5.22
C THR A 27 21.09 1.66 -6.49
N LYS A 28 22.13 0.85 -6.47
CA LYS A 28 22.44 0.00 -7.62
C LYS A 28 23.71 -0.80 -7.33
N GLN A 29 24.84 -0.14 -7.54
CA GLN A 29 26.13 -0.77 -7.31
C GLN A 29 26.10 -2.22 -7.80
N TRP A 30 25.70 -2.38 -9.05
CA TRP A 30 25.63 -3.70 -9.65
C TRP A 30 27.06 -4.25 -9.76
N THR A 31 28.01 -3.33 -9.79
CA THR A 31 29.41 -3.71 -9.89
C THR A 31 29.87 -4.41 -8.60
N LEU A 32 29.43 -3.85 -7.48
CA LEU A 32 29.78 -4.41 -6.19
C LEU A 32 29.39 -5.90 -6.15
N ILE A 33 28.13 -6.15 -6.46
CA ILE A 33 27.62 -7.51 -6.47
C ILE A 33 28.60 -8.41 -7.23
N ALA A 34 28.50 -8.36 -8.55
CA ALA A 34 29.36 -9.16 -9.41
C ALA A 34 30.79 -9.11 -8.86
N LYS A 35 31.25 -7.89 -8.59
CA LYS A 35 32.59 -7.70 -8.07
C LYS A 35 32.72 -8.43 -6.74
N HIS A 36 31.66 -8.38 -5.96
CA HIS A 36 31.65 -9.04 -4.66
C HIS A 36 31.28 -10.51 -4.84
N LEU A 37 31.08 -10.89 -6.08
CA LEU A 37 30.73 -12.27 -6.39
C LEU A 37 31.15 -12.59 -7.83
N LYS A 38 32.36 -13.14 -7.94
CA LYS A 38 32.90 -13.51 -9.25
C LYS A 38 32.61 -14.98 -9.52
N GLY A 39 33.20 -15.47 -10.60
CA GLY A 39 33.02 -16.86 -10.99
C GLY A 39 31.68 -17.05 -11.72
N ARG A 40 30.88 -16.00 -11.71
CA ARG A 40 29.59 -16.04 -12.37
C ARG A 40 29.06 -14.62 -12.59
N LEU A 41 27.78 -14.55 -12.96
CA LEU A 41 27.14 -13.26 -13.20
C LEU A 41 26.62 -12.70 -11.87
N GLY A 42 26.82 -11.39 -11.71
CA GLY A 42 26.37 -10.73 -10.50
C GLY A 42 24.89 -10.39 -10.58
N LYS A 43 24.25 -10.91 -11.62
CA LYS A 43 22.82 -10.67 -11.82
C LYS A 43 22.04 -11.26 -10.64
N GLN A 44 20.94 -11.91 -10.98
CA GLN A 44 20.10 -12.53 -9.97
C GLN A 44 20.09 -11.69 -8.70
N CYS A 45 20.15 -10.37 -8.90
CA CYS A 45 20.16 -9.45 -7.78
C CYS A 45 18.93 -8.53 -7.91
N ARG A 46 18.89 -7.53 -7.05
CA ARG A 46 17.78 -6.59 -7.06
C ARG A 46 16.47 -7.30 -7.39
N GLU A 47 15.99 -8.06 -6.41
CA GLU A 47 14.75 -8.80 -6.57
C GLU A 47 14.01 -8.89 -5.24
N ARG A 48 14.76 -9.21 -4.20
CA ARG A 48 14.18 -9.33 -2.87
C ARG A 48 13.77 -7.95 -2.34
N TRP A 49 14.53 -6.96 -2.74
CA TRP A 49 14.26 -5.59 -2.31
C TRP A 49 13.69 -4.82 -3.51
N HIS A 50 14.07 -5.29 -4.70
CA HIS A 50 13.62 -4.66 -5.93
C HIS A 50 12.21 -5.15 -6.27
N ASN A 51 12.07 -6.47 -6.31
CA ASN A 51 10.79 -7.08 -6.61
C ASN A 51 10.11 -7.53 -5.32
N HIS A 52 9.39 -6.61 -4.70
CA HIS A 52 8.70 -6.89 -3.46
C HIS A 52 7.64 -5.81 -3.20
N LEU A 53 8.12 -4.65 -2.80
CA LEU A 53 7.23 -3.53 -2.51
C LEU A 53 6.28 -3.92 -1.38
N ASN A 54 5.83 -2.90 -0.66
CA ASN A 54 4.93 -3.12 0.46
C ASN A 54 4.66 -1.78 1.16
N PRO A 55 4.01 -0.86 0.40
CA PRO A 55 3.68 0.45 0.94
C PRO A 55 2.51 0.37 1.91
N GLU A 56 1.85 1.50 2.09
CA GLU A 56 0.71 1.58 2.99
C GLU A 56 -0.34 2.54 2.44
N VAL A 57 -1.39 2.74 3.22
CA VAL A 57 -2.46 3.64 2.83
C VAL A 57 -1.92 5.08 2.77
N LYS A 58 -1.04 5.38 3.72
CA LYS A 58 -0.45 6.70 3.79
C LYS A 58 0.49 6.78 4.98
N LYS A 59 1.51 7.61 4.84
CA LYS A 59 2.49 7.78 5.91
C LYS A 59 1.80 8.37 7.14
N SER A 60 1.55 7.50 8.11
CA SER A 60 0.88 7.92 9.33
C SER A 60 -0.63 7.91 9.14
N SER A 61 -1.29 8.76 9.92
CA SER A 61 -2.73 8.87 9.85
C SER A 61 -3.36 7.48 9.94
N TRP A 62 -4.47 7.32 9.23
CA TRP A 62 -5.18 6.05 9.23
C TRP A 62 -4.24 4.98 8.64
N THR A 63 -4.78 3.79 8.49
CA THR A 63 -4.00 2.69 7.94
C THR A 63 -4.89 1.78 7.09
N GLU A 64 -4.46 0.53 6.96
CA GLU A 64 -5.21 -0.43 6.16
C GLU A 64 -6.39 -0.98 6.97
N GLU A 65 -6.09 -1.96 7.81
CA GLU A 65 -7.12 -2.57 8.64
C GLU A 65 -7.97 -1.50 9.30
N GLU A 66 -7.37 -0.33 9.50
CA GLU A 66 -8.07 0.78 10.11
C GLU A 66 -9.11 1.36 9.15
N ASP A 67 -8.75 1.35 7.88
CA ASP A 67 -9.64 1.87 6.84
C ASP A 67 -10.88 0.97 6.75
N ARG A 68 -10.62 -0.32 6.59
CA ARG A 68 -11.70 -1.29 6.48
C ARG A 68 -12.63 -1.18 7.69
N ILE A 69 -12.05 -1.45 8.86
CA ILE A 69 -12.81 -1.40 10.10
C ILE A 69 -13.84 -0.26 10.01
N ILE A 70 -13.34 0.91 9.64
CA ILE A 70 -14.20 2.08 9.51
C ILE A 70 -15.38 1.75 8.59
N PHE A 71 -15.04 1.49 7.33
CA PHE A 71 -16.05 1.16 6.35
C PHE A 71 -16.84 -0.08 6.76
N GLU A 72 -16.29 -0.79 7.73
CA GLU A 72 -16.93 -2.01 8.23
C GLU A 72 -17.97 -1.66 9.29
N ALA A 73 -17.66 -0.62 10.05
CA ALA A 73 -18.56 -0.17 11.10
C ALA A 73 -19.61 0.77 10.51
N HIS A 74 -19.20 1.47 9.45
CA HIS A 74 -20.10 2.41 8.79
C HIS A 74 -21.27 1.63 8.16
N LYS A 75 -21.09 0.32 8.08
CA LYS A 75 -22.12 -0.54 7.49
C LYS A 75 -22.86 -1.26 8.62
N VAL A 76 -22.68 -0.76 9.83
CA VAL A 76 -23.32 -1.34 10.99
C VAL A 76 -24.23 -0.30 11.65
N LEU A 77 -23.74 0.94 11.64
CA LEU A 77 -24.50 2.03 12.24
C LEU A 77 -24.77 3.09 11.18
N GLY A 78 -23.70 3.78 10.78
CA GLY A 78 -23.81 4.82 9.77
C GLY A 78 -22.79 5.93 10.02
N ASN A 79 -23.31 7.11 10.28
CA ASN A 79 -22.45 8.27 10.53
C ASN A 79 -22.13 8.33 12.03
N ARG A 80 -22.30 7.21 12.69
CA ARG A 80 -22.05 7.12 14.12
C ARG A 80 -20.53 7.16 14.38
N TRP A 81 -19.91 8.21 13.87
CA TRP A 81 -18.47 8.37 14.04
C TRP A 81 -18.16 8.25 15.54
N ALA A 82 -19.06 8.79 16.34
CA ALA A 82 -18.90 8.74 17.78
C ALA A 82 -18.68 7.30 18.22
N GLU A 83 -19.18 6.38 17.42
CA GLU A 83 -19.05 4.97 17.71
C GLU A 83 -17.92 4.36 16.89
N ILE A 84 -17.84 4.77 15.64
CA ILE A 84 -16.81 4.27 14.74
C ILE A 84 -15.45 4.34 15.45
N ALA A 85 -15.22 5.46 16.10
CA ALA A 85 -13.97 5.66 16.82
C ALA A 85 -13.93 4.73 18.04
N LYS A 86 -15.10 4.54 18.64
CA LYS A 86 -15.22 3.69 19.80
C LYS A 86 -14.76 2.27 19.44
N LEU A 87 -14.75 2.00 18.14
CA LEU A 87 -14.34 0.70 17.65
C LEU A 87 -12.85 0.74 17.30
N LEU A 88 -12.33 1.95 17.18
CA LEU A 88 -10.92 2.14 16.86
C LEU A 88 -10.30 3.11 17.86
N PRO A 89 -9.56 2.54 18.84
CA PRO A 89 -8.91 3.35 19.86
C PRO A 89 -7.67 4.05 19.29
N GLY A 90 -7.81 5.35 19.10
CA GLY A 90 -6.72 6.15 18.56
C GLY A 90 -7.24 7.40 17.86
N ARG A 91 -8.49 7.31 17.42
CA ARG A 91 -9.11 8.43 16.73
C ARG A 91 -10.44 8.79 17.40
N THR A 92 -10.88 10.02 17.17
CA THR A 92 -12.12 10.50 17.74
C THR A 92 -13.24 10.42 16.71
N ASP A 93 -14.32 11.13 17.02
CA ASP A 93 -15.48 11.14 16.13
C ASP A 93 -15.19 12.05 14.94
N ASN A 94 -14.74 13.26 15.25
CA ASN A 94 -14.43 14.22 14.21
C ASN A 94 -13.30 13.67 13.34
N ALA A 95 -12.65 12.63 13.84
CA ALA A 95 -11.55 12.00 13.12
C ALA A 95 -12.12 11.16 11.97
N VAL A 96 -12.82 10.10 12.35
CA VAL A 96 -13.41 9.21 11.38
C VAL A 96 -14.32 10.00 10.45
N LYS A 97 -15.24 10.74 11.05
CA LYS A 97 -16.18 11.55 10.30
C LYS A 97 -15.44 12.20 9.13
N ASN A 98 -14.46 13.02 9.46
CA ASN A 98 -13.68 13.72 8.46
C ASN A 98 -13.05 12.68 7.51
N HIS A 99 -12.55 11.61 8.11
CA HIS A 99 -11.92 10.56 7.34
C HIS A 99 -12.87 10.08 6.23
N TRP A 100 -14.15 10.38 6.43
CA TRP A 100 -15.17 10.00 5.47
C TRP A 100 -15.03 10.93 4.25
N ASN A 101 -14.85 12.20 4.54
CA ASN A 101 -14.71 13.20 3.49
C ASN A 101 -13.23 13.40 3.19
N SER A 102 -12.40 12.69 3.93
CA SER A 102 -10.95 12.78 3.76
C SER A 102 -10.52 12.00 2.52
N THR A 103 -10.53 10.68 2.66
CA THR A 103 -10.14 9.81 1.56
C THR A 103 -11.17 8.70 1.38
N ILE A 104 -12.13 8.66 2.30
CA ILE A 104 -13.16 7.64 2.25
C ILE A 104 -14.49 8.31 1.84
N LYS A 105 -14.39 9.18 0.84
CA LYS A 105 -15.56 9.87 0.35
C LYS A 105 -15.93 9.35 -1.03
N ARG A 106 -15.73 8.05 -1.20
CA ARG A 106 -16.03 7.41 -2.48
C ARG A 106 -17.50 7.01 -2.53
N LYS A 107 -17.83 5.95 -1.82
CA LYS A 107 -19.20 5.46 -1.78
C LYS A 107 -20.07 6.48 -1.05
N VAL A 108 -20.27 7.62 -1.70
CA VAL A 108 -21.09 8.68 -1.13
C VAL A 108 -22.56 8.41 -1.44
N ASP A 109 -22.83 8.21 -2.73
CA ASP A 109 -24.18 7.95 -3.17
C ASP A 109 -24.15 7.13 -4.47
N THR A 110 -23.91 5.83 -4.30
CA THR A 110 -23.84 4.94 -5.44
C THR A 110 -23.58 3.50 -4.98
N GLY A 1 12.52 -22.32 -19.37
CA GLY A 1 12.87 -23.13 -18.22
C GLY A 1 13.49 -22.29 -17.11
N ILE A 2 14.72 -21.87 -17.34
CA ILE A 2 15.43 -21.05 -16.36
C ILE A 2 16.42 -20.15 -17.08
N PRO A 3 16.88 -19.10 -16.35
CA PRO A 3 17.83 -18.15 -16.92
C PRO A 3 19.23 -18.75 -17.00
N ASP A 4 20.06 -18.14 -17.82
CA ASP A 4 21.43 -18.61 -18.01
C ASP A 4 21.46 -20.13 -17.85
N LEU A 5 20.44 -20.78 -18.40
CA LEU A 5 20.35 -22.23 -18.33
C LEU A 5 20.68 -22.68 -16.91
N VAL A 6 20.88 -23.99 -16.79
CA VAL A 6 21.21 -24.57 -15.50
C VAL A 6 22.62 -24.13 -15.08
N LYS A 7 23.39 -25.10 -14.63
CA LYS A 7 24.76 -24.82 -14.19
C LYS A 7 24.78 -23.54 -13.36
N GLY A 8 23.64 -23.25 -12.77
CA GLY A 8 23.51 -22.05 -11.94
C GLY A 8 22.57 -21.03 -12.59
N PRO A 9 21.25 -21.33 -12.50
CA PRO A 9 20.24 -20.46 -13.07
C PRO A 9 20.05 -19.20 -12.21
N TRP A 10 19.92 -18.07 -12.89
CA TRP A 10 19.73 -16.81 -12.21
C TRP A 10 18.44 -16.89 -11.39
N THR A 11 18.41 -16.14 -10.30
CA THR A 11 17.25 -16.13 -9.43
C THR A 11 16.97 -14.70 -8.94
N LYS A 12 16.15 -14.62 -7.90
CA LYS A 12 15.80 -13.34 -7.32
C LYS A 12 17.03 -12.42 -7.33
N GLU A 13 18.11 -12.93 -6.76
CA GLU A 13 19.35 -12.17 -6.69
C GLU A 13 19.64 -11.51 -8.04
N GLU A 14 20.03 -12.34 -8.99
CA GLU A 14 20.34 -11.85 -10.33
C GLU A 14 19.20 -10.98 -10.85
N ASP A 15 17.98 -11.42 -10.57
CA ASP A 15 16.81 -10.69 -11.01
C ASP A 15 16.78 -9.32 -10.33
N GLN A 16 17.38 -9.27 -9.15
CA GLN A 16 17.42 -8.03 -8.39
C GLN A 16 18.27 -6.99 -9.12
N LYS A 17 19.23 -7.49 -9.90
CA LYS A 17 20.11 -6.63 -10.66
C LYS A 17 19.31 -5.93 -11.76
N VAL A 18 18.52 -6.74 -12.46
CA VAL A 18 17.70 -6.22 -13.54
C VAL A 18 16.87 -5.04 -13.04
N ILE A 19 16.28 -5.24 -11.87
CA ILE A 19 15.45 -4.20 -11.27
C ILE A 19 16.29 -2.93 -11.09
N GLU A 20 17.53 -3.13 -10.68
CA GLU A 20 18.44 -2.01 -10.46
C GLU A 20 18.82 -1.38 -11.81
N LEU A 21 18.73 -2.19 -12.85
CA LEU A 21 19.06 -1.73 -14.19
C LEU A 21 17.91 -0.88 -14.73
N VAL A 22 16.75 -1.53 -14.83
CA VAL A 22 15.56 -0.85 -15.33
C VAL A 22 15.35 0.44 -14.54
N LYS A 23 15.90 0.47 -13.35
CA LYS A 23 15.78 1.64 -12.49
C LYS A 23 16.63 2.78 -13.06
N LYS A 24 17.91 2.49 -13.24
CA LYS A 24 18.83 3.47 -13.77
C LYS A 24 18.44 3.80 -15.22
N TYR A 25 17.75 2.85 -15.85
CA TYR A 25 17.32 3.03 -17.21
C TYR A 25 16.00 3.80 -17.27
N GLY A 26 14.98 3.24 -16.62
CA GLY A 26 13.68 3.86 -16.58
C GLY A 26 13.41 4.65 -17.87
N THR A 27 12.67 4.01 -18.77
CA THR A 27 12.34 4.63 -20.04
C THR A 27 11.52 3.67 -20.91
N LYS A 28 12.16 2.56 -21.27
CA LYS A 28 11.50 1.56 -22.09
C LYS A 28 12.55 0.58 -22.63
N GLN A 29 13.44 0.16 -21.74
CA GLN A 29 14.50 -0.76 -22.11
C GLN A 29 14.30 -2.10 -21.38
N TRP A 30 13.51 -2.96 -22.01
CA TRP A 30 13.24 -4.27 -21.43
C TRP A 30 14.25 -5.27 -22.03
N THR A 31 15.00 -4.78 -23.00
CA THR A 31 16.00 -5.61 -23.65
C THR A 31 17.11 -5.99 -22.67
N LEU A 32 17.49 -5.01 -21.86
CA LEU A 32 18.54 -5.22 -20.87
C LEU A 32 18.18 -6.45 -20.03
N ILE A 33 16.95 -6.47 -19.55
CA ILE A 33 16.48 -7.57 -18.73
C ILE A 33 16.63 -8.88 -19.51
N ALA A 34 16.05 -8.88 -20.71
CA ALA A 34 16.11 -10.06 -21.56
C ALA A 34 17.53 -10.24 -22.08
N LYS A 35 18.37 -9.26 -21.76
CA LYS A 35 19.76 -9.30 -22.18
C LYS A 35 20.64 -9.79 -21.03
N HIS A 36 20.24 -9.40 -19.83
CA HIS A 36 20.98 -9.79 -18.63
C HIS A 36 20.52 -11.17 -18.18
N LEU A 37 19.20 -11.33 -18.11
CA LEU A 37 18.62 -12.58 -17.69
C LEU A 37 18.04 -13.31 -18.91
N LYS A 38 18.92 -13.96 -19.65
CA LYS A 38 18.51 -14.69 -20.84
C LYS A 38 17.80 -15.97 -20.42
N GLY A 39 17.62 -16.86 -21.39
CA GLY A 39 16.96 -18.12 -21.14
C GLY A 39 15.45 -18.01 -21.37
N ARG A 40 14.97 -16.77 -21.35
CA ARG A 40 13.56 -16.51 -21.56
C ARG A 40 13.36 -15.31 -22.49
N LEU A 41 12.22 -15.30 -23.16
CA LEU A 41 11.90 -14.23 -24.09
C LEU A 41 11.47 -13.00 -23.30
N GLY A 42 11.07 -11.98 -24.03
CA GLY A 42 10.63 -10.74 -23.43
C GLY A 42 9.12 -10.78 -23.10
N LYS A 43 8.63 -12.00 -22.94
CA LYS A 43 7.23 -12.20 -22.63
C LYS A 43 7.03 -12.13 -21.11
N GLN A 44 7.80 -12.94 -20.40
CA GLN A 44 7.72 -12.98 -18.96
C GLN A 44 8.90 -12.22 -18.33
N CYS A 45 9.11 -11.02 -18.85
CA CYS A 45 10.19 -10.17 -18.36
C CYS A 45 9.71 -9.49 -17.08
N ARG A 46 8.47 -9.02 -17.12
CA ARG A 46 7.89 -8.33 -15.98
C ARG A 46 7.19 -9.34 -15.06
N GLU A 47 6.12 -8.88 -14.45
CA GLU A 47 5.35 -9.72 -13.55
C GLU A 47 5.96 -9.69 -12.14
N ARG A 48 6.00 -8.49 -11.58
CA ARG A 48 6.55 -8.30 -10.26
C ARG A 48 6.16 -6.93 -9.71
N TRP A 49 6.82 -5.91 -10.24
CA TRP A 49 6.54 -4.54 -9.82
C TRP A 49 5.44 -3.97 -10.72
N HIS A 50 5.15 -4.71 -11.77
CA HIS A 50 4.13 -4.30 -12.72
C HIS A 50 2.82 -5.03 -12.42
N ASN A 51 2.96 -6.26 -11.94
CA ASN A 51 1.80 -7.07 -11.60
C ASN A 51 1.71 -7.22 -10.08
N HIS A 52 1.51 -6.09 -9.42
CA HIS A 52 1.42 -6.07 -7.97
C HIS A 52 0.30 -5.10 -7.54
N LEU A 53 0.65 -3.83 -7.56
CA LEU A 53 -0.30 -2.79 -7.17
C LEU A 53 -0.84 -3.09 -5.77
N ASN A 54 0.01 -2.81 -4.79
CA ASN A 54 -0.36 -3.04 -3.39
C ASN A 54 0.31 -1.98 -2.52
N PRO A 55 -0.24 -0.73 -2.62
CA PRO A 55 0.28 0.38 -1.84
C PRO A 55 -0.14 0.27 -0.38
N GLU A 56 -0.13 1.41 0.29
CA GLU A 56 -0.51 1.46 1.69
C GLU A 56 -1.37 2.70 1.96
N VAL A 57 -1.59 2.95 3.25
CA VAL A 57 -2.40 4.09 3.66
C VAL A 57 -1.48 5.30 3.88
N LYS A 58 -0.32 5.24 3.26
CA LYS A 58 0.65 6.31 3.38
C LYS A 58 1.18 6.36 4.81
N LYS A 59 1.76 5.24 5.23
CA LYS A 59 2.31 5.13 6.57
C LYS A 59 1.46 5.95 7.53
N SER A 60 1.85 7.21 7.71
CA SER A 60 1.13 8.11 8.59
C SER A 60 -0.35 8.13 8.22
N SER A 61 -1.15 8.68 9.12
CA SER A 61 -2.58 8.77 8.91
C SER A 61 -3.27 7.47 9.31
N TRP A 62 -4.41 7.21 8.70
CA TRP A 62 -5.16 6.00 8.98
C TRP A 62 -4.31 4.81 8.54
N THR A 63 -4.83 3.62 8.81
CA THR A 63 -4.14 2.39 8.46
C THR A 63 -5.03 1.50 7.59
N GLU A 64 -4.74 0.21 7.63
CA GLU A 64 -5.50 -0.75 6.85
C GLU A 64 -6.76 -1.16 7.62
N GLU A 65 -6.57 -2.11 8.54
CA GLU A 65 -7.67 -2.60 9.34
C GLU A 65 -8.53 -1.44 9.85
N GLU A 66 -7.88 -0.29 9.97
CA GLU A 66 -8.56 0.90 10.43
C GLU A 66 -9.52 1.42 9.36
N ASP A 67 -9.04 1.41 8.13
CA ASP A 67 -9.83 1.88 7.01
C ASP A 67 -11.02 0.93 6.80
N ARG A 68 -10.71 -0.36 6.81
CA ARG A 68 -11.73 -1.38 6.62
C ARG A 68 -12.84 -1.20 7.66
N ILE A 69 -12.47 -1.37 8.91
CA ILE A 69 -13.42 -1.24 10.00
C ILE A 69 -14.40 -0.12 9.68
N ILE A 70 -13.88 1.10 9.67
CA ILE A 70 -14.71 2.26 9.39
C ILE A 70 -15.50 2.01 8.10
N PHE A 71 -14.80 1.52 7.09
CA PHE A 71 -15.42 1.23 5.81
C PHE A 71 -16.48 0.14 5.95
N GLU A 72 -16.42 -0.55 7.08
CA GLU A 72 -17.38 -1.62 7.35
C GLU A 72 -18.04 -1.42 8.71
N ALA A 73 -18.00 -0.17 9.16
CA ALA A 73 -18.60 0.18 10.44
C ALA A 73 -19.67 1.25 10.23
N HIS A 74 -19.62 1.86 9.06
CA HIS A 74 -20.57 2.90 8.72
C HIS A 74 -21.79 2.28 8.02
N LYS A 75 -21.56 1.11 7.45
CA LYS A 75 -22.63 0.40 6.75
C LYS A 75 -23.21 -0.66 7.68
N VAL A 76 -22.86 -0.56 8.95
CA VAL A 76 -23.34 -1.51 9.94
C VAL A 76 -24.17 -0.76 10.99
N LEU A 77 -23.77 0.47 11.25
CA LEU A 77 -24.47 1.29 12.23
C LEU A 77 -24.97 2.57 11.54
N GLY A 78 -24.04 3.49 11.33
CA GLY A 78 -24.37 4.76 10.69
C GLY A 78 -23.19 5.74 10.79
N ASN A 79 -23.54 7.00 11.03
CA ASN A 79 -22.54 8.04 11.15
C ASN A 79 -22.23 8.28 12.62
N ARG A 80 -22.41 7.22 13.41
CA ARG A 80 -22.15 7.30 14.84
C ARG A 80 -20.65 7.32 15.11
N TRP A 81 -19.96 8.19 14.39
CA TRP A 81 -18.52 8.31 14.53
C TRP A 81 -18.19 8.24 16.03
N ALA A 82 -19.10 8.80 16.82
CA ALA A 82 -18.92 8.82 18.27
C ALA A 82 -18.56 7.41 18.74
N GLU A 83 -18.86 6.44 17.90
CA GLU A 83 -18.58 5.05 18.22
C GLU A 83 -17.49 4.50 17.29
N ILE A 84 -17.68 4.76 16.00
CA ILE A 84 -16.72 4.30 15.01
C ILE A 84 -15.30 4.54 15.52
N ALA A 85 -15.14 5.64 16.23
CA ALA A 85 -13.83 5.99 16.79
C ALA A 85 -13.57 5.13 18.02
N LYS A 86 -14.58 5.05 18.87
CA LYS A 86 -14.47 4.27 20.09
C LYS A 86 -13.91 2.88 19.76
N LEU A 87 -14.11 2.48 18.51
CA LEU A 87 -13.65 1.19 18.05
C LEU A 87 -12.13 1.24 17.84
N LEU A 88 -11.67 2.37 17.32
CA LEU A 88 -10.26 2.56 17.06
C LEU A 88 -9.68 3.49 18.13
N PRO A 89 -8.71 2.94 18.91
CA PRO A 89 -8.07 3.71 19.96
C PRO A 89 -7.08 4.71 19.37
N GLY A 90 -7.47 5.98 19.42
CA GLY A 90 -6.62 7.04 18.90
C GLY A 90 -7.47 8.17 18.30
N ARG A 91 -8.68 7.81 17.88
CA ARG A 91 -9.58 8.77 17.30
C ARG A 91 -10.76 9.04 18.25
N THR A 92 -11.44 10.14 18.00
CA THR A 92 -12.58 10.52 18.81
C THR A 92 -13.88 10.42 18.00
N ASP A 93 -13.88 11.14 16.88
CA ASP A 93 -15.05 11.15 16.00
C ASP A 93 -14.76 12.01 14.78
N ASN A 94 -14.57 13.30 15.03
CA ASN A 94 -14.28 14.23 13.97
C ASN A 94 -13.25 13.63 13.02
N ALA A 95 -12.40 12.78 13.59
CA ALA A 95 -11.36 12.12 12.81
C ALA A 95 -12.01 11.18 11.79
N VAL A 96 -12.65 10.14 12.31
CA VAL A 96 -13.31 9.16 11.47
C VAL A 96 -14.32 9.88 10.57
N LYS A 97 -15.23 10.61 11.21
CA LYS A 97 -16.24 11.34 10.47
C LYS A 97 -15.63 11.93 9.21
N ASN A 98 -14.73 12.88 9.40
CA ASN A 98 -14.06 13.53 8.28
C ASN A 98 -13.43 12.46 7.40
N HIS A 99 -12.61 11.62 8.02
CA HIS A 99 -11.94 10.55 7.29
C HIS A 99 -12.93 9.89 6.32
N TRP A 100 -14.20 9.96 6.68
CA TRP A 100 -15.24 9.37 5.86
C TRP A 100 -15.25 10.10 4.52
N ASN A 101 -15.60 11.38 4.58
CA ASN A 101 -15.66 12.20 3.37
C ASN A 101 -14.23 12.56 2.95
N SER A 102 -13.28 12.11 3.75
CA SER A 102 -11.88 12.38 3.46
C SER A 102 -11.38 11.47 2.34
N THR A 103 -11.17 10.20 2.70
CA THR A 103 -10.70 9.22 1.75
C THR A 103 -11.77 8.14 1.52
N ILE A 104 -12.71 8.08 2.45
CA ILE A 104 -13.78 7.11 2.36
C ILE A 104 -14.92 7.68 1.52
N LYS A 105 -14.55 8.56 0.59
CA LYS A 105 -15.52 9.19 -0.29
C LYS A 105 -14.84 9.57 -1.60
N ARG A 106 -14.65 8.57 -2.45
CA ARG A 106 -14.01 8.79 -3.74
C ARG A 106 -14.89 9.70 -4.61
N LYS A 107 -16.18 9.45 -4.55
CA LYS A 107 -17.14 10.23 -5.32
C LYS A 107 -17.45 11.52 -4.57
N VAL A 108 -16.46 12.40 -4.52
CA VAL A 108 -16.63 13.68 -3.83
C VAL A 108 -15.69 14.71 -4.47
N ASP A 109 -14.45 14.30 -4.66
CA ASP A 109 -13.45 15.18 -5.25
C ASP A 109 -12.37 14.33 -5.92
N THR A 110 -12.67 13.88 -7.13
CA THR A 110 -11.73 13.07 -7.88
C THR A 110 -11.01 12.09 -6.94
N GLY A 1 21.36 -12.68 -36.02
CA GLY A 1 20.17 -12.93 -35.23
C GLY A 1 19.71 -11.66 -34.51
N ILE A 2 20.36 -11.39 -33.39
CA ILE A 2 20.03 -10.22 -32.60
C ILE A 2 21.20 -9.24 -32.64
N PRO A 3 20.95 -8.02 -32.10
CA PRO A 3 21.97 -6.98 -32.06
C PRO A 3 23.01 -7.28 -30.98
N ASP A 4 23.77 -6.25 -30.63
CA ASP A 4 24.79 -6.39 -29.61
C ASP A 4 24.13 -6.70 -28.27
N LEU A 5 24.97 -6.96 -27.28
CA LEU A 5 24.49 -7.28 -25.95
C LEU A 5 24.00 -8.72 -25.92
N VAL A 6 24.40 -9.48 -26.93
CA VAL A 6 24.01 -10.87 -27.04
C VAL A 6 25.22 -11.75 -26.71
N LYS A 7 26.40 -11.20 -26.95
CA LYS A 7 27.63 -11.92 -26.69
C LYS A 7 27.95 -11.86 -25.19
N GLY A 8 26.90 -11.61 -24.41
CA GLY A 8 27.06 -11.53 -22.97
C GLY A 8 25.79 -10.97 -22.32
N PRO A 9 24.70 -11.78 -22.40
CA PRO A 9 23.42 -11.38 -21.83
C PRO A 9 23.45 -11.51 -20.30
N TRP A 10 23.22 -10.38 -19.64
CA TRP A 10 23.21 -10.37 -18.19
C TRP A 10 21.89 -10.97 -17.72
N THR A 11 21.81 -11.20 -16.41
CA THR A 11 20.62 -11.77 -15.82
C THR A 11 20.47 -11.32 -14.36
N LYS A 12 19.64 -12.05 -13.63
CA LYS A 12 19.40 -11.73 -12.23
C LYS A 12 20.72 -11.83 -11.47
N GLU A 13 21.57 -12.74 -11.92
CA GLU A 13 22.87 -12.95 -11.29
C GLU A 13 23.59 -11.60 -11.14
N GLU A 14 24.11 -11.11 -12.25
CA GLU A 14 24.84 -9.86 -12.25
C GLU A 14 24.00 -8.77 -11.56
N ASP A 15 22.70 -8.81 -11.83
CA ASP A 15 21.79 -7.84 -11.24
C ASP A 15 21.75 -8.03 -9.73
N GLN A 16 22.03 -9.26 -9.31
CA GLN A 16 22.04 -9.58 -7.90
C GLN A 16 23.18 -8.86 -7.18
N LYS A 17 24.26 -8.66 -7.92
CA LYS A 17 25.42 -7.99 -7.38
C LYS A 17 25.10 -6.51 -7.15
N VAL A 18 24.36 -5.95 -8.09
CA VAL A 18 23.97 -4.55 -8.00
C VAL A 18 23.07 -4.35 -6.79
N ILE A 19 21.96 -5.09 -6.78
CA ILE A 19 21.01 -5.01 -5.68
C ILE A 19 21.76 -5.12 -4.36
N GLU A 20 22.87 -5.86 -4.40
CA GLU A 20 23.68 -6.06 -3.21
C GLU A 20 24.50 -4.80 -2.90
N LEU A 21 24.79 -4.05 -3.96
CA LEU A 21 25.56 -2.83 -3.82
C LEU A 21 24.71 -1.77 -3.12
N VAL A 22 23.44 -1.73 -3.52
CA VAL A 22 22.51 -0.77 -2.95
C VAL A 22 22.22 -1.15 -1.50
N LYS A 23 22.28 -2.45 -1.24
CA LYS A 23 22.03 -2.96 0.09
C LYS A 23 23.19 -2.57 1.01
N LYS A 24 24.36 -2.42 0.40
CA LYS A 24 25.55 -2.06 1.15
C LYS A 24 25.77 -0.55 1.05
N TYR A 25 25.27 0.02 -0.04
CA TYR A 25 25.39 1.45 -0.26
C TYR A 25 24.25 2.22 0.40
N GLY A 26 23.03 1.84 0.03
CA GLY A 26 21.86 2.48 0.58
C GLY A 26 22.14 3.93 0.97
N THR A 27 21.71 4.84 0.10
CA THR A 27 21.92 6.25 0.34
C THR A 27 21.38 7.07 -0.83
N LYS A 28 22.03 6.91 -1.98
CA LYS A 28 21.63 7.63 -3.17
C LYS A 28 22.57 7.27 -4.32
N GLN A 29 22.96 6.00 -4.34
CA GLN A 29 23.86 5.52 -5.38
C GLN A 29 23.13 4.56 -6.31
N TRP A 30 22.57 5.11 -7.38
CA TRP A 30 21.83 4.32 -8.34
C TRP A 30 22.66 4.27 -9.63
N THR A 31 23.67 5.13 -9.69
CA THR A 31 24.54 5.20 -10.86
C THR A 31 25.41 3.95 -10.94
N LEU A 32 25.96 3.55 -9.80
CA LEU A 32 26.81 2.38 -9.74
C LEU A 32 26.06 1.18 -10.31
N ILE A 33 24.74 1.32 -10.36
CA ILE A 33 23.90 0.26 -10.89
C ILE A 33 24.19 0.07 -12.38
N ALA A 34 23.94 1.12 -13.14
CA ALA A 34 24.18 1.09 -14.57
C ALA A 34 25.68 1.11 -14.84
N LYS A 35 26.41 1.77 -13.94
CA LYS A 35 27.85 1.88 -14.06
C LYS A 35 28.47 0.50 -13.90
N HIS A 36 27.78 -0.35 -13.14
CA HIS A 36 28.26 -1.70 -12.90
C HIS A 36 27.84 -2.60 -14.05
N LEU A 37 26.55 -2.59 -14.34
CA LEU A 37 26.01 -3.40 -15.41
C LEU A 37 25.65 -2.51 -16.61
N LYS A 38 26.58 -2.43 -17.54
CA LYS A 38 26.38 -1.61 -18.72
C LYS A 38 25.58 -2.41 -19.76
N GLY A 39 25.69 -1.98 -21.01
CA GLY A 39 24.99 -2.64 -22.10
C GLY A 39 23.53 -2.22 -22.15
N ARG A 40 22.85 -2.42 -21.03
CA ARG A 40 21.44 -2.06 -20.93
C ARG A 40 21.26 -0.88 -19.98
N LEU A 41 20.08 -0.29 -20.05
CA LEU A 41 19.76 0.85 -19.20
C LEU A 41 19.63 0.39 -17.75
N GLY A 42 20.54 0.90 -16.92
CA GLY A 42 20.54 0.55 -15.51
C GLY A 42 19.19 0.86 -14.86
N LYS A 43 18.48 1.79 -15.47
CA LYS A 43 17.18 2.19 -14.96
C LYS A 43 16.22 1.00 -15.02
N GLN A 44 14.95 1.31 -15.12
CA GLN A 44 13.93 0.27 -15.18
C GLN A 44 14.26 -0.85 -14.20
N CYS A 45 14.89 -0.47 -13.10
CA CYS A 45 15.26 -1.43 -12.07
C CYS A 45 14.54 -1.05 -10.77
N ARG A 46 14.59 0.24 -10.46
CA ARG A 46 13.96 0.75 -9.26
C ARG A 46 12.61 0.05 -9.04
N GLU A 47 11.77 0.12 -10.07
CA GLU A 47 10.46 -0.49 -10.01
C GLU A 47 10.58 -2.00 -9.82
N ARG A 48 10.69 -2.40 -8.55
CA ARG A 48 10.82 -3.80 -8.23
C ARG A 48 11.30 -3.97 -6.78
N TRP A 49 11.92 -2.92 -6.27
CA TRP A 49 12.41 -2.93 -4.91
C TRP A 49 12.49 -1.49 -4.42
N HIS A 50 12.90 -0.61 -5.32
CA HIS A 50 13.02 0.80 -5.00
C HIS A 50 11.65 1.36 -4.62
N ASN A 51 10.63 0.91 -5.34
CA ASN A 51 9.28 1.35 -5.10
C ASN A 51 8.48 0.20 -4.48
N HIS A 52 8.91 -1.01 -4.79
CA HIS A 52 8.23 -2.19 -4.27
C HIS A 52 7.80 -1.94 -2.82
N LEU A 53 8.70 -1.33 -2.06
CA LEU A 53 8.41 -1.03 -0.67
C LEU A 53 7.07 -0.31 -0.57
N ASN A 54 6.12 -1.00 0.06
CA ASN A 54 4.78 -0.43 0.23
C ASN A 54 4.67 0.19 1.62
N PRO A 55 4.56 1.54 1.63
CA PRO A 55 4.45 2.27 2.88
C PRO A 55 3.05 2.12 3.48
N GLU A 56 2.70 3.08 4.33
CA GLU A 56 1.39 3.07 4.97
C GLU A 56 0.31 3.50 3.98
N VAL A 57 -0.89 3.68 4.52
CA VAL A 57 -2.02 4.10 3.70
C VAL A 57 -1.77 5.52 3.18
N LYS A 58 -0.84 6.21 3.84
CA LYS A 58 -0.50 7.57 3.46
C LYS A 58 0.47 8.15 4.48
N LYS A 59 1.64 7.52 4.57
CA LYS A 59 2.66 7.96 5.49
C LYS A 59 2.00 8.52 6.75
N SER A 60 1.73 7.62 7.69
CA SER A 60 1.10 8.00 8.93
C SER A 60 -0.42 8.05 8.76
N SER A 61 -1.04 8.89 9.57
CA SER A 61 -2.49 9.04 9.52
C SER A 61 -3.16 7.67 9.64
N TRP A 62 -4.29 7.54 8.96
CA TRP A 62 -5.04 6.30 8.98
C TRP A 62 -4.15 5.20 8.40
N THR A 63 -4.67 3.98 8.44
CA THR A 63 -3.94 2.84 7.93
C THR A 63 -4.86 1.94 7.09
N GLU A 64 -4.44 0.69 6.93
CA GLU A 64 -5.21 -0.26 6.16
C GLU A 64 -6.39 -0.77 6.99
N GLU A 65 -6.09 -1.71 7.87
CA GLU A 65 -7.12 -2.29 8.73
C GLU A 65 -8.02 -1.19 9.29
N GLU A 66 -7.40 -0.09 9.66
CA GLU A 66 -8.13 1.03 10.21
C GLU A 66 -9.15 1.55 9.20
N ASP A 67 -8.75 1.52 7.94
CA ASP A 67 -9.62 1.99 6.87
C ASP A 67 -10.86 1.09 6.80
N ARG A 68 -10.61 -0.21 6.72
CA ARG A 68 -11.69 -1.18 6.65
C ARG A 68 -12.58 -1.07 7.88
N ILE A 69 -11.96 -1.26 9.03
CA ILE A 69 -12.68 -1.19 10.30
C ILE A 69 -13.77 -0.12 10.20
N ILE A 70 -13.38 1.04 9.68
CA ILE A 70 -14.30 2.14 9.52
C ILE A 70 -15.49 1.69 8.66
N PHE A 71 -15.18 1.41 7.40
CA PHE A 71 -16.21 0.97 6.47
C PHE A 71 -16.90 -0.31 6.97
N GLU A 72 -16.26 -0.93 7.95
CA GLU A 72 -16.79 -2.16 8.52
C GLU A 72 -17.78 -1.83 9.65
N ALA A 73 -17.68 -0.60 10.13
CA ALA A 73 -18.55 -0.15 11.20
C ALA A 73 -19.61 0.78 10.63
N HIS A 74 -19.24 1.46 9.57
CA HIS A 74 -20.15 2.39 8.92
C HIS A 74 -21.28 1.62 8.22
N LYS A 75 -21.05 0.32 8.08
CA LYS A 75 -22.03 -0.54 7.44
C LYS A 75 -22.77 -1.35 8.52
N VAL A 76 -22.61 -0.92 9.76
CA VAL A 76 -23.25 -1.59 10.87
C VAL A 76 -24.18 -0.61 11.58
N LEU A 77 -23.71 0.62 11.70
CA LEU A 77 -24.49 1.66 12.36
C LEU A 77 -24.80 2.77 11.35
N GLY A 78 -23.78 3.55 11.03
CA GLY A 78 -23.94 4.63 10.08
C GLY A 78 -22.83 5.67 10.26
N ASN A 79 -23.26 6.91 10.46
CA ASN A 79 -22.31 8.00 10.66
C ASN A 79 -21.98 8.14 12.14
N ARG A 80 -22.14 7.03 12.85
CA ARG A 80 -21.87 7.02 14.28
C ARG A 80 -20.36 7.10 14.54
N TRP A 81 -19.77 8.16 14.02
CA TRP A 81 -18.34 8.37 14.17
C TRP A 81 -18.01 8.29 15.66
N ALA A 82 -18.94 8.80 16.47
CA ALA A 82 -18.76 8.79 17.91
C ALA A 82 -18.57 7.34 18.39
N GLU A 83 -19.07 6.42 17.58
CA GLU A 83 -18.96 5.00 17.91
C GLU A 83 -17.82 4.37 17.12
N ILE A 84 -17.64 4.84 15.89
CA ILE A 84 -16.59 4.34 15.03
C ILE A 84 -15.24 4.46 15.75
N ALA A 85 -14.97 5.67 16.21
CA ALA A 85 -13.72 5.94 16.90
C ALA A 85 -13.66 5.11 18.18
N LYS A 86 -14.81 5.01 18.83
CA LYS A 86 -14.91 4.25 20.07
C LYS A 86 -14.26 2.88 19.86
N LEU A 87 -14.29 2.42 18.63
CA LEU A 87 -13.72 1.13 18.28
C LEU A 87 -12.21 1.29 18.09
N LEU A 88 -11.83 2.44 17.56
CA LEU A 88 -10.42 2.73 17.32
C LEU A 88 -9.99 3.89 18.21
N PRO A 89 -9.21 3.54 19.27
CA PRO A 89 -8.72 4.54 20.21
C PRO A 89 -7.58 5.36 19.59
N GLY A 90 -7.26 5.02 18.35
CA GLY A 90 -6.19 5.71 17.65
C GLY A 90 -6.71 6.97 16.96
N ARG A 91 -8.03 7.10 16.95
CA ARG A 91 -8.67 8.26 16.33
C ARG A 91 -9.97 8.58 17.06
N THR A 92 -10.49 9.76 16.76
CA THR A 92 -11.73 10.21 17.38
C THR A 92 -12.85 10.28 16.33
N ASP A 93 -13.97 10.84 16.75
CA ASP A 93 -15.11 10.97 15.86
C ASP A 93 -14.77 11.94 14.74
N ASN A 94 -14.61 13.20 15.10
CA ASN A 94 -14.27 14.23 14.13
C ASN A 94 -13.24 13.68 13.14
N ALA A 95 -12.42 12.76 13.64
CA ALA A 95 -11.40 12.15 12.82
C ALA A 95 -12.05 11.27 11.77
N VAL A 96 -12.70 10.21 12.24
CA VAL A 96 -13.37 9.28 11.34
C VAL A 96 -14.33 10.06 10.44
N LYS A 97 -15.23 10.78 11.07
CA LYS A 97 -16.20 11.57 10.34
C LYS A 97 -15.54 12.21 9.12
N ASN A 98 -14.65 13.16 9.40
CA ASN A 98 -13.93 13.85 8.34
C ASN A 98 -13.21 12.83 7.47
N HIS A 99 -12.44 11.97 8.13
CA HIS A 99 -11.69 10.94 7.43
C HIS A 99 -12.59 10.28 6.39
N TRP A 100 -13.88 10.25 6.69
CA TRP A 100 -14.85 9.64 5.79
C TRP A 100 -14.79 10.40 4.46
N ASN A 101 -15.18 11.66 4.51
CA ASN A 101 -15.18 12.50 3.34
C ASN A 101 -13.73 12.88 2.99
N SER A 102 -12.82 12.45 3.84
CA SER A 102 -11.41 12.73 3.64
C SER A 102 -10.86 11.85 2.51
N THR A 103 -10.63 10.59 2.85
CA THR A 103 -10.10 9.64 1.88
C THR A 103 -11.13 8.54 1.60
N ILE A 104 -12.13 8.47 2.47
CA ILE A 104 -13.18 7.47 2.34
C ILE A 104 -14.29 8.03 1.44
N LYS A 105 -13.89 8.92 0.55
CA LYS A 105 -14.84 9.53 -0.37
C LYS A 105 -14.12 9.95 -1.65
N ARG A 106 -14.47 9.29 -2.74
CA ARG A 106 -13.86 9.58 -4.03
C ARG A 106 -14.37 10.92 -4.56
N LYS A 107 -15.65 10.94 -4.89
CA LYS A 107 -16.26 12.15 -5.41
C LYS A 107 -16.29 13.22 -4.32
N VAL A 108 -15.11 13.75 -4.03
CA VAL A 108 -14.99 14.78 -3.00
C VAL A 108 -13.69 15.57 -3.24
N ASP A 109 -12.59 14.84 -3.34
CA ASP A 109 -11.30 15.46 -3.56
C ASP A 109 -11.22 16.76 -2.76
N THR A 110 -11.12 16.61 -1.45
CA THR A 110 -11.04 17.77 -0.57
C THR A 110 -12.30 18.62 -0.69
N GLY A 1 25.72 -30.72 -25.20
CA GLY A 1 24.92 -30.67 -23.99
C GLY A 1 24.33 -29.26 -23.79
N ILE A 2 23.01 -29.22 -23.74
CA ILE A 2 22.31 -27.96 -23.55
C ILE A 2 22.69 -27.00 -24.68
N PRO A 3 21.70 -26.14 -25.06
CA PRO A 3 21.92 -25.17 -26.12
C PRO A 3 22.80 -24.01 -25.63
N ASP A 4 22.73 -22.91 -26.36
CA ASP A 4 23.50 -21.73 -26.02
C ASP A 4 23.04 -21.20 -24.66
N LEU A 5 23.76 -20.21 -24.17
CA LEU A 5 23.44 -19.61 -22.89
C LEU A 5 23.80 -20.58 -21.77
N VAL A 6 24.60 -21.58 -22.13
CA VAL A 6 25.03 -22.59 -21.18
C VAL A 6 26.51 -22.38 -20.84
N LYS A 7 27.19 -21.71 -21.76
CA LYS A 7 28.61 -21.44 -21.57
C LYS A 7 28.78 -20.23 -20.66
N GLY A 8 27.72 -19.93 -19.91
CA GLY A 8 27.73 -18.81 -18.99
C GLY A 8 26.33 -18.54 -18.45
N PRO A 9 25.82 -19.52 -17.66
CA PRO A 9 24.50 -19.39 -17.07
C PRO A 9 24.52 -18.42 -15.89
N TRP A 10 23.46 -17.62 -15.81
CA TRP A 10 23.34 -16.65 -14.74
C TRP A 10 23.25 -17.41 -13.41
N THR A 11 23.53 -16.69 -12.33
CA THR A 11 23.49 -17.28 -11.01
C THR A 11 23.19 -16.21 -9.96
N LYS A 12 22.84 -16.67 -8.76
CA LYS A 12 22.52 -15.77 -7.67
C LYS A 12 23.45 -14.55 -7.74
N GLU A 13 24.73 -14.84 -7.87
CA GLU A 13 25.73 -13.79 -7.94
C GLU A 13 25.25 -12.66 -8.85
N GLU A 14 24.72 -13.05 -10.01
CA GLU A 14 24.23 -12.09 -10.97
C GLU A 14 23.18 -11.18 -10.31
N ASP A 15 22.33 -11.79 -9.50
CA ASP A 15 21.29 -11.06 -8.81
C ASP A 15 21.92 -10.20 -7.72
N GLN A 16 22.40 -10.87 -6.68
CA GLN A 16 23.03 -10.19 -5.56
C GLN A 16 23.91 -9.05 -6.07
N LYS A 17 24.56 -9.30 -7.20
CA LYS A 17 25.44 -8.32 -7.80
C LYS A 17 24.60 -7.16 -8.34
N VAL A 18 23.94 -7.42 -9.46
CA VAL A 18 23.11 -6.40 -10.08
C VAL A 18 22.36 -5.62 -9.00
N ILE A 19 21.97 -6.35 -7.96
CA ILE A 19 21.25 -5.73 -6.85
C ILE A 19 22.14 -4.68 -6.19
N GLU A 20 23.21 -5.16 -5.56
CA GLU A 20 24.14 -4.27 -4.89
C GLU A 20 24.55 -3.12 -5.82
N LEU A 21 24.37 -3.36 -7.11
CA LEU A 21 24.71 -2.36 -8.11
C LEU A 21 23.63 -1.28 -8.13
N VAL A 22 22.44 -1.70 -8.51
CA VAL A 22 21.31 -0.78 -8.58
C VAL A 22 21.21 -0.01 -7.27
N LYS A 23 21.78 -0.59 -6.22
CA LYS A 23 21.76 0.03 -4.91
C LYS A 23 22.76 1.18 -4.88
N LYS A 24 23.94 0.92 -5.44
CA LYS A 24 24.99 1.91 -5.48
C LYS A 24 24.73 2.87 -6.65
N TYR A 25 23.91 2.41 -7.58
CA TYR A 25 23.58 3.21 -8.74
C TYR A 25 22.30 4.00 -8.51
N GLY A 26 21.23 3.28 -8.19
CA GLY A 26 19.94 3.91 -7.93
C GLY A 26 19.84 5.24 -8.66
N THR A 27 19.27 5.20 -9.86
CA THR A 27 19.10 6.39 -10.66
C THR A 27 18.22 6.10 -11.87
N LYS A 28 18.63 5.11 -12.64
CA LYS A 28 17.89 4.71 -13.83
C LYS A 28 18.77 3.81 -14.71
N GLN A 29 20.02 3.68 -14.30
CA GLN A 29 20.97 2.86 -15.02
C GLN A 29 20.61 1.38 -14.86
N TRP A 30 19.67 0.93 -15.69
CA TRP A 30 19.23 -0.46 -15.63
C TRP A 30 20.09 -1.25 -16.62
N THR A 31 21.00 -0.55 -17.29
CA THR A 31 21.88 -1.17 -18.25
C THR A 31 22.95 -2.00 -17.54
N LEU A 32 23.51 -1.41 -16.48
CA LEU A 32 24.54 -2.08 -15.71
C LEU A 32 24.05 -3.49 -15.32
N ILE A 33 22.73 -3.63 -15.29
CA ILE A 33 22.13 -4.90 -14.94
C ILE A 33 22.33 -5.89 -16.10
N ALA A 34 22.08 -5.40 -17.30
CA ALA A 34 22.23 -6.23 -18.49
C ALA A 34 23.55 -5.89 -19.17
N LYS A 35 24.47 -5.33 -18.39
CA LYS A 35 25.77 -4.95 -18.91
C LYS A 35 26.86 -5.76 -18.19
N HIS A 36 26.59 -6.05 -16.93
CA HIS A 36 27.53 -6.81 -16.12
C HIS A 36 27.31 -8.31 -16.35
N LEU A 37 26.19 -8.61 -17.00
CA LEU A 37 25.84 -10.00 -17.29
C LEU A 37 25.20 -10.08 -18.67
N LYS A 38 25.90 -10.78 -19.56
CA LYS A 38 25.41 -10.94 -20.93
C LYS A 38 24.56 -12.21 -21.01
N GLY A 39 23.68 -12.24 -22.00
CA GLY A 39 22.82 -13.38 -22.20
C GLY A 39 21.42 -13.11 -21.63
N ARG A 40 20.85 -11.98 -22.03
CA ARG A 40 19.53 -11.60 -21.58
C ARG A 40 19.22 -10.16 -21.99
N LEU A 41 17.93 -9.86 -22.02
CA LEU A 41 17.49 -8.53 -22.40
C LEU A 41 17.53 -7.61 -21.18
N GLY A 42 18.01 -6.40 -21.40
CA GLY A 42 18.11 -5.41 -20.33
C GLY A 42 16.72 -4.99 -19.86
N LYS A 43 15.72 -5.38 -20.63
CA LYS A 43 14.34 -5.04 -20.30
C LYS A 43 13.93 -5.74 -19.01
N GLN A 44 12.66 -6.09 -18.94
CA GLN A 44 12.13 -6.77 -17.77
C GLN A 44 12.83 -6.27 -16.51
N CYS A 45 12.71 -4.97 -16.27
CA CYS A 45 13.33 -4.37 -15.10
C CYS A 45 12.22 -3.85 -14.18
N ARG A 46 12.62 -3.44 -12.99
CA ARG A 46 11.68 -2.93 -12.02
C ARG A 46 10.35 -3.68 -12.12
N GLU A 47 10.27 -4.78 -11.38
CA GLU A 47 9.07 -5.59 -11.37
C GLU A 47 9.21 -6.76 -10.40
N ARG A 48 9.85 -6.47 -9.27
CA ARG A 48 10.07 -7.48 -8.25
C ARG A 48 10.54 -6.83 -6.95
N TRP A 49 11.52 -5.95 -7.08
CA TRP A 49 12.07 -5.26 -5.93
C TRP A 49 11.82 -3.76 -6.13
N HIS A 50 11.34 -3.41 -7.31
CA HIS A 50 11.05 -2.03 -7.63
C HIS A 50 9.57 -1.74 -7.38
N ASN A 51 8.74 -2.70 -7.74
CA ASN A 51 7.30 -2.57 -7.57
C ASN A 51 6.83 -3.56 -6.51
N HIS A 52 7.39 -3.43 -5.32
CA HIS A 52 7.03 -4.31 -4.22
C HIS A 52 6.70 -3.48 -2.98
N LEU A 53 7.57 -2.51 -2.71
CA LEU A 53 7.38 -1.63 -1.57
C LEU A 53 5.89 -1.31 -1.42
N ASN A 54 5.34 -1.71 -0.28
CA ASN A 54 3.93 -1.46 -0.01
C ASN A 54 3.74 -1.27 1.50
N PRO A 55 3.95 -0.01 1.95
CA PRO A 55 3.81 0.30 3.36
C PRO A 55 2.33 0.38 3.76
N GLU A 56 2.07 1.09 4.84
CA GLU A 56 0.71 1.25 5.33
C GLU A 56 -0.03 2.33 4.54
N VAL A 57 -1.19 2.70 5.05
CA VAL A 57 -2.00 3.73 4.40
C VAL A 57 -1.35 5.10 4.63
N LYS A 58 -0.36 5.11 5.51
CA LYS A 58 0.34 6.34 5.83
C LYS A 58 1.29 6.10 7.01
N LYS A 59 2.15 7.07 7.24
CA LYS A 59 3.10 6.97 8.33
C LYS A 59 2.59 7.77 9.53
N SER A 60 1.76 8.76 9.22
CA SER A 60 1.19 9.60 10.26
C SER A 60 -0.28 9.89 9.95
N SER A 61 -1.08 8.84 10.01
CA SER A 61 -2.51 8.97 9.74
C SER A 61 -3.20 7.62 9.93
N TRP A 62 -4.30 7.45 9.21
CA TRP A 62 -5.06 6.22 9.29
C TRP A 62 -4.17 5.08 8.79
N THR A 63 -4.69 3.87 8.93
CA THR A 63 -3.95 2.69 8.50
C THR A 63 -4.83 1.80 7.61
N GLU A 64 -4.47 0.53 7.55
CA GLU A 64 -5.21 -0.42 6.76
C GLU A 64 -6.44 -0.91 7.52
N GLU A 65 -6.21 -1.86 8.41
CA GLU A 65 -7.29 -2.42 9.22
C GLU A 65 -8.18 -1.30 9.76
N GLU A 66 -7.54 -0.17 10.04
CA GLU A 66 -8.26 0.97 10.57
C GLU A 66 -9.23 1.52 9.52
N ASP A 67 -8.79 1.51 8.27
CA ASP A 67 -9.60 1.99 7.17
C ASP A 67 -10.87 1.15 7.07
N ARG A 68 -10.67 -0.17 6.99
CA ARG A 68 -11.78 -1.09 6.90
C ARG A 68 -12.73 -0.91 8.07
N ILE A 69 -12.21 -1.21 9.26
CA ILE A 69 -13.01 -1.07 10.47
C ILE A 69 -14.02 0.07 10.30
N ILE A 70 -13.52 1.17 9.79
CA ILE A 70 -14.36 2.34 9.56
C ILE A 70 -15.51 1.97 8.62
N PHE A 71 -15.13 1.58 7.41
CA PHE A 71 -16.11 1.19 6.41
C PHE A 71 -16.99 0.06 6.92
N GLU A 72 -16.34 -1.03 7.31
CA GLU A 72 -17.04 -2.19 7.82
C GLU A 72 -17.93 -1.80 9.01
N ALA A 73 -17.64 -0.63 9.56
CA ALA A 73 -18.39 -0.13 10.70
C ALA A 73 -19.51 0.77 10.20
N HIS A 74 -19.19 1.57 9.18
CA HIS A 74 -20.16 2.48 8.61
C HIS A 74 -21.33 1.68 8.01
N LYS A 75 -21.11 0.39 7.88
CA LYS A 75 -22.12 -0.49 7.34
C LYS A 75 -22.81 -1.25 8.48
N VAL A 76 -22.59 -0.75 9.69
CA VAL A 76 -23.17 -1.38 10.86
C VAL A 76 -24.07 -0.36 11.57
N LEU A 77 -23.61 0.88 11.59
CA LEU A 77 -24.37 1.94 12.24
C LEU A 77 -24.66 3.04 11.21
N GLY A 78 -23.61 3.76 10.83
CA GLY A 78 -23.74 4.83 9.86
C GLY A 78 -22.71 5.93 10.11
N ASN A 79 -23.22 7.13 10.38
CA ASN A 79 -22.36 8.27 10.64
C ASN A 79 -22.04 8.33 12.14
N ARG A 80 -22.20 7.18 12.79
CA ARG A 80 -21.93 7.10 14.21
C ARG A 80 -20.43 7.16 14.48
N TRP A 81 -19.81 8.22 13.98
CA TRP A 81 -18.38 8.41 14.15
C TRP A 81 -18.06 8.27 15.64
N ALA A 82 -19.00 8.75 16.46
CA ALA A 82 -18.83 8.70 17.90
C ALA A 82 -18.63 7.24 18.32
N GLU A 83 -19.13 6.34 17.49
CA GLU A 83 -19.00 4.92 17.77
C GLU A 83 -17.86 4.31 16.96
N ILE A 84 -17.72 4.81 15.74
CA ILE A 84 -16.67 4.32 14.85
C ILE A 84 -15.32 4.42 15.58
N ALA A 85 -15.05 5.60 16.10
CA ALA A 85 -13.80 5.84 16.81
C ALA A 85 -13.74 4.92 18.04
N LYS A 86 -14.91 4.68 18.62
CA LYS A 86 -15.00 3.83 19.80
C LYS A 86 -14.50 2.42 19.44
N LEU A 87 -14.76 2.04 18.20
CA LEU A 87 -14.35 0.73 17.72
C LEU A 87 -12.86 0.77 17.34
N LEU A 88 -12.26 1.94 17.55
CA LEU A 88 -10.86 2.13 17.24
C LEU A 88 -10.07 2.30 18.53
N PRO A 89 -8.73 2.07 18.42
CA PRO A 89 -7.85 2.19 19.58
C PRO A 89 -7.60 3.67 19.92
N GLY A 90 -8.08 4.53 19.04
CA GLY A 90 -7.91 5.96 19.23
C GLY A 90 -9.05 6.74 18.57
N ARG A 91 -8.69 7.88 18.00
CA ARG A 91 -9.67 8.72 17.33
C ARG A 91 -10.82 9.07 18.28
N THR A 92 -11.58 10.09 17.91
CA THR A 92 -12.71 10.52 18.72
C THR A 92 -14.00 10.45 17.91
N ASP A 93 -14.06 11.28 16.87
CA ASP A 93 -15.23 11.31 16.02
C ASP A 93 -14.99 12.28 14.86
N ASN A 94 -14.48 13.45 15.21
CA ASN A 94 -14.19 14.47 14.22
C ASN A 94 -13.11 13.96 13.27
N ALA A 95 -12.46 12.88 13.68
CA ALA A 95 -11.41 12.28 12.87
C ALA A 95 -12.04 11.40 11.79
N VAL A 96 -12.70 10.35 12.25
CA VAL A 96 -13.35 9.42 11.33
C VAL A 96 -14.29 10.20 10.41
N LYS A 97 -15.23 10.89 11.03
CA LYS A 97 -16.20 11.68 10.28
C LYS A 97 -15.49 12.35 9.09
N ASN A 98 -14.53 13.20 9.42
CA ASN A 98 -13.77 13.90 8.39
C ASN A 98 -13.08 12.87 7.48
N HIS A 99 -12.31 11.99 8.11
CA HIS A 99 -11.60 10.96 7.37
C HIS A 99 -12.53 10.35 6.32
N TRP A 100 -13.82 10.38 6.63
CA TRP A 100 -14.82 9.82 5.73
C TRP A 100 -14.77 10.62 4.42
N ASN A 101 -15.17 11.88 4.52
CA ASN A 101 -15.17 12.74 3.35
C ASN A 101 -13.72 13.10 2.98
N SER A 102 -12.80 12.61 3.79
CA SER A 102 -11.38 12.86 3.56
C SER A 102 -10.91 12.04 2.37
N THR A 103 -10.63 10.77 2.63
CA THR A 103 -10.16 9.87 1.60
C THR A 103 -11.17 8.75 1.35
N ILE A 104 -12.09 8.62 2.31
CA ILE A 104 -13.12 7.59 2.21
C ILE A 104 -14.33 8.16 1.46
N LYS A 105 -14.03 9.05 0.52
CA LYS A 105 -15.08 9.66 -0.27
C LYS A 105 -14.51 10.08 -1.63
N ARG A 106 -14.78 9.26 -2.64
CA ARG A 106 -14.30 9.52 -3.98
C ARG A 106 -15.25 10.48 -4.70
N LYS A 107 -16.43 9.96 -5.02
CA LYS A 107 -17.44 10.75 -5.70
C LYS A 107 -17.91 11.88 -4.80
N VAL A 108 -17.04 12.87 -4.63
CA VAL A 108 -17.34 14.01 -3.79
C VAL A 108 -17.79 15.18 -4.67
N ASP A 109 -17.12 15.33 -5.79
CA ASP A 109 -17.44 16.40 -6.72
C ASP A 109 -18.44 15.88 -7.75
N THR A 110 -19.17 14.85 -7.36
CA THR A 110 -20.17 14.26 -8.24
C THR A 110 -19.52 13.77 -9.53
N GLY A 1 6.87 2.16 -48.59
CA GLY A 1 5.89 3.21 -48.80
C GLY A 1 5.21 3.59 -47.48
N ILE A 2 5.25 4.87 -47.18
CA ILE A 2 4.64 5.39 -45.96
C ILE A 2 4.40 6.88 -46.11
N PRO A 3 3.59 7.43 -45.15
CA PRO A 3 3.28 8.85 -45.17
C PRO A 3 4.46 9.69 -44.69
N ASP A 4 4.18 10.96 -44.44
CA ASP A 4 5.22 11.87 -43.97
C ASP A 4 5.70 11.43 -42.60
N LEU A 5 6.70 12.13 -42.09
CA LEU A 5 7.27 11.83 -40.80
C LEU A 5 8.11 10.55 -40.90
N VAL A 6 8.42 10.18 -42.12
CA VAL A 6 9.22 8.99 -42.37
C VAL A 6 10.68 9.40 -42.59
N LYS A 7 10.86 10.63 -43.04
CA LYS A 7 12.19 11.15 -43.28
C LYS A 7 12.83 11.54 -41.95
N GLY A 8 12.34 10.94 -40.89
CA GLY A 8 12.85 11.21 -39.56
C GLY A 8 11.86 10.76 -38.48
N PRO A 9 11.74 9.41 -38.35
CA PRO A 9 10.84 8.84 -37.36
C PRO A 9 11.41 8.96 -35.95
N TRP A 10 10.66 9.63 -35.09
CA TRP A 10 11.08 9.82 -33.72
C TRP A 10 10.88 8.49 -32.98
N THR A 11 11.43 8.44 -31.76
CA THR A 11 11.32 7.24 -30.94
C THR A 11 11.37 7.61 -29.46
N LYS A 12 11.43 6.58 -28.63
CA LYS A 12 11.48 6.78 -27.20
C LYS A 12 12.57 7.80 -26.86
N GLU A 13 13.60 7.80 -27.70
CA GLU A 13 14.72 8.72 -27.50
C GLU A 13 14.20 10.15 -27.33
N GLU A 14 13.78 10.74 -28.44
CA GLU A 14 13.26 12.09 -28.42
C GLU A 14 12.20 12.23 -27.34
N ASP A 15 11.37 11.20 -27.23
CA ASP A 15 10.30 11.20 -26.25
C ASP A 15 10.90 11.25 -24.84
N GLN A 16 12.10 10.69 -24.72
CA GLN A 16 12.79 10.66 -23.45
C GLN A 16 13.21 12.07 -23.04
N LYS A 17 13.41 12.91 -24.05
CA LYS A 17 13.80 14.29 -23.81
C LYS A 17 12.68 15.03 -23.08
N VAL A 18 11.48 14.92 -23.64
CA VAL A 18 10.33 15.57 -23.06
C VAL A 18 10.23 15.20 -21.58
N ILE A 19 10.19 13.90 -21.33
CA ILE A 19 10.10 13.39 -19.97
C ILE A 19 11.23 14.00 -19.14
N GLU A 20 12.35 14.27 -19.80
CA GLU A 20 13.50 14.83 -19.15
C GLU A 20 13.35 16.36 -19.04
N LEU A 21 12.57 16.91 -19.95
CA LEU A 21 12.34 18.34 -19.97
C LEU A 21 11.48 18.74 -18.76
N VAL A 22 10.46 17.93 -18.50
CA VAL A 22 9.57 18.18 -17.39
C VAL A 22 10.30 17.90 -16.08
N LYS A 23 11.13 16.87 -16.11
CA LYS A 23 11.91 16.49 -14.93
C LYS A 23 12.98 17.54 -14.69
N LYS A 24 13.25 18.34 -15.71
CA LYS A 24 14.26 19.38 -15.61
C LYS A 24 13.56 20.74 -15.48
N TYR A 25 12.33 20.80 -15.96
CA TYR A 25 11.55 22.01 -15.90
C TYR A 25 10.79 22.13 -14.58
N GLY A 26 9.97 21.12 -14.32
CA GLY A 26 9.18 21.09 -13.10
C GLY A 26 8.60 22.47 -12.79
N THR A 27 7.33 22.63 -13.11
CA THR A 27 6.65 23.88 -12.87
C THR A 27 5.23 23.84 -13.46
N LYS A 28 5.18 23.72 -14.78
CA LYS A 28 3.89 23.67 -15.47
C LYS A 28 4.13 23.81 -16.97
N GLN A 29 4.99 22.95 -17.50
CA GLN A 29 5.30 22.97 -18.91
C GLN A 29 4.80 21.69 -19.58
N TRP A 30 3.65 21.81 -20.22
CA TRP A 30 3.05 20.67 -20.91
C TRP A 30 3.08 20.96 -22.41
N THR A 31 3.49 22.18 -22.73
CA THR A 31 3.57 22.60 -24.13
C THR A 31 4.89 22.14 -24.75
N LEU A 32 5.97 22.44 -24.03
CA LEU A 32 7.30 22.07 -24.50
C LEU A 32 7.31 20.58 -24.88
N ILE A 33 6.37 19.85 -24.29
CA ILE A 33 6.27 18.43 -24.55
C ILE A 33 5.74 18.22 -25.98
N ALA A 34 4.71 18.98 -26.32
CA ALA A 34 4.11 18.89 -27.63
C ALA A 34 4.65 20.01 -28.51
N LYS A 35 5.77 20.57 -28.10
CA LYS A 35 6.41 21.65 -28.83
C LYS A 35 7.76 21.18 -29.37
N HIS A 36 8.38 20.28 -28.61
CA HIS A 36 9.67 19.75 -29.00
C HIS A 36 9.47 18.56 -29.95
N LEU A 37 8.64 17.63 -29.50
CA LEU A 37 8.35 16.44 -30.30
C LEU A 37 7.24 16.76 -31.30
N LYS A 38 7.65 17.29 -32.45
CA LYS A 38 6.71 17.65 -33.49
C LYS A 38 6.34 16.39 -34.29
N GLY A 39 5.83 16.63 -35.49
CA GLY A 39 5.44 15.53 -36.36
C GLY A 39 4.07 14.97 -35.97
N ARG A 40 3.94 14.67 -34.69
CA ARG A 40 2.69 14.13 -34.18
C ARG A 40 2.34 14.78 -32.84
N LEU A 41 1.23 14.34 -32.27
CA LEU A 41 0.78 14.86 -30.99
C LEU A 41 1.69 14.35 -29.88
N GLY A 42 1.81 15.16 -28.83
CA GLY A 42 2.65 14.79 -27.70
C GLY A 42 2.57 13.29 -27.42
N LYS A 43 3.70 12.74 -26.99
CA LYS A 43 3.76 11.32 -26.68
C LYS A 43 2.80 11.01 -25.54
N GLN A 44 1.52 10.88 -25.88
CA GLN A 44 0.50 10.59 -24.90
C GLN A 44 0.40 11.74 -23.88
N CYS A 45 -0.27 12.80 -24.32
CA CYS A 45 -0.46 13.95 -23.46
C CYS A 45 -1.01 13.48 -22.11
N ARG A 46 -0.46 14.05 -21.05
CA ARG A 46 -0.88 13.70 -19.70
C ARG A 46 -1.06 12.18 -19.59
N GLU A 47 0.04 11.51 -19.25
CA GLU A 47 0.02 10.07 -19.10
C GLU A 47 1.27 9.60 -18.34
N ARG A 48 1.03 8.83 -17.29
CA ARG A 48 2.13 8.32 -16.48
C ARG A 48 2.62 9.39 -15.50
N TRP A 49 2.03 10.57 -15.62
CA TRP A 49 2.39 11.68 -14.76
C TRP A 49 1.11 12.26 -14.17
N HIS A 50 0.30 12.86 -15.04
CA HIS A 50 -0.95 13.45 -14.62
C HIS A 50 -1.82 12.40 -13.93
N ASN A 51 -2.23 11.42 -14.71
CA ASN A 51 -3.06 10.35 -14.19
C ASN A 51 -2.17 9.21 -13.70
N HIS A 52 -1.72 9.34 -12.46
CA HIS A 52 -0.85 8.34 -11.86
C HIS A 52 -0.77 8.57 -10.35
N LEU A 53 -0.57 9.82 -9.99
CA LEU A 53 -0.47 10.19 -8.59
C LEU A 53 -1.62 9.54 -7.81
N ASN A 54 -1.25 8.60 -6.95
CA ASN A 54 -2.24 7.89 -6.15
C ASN A 54 -1.52 7.02 -5.13
N PRO A 55 -1.07 7.67 -4.02
CA PRO A 55 -0.38 6.96 -2.96
C PRO A 55 -1.35 6.14 -2.12
N GLU A 56 -0.92 5.83 -0.90
CA GLU A 56 -1.75 5.05 0.00
C GLU A 56 -1.91 5.78 1.34
N VAL A 57 -2.47 5.06 2.31
CA VAL A 57 -2.69 5.63 3.63
C VAL A 57 -1.40 5.51 4.44
N LYS A 58 -1.41 4.56 5.38
CA LYS A 58 -0.26 4.34 6.23
C LYS A 58 0.36 5.68 6.62
N LYS A 59 1.59 5.62 7.08
CA LYS A 59 2.29 6.83 7.50
C LYS A 59 1.51 7.52 8.61
N SER A 60 1.88 8.76 8.87
CA SER A 60 1.22 9.55 9.90
C SER A 60 -0.23 9.81 9.49
N SER A 61 -1.05 8.78 9.63
CA SER A 61 -2.46 8.88 9.29
C SER A 61 -3.18 7.58 9.62
N TRP A 62 -4.30 7.36 8.94
CA TRP A 62 -5.08 6.17 9.14
C TRP A 62 -4.23 4.96 8.73
N THR A 63 -4.79 3.78 8.94
CA THR A 63 -4.09 2.54 8.59
C THR A 63 -4.98 1.65 7.75
N GLU A 64 -4.56 0.40 7.62
CA GLU A 64 -5.31 -0.57 6.83
C GLU A 64 -6.53 -1.06 7.63
N GLU A 65 -6.26 -1.98 8.55
CA GLU A 65 -7.30 -2.54 9.38
C GLU A 65 -8.18 -1.43 9.96
N GLU A 66 -7.56 -0.26 10.10
CA GLU A 66 -8.28 0.90 10.63
C GLU A 66 -9.28 1.43 9.62
N ASP A 67 -8.84 1.45 8.36
CA ASP A 67 -9.68 1.93 7.29
C ASP A 67 -10.95 1.09 7.21
N ARG A 68 -10.75 -0.22 7.18
CA ARG A 68 -11.87 -1.15 7.12
C ARG A 68 -12.81 -0.93 8.31
N ILE A 69 -12.28 -1.21 9.49
CA ILE A 69 -13.07 -1.04 10.70
C ILE A 69 -14.03 0.13 10.54
N ILE A 70 -13.53 1.17 9.88
CA ILE A 70 -14.33 2.36 9.64
C ILE A 70 -15.47 2.02 8.67
N PHE A 71 -15.07 1.70 7.45
CA PHE A 71 -16.04 1.36 6.42
C PHE A 71 -17.00 0.27 6.92
N GLU A 72 -16.41 -0.83 7.38
CA GLU A 72 -17.20 -1.94 7.89
C GLU A 72 -18.17 -1.46 8.96
N ALA A 73 -17.65 -0.67 9.88
CA ALA A 73 -18.46 -0.15 10.96
C ALA A 73 -19.57 0.73 10.38
N HIS A 74 -19.20 1.49 9.37
CA HIS A 74 -20.16 2.38 8.71
C HIS A 74 -21.23 1.55 8.01
N LYS A 75 -20.95 0.25 7.89
CA LYS A 75 -21.87 -0.65 7.24
C LYS A 75 -22.60 -1.49 8.32
N VAL A 76 -22.36 -1.12 9.56
CA VAL A 76 -22.97 -1.81 10.68
C VAL A 76 -23.85 -0.84 11.46
N LEU A 77 -23.29 0.33 11.75
CA LEU A 77 -24.02 1.35 12.48
C LEU A 77 -24.45 2.45 11.51
N GLY A 78 -23.49 3.28 11.14
CA GLY A 78 -23.77 4.38 10.23
C GLY A 78 -22.70 5.47 10.35
N ASN A 79 -23.18 6.70 10.54
CA ASN A 79 -22.28 7.84 10.67
C ASN A 79 -21.93 8.03 12.15
N ARG A 80 -22.07 6.96 12.91
CA ARG A 80 -21.78 6.99 14.33
C ARG A 80 -20.27 7.11 14.55
N TRP A 81 -19.69 8.15 13.97
CA TRP A 81 -18.26 8.38 14.10
C TRP A 81 -17.90 8.34 15.59
N ALA A 82 -18.83 8.82 16.39
CA ALA A 82 -18.62 8.85 17.84
C ALA A 82 -18.43 7.42 18.35
N GLU A 83 -18.95 6.48 17.57
CA GLU A 83 -18.83 5.07 17.92
C GLU A 83 -17.74 4.39 17.10
N ILE A 84 -17.56 4.91 15.90
CA ILE A 84 -16.55 4.37 15.00
C ILE A 84 -15.18 4.44 15.68
N ALA A 85 -14.88 5.62 16.22
CA ALA A 85 -13.61 5.83 16.89
C ALA A 85 -13.56 4.96 18.15
N LYS A 86 -14.69 4.89 18.83
CA LYS A 86 -14.79 4.10 20.04
C LYS A 86 -14.13 2.73 19.81
N LEU A 87 -14.17 2.29 18.56
CA LEU A 87 -13.60 1.01 18.19
C LEU A 87 -12.07 1.14 18.17
N LEU A 88 -11.60 2.24 17.58
CA LEU A 88 -10.18 2.48 17.48
C LEU A 88 -9.74 3.39 18.63
N PRO A 89 -8.92 2.82 19.55
CA PRO A 89 -8.43 3.57 20.69
C PRO A 89 -7.34 4.55 20.28
N GLY A 90 -7.77 5.75 19.91
CA GLY A 90 -6.84 6.78 19.50
C GLY A 90 -7.55 7.86 18.68
N ARG A 91 -8.27 7.42 17.66
CA ARG A 91 -9.00 8.33 16.80
C ARG A 91 -10.38 8.64 17.39
N THR A 92 -10.88 9.82 17.07
CA THR A 92 -12.18 10.24 17.57
C THR A 92 -13.20 10.29 16.43
N ASP A 93 -14.29 10.97 16.69
CA ASP A 93 -15.36 11.10 15.70
C ASP A 93 -14.91 12.08 14.61
N ASN A 94 -14.73 13.32 15.01
CA ASN A 94 -14.30 14.37 14.09
C ASN A 94 -13.22 13.80 13.17
N ALA A 95 -12.45 12.86 13.71
CA ALA A 95 -11.38 12.24 12.95
C ALA A 95 -11.98 11.37 11.84
N VAL A 96 -12.67 10.32 12.27
CA VAL A 96 -13.30 9.41 11.33
C VAL A 96 -14.25 10.19 10.41
N LYS A 97 -15.22 10.83 11.04
CA LYS A 97 -16.20 11.61 10.30
C LYS A 97 -15.50 12.30 9.12
N ASN A 98 -14.51 13.12 9.46
CA ASN A 98 -13.76 13.84 8.44
C ASN A 98 -13.13 12.84 7.47
N HIS A 99 -12.35 11.93 8.02
CA HIS A 99 -11.69 10.92 7.21
C HIS A 99 -12.68 10.34 6.20
N TRP A 100 -13.96 10.39 6.57
CA TRP A 100 -15.01 9.88 5.70
C TRP A 100 -15.01 10.73 4.42
N ASN A 101 -15.43 11.97 4.57
CA ASN A 101 -15.50 12.89 3.44
C ASN A 101 -14.08 13.23 2.99
N SER A 102 -13.11 12.71 3.74
CA SER A 102 -11.71 12.95 3.44
C SER A 102 -11.31 12.18 2.18
N THR A 103 -11.03 10.89 2.38
CA THR A 103 -10.64 10.03 1.28
C THR A 103 -11.60 8.85 1.16
N ILE A 104 -12.42 8.68 2.19
CA ILE A 104 -13.38 7.60 2.21
C ILE A 104 -14.71 8.10 1.65
N LYS A 105 -14.62 8.99 0.67
CA LYS A 105 -15.80 9.56 0.04
C LYS A 105 -15.49 9.88 -1.42
N ARG A 106 -15.82 8.93 -2.28
CA ARG A 106 -15.58 9.10 -3.71
C ARG A 106 -16.39 10.28 -4.24
N LYS A 107 -17.67 10.28 -3.90
CA LYS A 107 -18.55 11.34 -4.34
C LYS A 107 -18.23 12.63 -3.56
N VAL A 108 -16.99 13.06 -3.69
CA VAL A 108 -16.55 14.26 -3.01
C VAL A 108 -15.36 14.86 -3.76
N ASP A 109 -14.40 14.00 -4.07
CA ASP A 109 -13.20 14.42 -4.78
C ASP A 109 -13.46 14.34 -6.29
N THR A 110 -14.63 14.82 -6.69
CA THR A 110 -14.99 14.80 -8.09
C THR A 110 -13.84 15.29 -8.96
N GLY A 1 37.13 -3.85 -26.02
CA GLY A 1 36.01 -3.17 -26.65
C GLY A 1 34.69 -3.62 -26.02
N ILE A 2 33.74 -2.71 -26.01
CA ILE A 2 32.43 -2.98 -25.45
C ILE A 2 31.65 -3.90 -26.40
N PRO A 3 31.02 -4.94 -25.81
CA PRO A 3 30.25 -5.90 -26.58
C PRO A 3 28.91 -5.29 -27.02
N ASP A 4 27.98 -6.18 -27.35
CA ASP A 4 26.66 -5.74 -27.79
C ASP A 4 25.97 -4.99 -26.64
N LEU A 5 24.81 -4.44 -26.95
CA LEU A 5 24.04 -3.69 -25.96
C LEU A 5 24.48 -2.22 -25.99
N VAL A 6 25.39 -1.92 -26.91
CA VAL A 6 25.90 -0.57 -27.06
C VAL A 6 25.06 0.17 -28.09
N LYS A 7 25.74 0.81 -29.02
CA LYS A 7 25.08 1.56 -30.07
C LYS A 7 23.86 2.28 -29.48
N GLY A 8 23.98 2.62 -28.21
CA GLY A 8 22.90 3.31 -27.52
C GLY A 8 22.36 2.46 -26.36
N PRO A 9 23.10 2.53 -25.22
CA PRO A 9 22.71 1.77 -24.04
C PRO A 9 21.52 2.43 -23.34
N TRP A 10 20.47 1.64 -23.17
CA TRP A 10 19.26 2.13 -22.53
C TRP A 10 19.55 2.24 -21.02
N THR A 11 19.04 3.32 -20.44
CA THR A 11 19.23 3.55 -19.02
C THR A 11 17.88 3.84 -18.34
N LYS A 12 17.97 4.38 -17.13
CA LYS A 12 16.78 4.70 -16.37
C LYS A 12 15.75 5.34 -17.30
N GLU A 13 16.15 6.45 -17.90
CA GLU A 13 15.28 7.17 -18.81
C GLU A 13 14.55 6.19 -19.73
N GLU A 14 15.33 5.38 -20.42
CA GLU A 14 14.78 4.40 -21.34
C GLU A 14 13.73 3.53 -20.61
N ASP A 15 14.08 3.13 -19.40
CA ASP A 15 13.19 2.31 -18.61
C ASP A 15 11.90 3.10 -18.32
N GLN A 16 12.09 4.35 -17.96
CA GLN A 16 10.96 5.22 -17.65
C GLN A 16 9.94 5.19 -18.80
N LYS A 17 10.44 4.86 -19.97
CA LYS A 17 9.59 4.79 -21.15
C LYS A 17 8.67 3.57 -21.04
N VAL A 18 9.30 2.43 -20.79
CA VAL A 18 8.55 1.18 -20.65
C VAL A 18 7.36 1.41 -19.73
N ILE A 19 7.56 2.25 -18.73
CA ILE A 19 6.51 2.56 -17.78
C ILE A 19 5.38 3.30 -18.48
N GLU A 20 5.77 4.30 -19.26
CA GLU A 20 4.82 5.10 -20.01
C GLU A 20 4.09 4.23 -21.04
N LEU A 21 4.85 3.33 -21.64
CA LEU A 21 4.29 2.44 -22.64
C LEU A 21 3.29 1.49 -21.98
N VAL A 22 3.71 0.93 -20.85
CA VAL A 22 2.86 0.01 -20.11
C VAL A 22 1.65 0.76 -19.56
N LYS A 23 1.76 2.08 -19.58
CA LYS A 23 0.69 2.92 -19.09
C LYS A 23 -0.43 2.99 -20.14
N LYS A 24 -0.02 3.15 -21.39
CA LYS A 24 -0.97 3.22 -22.49
C LYS A 24 -1.37 1.81 -22.90
N TYR A 25 -0.48 0.87 -22.61
CA TYR A 25 -0.73 -0.52 -22.95
C TYR A 25 -1.55 -1.22 -21.85
N GLY A 26 -1.02 -1.18 -20.64
CA GLY A 26 -1.68 -1.79 -19.50
C GLY A 26 -0.71 -2.66 -18.71
N THR A 27 -0.92 -3.96 -18.82
CA THR A 27 -0.07 -4.92 -18.12
C THR A 27 -0.50 -6.35 -18.42
N LYS A 28 -0.54 -6.66 -19.71
CA LYS A 28 -0.93 -7.99 -20.15
C LYS A 28 0.07 -8.50 -21.18
N GLN A 29 0.49 -7.59 -22.05
CA GLN A 29 1.44 -7.94 -23.10
C GLN A 29 2.84 -8.12 -22.49
N TRP A 30 3.39 -7.01 -22.00
CA TRP A 30 4.71 -7.04 -21.40
C TRP A 30 5.72 -7.29 -22.51
N THR A 31 5.22 -7.34 -23.73
CA THR A 31 6.07 -7.57 -24.89
C THR A 31 6.80 -6.29 -25.27
N LEU A 32 6.08 -5.18 -25.18
CA LEU A 32 6.65 -3.88 -25.52
C LEU A 32 7.94 -3.67 -24.73
N ILE A 33 7.83 -3.87 -23.42
CA ILE A 33 8.99 -3.71 -22.54
C ILE A 33 10.19 -4.41 -23.16
N ALA A 34 10.22 -5.72 -22.99
CA ALA A 34 11.32 -6.51 -23.52
C ALA A 34 11.60 -6.08 -24.96
N LYS A 35 10.54 -5.93 -25.73
CA LYS A 35 10.66 -5.52 -27.11
C LYS A 35 11.42 -4.20 -27.19
N HIS A 36 11.18 -3.36 -26.19
CA HIS A 36 11.83 -2.06 -26.12
C HIS A 36 13.20 -2.20 -25.49
N LEU A 37 13.19 -2.56 -24.21
CA LEU A 37 14.42 -2.74 -23.46
C LEU A 37 14.93 -4.16 -23.67
N LYS A 38 15.21 -4.49 -24.91
CA LYS A 38 15.70 -5.82 -25.25
C LYS A 38 17.09 -6.01 -24.65
N GLY A 39 17.74 -7.08 -25.08
CA GLY A 39 19.08 -7.38 -24.60
C GLY A 39 19.08 -8.67 -23.77
N ARG A 40 18.06 -8.80 -22.92
CA ARG A 40 17.93 -9.97 -22.08
C ARG A 40 16.63 -9.91 -21.28
N LEU A 41 15.61 -9.35 -21.91
CA LEU A 41 14.32 -9.22 -21.27
C LEU A 41 13.46 -10.44 -21.61
N GLY A 42 12.20 -10.37 -21.21
CA GLY A 42 11.27 -11.45 -21.47
C GLY A 42 11.37 -12.53 -20.38
N LYS A 43 11.36 -12.06 -19.14
CA LYS A 43 11.46 -12.96 -18.00
C LYS A 43 11.18 -12.18 -16.71
N GLN A 44 11.76 -11.00 -16.63
CA GLN A 44 11.59 -10.15 -15.47
C GLN A 44 10.43 -9.18 -15.69
N CYS A 45 9.22 -9.73 -15.63
CA CYS A 45 8.02 -8.93 -15.82
C CYS A 45 7.09 -9.17 -14.62
N ARG A 46 6.12 -8.28 -14.49
CA ARG A 46 5.15 -8.38 -13.41
C ARG A 46 5.84 -8.87 -12.13
N GLU A 47 6.37 -7.90 -11.38
CA GLU A 47 7.06 -8.23 -10.14
C GLU A 47 7.53 -6.94 -9.45
N ARG A 48 8.04 -6.03 -10.27
CA ARG A 48 8.53 -4.76 -9.76
C ARG A 48 7.40 -3.73 -9.72
N TRP A 49 6.39 -3.99 -10.52
CA TRP A 49 5.24 -3.10 -10.59
C TRP A 49 4.20 -3.58 -9.58
N HIS A 50 4.01 -4.89 -9.55
CA HIS A 50 3.05 -5.48 -8.63
C HIS A 50 3.47 -5.20 -7.19
N ASN A 51 4.02 -6.24 -6.56
CA ASN A 51 4.47 -6.11 -5.18
C ASN A 51 5.62 -5.09 -5.12
N HIS A 52 5.24 -3.82 -5.10
CA HIS A 52 6.21 -2.75 -5.04
C HIS A 52 5.55 -1.50 -4.47
N LEU A 53 4.43 -1.13 -5.05
CA LEU A 53 3.70 0.04 -4.62
C LEU A 53 3.60 0.04 -3.09
N ASN A 54 2.64 -0.75 -2.60
CA ASN A 54 2.42 -0.85 -1.17
C ASN A 54 2.57 0.53 -0.53
N PRO A 55 1.61 1.43 -0.89
CA PRO A 55 1.62 2.78 -0.37
C PRO A 55 1.14 2.82 1.08
N GLU A 56 0.67 3.98 1.50
CA GLU A 56 0.18 4.15 2.86
C GLU A 56 -1.03 5.09 2.87
N VAL A 57 -1.40 5.51 4.07
CA VAL A 57 -2.53 6.41 4.23
C VAL A 57 -2.03 7.86 4.22
N LYS A 58 -0.84 8.04 3.68
CA LYS A 58 -0.24 9.36 3.61
C LYS A 58 0.40 9.71 4.95
N LYS A 59 1.65 9.29 5.10
CA LYS A 59 2.39 9.54 6.33
C LYS A 59 1.46 9.31 7.53
N SER A 60 1.87 9.87 8.66
CA SER A 60 1.09 9.74 9.88
C SER A 60 -0.39 9.98 9.58
N SER A 61 -1.17 8.92 9.72
CA SER A 61 -2.60 9.00 9.46
C SER A 61 -3.26 7.64 9.71
N TRP A 62 -4.38 7.42 9.04
CA TRP A 62 -5.10 6.17 9.17
C TRP A 62 -4.19 5.04 8.68
N THR A 63 -4.70 3.82 8.80
CA THR A 63 -3.96 2.65 8.38
C THR A 63 -4.82 1.76 7.49
N GLU A 64 -4.34 0.55 7.27
CA GLU A 64 -5.05 -0.40 6.45
C GLU A 64 -6.27 -0.96 7.20
N GLU A 65 -5.98 -1.90 8.08
CA GLU A 65 -7.03 -2.53 8.87
C GLU A 65 -7.98 -1.46 9.44
N GLU A 66 -7.39 -0.32 9.76
CA GLU A 66 -8.17 0.79 10.31
C GLU A 66 -9.16 1.31 9.27
N ASP A 67 -8.70 1.34 8.02
CA ASP A 67 -9.53 1.82 6.93
C ASP A 67 -10.76 0.93 6.81
N ARG A 68 -10.52 -0.37 6.73
CA ARG A 68 -11.60 -1.33 6.62
C ARG A 68 -12.54 -1.22 7.83
N ILE A 69 -11.97 -1.47 9.00
CA ILE A 69 -12.74 -1.40 10.23
C ILE A 69 -13.76 -0.25 10.13
N ILE A 70 -13.25 0.90 9.75
CA ILE A 70 -14.09 2.08 9.61
C ILE A 70 -15.22 1.78 8.62
N PHE A 71 -14.84 1.60 7.37
CA PHE A 71 -15.81 1.31 6.33
C PHE A 71 -16.71 0.14 6.74
N GLU A 72 -16.23 -0.63 7.70
CA GLU A 72 -16.99 -1.77 8.19
C GLU A 72 -18.07 -1.32 9.17
N ALA A 73 -17.62 -0.74 10.27
CA ALA A 73 -18.54 -0.25 11.29
C ALA A 73 -19.61 0.62 10.63
N HIS A 74 -19.18 1.37 9.62
CA HIS A 74 -20.08 2.25 8.91
C HIS A 74 -21.18 1.43 8.24
N LYS A 75 -20.95 0.13 8.19
CA LYS A 75 -21.91 -0.78 7.58
C LYS A 75 -22.65 -1.55 8.68
N VAL A 76 -22.52 -1.04 9.90
CA VAL A 76 -23.16 -1.66 11.04
C VAL A 76 -24.10 -0.65 11.70
N LEU A 77 -23.62 0.59 11.79
CA LEU A 77 -24.39 1.65 12.40
C LEU A 77 -24.73 2.71 11.34
N GLY A 78 -23.71 3.47 10.98
CA GLY A 78 -23.87 4.51 9.98
C GLY A 78 -22.82 5.61 10.15
N ASN A 79 -23.30 6.82 10.40
CA ASN A 79 -22.41 7.95 10.59
C ASN A 79 -22.06 8.08 12.07
N ARG A 80 -22.21 6.99 12.78
CA ARG A 80 -21.92 6.96 14.21
C ARG A 80 -20.42 7.05 14.45
N TRP A 81 -19.81 8.11 13.91
CA TRP A 81 -18.38 8.31 14.06
C TRP A 81 -18.04 8.22 15.54
N ALA A 82 -18.95 8.74 16.36
CA ALA A 82 -18.76 8.73 17.80
C ALA A 82 -18.59 7.28 18.28
N GLU A 83 -19.10 6.36 17.47
CA GLU A 83 -19.02 4.95 17.80
C GLU A 83 -17.91 4.28 16.97
N ILE A 84 -17.75 4.77 15.76
CA ILE A 84 -16.74 4.23 14.86
C ILE A 84 -15.38 4.25 15.57
N ALA A 85 -15.05 5.39 16.13
CA ALA A 85 -13.80 5.55 16.84
C ALA A 85 -13.80 4.65 18.09
N LYS A 86 -14.91 4.69 18.80
CA LYS A 86 -15.06 3.89 20.01
C LYS A 86 -14.47 2.50 19.77
N LEU A 87 -14.52 2.08 18.51
CA LEU A 87 -13.99 0.79 18.13
C LEU A 87 -12.46 0.84 18.08
N LEU A 88 -11.97 1.84 17.37
CA LEU A 88 -10.54 2.03 17.25
C LEU A 88 -10.05 3.02 18.31
N PRO A 89 -9.15 2.52 19.20
CA PRO A 89 -8.61 3.35 20.27
C PRO A 89 -7.58 4.33 19.72
N GLY A 90 -7.99 5.58 19.59
CA GLY A 90 -7.11 6.62 19.09
C GLY A 90 -7.91 7.76 18.46
N ARG A 91 -9.13 7.43 18.05
CA ARG A 91 -10.00 8.41 17.43
C ARG A 91 -11.14 8.79 18.39
N THR A 92 -11.89 9.81 18.00
CA THR A 92 -13.00 10.28 18.80
C THR A 92 -14.30 10.25 17.98
N ASP A 93 -14.33 11.11 16.96
CA ASP A 93 -15.49 11.20 16.10
C ASP A 93 -15.16 12.11 14.91
N ASN A 94 -14.71 13.31 15.24
CA ASN A 94 -14.36 14.28 14.22
C ASN A 94 -13.24 13.72 13.34
N ALA A 95 -12.61 12.66 13.84
CA ALA A 95 -11.52 12.03 13.13
C ALA A 95 -12.09 11.17 11.99
N VAL A 96 -12.77 10.11 12.38
CA VAL A 96 -13.37 9.21 11.41
C VAL A 96 -14.30 10.00 10.49
N LYS A 97 -15.23 10.71 11.11
CA LYS A 97 -16.18 11.52 10.36
C LYS A 97 -15.45 12.20 9.20
N ASN A 98 -14.48 13.05 9.56
CA ASN A 98 -13.71 13.76 8.57
C ASN A 98 -13.09 12.77 7.59
N HIS A 99 -12.38 11.81 8.15
CA HIS A 99 -11.73 10.79 7.34
C HIS A 99 -12.70 10.29 6.27
N TRP A 100 -13.98 10.39 6.58
CA TRP A 100 -15.02 9.96 5.65
C TRP A 100 -14.94 10.84 4.41
N ASN A 101 -15.30 12.10 4.59
CA ASN A 101 -15.27 13.05 3.49
C ASN A 101 -13.82 13.33 3.09
N SER A 102 -12.91 12.72 3.84
CA SER A 102 -11.49 12.89 3.58
C SER A 102 -11.10 12.12 2.32
N THR A 103 -10.89 10.83 2.50
CA THR A 103 -10.50 9.96 1.39
C THR A 103 -11.50 8.81 1.25
N ILE A 104 -12.32 8.64 2.27
CA ILE A 104 -13.32 7.59 2.27
C ILE A 104 -14.62 8.12 1.65
N LYS A 105 -14.46 9.08 0.75
CA LYS A 105 -15.60 9.68 0.09
C LYS A 105 -15.21 10.07 -1.34
N ARG A 106 -15.82 9.38 -2.29
CA ARG A 106 -15.55 9.65 -3.69
C ARG A 106 -16.24 10.94 -4.14
N LYS A 107 -17.56 10.86 -4.21
CA LYS A 107 -18.35 12.01 -4.62
C LYS A 107 -18.29 13.08 -3.53
N VAL A 108 -17.19 13.81 -3.52
CA VAL A 108 -16.99 14.86 -2.54
C VAL A 108 -16.06 15.92 -3.11
N ASP A 109 -14.97 15.44 -3.70
CA ASP A 109 -13.98 16.33 -4.29
C ASP A 109 -13.82 17.57 -3.39
N THR A 110 -13.19 17.35 -2.24
CA THR A 110 -12.96 18.43 -1.30
C THR A 110 -14.30 19.00 -0.81
N GLY A 1 -26.32 -29.33 9.78
CA GLY A 1 -25.71 -30.20 10.78
C GLY A 1 -24.30 -29.73 11.11
N ILE A 2 -24.22 -28.68 11.91
CA ILE A 2 -22.94 -28.12 12.31
C ILE A 2 -22.31 -29.04 13.35
N PRO A 3 -20.96 -28.90 13.50
CA PRO A 3 -20.22 -29.70 14.46
C PRO A 3 -20.46 -29.19 15.89
N ASP A 4 -19.57 -29.60 16.78
CA ASP A 4 -19.67 -29.19 18.17
C ASP A 4 -19.49 -27.68 18.27
N LEU A 5 -19.46 -27.20 19.50
CA LEU A 5 -19.30 -25.77 19.76
C LEU A 5 -20.60 -25.05 19.39
N VAL A 6 -21.67 -25.83 19.33
CA VAL A 6 -22.97 -25.28 18.98
C VAL A 6 -23.53 -24.51 20.19
N LYS A 7 -23.14 -24.97 21.37
CA LYS A 7 -23.59 -24.33 22.59
C LYS A 7 -22.75 -23.08 22.85
N GLY A 8 -22.09 -22.63 21.80
CA GLY A 8 -21.25 -21.44 21.90
C GLY A 8 -20.39 -21.27 20.65
N PRO A 9 -21.09 -21.02 19.51
CA PRO A 9 -20.41 -20.82 18.24
C PRO A 9 -19.73 -19.45 18.17
N TRP A 10 -18.64 -19.39 17.42
CA TRP A 10 -17.90 -18.16 17.27
C TRP A 10 -18.72 -17.23 16.38
N THR A 11 -18.44 -15.94 16.51
CA THR A 11 -19.14 -14.93 15.73
C THR A 11 -18.25 -13.70 15.54
N LYS A 12 -18.77 -12.77 14.74
CA LYS A 12 -18.03 -11.54 14.46
C LYS A 12 -17.54 -10.94 15.78
N GLU A 13 -18.33 -11.17 16.83
CA GLU A 13 -17.99 -10.66 18.14
C GLU A 13 -16.68 -11.28 18.64
N GLU A 14 -16.29 -12.35 17.97
CA GLU A 14 -15.06 -13.04 18.33
C GLU A 14 -13.88 -12.45 17.57
N ASP A 15 -14.10 -12.18 16.29
CA ASP A 15 -13.06 -11.62 15.45
C ASP A 15 -12.87 -10.14 15.81
N GLN A 16 -13.87 -9.59 16.47
CA GLN A 16 -13.83 -8.20 16.87
C GLN A 16 -13.12 -8.06 18.22
N LYS A 17 -13.43 -8.98 19.12
CA LYS A 17 -12.83 -8.97 20.44
C LYS A 17 -11.36 -9.42 20.33
N VAL A 18 -11.18 -10.56 19.68
CA VAL A 18 -9.84 -11.10 19.50
C VAL A 18 -8.96 -10.05 18.82
N ILE A 19 -9.55 -9.37 17.85
CA ILE A 19 -8.83 -8.34 17.10
C ILE A 19 -8.39 -7.25 18.07
N GLU A 20 -9.36 -6.73 18.82
CA GLU A 20 -9.08 -5.67 19.78
C GLU A 20 -8.01 -6.12 20.76
N LEU A 21 -7.80 -7.43 20.81
CA LEU A 21 -6.81 -8.00 21.70
C LEU A 21 -5.46 -8.09 20.97
N VAL A 22 -5.51 -8.63 19.77
CA VAL A 22 -4.31 -8.78 18.96
C VAL A 22 -3.57 -7.45 18.92
N LYS A 23 -4.32 -6.38 19.14
CA LYS A 23 -3.75 -5.04 19.13
C LYS A 23 -3.30 -4.66 20.54
N LYS A 24 -4.17 -4.97 21.50
CA LYS A 24 -3.89 -4.67 22.89
C LYS A 24 -2.78 -5.60 23.39
N TYR A 25 -2.49 -6.61 22.58
CA TYR A 25 -1.45 -7.56 22.93
C TYR A 25 -0.22 -7.38 22.05
N GLY A 26 -0.46 -7.33 20.75
CA GLY A 26 0.62 -7.15 19.79
C GLY A 26 0.66 -8.31 18.80
N THR A 27 -0.25 -9.25 19.00
CA THR A 27 -0.32 -10.42 18.14
C THR A 27 0.71 -11.48 18.56
N LYS A 28 1.04 -11.44 19.85
CA LYS A 28 2.01 -12.37 20.39
C LYS A 28 1.27 -13.60 20.92
N GLN A 29 0.50 -13.40 21.98
CA GLN A 29 -0.26 -14.47 22.58
C GLN A 29 -1.46 -14.84 21.71
N TRP A 30 -1.20 -15.66 20.70
CA TRP A 30 -2.24 -16.09 19.80
C TRP A 30 -3.23 -16.97 20.57
N THR A 31 -2.84 -17.26 21.81
CA THR A 31 -3.67 -18.09 22.66
C THR A 31 -4.91 -17.33 23.13
N LEU A 32 -4.68 -16.06 23.48
CA LEU A 32 -5.77 -15.21 23.94
C LEU A 32 -6.91 -15.26 22.92
N ILE A 33 -6.55 -15.56 21.68
CA ILE A 33 -7.53 -15.64 20.62
C ILE A 33 -8.39 -16.90 20.81
N ALA A 34 -7.72 -17.98 21.17
CA ALA A 34 -8.41 -19.24 21.39
C ALA A 34 -8.51 -19.50 22.90
N LYS A 35 -8.45 -18.42 23.66
CA LYS A 35 -8.54 -18.52 25.11
C LYS A 35 -9.76 -17.74 25.59
N HIS A 36 -10.05 -16.67 24.88
CA HIS A 36 -11.20 -15.83 25.22
C HIS A 36 -12.47 -16.42 24.62
N LEU A 37 -12.28 -17.23 23.59
CA LEU A 37 -13.40 -17.87 22.92
C LEU A 37 -13.51 -19.32 23.38
N LYS A 38 -14.37 -19.55 24.35
CA LYS A 38 -14.58 -20.89 24.88
C LYS A 38 -14.93 -21.84 23.73
N GLY A 39 -13.99 -22.71 23.43
CA GLY A 39 -14.19 -23.68 22.35
C GLY A 39 -12.91 -24.47 22.08
N ARG A 40 -11.79 -23.81 22.31
CA ARG A 40 -10.49 -24.44 22.10
C ARG A 40 -10.14 -24.42 20.61
N LEU A 41 -10.03 -23.22 20.06
CA LEU A 41 -9.70 -23.06 18.66
C LEU A 41 -8.18 -23.05 18.50
N GLY A 42 -7.75 -22.82 17.27
CA GLY A 42 -6.34 -22.79 16.97
C GLY A 42 -6.07 -23.31 15.55
N LYS A 43 -6.89 -22.86 14.62
CA LYS A 43 -6.75 -23.27 13.23
C LYS A 43 -6.72 -22.03 12.34
N GLN A 44 -7.88 -21.43 12.18
CA GLN A 44 -8.01 -20.23 11.35
C GLN A 44 -7.35 -19.04 12.04
N CYS A 45 -6.04 -19.18 12.27
CA CYS A 45 -5.29 -18.13 12.92
C CYS A 45 -4.54 -17.34 11.84
N ARG A 46 -4.49 -16.03 12.04
CA ARG A 46 -3.81 -15.15 11.09
C ARG A 46 -4.53 -15.18 9.74
N GLU A 47 -5.52 -14.30 9.62
CA GLU A 47 -6.29 -14.21 8.39
C GLU A 47 -7.10 -12.91 8.38
N ARG A 48 -6.39 -11.80 8.29
CA ARG A 48 -7.04 -10.49 8.27
C ARG A 48 -5.99 -9.38 8.15
N TRP A 49 -4.92 -9.55 8.91
CA TRP A 49 -3.83 -8.58 8.90
C TRP A 49 -2.63 -9.22 8.21
N HIS A 50 -2.62 -10.54 8.19
CA HIS A 50 -1.54 -11.28 7.57
C HIS A 50 -1.54 -11.02 6.06
N ASN A 51 -2.53 -11.61 5.40
CA ASN A 51 -2.66 -11.45 3.96
C ASN A 51 -2.35 -10.00 3.58
N HIS A 52 -2.91 -9.08 4.36
CA HIS A 52 -2.69 -7.67 4.11
C HIS A 52 -1.21 -7.33 4.25
N LEU A 53 -0.66 -7.73 5.40
CA LEU A 53 0.75 -7.48 5.68
C LEU A 53 0.99 -5.97 5.71
N ASN A 54 0.25 -5.30 6.58
CA ASN A 54 0.38 -3.86 6.72
C ASN A 54 -0.32 -3.42 8.00
N PRO A 55 0.24 -3.89 9.15
CA PRO A 55 -0.32 -3.54 10.46
C PRO A 55 0.04 -2.11 10.84
N GLU A 56 -0.01 -1.84 12.13
CA GLU A 56 0.30 -0.52 12.65
C GLU A 56 -0.24 0.55 11.69
N VAL A 57 -1.47 0.97 11.96
CA VAL A 57 -2.10 1.99 11.14
C VAL A 57 -1.48 3.35 11.43
N LYS A 58 -0.75 3.39 12.54
CA LYS A 58 -0.09 4.63 12.95
C LYS A 58 -1.14 5.70 13.20
N LYS A 59 -0.93 6.45 14.27
CA LYS A 59 -1.86 7.52 14.63
C LYS A 59 -1.65 8.70 13.70
N SER A 60 -0.42 8.81 13.19
CA SER A 60 -0.08 9.90 12.29
C SER A 60 -1.18 10.06 11.23
N SER A 61 -1.65 8.92 10.74
CA SER A 61 -2.69 8.92 9.73
C SER A 61 -3.34 7.53 9.63
N TRP A 62 -4.42 7.47 8.88
CA TRP A 62 -5.13 6.22 8.70
C TRP A 62 -4.22 5.26 7.93
N THR A 63 -4.75 4.10 7.61
CA THR A 63 -3.99 3.09 6.88
C THR A 63 -4.93 2.12 6.18
N GLU A 64 -4.63 0.84 6.31
CA GLU A 64 -5.44 -0.20 5.69
C GLU A 64 -6.48 -0.72 6.69
N GLU A 65 -6.00 -1.56 7.60
CA GLU A 65 -6.88 -2.14 8.61
C GLU A 65 -7.87 -1.09 9.11
N GLU A 66 -7.34 -0.10 9.80
CA GLU A 66 -8.17 0.97 10.34
C GLU A 66 -9.15 1.46 9.27
N ASP A 67 -8.73 1.35 8.02
CA ASP A 67 -9.56 1.78 6.91
C ASP A 67 -10.83 0.92 6.86
N ARG A 68 -10.62 -0.37 6.72
CA ARG A 68 -11.73 -1.31 6.65
C ARG A 68 -12.59 -1.19 7.91
N ILE A 69 -11.93 -1.33 9.05
CA ILE A 69 -12.62 -1.26 10.34
C ILE A 69 -13.69 -0.15 10.26
N ILE A 70 -13.24 1.01 9.82
CA ILE A 70 -14.14 2.16 9.71
C ILE A 70 -15.34 1.77 8.83
N PHE A 71 -15.05 1.59 7.54
CA PHE A 71 -16.09 1.23 6.59
C PHE A 71 -16.89 0.03 7.10
N GLU A 72 -16.30 -0.69 8.03
CA GLU A 72 -16.94 -1.86 8.60
C GLU A 72 -18.01 -1.44 9.62
N ALA A 73 -17.63 -0.48 10.44
CA ALA A 73 -18.53 0.03 11.46
C ALA A 73 -19.60 0.89 10.80
N HIS A 74 -19.17 1.62 9.78
CA HIS A 74 -20.08 2.50 9.05
C HIS A 74 -21.15 1.66 8.34
N LYS A 75 -20.88 0.36 8.26
CA LYS A 75 -21.79 -0.55 7.61
C LYS A 75 -22.56 -1.34 8.68
N VAL A 76 -22.51 -0.83 9.90
CA VAL A 76 -23.18 -1.47 11.01
C VAL A 76 -24.11 -0.47 11.70
N LEU A 77 -23.59 0.75 11.85
CA LEU A 77 -24.35 1.80 12.48
C LEU A 77 -24.67 2.89 11.45
N GLY A 78 -23.65 3.70 11.16
CA GLY A 78 -23.82 4.77 10.19
C GLY A 78 -22.75 5.85 10.40
N ASN A 79 -23.21 7.07 10.60
CA ASN A 79 -22.32 8.19 10.80
C ASN A 79 -22.02 8.34 12.29
N ARG A 80 -22.22 7.25 13.01
CA ARG A 80 -21.99 7.23 14.45
C ARG A 80 -20.49 7.28 14.74
N TRP A 81 -19.85 8.32 14.21
CA TRP A 81 -18.42 8.49 14.39
C TRP A 81 -18.12 8.39 15.90
N ALA A 82 -19.08 8.89 16.69
CA ALA A 82 -18.93 8.87 18.13
C ALA A 82 -18.79 7.42 18.60
N GLU A 83 -19.35 6.52 17.80
CA GLU A 83 -19.29 5.10 18.14
C GLU A 83 -18.38 4.37 17.15
N ILE A 84 -18.16 5.01 16.01
CA ILE A 84 -17.31 4.43 14.98
C ILE A 84 -15.86 4.44 15.46
N ALA A 85 -15.44 5.58 15.98
CA ALA A 85 -14.09 5.73 16.48
C ALA A 85 -13.88 4.80 17.68
N LYS A 86 -14.97 4.54 18.37
CA LYS A 86 -14.93 3.67 19.54
C LYS A 86 -14.49 2.27 19.12
N LEU A 87 -14.75 1.97 17.85
CA LEU A 87 -14.38 0.67 17.31
C LEU A 87 -12.88 0.65 16.99
N LEU A 88 -12.24 1.77 17.29
CA LEU A 88 -10.81 1.90 17.04
C LEU A 88 -10.08 2.01 18.37
N PRO A 89 -8.74 1.73 18.33
CA PRO A 89 -7.92 1.79 19.52
C PRO A 89 -7.63 3.24 19.91
N GLY A 90 -8.14 4.16 19.10
CA GLY A 90 -7.95 5.57 19.35
C GLY A 90 -8.83 6.41 18.44
N ARG A 91 -8.23 7.45 17.87
CA ARG A 91 -8.94 8.34 16.98
C ARG A 91 -10.19 8.90 17.67
N THR A 92 -10.75 9.93 17.06
CA THR A 92 -11.94 10.57 17.60
C THR A 92 -13.09 10.50 16.59
N ASP A 93 -14.21 11.09 16.98
CA ASP A 93 -15.38 11.11 16.12
C ASP A 93 -15.13 12.07 14.94
N ASN A 94 -14.58 13.21 15.28
CA ASN A 94 -14.28 14.22 14.26
C ASN A 94 -13.15 13.72 13.37
N ALA A 95 -12.48 12.68 13.84
CA ALA A 95 -11.37 12.10 13.10
C ALA A 95 -11.92 11.26 11.95
N VAL A 96 -12.63 10.21 12.31
CA VAL A 96 -13.22 9.32 11.32
C VAL A 96 -14.17 10.12 10.42
N LYS A 97 -15.08 10.84 11.07
CA LYS A 97 -16.05 11.65 10.35
C LYS A 97 -15.34 12.38 9.21
N ASN A 98 -14.33 13.14 9.58
CA ASN A 98 -13.58 13.90 8.60
C ASN A 98 -12.90 12.94 7.62
N HIS A 99 -12.47 11.81 8.16
CA HIS A 99 -11.81 10.80 7.34
C HIS A 99 -12.78 10.30 6.27
N TRP A 100 -14.06 10.41 6.58
CA TRP A 100 -15.08 9.97 5.65
C TRP A 100 -15.01 10.86 4.40
N ASN A 101 -14.89 12.16 4.64
CA ASN A 101 -14.80 13.11 3.54
C ASN A 101 -13.33 13.30 3.16
N SER A 102 -12.47 12.56 3.85
CA SER A 102 -11.04 12.65 3.61
C SER A 102 -10.69 11.91 2.31
N THR A 103 -10.52 10.60 2.45
CA THR A 103 -10.17 9.77 1.30
C THR A 103 -11.21 8.66 1.14
N ILE A 104 -12.10 8.56 2.11
CA ILE A 104 -13.13 7.54 2.10
C ILE A 104 -14.34 8.07 1.33
N LYS A 105 -14.06 8.80 0.26
CA LYS A 105 -15.11 9.37 -0.57
C LYS A 105 -15.11 8.68 -1.93
N ARG A 106 -15.84 9.28 -2.86
CA ARG A 106 -15.92 8.75 -4.21
C ARG A 106 -14.89 9.43 -5.12
N LYS A 107 -15.26 10.61 -5.58
CA LYS A 107 -14.38 11.38 -6.46
C LYS A 107 -13.19 11.88 -5.66
N VAL A 108 -12.45 10.93 -5.09
CA VAL A 108 -11.28 11.27 -4.31
C VAL A 108 -10.03 10.66 -4.95
N ASP A 109 -10.12 9.36 -5.23
CA ASP A 109 -9.02 8.64 -5.84
C ASP A 109 -7.69 9.19 -5.30
N THR A 110 -7.51 9.02 -4.00
CA THR A 110 -6.30 9.49 -3.34
C THR A 110 -6.30 9.07 -1.87
N GLY A 1 40.39 9.65 25.86
CA GLY A 1 40.27 8.20 25.73
C GLY A 1 39.05 7.84 24.86
N ILE A 2 37.95 7.53 25.54
CA ILE A 2 36.73 7.16 24.84
C ILE A 2 36.08 8.43 24.27
N PRO A 3 34.94 8.22 23.55
CA PRO A 3 34.21 9.33 22.96
C PRO A 3 33.44 10.11 24.03
N ASP A 4 32.45 10.85 23.56
CA ASP A 4 31.62 11.64 24.46
C ASP A 4 30.90 10.71 25.44
N LEU A 5 30.33 11.33 26.47
CA LEU A 5 29.62 10.58 27.49
C LEU A 5 30.49 9.43 27.98
N VAL A 6 31.10 9.65 29.14
CA VAL A 6 31.97 8.64 29.73
C VAL A 6 31.45 8.28 31.11
N LYS A 7 32.39 8.04 32.02
CA LYS A 7 32.03 7.68 33.38
C LYS A 7 30.81 6.75 33.37
N GLY A 8 30.69 6.01 32.27
CA GLY A 8 29.59 5.08 32.11
C GLY A 8 28.71 5.47 30.93
N PRO A 9 29.20 5.13 29.71
CA PRO A 9 28.46 5.45 28.49
C PRO A 9 27.27 4.51 28.32
N TRP A 10 26.09 5.12 28.22
CA TRP A 10 24.87 4.35 28.05
C TRP A 10 24.85 3.79 26.62
N THR A 11 24.23 2.63 26.48
CA THR A 11 24.15 1.99 25.19
C THR A 11 22.72 1.46 24.95
N LYS A 12 22.60 0.64 23.92
CA LYS A 12 21.30 0.06 23.57
C LYS A 12 20.58 -0.34 24.85
N GLU A 13 21.22 -1.21 25.62
CA GLU A 13 20.64 -1.69 26.87
C GLU A 13 19.99 -0.52 27.62
N GLU A 14 20.79 0.50 27.88
CA GLU A 14 20.31 1.67 28.59
C GLU A 14 19.06 2.22 27.91
N ASP A 15 19.13 2.31 26.59
CA ASP A 15 18.02 2.81 25.81
C ASP A 15 16.81 1.90 26.01
N GLN A 16 17.07 0.60 25.97
CA GLN A 16 16.02 -0.38 26.14
C GLN A 16 15.25 -0.11 27.43
N LYS A 17 15.91 0.57 28.35
CA LYS A 17 15.31 0.90 29.63
C LYS A 17 14.21 1.93 29.42
N VAL A 18 14.57 3.02 28.76
CA VAL A 18 13.64 4.10 28.48
C VAL A 18 12.33 3.49 27.96
N ILE A 19 12.47 2.62 26.97
CA ILE A 19 11.32 1.97 26.38
C ILE A 19 10.54 1.21 27.47
N GLU A 20 11.30 0.62 28.38
CA GLU A 20 10.69 -0.13 29.47
C GLU A 20 10.15 0.82 30.53
N LEU A 21 10.58 2.08 30.44
CA LEU A 21 10.12 3.09 31.38
C LEU A 21 8.79 3.68 30.90
N VAL A 22 8.84 4.25 29.70
CA VAL A 22 7.66 4.86 29.12
C VAL A 22 6.55 3.81 29.02
N LYS A 23 6.98 2.55 28.98
CA LYS A 23 6.04 1.45 28.88
C LYS A 23 5.34 1.26 30.23
N LYS A 24 6.15 1.07 31.26
CA LYS A 24 5.61 0.88 32.60
C LYS A 24 4.99 2.19 33.08
N TYR A 25 5.41 3.28 32.45
CA TYR A 25 4.90 4.59 32.81
C TYR A 25 3.59 4.89 32.08
N GLY A 26 3.67 4.86 30.75
CA GLY A 26 2.51 5.12 29.93
C GLY A 26 1.58 6.15 30.60
N THR A 27 1.75 7.40 30.18
CA THR A 27 0.94 8.48 30.72
C THR A 27 1.31 9.80 30.05
N LYS A 28 2.57 10.18 30.19
CA LYS A 28 3.06 11.41 29.60
C LYS A 28 4.43 11.75 30.20
N GLN A 29 5.34 10.78 30.10
CA GLN A 29 6.68 10.96 30.62
C GLN A 29 7.71 10.80 29.50
N TRP A 30 8.12 11.94 28.95
CA TRP A 30 9.10 11.95 27.88
C TRP A 30 10.38 12.60 28.40
N THR A 31 10.28 13.13 29.61
CA THR A 31 11.42 13.79 30.23
C THR A 31 12.41 12.75 30.76
N LEU A 32 11.85 11.69 31.32
CA LEU A 32 12.67 10.62 31.87
C LEU A 32 13.65 10.14 30.80
N ILE A 33 13.10 9.83 29.63
CA ILE A 33 13.92 9.35 28.53
C ILE A 33 15.19 10.21 28.45
N ALA A 34 14.99 11.52 28.50
CA ALA A 34 16.11 12.44 28.43
C ALA A 34 16.76 12.56 29.81
N LYS A 35 15.98 12.25 30.82
CA LYS A 35 16.46 12.31 32.20
C LYS A 35 17.40 11.13 32.46
N HIS A 36 17.03 9.99 31.88
CA HIS A 36 17.83 8.79 32.05
C HIS A 36 18.96 8.78 31.02
N LEU A 37 18.55 8.81 29.75
CA LEU A 37 19.52 8.81 28.67
C LEU A 37 19.94 10.24 28.35
N LYS A 38 20.79 10.78 29.21
CA LYS A 38 21.28 12.13 29.03
C LYS A 38 22.43 12.14 28.02
N GLY A 39 23.18 13.23 28.03
CA GLY A 39 24.30 13.37 27.12
C GLY A 39 23.86 13.96 25.79
N ARG A 40 22.64 13.60 25.39
CA ARG A 40 22.09 14.09 24.14
C ARG A 40 20.57 14.14 24.21
N LEU A 41 19.96 14.46 23.08
CA LEU A 41 18.51 14.55 23.01
C LEU A 41 17.92 13.14 23.11
N GLY A 42 16.80 13.05 23.82
CA GLY A 42 16.13 11.77 24.00
C GLY A 42 16.24 10.91 22.74
N LYS A 43 16.66 9.67 22.94
CA LYS A 43 16.82 8.74 21.84
C LYS A 43 15.59 8.84 20.92
N GLN A 44 15.75 9.64 19.88
CA GLN A 44 14.67 9.84 18.93
C GLN A 44 13.32 9.88 19.65
N CYS A 45 13.04 11.03 20.25
CA CYS A 45 11.80 11.22 20.97
C CYS A 45 10.65 10.75 20.08
N ARG A 46 10.25 9.50 20.29
CA ARG A 46 9.17 8.92 19.52
C ARG A 46 9.67 8.51 18.13
N GLU A 47 9.60 7.21 17.87
CA GLU A 47 10.04 6.68 16.59
C GLU A 47 10.20 5.16 16.67
N ARG A 48 10.52 4.70 17.87
CA ARG A 48 10.70 3.28 18.09
C ARG A 48 9.35 2.55 18.05
N TRP A 49 8.36 3.17 18.69
CA TRP A 49 7.03 2.61 18.73
C TRP A 49 6.11 3.48 17.85
N HIS A 50 6.53 4.72 17.68
CA HIS A 50 5.77 5.66 16.87
C HIS A 50 5.70 5.16 15.43
N ASN A 51 6.83 4.64 14.97
CA ASN A 51 6.91 4.13 13.60
C ASN A 51 6.98 2.60 13.65
N HIS A 52 7.45 2.03 12.55
CA HIS A 52 7.56 0.59 12.44
C HIS A 52 6.20 -0.02 12.11
N LEU A 53 5.20 0.39 12.88
CA LEU A 53 3.85 -0.09 12.67
C LEU A 53 2.87 1.08 12.75
N ASN A 54 2.79 1.82 11.65
CA ASN A 54 1.90 2.97 11.58
C ASN A 54 2.10 3.67 10.23
N PRO A 55 1.64 2.98 9.15
CA PRO A 55 1.75 3.53 7.81
C PRO A 55 0.72 4.64 7.58
N GLU A 56 0.41 4.87 6.32
CA GLU A 56 -0.55 5.90 5.95
C GLU A 56 -1.37 5.44 4.75
N VAL A 57 -2.59 5.96 4.68
CA VAL A 57 -3.49 5.62 3.59
C VAL A 57 -3.77 6.87 2.76
N LYS A 58 -3.36 8.01 3.30
CA LYS A 58 -3.55 9.27 2.61
C LYS A 58 -3.06 10.41 3.51
N LYS A 59 -3.40 11.63 3.10
CA LYS A 59 -2.99 12.80 3.85
C LYS A 59 -3.84 12.90 5.13
N SER A 60 -3.75 11.85 5.94
CA SER A 60 -4.50 11.82 7.18
C SER A 60 -3.63 11.19 8.28
N SER A 61 -3.89 9.91 8.53
CA SER A 61 -3.16 9.18 9.55
C SER A 61 -3.93 7.94 9.98
N TRP A 62 -4.51 7.28 8.98
CA TRP A 62 -5.28 6.07 9.23
C TRP A 62 -4.41 4.87 8.86
N THR A 63 -5.04 3.70 8.86
CA THR A 63 -4.34 2.47 8.52
C THR A 63 -5.20 1.60 7.62
N GLU A 64 -4.76 0.35 7.47
CA GLU A 64 -5.49 -0.60 6.64
C GLU A 64 -6.76 -1.07 7.35
N GLU A 65 -6.56 -1.91 8.34
CA GLU A 65 -7.67 -2.44 9.12
C GLU A 65 -8.63 -1.32 9.50
N GLU A 66 -8.05 -0.20 9.89
CA GLU A 66 -8.85 0.96 10.28
C GLU A 66 -9.72 1.42 9.12
N ASP A 67 -9.27 1.08 7.92
CA ASP A 67 -9.99 1.46 6.71
C ASP A 67 -11.18 0.51 6.52
N ARG A 68 -10.86 -0.76 6.34
CA ARG A 68 -11.89 -1.76 6.14
C ARG A 68 -12.92 -1.71 7.27
N ILE A 69 -12.39 -1.58 8.49
CA ILE A 69 -13.25 -1.51 9.66
C ILE A 69 -14.24 -0.36 9.50
N ILE A 70 -13.73 0.85 9.71
CA ILE A 70 -14.55 2.03 9.60
C ILE A 70 -15.44 1.91 8.36
N PHE A 71 -14.83 1.49 7.26
CA PHE A 71 -15.55 1.34 6.01
C PHE A 71 -16.85 0.55 6.23
N GLU A 72 -16.78 -0.41 7.13
CA GLU A 72 -17.94 -1.24 7.44
C GLU A 72 -18.65 -0.72 8.69
N ALA A 73 -17.84 -0.20 9.62
CA ALA A 73 -18.37 0.33 10.86
C ALA A 73 -19.43 1.38 10.54
N HIS A 74 -19.38 1.88 9.32
CA HIS A 74 -20.33 2.89 8.87
C HIS A 74 -21.58 2.21 8.33
N LYS A 75 -21.42 0.96 7.94
CA LYS A 75 -22.52 0.18 7.40
C LYS A 75 -23.09 -0.72 8.49
N VAL A 76 -22.67 -0.44 9.71
CA VAL A 76 -23.13 -1.23 10.86
C VAL A 76 -23.94 -0.32 11.79
N LEU A 77 -23.74 0.98 11.61
CA LEU A 77 -24.44 1.95 12.44
C LEU A 77 -25.07 3.02 11.53
N GLY A 78 -24.21 3.71 10.80
CA GLY A 78 -24.65 4.76 9.90
C GLY A 78 -23.64 5.89 9.82
N ASN A 79 -23.47 6.57 10.94
CA ASN A 79 -22.53 7.68 11.00
C ASN A 79 -22.13 7.91 12.47
N ARG A 80 -22.24 6.85 13.26
CA ARG A 80 -21.90 6.93 14.67
C ARG A 80 -20.39 7.05 14.83
N TRP A 81 -19.84 8.12 14.28
CA TRP A 81 -18.41 8.37 14.35
C TRP A 81 -18.00 8.28 15.82
N ALA A 82 -18.90 8.75 16.68
CA ALA A 82 -18.64 8.74 18.11
C ALA A 82 -18.43 7.30 18.58
N GLU A 83 -18.93 6.37 17.77
CA GLU A 83 -18.81 4.95 18.08
C GLU A 83 -17.74 4.32 17.21
N ILE A 84 -17.54 4.90 16.03
CA ILE A 84 -16.55 4.40 15.10
C ILE A 84 -15.16 4.48 15.74
N ALA A 85 -14.94 5.58 16.45
CA ALA A 85 -13.66 5.79 17.11
C ALA A 85 -13.59 4.90 18.35
N LYS A 86 -14.76 4.60 18.89
CA LYS A 86 -14.83 3.76 20.08
C LYS A 86 -14.14 2.43 19.81
N LEU A 87 -14.35 1.92 18.61
CA LEU A 87 -13.75 0.65 18.22
C LEU A 87 -12.27 0.87 17.94
N LEU A 88 -11.86 2.13 18.04
CA LEU A 88 -10.47 2.48 17.80
C LEU A 88 -9.86 3.06 19.07
N PRO A 89 -8.50 3.07 19.11
CA PRO A 89 -7.79 3.59 20.27
C PRO A 89 -7.83 5.13 20.28
N GLY A 90 -8.55 5.68 19.32
CA GLY A 90 -8.68 7.12 19.21
C GLY A 90 -9.34 7.52 17.89
N ARG A 91 -8.73 8.51 17.24
CA ARG A 91 -9.25 8.99 15.96
C ARG A 91 -10.52 9.80 16.19
N THR A 92 -10.88 9.95 17.45
CA THR A 92 -12.07 10.70 17.81
C THR A 92 -13.19 10.45 16.78
N ASP A 93 -14.13 11.38 16.75
CA ASP A 93 -15.25 11.28 15.82
C ASP A 93 -15.07 12.31 14.71
N ASN A 94 -14.39 13.39 15.05
CA ASN A 94 -14.15 14.46 14.09
C ASN A 94 -13.17 13.97 13.02
N ALA A 95 -12.48 12.89 13.35
CA ALA A 95 -11.52 12.31 12.43
C ALA A 95 -12.22 11.29 11.52
N VAL A 96 -12.85 10.32 12.16
CA VAL A 96 -13.56 9.29 11.44
C VAL A 96 -14.57 9.93 10.50
N LYS A 97 -15.39 10.79 11.07
CA LYS A 97 -16.41 11.49 10.29
C LYS A 97 -15.76 12.12 9.06
N ASN A 98 -14.75 12.95 9.33
CA ASN A 98 -14.04 13.63 8.26
C ASN A 98 -13.42 12.60 7.32
N HIS A 99 -12.64 11.69 7.92
CA HIS A 99 -11.99 10.65 7.15
C HIS A 99 -12.98 10.05 6.14
N TRP A 100 -14.25 10.12 6.50
CA TRP A 100 -15.29 9.60 5.63
C TRP A 100 -15.26 10.39 4.33
N ASN A 101 -15.63 11.66 4.42
CA ASN A 101 -15.65 12.53 3.27
C ASN A 101 -14.21 12.82 2.83
N SER A 102 -13.27 12.31 3.62
CA SER A 102 -11.86 12.51 3.32
C SER A 102 -11.46 11.67 2.10
N THR A 103 -11.27 10.39 2.34
CA THR A 103 -10.88 9.48 1.28
C THR A 103 -11.86 8.31 1.19
N ILE A 104 -12.69 8.20 2.22
CA ILE A 104 -13.68 7.13 2.28
C ILE A 104 -14.99 7.63 1.66
N LYS A 105 -14.85 8.48 0.66
CA LYS A 105 -16.01 9.03 -0.03
C LYS A 105 -15.70 9.19 -1.51
N ARG A 106 -16.25 8.27 -2.30
CA ARG A 106 -16.03 8.31 -3.74
C ARG A 106 -16.64 9.58 -4.34
N LYS A 107 -17.82 9.92 -3.84
CA LYS A 107 -18.51 11.11 -4.32
C LYS A 107 -17.93 12.35 -3.63
N VAL A 108 -16.62 12.49 -3.77
CA VAL A 108 -15.93 13.63 -3.16
C VAL A 108 -14.73 14.01 -4.04
N ASP A 109 -13.94 13.00 -4.37
CA ASP A 109 -12.76 13.22 -5.20
C ASP A 109 -12.41 11.92 -5.92
N THR A 110 -13.13 11.67 -7.01
CA THR A 110 -12.90 10.47 -7.79
C THR A 110 -11.43 10.37 -8.21
N GLY A 1 16.41 -20.75 -26.33
CA GLY A 1 16.85 -21.68 -25.29
C GLY A 1 18.32 -21.49 -24.96
N ILE A 2 18.69 -20.24 -24.72
CA ILE A 2 20.06 -19.90 -24.40
C ILE A 2 20.10 -19.12 -23.08
N PRO A 3 21.16 -19.40 -22.28
CA PRO A 3 21.32 -18.73 -21.00
C PRO A 3 21.79 -17.29 -21.19
N ASP A 4 21.93 -16.90 -22.44
CA ASP A 4 22.37 -15.55 -22.78
C ASP A 4 21.14 -14.69 -23.08
N LEU A 5 20.33 -14.46 -22.04
CA LEU A 5 19.14 -13.66 -22.18
C LEU A 5 18.35 -14.13 -23.41
N VAL A 6 17.29 -14.88 -23.14
CA VAL A 6 16.45 -15.41 -24.20
C VAL A 6 15.45 -14.34 -24.62
N LYS A 7 14.23 -14.48 -24.12
CA LYS A 7 13.17 -13.53 -24.44
C LYS A 7 12.99 -12.57 -23.27
N GLY A 8 14.07 -12.38 -22.52
CA GLY A 8 14.04 -11.49 -21.37
C GLY A 8 13.86 -12.27 -20.08
N PRO A 9 14.89 -13.10 -19.76
CA PRO A 9 14.86 -13.92 -18.55
C PRO A 9 15.14 -13.06 -17.32
N TRP A 10 14.38 -13.33 -16.27
CA TRP A 10 14.54 -12.60 -15.02
C TRP A 10 15.08 -13.57 -13.97
N THR A 11 14.17 -14.29 -13.34
CA THR A 11 14.55 -15.25 -12.31
C THR A 11 15.05 -14.52 -11.07
N LYS A 12 14.98 -15.22 -9.95
CA LYS A 12 15.43 -14.66 -8.68
C LYS A 12 16.59 -13.70 -8.94
N GLU A 13 17.45 -14.09 -9.87
CA GLU A 13 18.61 -13.28 -10.21
C GLU A 13 18.16 -11.86 -10.60
N GLU A 14 16.94 -11.78 -11.11
CA GLU A 14 16.39 -10.49 -11.52
C GLU A 14 16.13 -9.62 -10.29
N ASP A 15 15.55 -10.23 -9.28
CA ASP A 15 15.25 -9.52 -8.05
C ASP A 15 16.55 -9.20 -7.31
N GLN A 16 17.22 -10.25 -6.87
CA GLN A 16 18.47 -10.10 -6.15
C GLN A 16 19.35 -9.07 -6.86
N LYS A 17 19.11 -8.89 -8.15
CA LYS A 17 19.87 -7.95 -8.93
C LYS A 17 19.48 -6.52 -8.53
N VAL A 18 18.37 -6.07 -9.11
CA VAL A 18 17.87 -4.73 -8.83
C VAL A 18 17.84 -4.51 -7.31
N ILE A 19 17.78 -5.62 -6.59
CA ILE A 19 17.75 -5.57 -5.13
C ILE A 19 19.15 -5.27 -4.61
N GLU A 20 19.99 -6.30 -4.62
CA GLU A 20 21.35 -6.18 -4.15
C GLU A 20 22.07 -5.05 -4.91
N LEU A 21 21.44 -4.63 -6.01
CA LEU A 21 22.01 -3.57 -6.82
C LEU A 21 21.61 -2.21 -6.23
N VAL A 22 20.38 -1.82 -6.51
CA VAL A 22 19.86 -0.56 -6.02
C VAL A 22 20.31 -0.36 -4.57
N LYS A 23 20.53 -1.48 -3.89
CA LYS A 23 20.95 -1.44 -2.51
C LYS A 23 22.40 -0.96 -2.43
N LYS A 24 23.26 -1.64 -3.18
CA LYS A 24 24.67 -1.28 -3.20
C LYS A 24 24.86 -0.02 -4.05
N TYR A 25 23.81 0.34 -4.76
CA TYR A 25 23.84 1.51 -5.62
C TYR A 25 23.25 2.73 -4.90
N GLY A 26 21.99 2.59 -4.53
CA GLY A 26 21.30 3.67 -3.84
C GLY A 26 21.78 5.04 -4.32
N THR A 27 21.00 5.63 -5.21
CA THR A 27 21.33 6.93 -5.76
C THR A 27 20.24 7.40 -6.73
N LYS A 28 20.19 6.75 -7.88
CA LYS A 28 19.20 7.09 -8.89
C LYS A 28 19.58 6.42 -10.21
N GLN A 29 20.01 5.17 -10.11
CA GLN A 29 20.40 4.42 -11.29
C GLN A 29 19.32 3.40 -11.64
N TRP A 30 18.22 3.92 -12.18
CA TRP A 30 17.11 3.07 -12.57
C TRP A 30 17.55 2.25 -13.79
N THR A 31 18.60 2.74 -14.45
CA THR A 31 19.12 2.06 -15.62
C THR A 31 19.70 0.70 -15.25
N LEU A 32 20.18 0.62 -14.02
CA LEU A 32 20.77 -0.62 -13.52
C LEU A 32 19.67 -1.68 -13.38
N ILE A 33 18.44 -1.19 -13.29
CA ILE A 33 17.29 -2.08 -13.15
C ILE A 33 16.96 -2.69 -14.51
N ALA A 34 16.68 -1.81 -15.46
CA ALA A 34 16.33 -2.25 -16.81
C ALA A 34 17.56 -2.92 -17.44
N LYS A 35 18.73 -2.42 -17.07
CA LYS A 35 19.97 -2.96 -17.60
C LYS A 35 20.14 -4.41 -17.13
N HIS A 36 19.68 -4.65 -15.91
CA HIS A 36 19.76 -5.99 -15.35
C HIS A 36 18.40 -6.67 -15.42
N LEU A 37 17.64 -6.29 -16.43
CA LEU A 37 16.31 -6.85 -16.63
C LEU A 37 15.94 -6.77 -18.11
N LYS A 38 15.43 -7.88 -18.62
CA LYS A 38 15.05 -7.95 -20.02
C LYS A 38 16.29 -8.21 -20.89
N GLY A 39 16.03 -8.61 -22.12
CA GLY A 39 17.11 -8.88 -23.05
C GLY A 39 18.13 -7.74 -23.07
N ARG A 40 17.66 -6.57 -22.65
CA ARG A 40 18.52 -5.40 -22.62
C ARG A 40 17.73 -4.17 -22.18
N LEU A 41 16.47 -4.14 -22.63
CA LEU A 41 15.60 -3.01 -22.29
C LEU A 41 15.35 -3.00 -20.79
N GLY A 42 14.17 -3.45 -20.40
CA GLY A 42 13.80 -3.48 -18.99
C GLY A 42 12.86 -2.33 -18.65
N LYS A 43 12.19 -1.82 -19.66
CA LYS A 43 11.26 -0.72 -19.48
C LYS A 43 10.51 -0.91 -18.16
N GLN A 44 10.30 -2.16 -17.80
CA GLN A 44 9.61 -2.49 -16.57
C GLN A 44 10.48 -2.17 -15.36
N CYS A 45 10.50 -0.90 -15.00
CA CYS A 45 11.29 -0.44 -13.87
C CYS A 45 10.34 -0.02 -12.75
N ARG A 46 10.92 0.50 -11.69
CA ARG A 46 10.13 0.96 -10.54
C ARG A 46 8.96 0.00 -10.31
N GLU A 47 9.30 -1.28 -10.21
CA GLU A 47 8.29 -2.30 -9.98
C GLU A 47 8.80 -3.33 -8.97
N ARG A 48 9.30 -2.82 -7.86
CA ARG A 48 9.83 -3.69 -6.82
C ARG A 48 9.66 -3.02 -5.44
N TRP A 49 10.04 -1.76 -5.39
CA TRP A 49 9.94 -1.00 -4.16
C TRP A 49 8.93 0.13 -4.37
N HIS A 50 8.96 0.68 -5.58
CA HIS A 50 8.07 1.77 -5.92
C HIS A 50 6.63 1.38 -5.57
N ASN A 51 6.19 0.28 -6.18
CA ASN A 51 4.84 -0.21 -5.94
C ASN A 51 4.90 -1.48 -5.08
N HIS A 52 5.50 -1.32 -3.90
CA HIS A 52 5.63 -2.43 -2.97
C HIS A 52 4.88 -2.11 -1.68
N LEU A 53 4.92 -0.84 -1.30
CA LEU A 53 4.25 -0.40 -0.09
C LEU A 53 2.75 -0.67 -0.21
N ASN A 54 2.39 -1.91 0.12
CA ASN A 54 0.99 -2.30 0.05
C ASN A 54 0.25 -1.72 1.26
N PRO A 55 0.84 -1.93 2.46
CA PRO A 55 0.24 -1.45 3.69
C PRO A 55 0.42 0.07 3.82
N GLU A 56 0.35 0.54 5.06
CA GLU A 56 0.51 1.95 5.34
C GLU A 56 -0.30 2.78 4.35
N VAL A 57 -1.51 3.15 4.77
CA VAL A 57 -2.39 3.94 3.93
C VAL A 57 -1.83 5.36 3.81
N LYS A 58 -1.01 5.73 4.77
CA LYS A 58 -0.40 7.04 4.79
C LYS A 58 0.43 7.21 6.06
N LYS A 59 1.61 7.79 5.88
CA LYS A 59 2.51 8.02 7.00
C LYS A 59 2.00 9.19 7.83
N SER A 60 1.59 8.88 9.05
CA SER A 60 1.09 9.90 9.95
C SER A 60 -0.40 10.15 9.68
N SER A 61 -1.17 9.09 9.81
CA SER A 61 -2.61 9.18 9.58
C SER A 61 -3.25 7.79 9.74
N TRP A 62 -4.34 7.60 9.03
CA TRP A 62 -5.06 6.34 9.08
C TRP A 62 -4.14 5.25 8.54
N THR A 63 -4.60 4.01 8.65
CA THR A 63 -3.84 2.88 8.16
C THR A 63 -4.72 1.96 7.31
N GLU A 64 -4.33 0.70 7.25
CA GLU A 64 -5.06 -0.28 6.47
C GLU A 64 -6.25 -0.79 7.26
N GLU A 65 -5.97 -1.76 8.13
CA GLU A 65 -7.01 -2.35 8.96
C GLU A 65 -7.90 -1.25 9.56
N GLU A 66 -7.28 -0.12 9.86
CA GLU A 66 -7.99 1.01 10.43
C GLU A 66 -9.02 1.54 9.44
N ASP A 67 -8.64 1.53 8.16
CA ASP A 67 -9.51 2.00 7.11
C ASP A 67 -10.72 1.06 6.99
N ARG A 68 -10.42 -0.22 6.87
CA ARG A 68 -11.47 -1.22 6.75
C ARG A 68 -12.43 -1.12 7.93
N ILE A 69 -11.88 -1.33 9.12
CA ILE A 69 -12.67 -1.27 10.34
C ILE A 69 -13.74 -0.17 10.19
N ILE A 70 -13.28 1.01 9.79
CA ILE A 70 -14.17 2.14 9.61
C ILE A 70 -15.34 1.72 8.70
N PHE A 71 -14.98 1.38 7.47
CA PHE A 71 -15.98 0.96 6.49
C PHE A 71 -16.69 -0.31 6.95
N GLU A 72 -16.09 -0.97 7.93
CA GLU A 72 -16.66 -2.20 8.46
C GLU A 72 -17.65 -1.88 9.58
N ALA A 73 -17.62 -0.64 10.02
CA ALA A 73 -18.52 -0.19 11.08
C ALA A 73 -19.57 0.75 10.49
N HIS A 74 -19.14 1.51 9.49
CA HIS A 74 -20.04 2.45 8.84
C HIS A 74 -21.14 1.69 8.11
N LYS A 75 -20.92 0.39 7.94
CA LYS A 75 -21.88 -0.45 7.27
C LYS A 75 -22.63 -1.30 8.29
N VAL A 76 -22.50 -0.89 9.54
CA VAL A 76 -23.16 -1.60 10.64
C VAL A 76 -24.10 -0.64 11.37
N LEU A 77 -23.62 0.58 11.55
CA LEU A 77 -24.40 1.60 12.24
C LEU A 77 -24.73 2.73 11.26
N GLY A 78 -23.72 3.52 10.95
CA GLY A 78 -23.88 4.63 10.03
C GLY A 78 -22.79 5.69 10.24
N ASN A 79 -23.24 6.90 10.52
CA ASN A 79 -22.32 8.01 10.74
C ASN A 79 -21.98 8.09 12.22
N ARG A 80 -22.12 6.94 12.90
CA ARG A 80 -21.83 6.86 14.32
C ARG A 80 -20.32 6.94 14.56
N TRP A 81 -19.73 8.02 14.07
CA TRP A 81 -18.31 8.23 14.22
C TRP A 81 -17.96 8.09 15.70
N ALA A 82 -18.87 8.55 16.54
CA ALA A 82 -18.68 8.48 17.98
C ALA A 82 -18.51 7.01 18.39
N GLU A 83 -19.02 6.13 17.54
CA GLU A 83 -18.93 4.70 17.81
C GLU A 83 -17.83 4.07 16.96
N ILE A 84 -17.62 4.66 15.78
CA ILE A 84 -16.60 4.17 14.87
C ILE A 84 -15.24 4.22 15.56
N ALA A 85 -14.95 5.37 16.15
CA ALA A 85 -13.69 5.56 16.85
C ALA A 85 -13.62 4.61 18.04
N LYS A 86 -14.78 4.37 18.64
CA LYS A 86 -14.87 3.49 19.79
C LYS A 86 -14.30 2.12 19.42
N LEU A 87 -14.58 1.71 18.19
CA LEU A 87 -14.11 0.42 17.69
C LEU A 87 -12.61 0.52 17.39
N LEU A 88 -12.13 1.76 17.34
CA LEU A 88 -10.72 2.00 17.05
C LEU A 88 -9.97 2.16 18.38
N PRO A 89 -8.61 2.10 18.27
CA PRO A 89 -7.77 2.23 19.45
C PRO A 89 -7.70 3.69 19.90
N GLY A 90 -8.45 4.53 19.21
CA GLY A 90 -8.47 5.95 19.54
C GLY A 90 -8.23 6.80 18.29
N ARG A 91 -9.31 7.39 17.79
CA ARG A 91 -9.22 8.23 16.61
C ARG A 91 -10.36 9.26 16.62
N THR A 92 -10.88 9.52 17.80
CA THR A 92 -11.96 10.48 17.96
C THR A 92 -13.03 10.24 16.88
N ASP A 93 -14.01 11.13 16.86
CA ASP A 93 -15.09 11.04 15.90
C ASP A 93 -14.81 11.98 14.72
N ASN A 94 -14.63 13.25 15.07
CA ASN A 94 -14.36 14.27 14.05
C ASN A 94 -13.34 13.72 13.06
N ALA A 95 -12.48 12.84 13.55
CA ALA A 95 -11.45 12.23 12.72
C ALA A 95 -12.11 11.32 11.70
N VAL A 96 -12.73 10.26 12.21
CA VAL A 96 -13.40 9.30 11.34
C VAL A 96 -14.38 10.04 10.42
N LYS A 97 -15.26 10.81 11.05
CA LYS A 97 -16.25 11.57 10.31
C LYS A 97 -15.58 12.22 9.10
N ASN A 98 -14.66 13.12 9.39
CA ASN A 98 -13.95 13.82 8.34
C ASN A 98 -13.26 12.80 7.43
N HIS A 99 -12.50 11.91 8.06
CA HIS A 99 -11.79 10.88 7.32
C HIS A 99 -12.71 10.27 6.27
N TRP A 100 -14.00 10.33 6.55
CA TRP A 100 -15.00 9.79 5.63
C TRP A 100 -14.93 10.59 4.34
N ASN A 101 -15.36 11.83 4.42
CA ASN A 101 -15.35 12.71 3.26
C ASN A 101 -13.91 13.02 2.87
N SER A 102 -12.99 12.54 3.70
CA SER A 102 -11.58 12.76 3.45
C SER A 102 -11.12 11.93 2.25
N THR A 103 -10.88 10.65 2.52
CA THR A 103 -10.43 9.75 1.47
C THR A 103 -11.40 8.57 1.35
N ILE A 104 -12.26 8.43 2.35
CA ILE A 104 -13.25 7.36 2.35
C ILE A 104 -14.54 7.86 1.71
N LYS A 105 -14.37 8.70 0.69
CA LYS A 105 -15.52 9.25 -0.02
C LYS A 105 -15.13 9.52 -1.47
N ARG A 106 -14.98 8.44 -2.22
CA ARG A 106 -14.61 8.55 -3.63
C ARG A 106 -15.71 9.26 -4.42
N LYS A 107 -16.90 8.66 -4.37
CA LYS A 107 -18.04 9.22 -5.06
C LYS A 107 -18.48 10.50 -4.37
N VAL A 108 -17.83 11.60 -4.75
CA VAL A 108 -18.14 12.89 -4.18
C VAL A 108 -19.06 13.66 -5.13
N ASP A 109 -18.66 13.71 -6.39
CA ASP A 109 -19.43 14.40 -7.40
C ASP A 109 -20.38 13.41 -8.08
N THR A 110 -20.83 12.44 -7.30
CA THR A 110 -21.73 11.43 -7.80
C THR A 110 -21.06 10.61 -8.91
N GLY A 1 36.58 14.07 1.12
CA GLY A 1 35.96 12.86 0.59
C GLY A 1 36.03 12.84 -0.93
N ILE A 2 35.26 11.92 -1.50
CA ILE A 2 35.21 11.78 -2.95
C ILE A 2 33.77 11.98 -3.43
N PRO A 3 33.65 12.70 -4.57
CA PRO A 3 32.34 12.98 -5.14
C PRO A 3 31.76 11.73 -5.82
N ASP A 4 32.49 10.64 -5.69
CA ASP A 4 32.07 9.38 -6.28
C ASP A 4 31.52 8.46 -5.18
N LEU A 5 30.33 8.81 -4.71
CA LEU A 5 29.69 8.03 -3.66
C LEU A 5 30.71 7.68 -2.58
N VAL A 6 30.66 8.43 -1.49
CA VAL A 6 31.58 8.21 -0.38
C VAL A 6 31.24 6.90 0.30
N LYS A 7 30.62 7.02 1.48
CA LYS A 7 30.23 5.85 2.25
C LYS A 7 28.88 5.35 1.74
N GLY A 8 28.69 5.46 0.43
CA GLY A 8 27.45 5.03 -0.18
C GLY A 8 26.35 6.06 0.01
N PRO A 9 26.69 7.34 -0.29
CA PRO A 9 25.74 8.43 -0.15
C PRO A 9 24.73 8.41 -1.29
N TRP A 10 23.47 8.25 -0.92
CA TRP A 10 22.39 8.21 -1.90
C TRP A 10 21.49 9.43 -1.64
N THR A 11 20.88 9.43 -0.46
CA THR A 11 20.00 10.52 -0.08
C THR A 11 18.71 10.45 -0.90
N LYS A 12 17.95 11.54 -0.84
CA LYS A 12 16.70 11.62 -1.58
C LYS A 12 16.98 11.78 -3.06
N GLU A 13 18.21 12.19 -3.36
CA GLU A 13 18.62 12.38 -4.74
C GLU A 13 18.61 11.05 -5.48
N GLU A 14 19.45 10.15 -5.01
CA GLU A 14 19.57 8.83 -5.63
C GLU A 14 18.18 8.18 -5.74
N ASP A 15 17.27 8.66 -4.90
CA ASP A 15 15.91 8.14 -4.89
C ASP A 15 15.05 8.94 -5.87
N GLN A 16 15.51 10.15 -6.15
CA GLN A 16 14.80 11.04 -7.06
C GLN A 16 15.15 10.69 -8.51
N LYS A 17 16.33 10.12 -8.68
CA LYS A 17 16.79 9.73 -10.00
C LYS A 17 16.19 8.37 -10.37
N VAL A 18 16.43 7.41 -9.48
CA VAL A 18 15.92 6.06 -9.70
C VAL A 18 14.39 6.12 -9.88
N ILE A 19 13.79 7.10 -9.22
CA ILE A 19 12.36 7.27 -9.29
C ILE A 19 11.98 7.81 -10.67
N GLU A 20 12.40 9.03 -10.92
CA GLU A 20 12.12 9.67 -12.20
C GLU A 20 12.54 8.77 -13.36
N LEU A 21 13.41 7.82 -13.05
CA LEU A 21 13.89 6.88 -14.04
C LEU A 21 12.93 5.69 -14.12
N VAL A 22 12.63 5.13 -12.96
CA VAL A 22 11.74 3.99 -12.88
C VAL A 22 10.40 4.36 -13.53
N LYS A 23 9.98 5.59 -13.29
CA LYS A 23 8.73 6.08 -13.84
C LYS A 23 8.90 6.33 -15.34
N LYS A 24 10.07 6.83 -15.70
CA LYS A 24 10.37 7.12 -17.09
C LYS A 24 10.58 5.79 -17.84
N TYR A 25 10.91 4.77 -17.07
CA TYR A 25 11.15 3.45 -17.65
C TYR A 25 9.88 2.59 -17.60
N GLY A 26 9.29 2.54 -16.42
CA GLY A 26 8.08 1.75 -16.22
C GLY A 26 8.23 0.78 -15.06
N THR A 27 9.41 0.82 -14.44
CA THR A 27 9.70 -0.06 -13.32
C THR A 27 9.98 -1.48 -13.82
N LYS A 28 10.92 -1.57 -14.75
CA LYS A 28 11.29 -2.86 -15.32
C LYS A 28 12.80 -3.02 -15.24
N GLN A 29 13.50 -2.14 -15.94
CA GLN A 29 14.95 -2.17 -15.96
C GLN A 29 15.52 -1.66 -14.63
N TRP A 30 15.48 -2.53 -13.63
CA TRP A 30 15.98 -2.18 -12.31
C TRP A 30 17.49 -1.91 -12.44
N THR A 31 18.03 -2.33 -13.56
CA THR A 31 19.45 -2.14 -13.81
C THR A 31 19.83 -0.66 -13.68
N LEU A 32 18.96 0.18 -14.19
CA LEU A 32 19.18 1.62 -14.14
C LEU A 32 19.51 2.02 -12.70
N ILE A 33 18.69 1.55 -11.78
CA ILE A 33 18.88 1.85 -10.37
C ILE A 33 20.30 1.49 -9.97
N ALA A 34 20.78 0.40 -10.53
CA ALA A 34 22.14 -0.05 -10.23
C ALA A 34 23.08 0.40 -11.35
N LYS A 35 22.56 1.31 -12.17
CA LYS A 35 23.35 1.84 -13.28
C LYS A 35 23.61 3.32 -13.05
N HIS A 36 22.58 4.01 -12.57
CA HIS A 36 22.68 5.43 -12.30
C HIS A 36 23.31 5.65 -10.93
N LEU A 37 23.31 4.58 -10.14
CA LEU A 37 23.87 4.65 -8.79
C LEU A 37 24.92 3.54 -8.64
N LYS A 38 26.03 3.71 -9.34
CA LYS A 38 27.11 2.75 -9.28
C LYS A 38 28.02 3.07 -8.10
N GLY A 39 27.40 3.39 -6.98
CA GLY A 39 28.14 3.72 -5.78
C GLY A 39 28.54 2.46 -5.01
N ARG A 40 27.70 1.44 -5.11
CA ARG A 40 27.96 0.18 -4.44
C ARG A 40 26.95 -0.88 -4.89
N LEU A 41 27.19 -1.41 -6.08
CA LEU A 41 26.32 -2.44 -6.63
C LEU A 41 24.88 -2.15 -6.21
N GLY A 42 24.15 -1.50 -7.10
CA GLY A 42 22.76 -1.17 -6.84
C GLY A 42 21.85 -2.35 -7.12
N LYS A 43 22.30 -3.53 -6.71
CA LYS A 43 21.54 -4.76 -6.92
C LYS A 43 20.29 -4.71 -6.03
N GLN A 44 20.37 -3.92 -4.98
CA GLN A 44 19.25 -3.78 -4.06
C GLN A 44 18.05 -3.18 -4.78
N CYS A 45 17.37 -4.02 -5.54
CA CYS A 45 16.19 -3.59 -6.28
C CYS A 45 15.01 -3.55 -5.32
N ARG A 46 13.94 -2.91 -5.78
CA ARG A 46 12.73 -2.80 -4.99
C ARG A 46 13.10 -2.61 -3.50
N GLU A 47 13.24 -1.35 -3.12
CA GLU A 47 13.59 -1.03 -1.74
C GLU A 47 13.28 0.45 -1.46
N ARG A 48 12.64 0.67 -0.32
CA ARG A 48 12.28 2.02 0.08
C ARG A 48 11.24 2.61 -0.88
N TRP A 49 10.58 1.72 -1.60
CA TRP A 49 9.57 2.12 -2.56
C TRP A 49 8.41 1.13 -2.47
N HIS A 50 8.76 -0.15 -2.51
CA HIS A 50 7.76 -1.20 -2.44
C HIS A 50 7.68 -1.73 -1.01
N ASN A 51 8.51 -2.72 -0.72
CA ASN A 51 8.53 -3.31 0.60
C ASN A 51 8.24 -2.24 1.65
N HIS A 52 8.77 -1.05 1.41
CA HIS A 52 8.58 0.07 2.31
C HIS A 52 7.13 0.11 2.76
N LEU A 53 6.27 0.58 1.86
CA LEU A 53 4.85 0.68 2.14
C LEU A 53 4.16 1.46 1.02
N ASN A 54 4.24 2.78 1.14
CA ASN A 54 3.63 3.65 0.15
C ASN A 54 2.20 3.17 -0.14
N PRO A 55 1.34 3.27 0.92
CA PRO A 55 -0.05 2.85 0.79
C PRO A 55 -0.86 3.87 0.00
N GLU A 56 -2.16 3.84 0.21
CA GLU A 56 -3.05 4.75 -0.47
C GLU A 56 -4.18 5.22 0.46
N VAL A 57 -3.76 5.78 1.59
CA VAL A 57 -4.71 6.25 2.58
C VAL A 57 -4.81 7.78 2.47
N LYS A 58 -4.06 8.34 1.53
CA LYS A 58 -4.06 9.77 1.32
C LYS A 58 -3.45 10.46 2.54
N LYS A 59 -3.47 11.79 2.50
CA LYS A 59 -2.93 12.58 3.60
C LYS A 59 -3.91 12.54 4.78
N SER A 60 -3.39 12.13 5.93
CA SER A 60 -4.20 12.04 7.12
C SER A 60 -3.37 11.48 8.28
N SER A 61 -3.63 10.22 8.60
CA SER A 61 -2.93 9.55 9.67
C SER A 61 -3.66 8.27 10.07
N TRP A 62 -4.19 7.59 9.07
CA TRP A 62 -4.91 6.35 9.29
C TRP A 62 -4.01 5.19 8.89
N THR A 63 -4.61 4.00 8.85
CA THR A 63 -3.85 2.81 8.48
C THR A 63 -4.70 1.94 7.55
N GLU A 64 -4.32 0.67 7.49
CA GLU A 64 -5.02 -0.29 6.65
C GLU A 64 -6.31 -0.75 7.33
N GLU A 65 -6.15 -1.65 8.29
CA GLU A 65 -7.28 -2.18 9.03
C GLU A 65 -8.23 -1.04 9.42
N GLU A 66 -7.65 0.12 9.68
CA GLU A 66 -8.44 1.27 10.06
C GLU A 66 -9.37 1.69 8.92
N ASP A 67 -8.87 1.52 7.70
CA ASP A 67 -9.65 1.86 6.52
C ASP A 67 -10.81 0.88 6.37
N ARG A 68 -10.46 -0.40 6.33
CA ARG A 68 -11.46 -1.44 6.19
C ARG A 68 -12.47 -1.38 7.35
N ILE A 69 -11.94 -1.57 8.55
CA ILE A 69 -12.76 -1.54 9.74
C ILE A 69 -13.79 -0.42 9.62
N ILE A 70 -13.31 0.81 9.74
CA ILE A 70 -14.18 1.97 9.64
C ILE A 70 -15.09 1.81 8.43
N PHE A 71 -14.48 1.56 7.28
CA PHE A 71 -15.23 1.38 6.05
C PHE A 71 -16.30 0.30 6.21
N GLU A 72 -16.17 -0.47 7.28
CA GLU A 72 -17.12 -1.53 7.56
C GLU A 72 -18.06 -1.12 8.69
N ALA A 73 -17.46 -0.54 9.73
CA ALA A 73 -18.23 -0.10 10.88
C ALA A 73 -19.42 0.73 10.40
N HIS A 74 -19.17 1.57 9.41
CA HIS A 74 -20.20 2.43 8.86
C HIS A 74 -21.31 1.56 8.26
N LYS A 75 -21.01 0.28 8.12
CA LYS A 75 -21.97 -0.66 7.57
C LYS A 75 -22.56 -1.51 8.70
N VAL A 76 -22.35 -1.03 9.91
CA VAL A 76 -22.85 -1.73 11.09
C VAL A 76 -23.80 -0.82 11.86
N LEU A 77 -23.42 0.45 11.92
CA LEU A 77 -24.23 1.44 12.62
C LEU A 77 -24.65 2.54 11.65
N GLY A 78 -23.68 3.38 11.31
CA GLY A 78 -23.93 4.48 10.39
C GLY A 78 -22.88 5.58 10.54
N ASN A 79 -23.36 6.79 10.76
CA ASN A 79 -22.48 7.93 10.94
C ASN A 79 -22.12 8.07 12.41
N ARG A 80 -22.21 6.95 13.12
CA ARG A 80 -21.89 6.94 14.55
C ARG A 80 -20.38 7.07 14.75
N TRP A 81 -19.82 8.14 14.20
CA TRP A 81 -18.41 8.39 14.32
C TRP A 81 -18.03 8.31 15.79
N ALA A 82 -18.94 8.79 16.63
CA ALA A 82 -18.72 8.78 18.06
C ALA A 82 -18.47 7.34 18.53
N GLU A 83 -19.03 6.41 17.77
CA GLU A 83 -18.88 5.00 18.10
C GLU A 83 -17.76 4.39 17.26
N ILE A 84 -17.65 4.87 16.03
CA ILE A 84 -16.62 4.37 15.13
C ILE A 84 -15.26 4.48 15.80
N ALA A 85 -14.96 5.68 16.30
CA ALA A 85 -13.70 5.93 16.96
C ALA A 85 -13.60 5.05 18.21
N LYS A 86 -14.67 5.08 19.00
CA LYS A 86 -14.72 4.31 20.22
C LYS A 86 -14.31 2.86 19.92
N LEU A 87 -14.55 2.47 18.68
CA LEU A 87 -14.20 1.12 18.26
C LEU A 87 -12.71 1.04 18.00
N LEU A 88 -12.16 2.12 17.48
CA LEU A 88 -10.74 2.19 17.17
C LEU A 88 -10.08 3.23 18.07
N PRO A 89 -9.28 2.73 19.05
CA PRO A 89 -8.59 3.60 19.98
C PRO A 89 -7.40 4.28 19.30
N GLY A 90 -7.46 5.60 19.26
CA GLY A 90 -6.41 6.39 18.64
C GLY A 90 -6.97 7.62 17.93
N ARG A 91 -8.15 7.43 17.35
CA ARG A 91 -8.81 8.51 16.63
C ARG A 91 -10.17 8.81 17.27
N THR A 92 -10.63 10.03 17.03
CA THR A 92 -11.91 10.46 17.57
C THR A 92 -12.97 10.46 16.48
N ASP A 93 -14.14 10.99 16.83
CA ASP A 93 -15.25 11.05 15.89
C ASP A 93 -14.88 11.99 14.74
N ASN A 94 -14.72 13.26 15.08
CA ASN A 94 -14.37 14.26 14.09
C ASN A 94 -13.30 13.69 13.15
N ALA A 95 -12.50 12.79 13.69
CA ALA A 95 -11.45 12.16 12.91
C ALA A 95 -12.07 11.23 11.87
N VAL A 96 -12.74 10.20 12.36
CA VAL A 96 -13.39 9.24 11.49
C VAL A 96 -14.38 9.96 10.58
N LYS A 97 -15.30 10.69 11.20
CA LYS A 97 -16.30 11.43 10.46
C LYS A 97 -15.64 12.05 9.22
N ASN A 98 -14.63 12.87 9.47
CA ASN A 98 -13.91 13.54 8.40
C ASN A 98 -13.30 12.49 7.48
N HIS A 99 -12.78 11.44 8.10
CA HIS A 99 -12.15 10.36 7.35
C HIS A 99 -13.13 9.81 6.32
N TRP A 100 -14.40 10.13 6.52
CA TRP A 100 -15.44 9.68 5.62
C TRP A 100 -15.33 10.50 4.33
N ASN A 101 -15.25 11.82 4.50
CA ASN A 101 -15.14 12.72 3.37
C ASN A 101 -13.67 12.89 3.00
N SER A 102 -12.81 12.30 3.83
CA SER A 102 -11.38 12.39 3.61
C SER A 102 -10.99 11.53 2.41
N THR A 103 -10.89 10.23 2.67
CA THR A 103 -10.52 9.29 1.62
C THR A 103 -11.51 8.13 1.58
N ILE A 104 -12.35 8.07 2.61
CA ILE A 104 -13.34 7.00 2.71
C ILE A 104 -14.63 7.46 2.03
N LYS A 105 -14.47 8.30 1.01
CA LYS A 105 -15.60 8.81 0.28
C LYS A 105 -15.44 8.49 -1.21
N ARG A 106 -14.94 7.30 -1.47
CA ARG A 106 -14.73 6.85 -2.84
C ARG A 106 -16.07 6.69 -3.57
N LYS A 107 -16.88 5.79 -3.04
CA LYS A 107 -18.19 5.53 -3.63
C LYS A 107 -19.11 6.71 -3.35
N VAL A 108 -19.21 7.58 -4.36
CA VAL A 108 -20.05 8.76 -4.24
C VAL A 108 -20.38 9.29 -5.64
N ASP A 109 -19.33 9.53 -6.41
CA ASP A 109 -19.48 10.04 -7.77
C ASP A 109 -18.27 9.62 -8.60
N THR A 110 -18.31 8.38 -9.06
CA THR A 110 -17.24 7.85 -9.88
C THR A 110 -15.91 7.88 -9.10
N GLY A 1 -32.17 -20.34 -27.07
CA GLY A 1 -31.83 -19.93 -28.42
C GLY A 1 -31.68 -18.41 -28.52
N ILE A 2 -30.50 -17.99 -28.95
CA ILE A 2 -30.21 -16.57 -29.09
C ILE A 2 -29.10 -16.38 -30.12
N PRO A 3 -28.87 -15.09 -30.49
CA PRO A 3 -27.85 -14.76 -31.46
C PRO A 3 -26.45 -14.87 -30.85
N ASP A 4 -25.53 -14.10 -31.42
CA ASP A 4 -24.15 -14.10 -30.93
C ASP A 4 -24.08 -13.30 -29.62
N LEU A 5 -23.21 -13.78 -28.74
CA LEU A 5 -23.03 -13.12 -27.45
C LEU A 5 -24.37 -13.06 -26.73
N VAL A 6 -24.52 -13.91 -25.73
CA VAL A 6 -25.73 -13.98 -24.95
C VAL A 6 -25.66 -12.96 -23.81
N LYS A 7 -26.18 -11.77 -24.07
CA LYS A 7 -26.17 -10.71 -23.07
C LYS A 7 -24.75 -10.54 -22.53
N GLY A 8 -23.79 -11.05 -23.29
CA GLY A 8 -22.40 -10.97 -22.89
C GLY A 8 -21.95 -12.24 -22.17
N PRO A 9 -21.58 -13.26 -22.98
CA PRO A 9 -21.13 -14.53 -22.44
C PRO A 9 -19.72 -14.42 -21.86
N TRP A 10 -19.64 -14.51 -20.54
CA TRP A 10 -18.36 -14.42 -19.85
C TRP A 10 -18.06 -15.78 -19.22
N THR A 11 -16.82 -15.95 -18.82
CA THR A 11 -16.38 -17.20 -18.21
C THR A 11 -15.18 -16.96 -17.29
N LYS A 12 -14.80 -18.01 -16.58
CA LYS A 12 -13.67 -17.92 -15.67
C LYS A 12 -12.56 -17.11 -16.32
N GLU A 13 -12.49 -17.20 -17.64
CA GLU A 13 -11.49 -16.47 -18.39
C GLU A 13 -11.68 -14.97 -18.22
N GLU A 14 -12.90 -14.52 -18.45
CA GLU A 14 -13.23 -13.11 -18.32
C GLU A 14 -12.81 -12.60 -16.94
N ASP A 15 -12.65 -13.54 -16.02
CA ASP A 15 -12.26 -13.19 -14.66
C ASP A 15 -10.73 -13.24 -14.54
N GLN A 16 -10.14 -14.10 -15.36
CA GLN A 16 -8.69 -14.25 -15.37
C GLN A 16 -8.04 -13.09 -16.13
N LYS A 17 -8.77 -12.59 -17.11
CA LYS A 17 -8.27 -11.49 -17.91
C LYS A 17 -8.46 -10.17 -17.16
N VAL A 18 -9.70 -9.94 -16.75
CA VAL A 18 -10.04 -8.73 -16.02
C VAL A 18 -9.17 -8.66 -14.74
N ILE A 19 -8.74 -9.83 -14.30
CA ILE A 19 -7.91 -9.90 -13.11
C ILE A 19 -6.51 -9.36 -13.42
N GLU A 20 -5.74 -10.17 -14.13
CA GLU A 20 -4.40 -9.77 -14.50
C GLU A 20 -4.39 -8.37 -15.11
N LEU A 21 -5.56 -7.99 -15.61
CA LEU A 21 -5.71 -6.67 -16.23
C LEU A 21 -5.84 -5.62 -15.14
N VAL A 22 -6.89 -5.75 -14.34
CA VAL A 22 -7.13 -4.82 -13.25
C VAL A 22 -5.91 -4.77 -12.34
N LYS A 23 -5.08 -5.80 -12.45
CA LYS A 23 -3.89 -5.89 -11.65
C LYS A 23 -2.82 -4.96 -12.23
N LYS A 24 -2.58 -5.12 -13.52
CA LYS A 24 -1.59 -4.30 -14.21
C LYS A 24 -2.12 -2.88 -14.35
N TYR A 25 -3.43 -2.75 -14.22
CA TYR A 25 -4.08 -1.45 -14.32
C TYR A 25 -4.23 -0.80 -12.95
N GLY A 26 -4.86 -1.54 -12.05
CA GLY A 26 -5.08 -1.05 -10.70
C GLY A 26 -6.45 -1.50 -10.17
N THR A 27 -7.40 -0.59 -10.25
CA THR A 27 -8.75 -0.88 -9.78
C THR A 27 -9.66 0.33 -10.01
N LYS A 28 -9.43 1.01 -11.13
CA LYS A 28 -10.22 2.18 -11.47
C LYS A 28 -10.39 2.25 -12.99
N GLN A 29 -10.16 1.10 -13.63
CA GLN A 29 -10.28 1.03 -15.07
C GLN A 29 -11.24 -0.09 -15.47
N TRP A 30 -12.48 0.06 -15.02
CA TRP A 30 -13.51 -0.91 -15.32
C TRP A 30 -13.58 -1.09 -16.84
N THR A 31 -13.05 -0.10 -17.53
CA THR A 31 -13.05 -0.13 -18.99
C THR A 31 -12.34 -1.39 -19.49
N LEU A 32 -11.18 -1.65 -18.91
CA LEU A 32 -10.40 -2.83 -19.29
C LEU A 32 -11.28 -4.08 -19.16
N ILE A 33 -12.35 -3.94 -18.39
CA ILE A 33 -13.26 -5.04 -18.16
C ILE A 33 -14.36 -5.01 -19.23
N ALA A 34 -14.86 -3.80 -19.48
CA ALA A 34 -15.90 -3.61 -20.46
C ALA A 34 -15.28 -3.23 -21.81
N LYS A 35 -14.00 -3.54 -21.93
CA LYS A 35 -13.27 -3.23 -23.15
C LYS A 35 -12.69 -4.52 -23.73
N HIS A 36 -12.20 -5.37 -22.84
CA HIS A 36 -11.61 -6.62 -23.24
C HIS A 36 -12.72 -7.67 -23.44
N LEU A 37 -13.92 -7.28 -23.05
CA LEU A 37 -15.08 -8.16 -23.18
C LEU A 37 -16.27 -7.36 -23.71
N LYS A 38 -16.45 -7.41 -25.02
CA LYS A 38 -17.54 -6.70 -25.65
C LYS A 38 -18.74 -7.64 -25.77
N GLY A 39 -19.43 -7.81 -24.66
CA GLY A 39 -20.60 -8.68 -24.63
C GLY A 39 -21.58 -8.22 -23.53
N ARG A 40 -21.01 -7.83 -22.40
CA ARG A 40 -21.82 -7.38 -21.27
C ARG A 40 -21.33 -6.02 -20.78
N LEU A 41 -21.86 -5.61 -19.64
CA LEU A 41 -21.50 -4.34 -19.06
C LEU A 41 -20.20 -4.50 -18.25
N GLY A 42 -19.84 -3.44 -17.55
CA GLY A 42 -18.64 -3.45 -16.74
C GLY A 42 -18.79 -2.54 -15.52
N LYS A 43 -19.38 -3.10 -14.48
CA LYS A 43 -19.59 -2.37 -13.25
C LYS A 43 -20.05 -3.32 -12.15
N GLN A 44 -21.00 -4.18 -12.51
CA GLN A 44 -21.52 -5.15 -11.57
C GLN A 44 -20.82 -6.50 -11.73
N CYS A 45 -19.69 -6.62 -11.07
CA CYS A 45 -18.90 -7.85 -11.13
C CYS A 45 -17.92 -7.84 -9.97
N ARG A 46 -16.74 -7.28 -10.24
CA ARG A 46 -15.70 -7.21 -9.22
C ARG A 46 -15.95 -6.03 -8.29
N GLU A 47 -16.83 -6.26 -7.32
CA GLU A 47 -17.16 -5.22 -6.36
C GLU A 47 -16.18 -5.25 -5.18
N ARG A 48 -16.00 -6.43 -4.64
CA ARG A 48 -15.09 -6.61 -3.52
C ARG A 48 -13.66 -6.83 -4.02
N TRP A 49 -13.28 -6.01 -4.99
CA TRP A 49 -11.95 -6.11 -5.56
C TRP A 49 -11.59 -4.75 -6.16
N HIS A 50 -12.53 -4.20 -6.92
CA HIS A 50 -12.34 -2.91 -7.55
C HIS A 50 -12.49 -1.80 -6.52
N ASN A 51 -13.12 -2.16 -5.41
CA ASN A 51 -13.35 -1.21 -4.33
C ASN A 51 -12.53 -1.63 -3.11
N HIS A 52 -11.27 -1.91 -3.34
CA HIS A 52 -10.37 -2.32 -2.28
C HIS A 52 -9.15 -1.39 -2.23
N LEU A 53 -8.16 -1.74 -3.05
CA LEU A 53 -6.95 -0.95 -3.11
C LEU A 53 -6.34 -0.84 -1.71
N ASN A 54 -6.74 0.21 -1.00
CA ASN A 54 -6.23 0.43 0.34
C ASN A 54 -4.72 0.58 0.30
N PRO A 55 -4.26 1.70 -0.34
CA PRO A 55 -2.83 1.97 -0.45
C PRO A 55 -2.27 2.46 0.88
N GLU A 56 -1.14 3.16 0.78
CA GLU A 56 -0.49 3.69 1.96
C GLU A 56 -1.24 4.90 2.49
N VAL A 57 -1.80 4.73 3.69
CA VAL A 57 -2.56 5.81 4.32
C VAL A 57 -1.61 6.65 5.18
N LYS A 58 -0.33 6.53 4.89
CA LYS A 58 0.69 7.27 5.62
C LYS A 58 0.81 6.69 7.03
N LYS A 59 2.00 6.85 7.61
CA LYS A 59 2.25 6.35 8.95
C LYS A 59 1.39 7.11 9.95
N SER A 60 1.75 8.37 10.17
CA SER A 60 1.01 9.21 11.10
C SER A 60 -0.37 9.51 10.55
N SER A 61 -1.19 8.47 10.48
CA SER A 61 -2.54 8.60 9.97
C SER A 61 -3.26 7.24 10.03
N TRP A 62 -4.33 7.15 9.25
CA TRP A 62 -5.11 5.92 9.21
C TRP A 62 -4.21 4.82 8.64
N THR A 63 -4.77 3.61 8.60
CA THR A 63 -4.04 2.47 8.08
C THR A 63 -4.96 1.56 7.28
N GLU A 64 -4.58 0.30 7.19
CA GLU A 64 -5.36 -0.68 6.45
C GLU A 64 -6.53 -1.18 7.32
N GLU A 65 -6.23 -2.15 8.16
CA GLU A 65 -7.23 -2.72 9.04
C GLU A 65 -8.06 -1.62 9.68
N GLU A 66 -7.45 -0.44 9.80
CA GLU A 66 -8.12 0.69 10.39
C GLU A 66 -9.20 1.23 9.45
N ASP A 67 -8.83 1.34 8.17
CA ASP A 67 -9.75 1.84 7.17
C ASP A 67 -10.97 0.91 7.10
N ARG A 68 -10.69 -0.38 6.99
CA ARG A 68 -11.75 -1.37 6.91
C ARG A 68 -12.69 -1.23 8.10
N ILE A 69 -12.14 -1.49 9.28
CA ILE A 69 -12.93 -1.39 10.51
C ILE A 69 -13.90 -0.22 10.40
N ILE A 70 -13.40 0.89 9.87
CA ILE A 70 -14.21 2.08 9.70
C ILE A 70 -15.36 1.77 8.75
N PHE A 71 -15.01 1.59 7.49
CA PHE A 71 -16.01 1.30 6.47
C PHE A 71 -16.98 0.22 6.95
N GLU A 72 -16.50 -0.61 7.87
CA GLU A 72 -17.32 -1.68 8.42
C GLU A 72 -18.27 -1.11 9.48
N ALA A 73 -17.71 -0.79 10.62
CA ALA A 73 -18.49 -0.24 11.73
C ALA A 73 -19.45 0.81 11.18
N HIS A 74 -19.06 1.40 10.06
CA HIS A 74 -19.87 2.43 9.44
C HIS A 74 -21.17 1.81 8.91
N LYS A 75 -21.02 0.68 8.24
CA LYS A 75 -22.16 -0.03 7.68
C LYS A 75 -22.81 -0.89 8.77
N VAL A 76 -22.31 -0.72 9.98
CA VAL A 76 -22.82 -1.46 11.13
C VAL A 76 -23.47 -0.49 12.11
N LEU A 77 -23.18 0.79 11.91
CA LEU A 77 -23.73 1.83 12.76
C LEU A 77 -24.40 2.90 11.91
N GLY A 78 -23.67 3.34 10.88
CA GLY A 78 -24.19 4.35 9.99
C GLY A 78 -23.68 5.74 10.39
N ASN A 79 -22.59 6.14 9.73
CA ASN A 79 -21.99 7.44 10.00
C ASN A 79 -21.95 7.67 11.52
N ARG A 80 -22.00 6.56 12.25
CA ARG A 80 -21.96 6.63 13.71
C ARG A 80 -20.54 6.92 14.18
N TRP A 81 -19.95 7.95 13.60
CA TRP A 81 -18.59 8.33 13.95
C TRP A 81 -18.49 8.34 15.49
N ALA A 82 -19.60 8.72 16.11
CA ALA A 82 -19.64 8.79 17.56
C ALA A 82 -19.24 7.43 18.13
N GLU A 83 -19.40 6.40 17.32
CA GLU A 83 -19.07 5.05 17.73
C GLU A 83 -17.93 4.49 16.87
N ILE A 84 -18.07 4.70 15.57
CA ILE A 84 -17.06 4.23 14.64
C ILE A 84 -15.66 4.53 15.20
N ALA A 85 -15.58 5.65 15.91
CA ALA A 85 -14.32 6.05 16.50
C ALA A 85 -14.08 5.26 17.79
N LYS A 86 -15.14 5.13 18.58
CA LYS A 86 -15.07 4.40 19.83
C LYS A 86 -14.45 3.03 19.57
N LEU A 87 -14.58 2.58 18.33
CA LEU A 87 -14.04 1.28 17.94
C LEU A 87 -12.51 1.39 17.82
N LEU A 88 -12.06 2.54 17.34
CA LEU A 88 -10.64 2.78 17.17
C LEU A 88 -10.16 3.76 18.25
N PRO A 89 -9.27 3.23 19.14
CA PRO A 89 -8.74 4.05 20.22
C PRO A 89 -7.68 5.03 19.69
N GLY A 90 -7.97 6.31 19.88
CA GLY A 90 -7.06 7.35 19.43
C GLY A 90 -7.69 8.18 18.31
N ARG A 91 -8.93 7.84 18.00
CA ARG A 91 -9.65 8.55 16.95
C ARG A 91 -11.06 8.90 17.43
N THR A 92 -11.38 10.19 17.33
CA THR A 92 -12.68 10.68 17.75
C THR A 92 -13.68 10.58 16.60
N ASP A 93 -14.87 11.11 16.84
CA ASP A 93 -15.91 11.10 15.84
C ASP A 93 -15.58 12.11 14.74
N ASN A 94 -14.89 13.17 15.15
CA ASN A 94 -14.49 14.21 14.21
C ASN A 94 -13.31 13.72 13.38
N ALA A 95 -12.67 12.67 13.88
CA ALA A 95 -11.52 12.09 13.19
C ALA A 95 -12.01 11.30 11.98
N VAL A 96 -12.80 10.28 12.26
CA VAL A 96 -13.34 9.43 11.21
C VAL A 96 -14.28 10.26 10.32
N LYS A 97 -15.32 10.79 10.95
CA LYS A 97 -16.29 11.60 10.24
C LYS A 97 -15.58 12.38 9.14
N ASN A 98 -14.44 12.95 9.49
CA ASN A 98 -13.65 13.73 8.55
C ASN A 98 -12.98 12.78 7.55
N HIS A 99 -12.19 11.87 8.10
CA HIS A 99 -11.48 10.91 7.27
C HIS A 99 -12.43 10.34 6.22
N TRP A 100 -13.71 10.34 6.56
CA TRP A 100 -14.72 9.83 5.66
C TRP A 100 -14.73 10.71 4.41
N ASN A 101 -15.17 11.95 4.59
CA ASN A 101 -15.24 12.89 3.50
C ASN A 101 -13.81 13.28 3.08
N SER A 102 -12.85 12.76 3.83
CA SER A 102 -11.45 13.04 3.55
C SER A 102 -11.01 12.31 2.28
N THR A 103 -10.71 11.03 2.44
CA THR A 103 -10.27 10.22 1.32
C THR A 103 -11.20 9.02 1.14
N ILE A 104 -12.02 8.79 2.17
CA ILE A 104 -12.95 7.68 2.13
C ILE A 104 -14.29 8.16 1.56
N LYS A 105 -14.19 9.08 0.60
CA LYS A 105 -15.37 9.62 -0.03
C LYS A 105 -15.03 10.02 -1.47
N ARG A 106 -15.70 9.36 -2.41
CA ARG A 106 -15.48 9.63 -3.82
C ARG A 106 -16.17 10.94 -4.22
N LYS A 107 -17.49 10.90 -4.22
CA LYS A 107 -18.27 12.08 -4.59
C LYS A 107 -18.14 13.13 -3.48
N VAL A 108 -17.00 13.81 -3.49
CA VAL A 108 -16.74 14.85 -2.51
C VAL A 108 -15.80 15.89 -3.11
N ASP A 109 -14.75 15.40 -3.73
CA ASP A 109 -13.76 16.27 -4.35
C ASP A 109 -13.08 15.53 -5.50
N THR A 110 -13.79 15.45 -6.62
CA THR A 110 -13.28 14.78 -7.80
C THR A 110 -14.18 15.05 -9.00
N GLY A 1 52.44 -14.14 0.06
CA GLY A 1 52.27 -15.12 1.11
C GLY A 1 51.02 -14.84 1.93
N ILE A 2 50.12 -15.82 1.98
CA ILE A 2 48.89 -15.68 2.72
C ILE A 2 48.14 -17.01 2.71
N PRO A 3 47.05 -17.08 3.53
CA PRO A 3 46.25 -18.28 3.61
C PRO A 3 45.36 -18.44 2.38
N ASP A 4 44.43 -19.38 2.46
CA ASP A 4 43.52 -19.65 1.36
C ASP A 4 42.64 -18.41 1.13
N LEU A 5 41.78 -18.52 0.12
CA LEU A 5 40.88 -17.42 -0.20
C LEU A 5 41.59 -16.43 -1.12
N VAL A 6 42.71 -16.89 -1.69
CA VAL A 6 43.49 -16.06 -2.58
C VAL A 6 43.09 -16.36 -4.03
N LYS A 7 44.11 -16.54 -4.86
CA LYS A 7 43.87 -16.83 -6.26
C LYS A 7 42.70 -15.99 -6.77
N GLY A 8 42.54 -14.83 -6.15
CA GLY A 8 41.46 -13.93 -6.52
C GLY A 8 40.49 -13.72 -5.35
N PRO A 9 40.91 -12.82 -4.42
CA PRO A 9 40.10 -12.53 -3.25
C PRO A 9 38.92 -11.62 -3.62
N TRP A 10 37.75 -11.98 -3.11
CA TRP A 10 36.55 -11.21 -3.39
C TRP A 10 36.48 -10.07 -2.38
N THR A 11 35.74 -9.03 -2.76
CA THR A 11 35.59 -7.86 -1.91
C THR A 11 34.20 -7.24 -2.09
N LYS A 12 34.08 -6.01 -1.62
CA LYS A 12 32.82 -5.30 -1.72
C LYS A 12 32.19 -5.59 -3.09
N GLU A 13 32.97 -5.34 -4.13
CA GLU A 13 32.50 -5.56 -5.49
C GLU A 13 31.79 -6.92 -5.58
N GLU A 14 32.37 -7.90 -4.91
CA GLU A 14 31.80 -9.25 -4.91
C GLU A 14 30.36 -9.20 -4.39
N ASP A 15 30.17 -8.52 -3.27
CA ASP A 15 28.86 -8.40 -2.67
C ASP A 15 27.92 -7.70 -3.65
N GLN A 16 28.43 -6.64 -4.26
CA GLN A 16 27.65 -5.87 -5.21
C GLN A 16 27.13 -6.80 -6.32
N LYS A 17 27.80 -7.92 -6.48
CA LYS A 17 27.42 -8.88 -7.49
C LYS A 17 26.10 -9.55 -7.09
N VAL A 18 26.13 -10.19 -5.92
CA VAL A 18 24.95 -10.86 -5.41
C VAL A 18 23.73 -9.96 -5.60
N ILE A 19 23.97 -8.67 -5.49
CA ILE A 19 22.89 -7.70 -5.64
C ILE A 19 22.46 -7.65 -7.11
N GLU A 20 23.45 -7.47 -7.98
CA GLU A 20 23.18 -7.41 -9.41
C GLU A 20 22.57 -8.73 -9.90
N LEU A 21 22.88 -9.79 -9.17
CA LEU A 21 22.36 -11.10 -9.51
C LEU A 21 20.88 -11.18 -9.14
N VAL A 22 20.61 -11.07 -7.85
CA VAL A 22 19.25 -11.12 -7.36
C VAL A 22 18.37 -10.20 -8.21
N LYS A 23 19.01 -9.25 -8.86
CA LYS A 23 18.31 -8.29 -9.71
C LYS A 23 17.91 -8.99 -11.01
N LYS A 24 18.87 -9.69 -11.60
CA LYS A 24 18.63 -10.39 -12.84
C LYS A 24 18.13 -11.80 -12.54
N TYR A 25 18.10 -12.11 -11.25
CA TYR A 25 17.64 -13.42 -10.82
C TYR A 25 16.27 -13.33 -10.14
N GLY A 26 16.19 -12.46 -9.15
CA GLY A 26 14.94 -12.27 -8.43
C GLY A 26 15.11 -12.66 -6.95
N THR A 27 14.80 -13.90 -6.66
CA THR A 27 14.90 -14.40 -5.29
C THR A 27 14.48 -15.88 -5.24
N LYS A 28 14.83 -16.60 -6.28
CA LYS A 28 14.49 -18.01 -6.37
C LYS A 28 15.75 -18.84 -6.06
N GLN A 29 16.88 -18.32 -6.50
CA GLN A 29 18.14 -19.00 -6.28
C GLN A 29 18.99 -18.24 -5.26
N TRP A 30 18.54 -18.30 -4.01
CA TRP A 30 19.23 -17.63 -2.94
C TRP A 30 20.62 -18.26 -2.80
N THR A 31 20.79 -19.38 -3.48
CA THR A 31 22.05 -20.09 -3.45
C THR A 31 23.15 -19.28 -4.16
N LEU A 32 22.77 -18.73 -5.31
CA LEU A 32 23.69 -17.93 -6.09
C LEU A 32 24.31 -16.85 -5.20
N ILE A 33 23.58 -16.50 -4.16
CA ILE A 33 24.04 -15.48 -3.23
C ILE A 33 25.12 -16.09 -2.32
N ALA A 34 24.87 -17.30 -1.88
CA ALA A 34 25.81 -18.00 -1.01
C ALA A 34 26.60 -19.01 -1.84
N LYS A 35 26.55 -18.82 -3.15
CA LYS A 35 27.25 -19.72 -4.05
C LYS A 35 28.33 -18.93 -4.80
N HIS A 36 28.10 -17.63 -4.91
CA HIS A 36 29.03 -16.76 -5.59
C HIS A 36 30.06 -16.22 -4.60
N LEU A 37 29.57 -15.72 -3.48
CA LEU A 37 30.43 -15.19 -2.44
C LEU A 37 30.92 -16.33 -1.55
N LYS A 38 31.94 -17.02 -2.04
CA LYS A 38 32.51 -18.13 -1.29
C LYS A 38 33.34 -17.59 -0.13
N GLY A 39 34.15 -18.48 0.43
CA GLY A 39 35.01 -18.11 1.55
C GLY A 39 34.21 -18.05 2.85
N ARG A 40 33.10 -17.31 2.80
CA ARG A 40 32.24 -17.17 3.96
C ARG A 40 30.77 -17.28 3.55
N LEU A 41 29.91 -17.08 4.54
CA LEU A 41 28.47 -17.16 4.29
C LEU A 41 28.05 -16.02 3.38
N GLY A 42 26.77 -16.00 3.04
CA GLY A 42 26.23 -14.97 2.18
C GLY A 42 26.36 -13.59 2.83
N LYS A 43 25.22 -12.93 2.98
CA LYS A 43 25.20 -11.60 3.57
C LYS A 43 23.76 -11.23 3.93
N GLN A 44 23.25 -11.88 4.97
CA GLN A 44 21.89 -11.63 5.41
C GLN A 44 20.88 -12.06 4.33
N CYS A 45 20.31 -13.24 4.54
CA CYS A 45 19.35 -13.77 3.60
C CYS A 45 18.00 -13.10 3.87
N ARG A 46 17.48 -12.45 2.84
CA ARG A 46 16.20 -11.76 2.95
C ARG A 46 16.29 -10.64 3.98
N GLU A 47 16.69 -9.47 3.50
CA GLU A 47 16.82 -8.31 4.36
C GLU A 47 17.08 -7.05 3.53
N ARG A 48 16.32 -6.93 2.44
CA ARG A 48 16.45 -5.79 1.56
C ARG A 48 15.46 -5.89 0.41
N TRP A 49 15.27 -7.11 -0.06
CA TRP A 49 14.34 -7.36 -1.15
C TRP A 49 13.11 -8.06 -0.59
N HIS A 50 13.34 -8.84 0.45
CA HIS A 50 12.26 -9.57 1.10
C HIS A 50 11.49 -8.63 2.04
N ASN A 51 12.25 -7.82 2.76
CA ASN A 51 11.66 -6.87 3.69
C ASN A 51 11.89 -5.45 3.17
N HIS A 52 10.92 -4.98 2.39
CA HIS A 52 10.99 -3.64 1.83
C HIS A 52 9.62 -3.21 1.34
N LEU A 53 9.12 -3.93 0.35
CA LEU A 53 7.82 -3.63 -0.22
C LEU A 53 6.74 -3.90 0.83
N ASN A 54 6.39 -2.84 1.57
CA ASN A 54 5.38 -2.94 2.59
C ASN A 54 4.98 -1.53 3.06
N PRO A 55 4.38 -0.77 2.12
CA PRO A 55 3.95 0.59 2.42
C PRO A 55 2.69 0.59 3.28
N GLU A 56 1.97 1.69 3.22
CA GLU A 56 0.74 1.84 3.98
C GLU A 56 -0.32 2.57 3.17
N VAL A 57 -1.41 2.90 3.83
CA VAL A 57 -2.50 3.61 3.18
C VAL A 57 -2.03 5.00 2.77
N LYS A 58 -1.31 5.65 3.68
CA LYS A 58 -0.80 6.98 3.44
C LYS A 58 0.00 7.45 4.66
N LYS A 59 1.21 6.92 4.76
CA LYS A 59 2.09 7.26 5.87
C LYS A 59 1.24 7.49 7.14
N SER A 60 1.71 8.41 7.97
CA SER A 60 1.01 8.72 9.20
C SER A 60 -0.49 8.84 8.94
N SER A 61 -1.25 8.90 10.02
CA SER A 61 -2.69 9.01 9.92
C SER A 61 -3.33 7.63 9.99
N TRP A 62 -4.44 7.49 9.29
CA TRP A 62 -5.17 6.23 9.27
C TRP A 62 -4.23 5.17 8.67
N THR A 63 -4.68 3.93 8.73
CA THR A 63 -3.91 2.82 8.20
C THR A 63 -4.79 1.89 7.37
N GLU A 64 -4.35 0.65 7.25
CA GLU A 64 -5.08 -0.34 6.48
C GLU A 64 -6.27 -0.87 7.30
N GLU A 65 -5.97 -1.82 8.17
CA GLU A 65 -7.00 -2.41 9.01
C GLU A 65 -7.93 -1.32 9.56
N GLU A 66 -7.32 -0.19 9.89
CA GLU A 66 -8.08 0.93 10.43
C GLU A 66 -9.11 1.41 9.40
N ASP A 67 -8.68 1.46 8.15
CA ASP A 67 -9.54 1.90 7.07
C ASP A 67 -10.77 0.99 7.00
N ARG A 68 -10.51 -0.31 6.89
CA ARG A 68 -11.57 -1.28 6.82
C ARG A 68 -12.51 -1.14 8.01
N ILE A 69 -11.95 -1.37 9.20
CA ILE A 69 -12.73 -1.27 10.41
C ILE A 69 -13.77 -0.16 10.27
N ILE A 70 -13.31 0.99 9.82
CA ILE A 70 -14.19 2.13 9.63
C ILE A 70 -15.36 1.72 8.71
N PHE A 71 -15.01 1.41 7.48
CA PHE A 71 -16.01 1.00 6.50
C PHE A 71 -16.72 -0.27 6.95
N GLU A 72 -16.14 -0.91 7.95
CA GLU A 72 -16.71 -2.14 8.48
C GLU A 72 -17.62 -1.84 9.68
N ALA A 73 -17.51 -0.61 10.16
CA ALA A 73 -18.31 -0.17 11.30
C ALA A 73 -19.32 0.88 10.83
N HIS A 74 -19.04 1.45 9.67
CA HIS A 74 -19.91 2.47 9.11
C HIS A 74 -21.16 1.80 8.53
N LYS A 75 -21.01 0.53 8.17
CA LYS A 75 -22.11 -0.22 7.60
C LYS A 75 -22.81 -1.02 8.71
N VAL A 76 -22.45 -0.68 9.94
CA VAL A 76 -23.04 -1.36 11.09
C VAL A 76 -23.91 -0.37 11.87
N LEU A 77 -23.59 0.91 11.70
CA LEU A 77 -24.34 1.96 12.38
C LEU A 77 -24.91 2.92 11.34
N GLY A 78 -23.99 3.53 10.58
CA GLY A 78 -24.39 4.47 9.55
C GLY A 78 -23.42 5.66 9.50
N ASN A 79 -23.24 6.30 10.64
CA ASN A 79 -22.35 7.44 10.74
C ASN A 79 -21.98 7.68 12.20
N ARG A 80 -22.08 6.62 12.99
CA ARG A 80 -21.76 6.70 14.40
C ARG A 80 -20.26 6.85 14.59
N TRP A 81 -19.73 7.94 14.07
CA TRP A 81 -18.31 8.21 14.18
C TRP A 81 -17.94 8.18 15.67
N ALA A 82 -18.85 8.69 16.48
CA ALA A 82 -18.63 8.73 17.92
C ALA A 82 -18.39 7.31 18.43
N GLU A 83 -18.76 6.34 17.60
CA GLU A 83 -18.59 4.95 17.95
C GLU A 83 -17.48 4.31 17.11
N ILE A 84 -17.48 4.67 15.83
CA ILE A 84 -16.49 4.15 14.90
C ILE A 84 -15.10 4.25 15.54
N ALA A 85 -14.88 5.36 16.22
CA ALA A 85 -13.60 5.59 16.87
C ALA A 85 -13.42 4.58 18.00
N LYS A 86 -14.52 4.29 18.68
CA LYS A 86 -14.50 3.34 19.77
C LYS A 86 -13.81 2.05 19.31
N LEU A 87 -13.80 1.85 18.00
CA LEU A 87 -13.19 0.68 17.42
C LEU A 87 -11.70 0.96 17.15
N LEU A 88 -11.42 2.22 16.87
CA LEU A 88 -10.05 2.64 16.59
C LEU A 88 -9.41 3.14 17.88
N PRO A 89 -8.05 3.15 17.89
CA PRO A 89 -7.29 3.60 19.04
C PRO A 89 -7.34 5.12 19.16
N GLY A 90 -8.42 5.61 19.75
CA GLY A 90 -8.59 7.05 19.93
C GLY A 90 -8.81 7.75 18.58
N ARG A 91 -10.08 8.01 18.28
CA ARG A 91 -10.44 8.67 17.04
C ARG A 91 -11.65 9.57 17.25
N THR A 92 -11.92 9.85 18.51
CA THR A 92 -13.06 10.70 18.86
C THR A 92 -14.23 10.43 17.92
N ASP A 93 -14.45 11.36 17.02
CA ASP A 93 -15.54 11.23 16.05
C ASP A 93 -15.25 12.13 14.85
N ASN A 94 -14.86 13.36 15.13
CA ASN A 94 -14.55 14.32 14.09
C ASN A 94 -13.40 13.77 13.23
N ALA A 95 -12.73 12.77 13.77
CA ALA A 95 -11.61 12.16 13.06
C ALA A 95 -12.14 11.28 11.93
N VAL A 96 -12.82 10.21 12.32
CA VAL A 96 -13.39 9.28 11.35
C VAL A 96 -14.32 10.05 10.41
N LYS A 97 -15.33 10.68 11.00
CA LYS A 97 -16.29 11.45 10.21
C LYS A 97 -15.55 12.18 9.09
N ASN A 98 -14.61 13.03 9.49
CA ASN A 98 -13.84 13.79 8.53
C ASN A 98 -13.09 12.83 7.60
N HIS A 99 -12.59 11.76 8.19
CA HIS A 99 -11.86 10.76 7.43
C HIS A 99 -12.77 10.18 6.34
N TRP A 100 -14.06 10.24 6.60
CA TRP A 100 -15.04 9.73 5.66
C TRP A 100 -15.00 10.61 4.40
N ASN A 101 -15.01 11.91 4.62
CA ASN A 101 -14.97 12.86 3.53
C ASN A 101 -13.52 13.16 3.17
N SER A 102 -12.62 12.51 3.89
CA SER A 102 -11.19 12.69 3.67
C SER A 102 -10.76 11.94 2.41
N THR A 103 -10.62 10.63 2.56
CA THR A 103 -10.21 9.78 1.45
C THR A 103 -11.20 8.62 1.28
N ILE A 104 -12.09 8.50 2.24
CA ILE A 104 -13.09 7.44 2.21
C ILE A 104 -14.40 8.00 1.66
N LYS A 105 -14.27 8.86 0.66
CA LYS A 105 -15.43 9.47 0.03
C LYS A 105 -15.33 9.31 -1.49
N ARG A 106 -15.03 8.08 -1.90
CA ARG A 106 -14.91 7.78 -3.32
C ARG A 106 -16.29 7.62 -3.94
N LYS A 107 -17.02 6.64 -3.44
CA LYS A 107 -18.36 6.37 -3.94
C LYS A 107 -19.27 7.57 -3.64
N VAL A 108 -19.13 8.58 -4.47
CA VAL A 108 -19.93 9.79 -4.31
C VAL A 108 -20.14 10.44 -5.68
N ASP A 109 -19.05 10.58 -6.41
CA ASP A 109 -19.11 11.18 -7.74
C ASP A 109 -19.34 10.09 -8.78
N THR A 110 -20.18 9.13 -8.41
CA THR A 110 -20.49 8.02 -9.30
C THR A 110 -19.21 7.44 -9.90
N GLY A 1 25.96 -38.01 -4.94
CA GLY A 1 25.86 -38.64 -3.64
C GLY A 1 24.80 -37.96 -2.77
N ILE A 2 23.72 -37.54 -3.42
CA ILE A 2 22.64 -36.87 -2.73
C ILE A 2 21.49 -36.62 -3.70
N PRO A 3 20.24 -36.70 -3.16
CA PRO A 3 19.06 -36.48 -3.97
C PRO A 3 18.87 -35.00 -4.27
N ASP A 4 17.66 -34.66 -4.68
CA ASP A 4 17.32 -33.28 -5.01
C ASP A 4 17.28 -32.45 -3.72
N LEU A 5 17.87 -31.27 -3.81
CA LEU A 5 17.92 -30.37 -2.66
C LEU A 5 18.23 -31.18 -1.40
N VAL A 6 19.49 -31.13 -1.00
CA VAL A 6 19.94 -31.84 0.19
C VAL A 6 19.38 -31.16 1.43
N LYS A 7 20.23 -30.35 2.05
CA LYS A 7 19.83 -29.63 3.25
C LYS A 7 19.14 -28.32 2.85
N GLY A 8 18.41 -28.38 1.74
CA GLY A 8 17.70 -27.22 1.25
C GLY A 8 18.67 -26.25 0.56
N PRO A 9 19.48 -26.83 -0.37
CA PRO A 9 20.44 -26.02 -1.11
C PRO A 9 19.75 -25.20 -2.19
N TRP A 10 19.77 -23.88 -1.99
CA TRP A 10 19.15 -22.97 -2.95
C TRP A 10 20.27 -22.15 -3.60
N THR A 11 19.90 -21.50 -4.69
CA THR A 11 20.84 -20.68 -5.43
C THR A 11 20.12 -19.56 -6.19
N LYS A 12 20.91 -18.65 -6.73
CA LYS A 12 20.35 -17.53 -7.47
C LYS A 12 19.23 -18.04 -8.38
N GLU A 13 19.40 -19.28 -8.84
CA GLU A 13 18.40 -19.89 -9.71
C GLU A 13 17.05 -19.97 -9.00
N GLU A 14 17.11 -20.40 -7.75
CA GLU A 14 15.90 -20.53 -6.95
C GLU A 14 15.15 -19.20 -6.89
N ASP A 15 15.93 -18.13 -6.75
CA ASP A 15 15.36 -16.80 -6.69
C ASP A 15 14.89 -16.36 -8.08
N GLN A 16 15.84 -16.16 -8.96
CA GLN A 16 15.54 -15.76 -10.32
C GLN A 16 14.36 -16.57 -10.86
N LYS A 17 14.19 -17.76 -10.29
CA LYS A 17 13.12 -18.64 -10.71
C LYS A 17 11.77 -18.04 -10.25
N VAL A 18 11.47 -18.26 -8.98
CA VAL A 18 10.24 -17.76 -8.41
C VAL A 18 9.98 -16.35 -8.92
N ILE A 19 11.07 -15.67 -9.25
CA ILE A 19 10.99 -14.30 -9.75
C ILE A 19 10.42 -14.32 -11.18
N GLU A 20 11.31 -14.57 -12.12
CA GLU A 20 10.91 -14.62 -13.52
C GLU A 20 9.73 -15.58 -13.71
N LEU A 21 9.55 -16.44 -12.72
CA LEU A 21 8.47 -17.40 -12.77
C LEU A 21 7.15 -16.70 -12.43
N VAL A 22 7.06 -16.23 -11.20
CA VAL A 22 5.87 -15.54 -10.74
C VAL A 22 5.49 -14.46 -11.76
N LYS A 23 6.49 -14.02 -12.51
CA LYS A 23 6.27 -13.00 -13.52
C LYS A 23 5.64 -13.64 -14.75
N LYS A 24 6.03 -14.87 -15.01
CA LYS A 24 5.51 -15.60 -16.16
C LYS A 24 4.31 -16.45 -15.71
N TYR A 25 4.08 -16.44 -14.42
CA TYR A 25 2.97 -17.19 -13.86
C TYR A 25 1.88 -16.26 -13.32
N GLY A 26 2.30 -15.33 -12.48
CA GLY A 26 1.38 -14.38 -11.89
C GLY A 26 1.39 -14.47 -10.36
N THR A 27 0.32 -15.04 -9.83
CA THR A 27 0.20 -15.19 -8.39
C THR A 27 -1.09 -15.94 -8.04
N LYS A 28 -1.23 -17.11 -8.64
CA LYS A 28 -2.41 -17.93 -8.40
C LYS A 28 -1.96 -19.34 -8.01
N GLN A 29 -0.94 -19.81 -8.70
CA GLN A 29 -0.41 -21.15 -8.43
C GLN A 29 0.39 -21.15 -7.12
N TRP A 30 1.50 -20.43 -7.13
CA TRP A 30 2.35 -20.34 -5.97
C TRP A 30 2.99 -21.71 -5.75
N THR A 31 2.65 -22.64 -6.63
CA THR A 31 3.18 -23.98 -6.55
C THR A 31 4.62 -24.02 -7.05
N LEU A 32 4.87 -23.27 -8.11
CA LEU A 32 6.19 -23.20 -8.70
C LEU A 32 7.21 -22.87 -7.61
N ILE A 33 6.87 -21.87 -6.81
CA ILE A 33 7.75 -21.44 -5.74
C ILE A 33 8.08 -22.65 -4.84
N ALA A 34 7.08 -23.49 -4.66
CA ALA A 34 7.25 -24.68 -3.83
C ALA A 34 7.60 -25.87 -4.73
N LYS A 35 7.89 -25.55 -5.99
CA LYS A 35 8.24 -26.58 -6.95
C LYS A 35 9.67 -26.34 -7.45
N HIS A 36 9.96 -25.07 -7.70
CA HIS A 36 11.28 -24.70 -8.18
C HIS A 36 12.24 -24.54 -7.00
N LEU A 37 11.70 -24.79 -5.82
CA LEU A 37 12.49 -24.69 -4.60
C LEU A 37 12.12 -25.83 -3.65
N LYS A 38 13.14 -26.33 -2.96
CA LYS A 38 12.93 -27.43 -2.02
C LYS A 38 12.86 -28.75 -2.79
N GLY A 39 13.47 -29.76 -2.21
CA GLY A 39 13.48 -31.08 -2.84
C GLY A 39 12.11 -31.42 -3.41
N ARG A 40 11.08 -30.80 -2.83
CA ARG A 40 9.72 -31.03 -3.29
C ARG A 40 8.77 -30.04 -2.62
N LEU A 41 8.85 -29.99 -1.29
CA LEU A 41 8.01 -29.08 -0.53
C LEU A 41 8.35 -27.64 -0.89
N GLY A 42 7.80 -26.72 -0.11
CA GLY A 42 8.04 -25.31 -0.34
C GLY A 42 7.46 -24.46 0.79
N LYS A 43 7.45 -25.05 1.99
CA LYS A 43 6.93 -24.37 3.15
C LYS A 43 7.35 -22.89 3.12
N GLN A 44 8.50 -22.67 2.50
CA GLN A 44 9.03 -21.31 2.39
C GLN A 44 8.39 -20.60 1.20
N CYS A 45 7.07 -20.53 1.22
CA CYS A 45 6.34 -19.88 0.16
C CYS A 45 6.17 -18.41 0.53
N ARG A 46 5.82 -17.61 -0.49
CA ARG A 46 5.62 -16.19 -0.27
C ARG A 46 6.64 -15.65 0.73
N GLU A 47 7.77 -15.22 0.21
CA GLU A 47 8.84 -14.68 1.05
C GLU A 47 9.89 -13.99 0.19
N ARG A 48 9.43 -13.05 -0.62
CA ARG A 48 10.32 -12.30 -1.49
C ARG A 48 9.71 -10.93 -1.82
N TRP A 49 8.42 -10.95 -2.14
CA TRP A 49 7.72 -9.73 -2.48
C TRP A 49 6.55 -9.57 -1.51
N HIS A 50 6.33 -10.62 -0.72
CA HIS A 50 5.26 -10.61 0.26
C HIS A 50 5.70 -9.83 1.50
N ASN A 51 6.83 -10.26 2.05
CA ASN A 51 7.37 -9.62 3.24
C ASN A 51 8.62 -8.82 2.86
N HIS A 52 8.37 -7.64 2.30
CA HIS A 52 9.46 -6.77 1.89
C HIS A 52 9.01 -5.31 1.98
N LEU A 53 7.97 -4.99 1.23
CA LEU A 53 7.44 -3.65 1.23
C LEU A 53 6.29 -3.55 2.23
N ASN A 54 5.15 -4.09 1.81
CA ASN A 54 3.97 -4.07 2.67
C ASN A 54 3.85 -2.71 3.36
N PRO A 55 3.49 -1.69 2.54
CA PRO A 55 3.34 -0.33 3.05
C PRO A 55 2.05 -0.19 3.86
N GLU A 56 1.59 1.04 3.97
CA GLU A 56 0.38 1.33 4.71
C GLU A 56 -0.46 2.37 3.98
N VAL A 57 -1.51 2.84 4.65
CA VAL A 57 -2.39 3.83 4.07
C VAL A 57 -1.74 5.21 4.19
N LYS A 58 -0.60 5.24 4.86
CA LYS A 58 0.14 6.48 5.04
C LYS A 58 1.20 6.28 6.13
N LYS A 59 2.12 7.23 6.19
CA LYS A 59 3.19 7.17 7.17
C LYS A 59 2.79 7.99 8.40
N SER A 60 1.66 8.67 8.27
CA SER A 60 1.16 9.50 9.37
C SER A 60 -0.33 9.80 9.16
N SER A 61 -1.15 8.78 9.37
CA SER A 61 -2.58 8.91 9.20
C SER A 61 -3.27 7.58 9.49
N TRP A 62 -4.41 7.39 8.84
CA TRP A 62 -5.18 6.16 9.01
C TRP A 62 -4.31 4.99 8.53
N THR A 63 -4.85 3.79 8.71
CA THR A 63 -4.14 2.59 8.30
C THR A 63 -5.06 1.69 7.48
N GLU A 64 -4.61 0.45 7.29
CA GLU A 64 -5.39 -0.51 6.53
C GLU A 64 -6.58 -1.02 7.36
N GLU A 65 -6.28 -1.94 8.25
CA GLU A 65 -7.30 -2.51 9.11
C GLU A 65 -8.20 -1.40 9.67
N GLU A 66 -7.59 -0.26 9.91
CA GLU A 66 -8.31 0.88 10.44
C GLU A 66 -9.33 1.38 9.43
N ASP A 67 -8.91 1.41 8.17
CA ASP A 67 -9.78 1.87 7.10
C ASP A 67 -11.02 0.97 7.03
N ARG A 68 -10.77 -0.33 6.95
CA ARG A 68 -11.85 -1.29 6.89
C ARG A 68 -12.80 -1.12 8.06
N ILE A 69 -12.26 -1.30 9.26
CA ILE A 69 -13.04 -1.16 10.47
C ILE A 69 -14.03 0.00 10.30
N ILE A 70 -13.53 1.08 9.74
CA ILE A 70 -14.35 2.26 9.51
C ILE A 70 -15.47 1.92 8.54
N PHE A 71 -15.09 1.67 7.30
CA PHE A 71 -16.05 1.33 6.27
C PHE A 71 -16.99 0.22 6.74
N GLU A 72 -16.52 -0.51 7.74
CA GLU A 72 -17.31 -1.61 8.29
C GLU A 72 -18.34 -1.07 9.30
N ALA A 73 -17.82 -0.59 10.42
CA ALA A 73 -18.68 -0.05 11.47
C ALA A 73 -19.68 0.93 10.84
N HIS A 74 -19.19 1.67 9.86
CA HIS A 74 -20.02 2.65 9.19
C HIS A 74 -21.22 1.94 8.55
N LYS A 75 -21.00 0.68 8.19
CA LYS A 75 -22.05 -0.10 7.57
C LYS A 75 -22.79 -0.90 8.65
N VAL A 76 -22.50 -0.55 9.90
CA VAL A 76 -23.13 -1.22 11.02
C VAL A 76 -23.95 -0.19 11.82
N LEU A 77 -23.62 1.07 11.62
CA LEU A 77 -24.31 2.14 12.32
C LEU A 77 -24.87 3.12 11.29
N GLY A 78 -23.96 3.74 10.56
CA GLY A 78 -24.36 4.71 9.54
C GLY A 78 -23.38 5.89 9.50
N ASN A 79 -23.25 6.54 10.64
CA ASN A 79 -22.36 7.69 10.75
C ASN A 79 -21.98 7.89 12.22
N ARG A 80 -22.08 6.81 12.98
CA ARG A 80 -21.75 6.87 14.39
C ARG A 80 -20.24 7.01 14.58
N TRP A 81 -19.70 8.08 14.03
CA TRP A 81 -18.28 8.34 14.13
C TRP A 81 -17.88 8.28 15.62
N ALA A 82 -18.79 8.75 16.46
CA ALA A 82 -18.55 8.75 17.89
C ALA A 82 -18.35 7.31 18.36
N GLU A 83 -18.83 6.38 17.56
CA GLU A 83 -18.71 4.97 17.89
C GLU A 83 -17.63 4.32 17.02
N ILE A 84 -17.48 4.86 15.81
CA ILE A 84 -16.49 4.34 14.89
C ILE A 84 -15.12 4.31 15.56
N ALA A 85 -14.77 5.45 16.16
CA ALA A 85 -13.50 5.58 16.84
C ALA A 85 -13.44 4.59 18.00
N LYS A 86 -14.60 4.38 18.63
CA LYS A 86 -14.69 3.46 19.76
C LYS A 86 -14.25 2.07 19.30
N LEU A 87 -14.25 1.88 17.99
CA LEU A 87 -13.86 0.60 17.42
C LEU A 87 -12.37 0.65 17.08
N LEU A 88 -11.68 1.63 17.64
CA LEU A 88 -10.26 1.79 17.41
C LEU A 88 -9.56 2.13 18.72
N PRO A 89 -8.21 2.30 18.63
CA PRO A 89 -7.42 2.62 19.81
C PRO A 89 -7.61 4.09 20.21
N GLY A 90 -8.45 4.78 19.43
CA GLY A 90 -8.73 6.18 19.70
C GLY A 90 -8.49 7.03 18.45
N ARG A 91 -9.58 7.57 17.93
CA ARG A 91 -9.52 8.40 16.74
C ARG A 91 -10.67 9.40 16.72
N THR A 92 -11.21 9.65 17.91
CA THR A 92 -12.33 10.58 18.03
C THR A 92 -13.35 10.36 16.92
N ASP A 93 -14.27 11.30 16.81
CA ASP A 93 -15.31 11.22 15.79
C ASP A 93 -14.96 12.17 14.64
N ASN A 94 -14.59 13.38 15.03
CA ASN A 94 -14.24 14.40 14.04
C ASN A 94 -13.21 13.81 13.07
N ALA A 95 -12.38 12.92 13.59
CA ALA A 95 -11.35 12.30 12.79
C ALA A 95 -12.01 11.40 11.74
N VAL A 96 -12.68 10.37 12.23
CA VAL A 96 -13.35 9.42 11.35
C VAL A 96 -14.31 10.19 10.44
N LYS A 97 -15.30 10.83 11.07
CA LYS A 97 -16.28 11.60 10.32
C LYS A 97 -15.59 12.32 9.16
N ASN A 98 -14.61 13.13 9.52
CA ASN A 98 -13.87 13.88 8.52
C ASN A 98 -13.23 12.91 7.52
N HIS A 99 -12.47 11.97 8.06
CA HIS A 99 -11.81 10.98 7.24
C HIS A 99 -12.79 10.44 6.19
N TRP A 100 -14.07 10.52 6.52
CA TRP A 100 -15.10 10.05 5.62
C TRP A 100 -15.07 10.93 4.37
N ASN A 101 -15.46 12.19 4.55
CA ASN A 101 -15.48 13.14 3.45
C ASN A 101 -14.04 13.45 3.03
N SER A 102 -13.10 12.87 3.77
CA SER A 102 -11.70 13.09 3.49
C SER A 102 -11.30 12.34 2.21
N THR A 103 -11.05 11.04 2.38
CA THR A 103 -10.67 10.21 1.26
C THR A 103 -11.65 9.03 1.11
N ILE A 104 -12.45 8.83 2.14
CA ILE A 104 -13.43 7.76 2.15
C ILE A 104 -14.75 8.27 1.56
N LYS A 105 -14.62 9.23 0.65
CA LYS A 105 -15.78 9.81 0.01
C LYS A 105 -15.42 10.22 -1.42
N ARG A 106 -16.12 9.61 -2.37
CA ARG A 106 -15.87 9.90 -3.77
C ARG A 106 -16.58 11.20 -4.17
N LYS A 107 -17.91 11.15 -4.12
CA LYS A 107 -18.70 12.32 -4.46
C LYS A 107 -18.49 13.41 -3.43
N VAL A 108 -17.28 13.95 -3.43
CA VAL A 108 -16.93 15.01 -2.49
C VAL A 108 -15.87 15.92 -3.12
N ASP A 109 -14.81 15.29 -3.62
CA ASP A 109 -13.74 16.03 -4.25
C ASP A 109 -13.02 15.12 -5.24
N THR A 110 -13.67 14.88 -6.36
CA THR A 110 -13.11 14.02 -7.39
C THR A 110 -11.68 14.46 -7.72
N GLY A 1 6.28 -33.18 -19.15
CA GLY A 1 5.12 -33.22 -20.04
C GLY A 1 5.02 -31.94 -20.86
N ILE A 2 6.15 -31.56 -21.46
CA ILE A 2 6.19 -30.35 -22.27
C ILE A 2 7.26 -30.52 -23.35
N PRO A 3 6.81 -30.41 -24.62
CA PRO A 3 7.71 -30.55 -25.75
C PRO A 3 8.56 -29.29 -25.93
N ASP A 4 8.36 -28.35 -25.02
CA ASP A 4 9.10 -27.10 -25.06
C ASP A 4 10.46 -27.30 -24.38
N LEU A 5 11.15 -26.19 -24.17
CA LEU A 5 12.45 -26.23 -23.53
C LEU A 5 12.29 -26.55 -22.05
N VAL A 6 13.09 -27.50 -21.59
CA VAL A 6 13.04 -27.93 -20.20
C VAL A 6 14.46 -27.96 -19.64
N LYS A 7 15.37 -28.51 -20.43
CA LYS A 7 16.76 -28.62 -20.03
C LYS A 7 17.45 -27.27 -20.22
N GLY A 8 16.65 -26.27 -20.58
CA GLY A 8 17.17 -24.94 -20.80
C GLY A 8 16.05 -23.98 -21.22
N PRO A 9 15.06 -23.81 -20.29
CA PRO A 9 13.94 -22.92 -20.56
C PRO A 9 14.35 -21.46 -20.42
N TRP A 10 13.49 -20.59 -20.92
CA TRP A 10 13.75 -19.16 -20.87
C TRP A 10 14.04 -18.79 -19.41
N THR A 11 14.86 -17.76 -19.25
CA THR A 11 15.23 -17.30 -17.92
C THR A 11 15.12 -15.78 -17.84
N LYS A 12 15.70 -15.23 -16.79
CA LYS A 12 15.67 -13.79 -16.57
C LYS A 12 15.82 -13.08 -17.92
N GLU A 13 16.94 -13.35 -18.58
CA GLU A 13 17.20 -12.75 -19.87
C GLU A 13 15.93 -12.73 -20.73
N GLU A 14 15.54 -13.92 -21.17
CA GLU A 14 14.35 -14.05 -22.00
C GLU A 14 13.16 -13.36 -21.32
N ASP A 15 13.12 -13.48 -20.00
CA ASP A 15 12.04 -12.87 -19.24
C ASP A 15 12.12 -11.34 -19.38
N GLN A 16 13.34 -10.86 -19.55
CA GLN A 16 13.56 -9.43 -19.70
C GLN A 16 12.83 -8.91 -20.94
N LYS A 17 12.72 -9.78 -21.93
CA LYS A 17 12.05 -9.41 -23.17
C LYS A 17 10.55 -9.24 -22.90
N VAL A 18 10.00 -10.21 -22.17
CA VAL A 18 8.59 -10.17 -21.84
C VAL A 18 8.23 -8.80 -21.29
N ILE A 19 8.98 -8.39 -20.28
CA ILE A 19 8.75 -7.10 -19.64
C ILE A 19 8.81 -6.00 -20.71
N GLU A 20 9.68 -6.22 -21.69
CA GLU A 20 9.83 -5.27 -22.77
C GLU A 20 8.58 -5.24 -23.66
N LEU A 21 7.81 -6.32 -23.57
CA LEU A 21 6.59 -6.43 -24.35
C LEU A 21 5.46 -5.71 -23.63
N VAL A 22 5.13 -6.23 -22.44
CA VAL A 22 4.07 -5.65 -21.64
C VAL A 22 4.28 -4.14 -21.55
N LYS A 23 5.52 -3.73 -21.73
CA LYS A 23 5.87 -2.32 -21.68
C LYS A 23 5.36 -1.62 -22.94
N LYS A 24 5.92 -2.04 -24.07
CA LYS A 24 5.53 -1.46 -25.34
C LYS A 24 4.07 -1.80 -25.63
N TYR A 25 3.54 -2.72 -24.84
CA TYR A 25 2.15 -3.13 -24.99
C TYR A 25 1.23 -2.34 -24.04
N GLY A 26 1.56 -2.41 -22.76
CA GLY A 26 0.79 -1.72 -21.75
C GLY A 26 -0.71 -2.04 -21.90
N THR A 27 -1.18 -2.92 -21.02
CA THR A 27 -2.58 -3.32 -21.04
C THR A 27 -2.77 -4.61 -20.26
N LYS A 28 -2.10 -5.65 -20.73
CA LYS A 28 -2.20 -6.96 -20.09
C LYS A 28 -1.33 -7.96 -20.85
N GLN A 29 -1.87 -8.47 -21.94
CA GLN A 29 -1.16 -9.43 -22.75
C GLN A 29 -0.40 -10.43 -21.87
N TRP A 30 -1.07 -10.85 -20.81
CA TRP A 30 -0.47 -11.80 -19.88
C TRP A 30 -0.24 -13.11 -20.62
N THR A 31 -0.85 -13.21 -21.80
CA THR A 31 -0.71 -14.40 -22.62
C THR A 31 0.64 -14.38 -23.36
N LEU A 32 0.97 -13.21 -23.88
CA LEU A 32 2.22 -13.05 -24.61
C LEU A 32 3.39 -13.54 -23.74
N ILE A 33 3.45 -12.98 -22.53
CA ILE A 33 4.51 -13.34 -21.60
C ILE A 33 4.77 -14.84 -21.70
N ALA A 34 3.83 -15.61 -21.17
CA ALA A 34 3.95 -17.06 -21.19
C ALA A 34 4.03 -17.54 -22.65
N LYS A 35 3.01 -17.20 -23.41
CA LYS A 35 2.96 -17.59 -24.81
C LYS A 35 4.34 -17.39 -25.44
N HIS A 36 5.09 -16.44 -24.88
CA HIS A 36 6.42 -16.15 -25.37
C HIS A 36 7.43 -17.08 -24.70
N LEU A 37 7.39 -17.10 -23.38
CA LEU A 37 8.29 -17.93 -22.61
C LEU A 37 7.54 -19.17 -22.12
N LYS A 38 7.73 -20.26 -22.85
CA LYS A 38 7.08 -21.51 -22.50
C LYS A 38 8.11 -22.47 -21.91
N GLY A 39 7.70 -23.73 -21.78
CA GLY A 39 8.58 -24.75 -21.23
C GLY A 39 8.72 -24.58 -19.72
N ARG A 40 7.72 -23.98 -19.11
CA ARG A 40 7.72 -23.75 -17.68
C ARG A 40 6.55 -22.85 -17.27
N LEU A 41 5.42 -23.09 -17.91
CA LEU A 41 4.22 -22.31 -17.63
C LEU A 41 4.62 -20.88 -17.27
N GLY A 42 4.64 -20.03 -18.28
CA GLY A 42 5.00 -18.64 -18.07
C GLY A 42 3.93 -17.91 -17.27
N LYS A 43 3.64 -18.46 -16.09
CA LYS A 43 2.65 -17.87 -15.21
C LYS A 43 3.28 -17.61 -13.84
N GLN A 44 2.49 -17.91 -12.81
CA GLN A 44 2.96 -17.72 -11.44
C GLN A 44 3.87 -16.49 -11.36
N CYS A 45 3.52 -15.49 -12.15
CA CYS A 45 4.30 -14.26 -12.17
C CYS A 45 3.41 -13.14 -11.61
N ARG A 46 2.13 -13.22 -11.91
CA ARG A 46 1.18 -12.22 -11.45
C ARG A 46 1.57 -11.72 -10.06
N GLU A 47 2.02 -12.66 -9.23
CA GLU A 47 2.43 -12.33 -7.88
C GLU A 47 3.82 -11.69 -7.89
N ARG A 48 3.92 -10.56 -8.59
CA ARG A 48 5.18 -9.84 -8.68
C ARG A 48 5.02 -8.60 -9.56
N TRP A 49 4.37 -8.81 -10.71
CA TRP A 49 4.15 -7.71 -11.63
C TRP A 49 2.68 -7.31 -11.54
N HIS A 50 1.89 -8.19 -10.92
CA HIS A 50 0.47 -7.93 -10.76
C HIS A 50 0.17 -7.60 -9.30
N ASN A 51 0.97 -8.18 -8.41
CA ASN A 51 0.81 -7.96 -7.00
C ASN A 51 1.98 -7.12 -6.47
N HIS A 52 2.08 -5.90 -7.00
CA HIS A 52 3.14 -5.00 -6.60
C HIS A 52 2.60 -3.57 -6.52
N LEU A 53 2.52 -2.92 -7.67
CA LEU A 53 2.03 -1.56 -7.75
C LEU A 53 0.80 -1.43 -6.84
N ASN A 54 1.04 -0.89 -5.65
CA ASN A 54 -0.03 -0.70 -4.69
C ASN A 54 0.56 -0.22 -3.36
N PRO A 55 0.39 1.11 -3.11
CA PRO A 55 0.90 1.70 -1.88
C PRO A 55 0.03 1.32 -0.68
N GLU A 56 0.11 2.15 0.34
CA GLU A 56 -0.67 1.91 1.56
C GLU A 56 -0.98 3.23 2.25
N VAL A 57 -1.95 3.17 3.15
CA VAL A 57 -2.37 4.36 3.89
C VAL A 57 -1.40 4.58 5.06
N LYS A 58 -0.39 3.74 5.11
CA LYS A 58 0.60 3.83 6.18
C LYS A 58 1.36 5.15 6.04
N LYS A 59 2.45 5.24 6.80
CA LYS A 59 3.27 6.44 6.78
C LYS A 59 2.53 7.57 7.48
N SER A 60 1.99 7.26 8.64
CA SER A 60 1.25 8.23 9.43
C SER A 60 -0.20 8.29 8.95
N SER A 61 -1.07 8.72 9.84
CA SER A 61 -2.48 8.82 9.53
C SER A 61 -3.15 7.46 9.62
N TRP A 62 -4.28 7.33 8.94
CA TRP A 62 -5.03 6.08 8.94
C TRP A 62 -4.14 5.00 8.30
N THR A 63 -4.62 3.78 8.37
CA THR A 63 -3.90 2.66 7.80
C THR A 63 -4.83 1.78 6.97
N GLU A 64 -4.40 0.53 6.77
CA GLU A 64 -5.20 -0.42 6.00
C GLU A 64 -6.36 -0.95 6.85
N GLU A 65 -6.03 -1.91 7.70
CA GLU A 65 -7.03 -2.51 8.57
C GLU A 65 -7.94 -1.44 9.17
N GLU A 66 -7.32 -0.33 9.54
CA GLU A 66 -8.05 0.78 10.13
C GLU A 66 -9.09 1.31 9.13
N ASP A 67 -8.70 1.32 7.87
CA ASP A 67 -9.58 1.79 6.81
C ASP A 67 -10.83 0.89 6.75
N ARG A 68 -10.58 -0.41 6.69
CA ARG A 68 -11.66 -1.37 6.63
C ARG A 68 -12.53 -1.26 7.88
N ILE A 69 -11.91 -1.49 9.02
CA ILE A 69 -12.62 -1.43 10.29
C ILE A 69 -13.65 -0.30 10.23
N ILE A 70 -13.18 0.87 9.82
CA ILE A 70 -14.05 2.03 9.71
C ILE A 70 -15.25 1.68 8.83
N PHE A 71 -14.95 1.42 7.56
CA PHE A 71 -16.00 1.08 6.60
C PHE A 71 -16.93 0.01 7.17
N GLU A 72 -16.37 -0.84 8.01
CA GLU A 72 -17.14 -1.91 8.63
C GLU A 72 -18.12 -1.33 9.64
N ALA A 73 -17.56 -0.72 10.68
CA ALA A 73 -18.36 -0.13 11.73
C ALA A 73 -19.39 0.83 11.11
N HIS A 74 -19.02 1.36 9.95
CA HIS A 74 -19.89 2.28 9.23
C HIS A 74 -21.01 1.50 8.54
N LYS A 75 -20.72 0.23 8.29
CA LYS A 75 -21.69 -0.64 7.63
C LYS A 75 -22.44 -1.45 8.68
N VAL A 76 -22.27 -1.05 9.93
CA VAL A 76 -22.93 -1.72 11.04
C VAL A 76 -23.85 -0.74 11.75
N LEU A 77 -23.43 0.52 11.78
CA LEU A 77 -24.21 1.55 12.43
C LEU A 77 -24.54 2.64 11.41
N GLY A 78 -23.54 3.46 11.10
CA GLY A 78 -23.72 4.54 10.15
C GLY A 78 -22.66 5.63 10.36
N ASN A 79 -23.15 6.84 10.57
CA ASN A 79 -22.25 7.98 10.77
C ASN A 79 -21.96 8.11 12.27
N ARG A 80 -22.14 7.01 12.98
CA ARG A 80 -21.89 6.99 14.41
C ARG A 80 -20.38 7.08 14.69
N TRP A 81 -19.78 8.13 14.17
CA TRP A 81 -18.35 8.35 14.35
C TRP A 81 -18.05 8.24 15.85
N ALA A 82 -19.01 8.68 16.65
CA ALA A 82 -18.85 8.64 18.09
C ALA A 82 -18.71 7.18 18.54
N GLU A 83 -19.34 6.29 17.79
CA GLU A 83 -19.29 4.87 18.10
C GLU A 83 -18.39 4.15 17.09
N ILE A 84 -18.02 4.88 16.05
CA ILE A 84 -17.16 4.31 15.01
C ILE A 84 -15.71 4.38 15.47
N ALA A 85 -15.35 5.51 16.06
CA ALA A 85 -14.00 5.70 16.55
C ALA A 85 -13.82 4.98 17.89
N LYS A 86 -14.91 4.94 18.64
CA LYS A 86 -14.90 4.29 19.94
C LYS A 86 -14.80 2.77 19.75
N LEU A 87 -14.89 2.36 18.48
CA LEU A 87 -14.80 0.95 18.14
C LEU A 87 -13.35 0.49 18.26
N LEU A 88 -12.47 1.46 18.41
CA LEU A 88 -11.04 1.17 18.53
C LEU A 88 -10.40 2.16 19.51
N PRO A 89 -9.32 1.68 20.18
CA PRO A 89 -8.62 2.49 21.15
C PRO A 89 -7.76 3.55 20.44
N GLY A 90 -8.40 4.66 20.10
CA GLY A 90 -7.72 5.75 19.42
C GLY A 90 -8.61 6.39 18.36
N ARG A 91 -8.35 7.66 18.11
CA ARG A 91 -9.13 8.40 17.12
C ARG A 91 -10.51 8.74 17.68
N THR A 92 -10.94 9.97 17.40
CA THR A 92 -12.22 10.44 17.87
C THR A 92 -13.26 10.36 16.75
N ASP A 93 -14.40 10.98 17.00
CA ASP A 93 -15.48 10.98 16.02
C ASP A 93 -15.12 11.94 14.87
N ASN A 94 -14.71 13.14 15.26
CA ASN A 94 -14.35 14.14 14.28
C ASN A 94 -13.17 13.63 13.44
N ALA A 95 -12.54 12.58 13.94
CA ALA A 95 -11.42 11.97 13.25
C ALA A 95 -11.92 11.13 12.08
N VAL A 96 -12.63 10.06 12.44
CA VAL A 96 -13.17 9.16 11.43
C VAL A 96 -14.15 9.94 10.53
N LYS A 97 -15.05 10.65 11.17
CA LYS A 97 -16.04 11.43 10.45
C LYS A 97 -15.35 12.12 9.26
N ASN A 98 -14.38 12.96 9.58
CA ASN A 98 -13.65 13.67 8.54
C ASN A 98 -13.00 12.67 7.59
N HIS A 99 -12.25 11.74 8.18
CA HIS A 99 -11.57 10.73 7.40
C HIS A 99 -12.53 10.17 6.35
N TRP A 100 -13.81 10.22 6.67
CA TRP A 100 -14.83 9.72 5.77
C TRP A 100 -14.79 10.58 4.49
N ASN A 101 -15.20 11.83 4.63
CA ASN A 101 -15.22 12.74 3.50
C ASN A 101 -13.77 13.06 3.10
N SER A 102 -12.84 12.54 3.88
CA SER A 102 -11.43 12.76 3.62
C SER A 102 -11.00 11.98 2.38
N THR A 103 -10.74 10.70 2.59
CA THR A 103 -10.31 9.83 1.50
C THR A 103 -11.29 8.66 1.34
N ILE A 104 -12.14 8.50 2.35
CA ILE A 104 -13.12 7.42 2.34
C ILE A 104 -14.42 7.95 1.73
N LYS A 105 -14.27 8.84 0.76
CA LYS A 105 -15.42 9.42 0.10
C LYS A 105 -15.04 9.80 -1.34
N ARG A 106 -15.08 8.80 -2.21
CA ARG A 106 -14.73 9.00 -3.60
C ARG A 106 -15.73 9.95 -4.26
N LYS A 107 -17.00 9.75 -3.93
CA LYS A 107 -18.07 10.57 -4.48
C LYS A 107 -18.18 11.86 -3.65
N VAL A 108 -17.19 12.72 -3.81
CA VAL A 108 -17.18 13.98 -3.09
C VAL A 108 -16.33 15.00 -3.85
N ASP A 109 -15.16 14.55 -4.27
CA ASP A 109 -14.25 15.40 -5.02
C ASP A 109 -14.30 16.82 -4.45
N THR A 110 -13.84 16.94 -3.21
CA THR A 110 -13.82 18.23 -2.54
C THR A 110 -13.10 19.27 -3.39
N GLY A 1 -4.34 0.98 -37.10
CA GLY A 1 -4.13 0.91 -38.54
C GLY A 1 -2.90 0.05 -38.87
N ILE A 2 -2.66 -0.95 -38.03
CA ILE A 2 -1.54 -1.84 -38.22
C ILE A 2 -2.05 -3.22 -38.63
N PRO A 3 -1.24 -3.90 -39.49
CA PRO A 3 -1.60 -5.23 -39.96
C PRO A 3 -1.38 -6.27 -38.85
N ASP A 4 -0.95 -5.79 -37.71
CA ASP A 4 -0.70 -6.67 -36.57
C ASP A 4 -1.41 -6.12 -35.34
N LEU A 5 -1.63 -7.02 -34.38
CA LEU A 5 -2.31 -6.63 -33.15
C LEU A 5 -3.78 -6.36 -33.44
N VAL A 6 -4.20 -6.74 -34.63
CA VAL A 6 -5.58 -6.56 -35.04
C VAL A 6 -6.26 -7.91 -35.20
N LYS A 7 -6.97 -8.06 -36.32
CA LYS A 7 -7.66 -9.30 -36.60
C LYS A 7 -8.25 -9.87 -35.30
N GLY A 8 -8.58 -8.96 -34.40
CA GLY A 8 -9.13 -9.35 -33.12
C GLY A 8 -8.34 -8.74 -31.96
N PRO A 9 -8.62 -7.45 -31.69
CA PRO A 9 -7.94 -6.73 -30.63
C PRO A 9 -8.48 -7.16 -29.26
N TRP A 10 -7.56 -7.57 -28.39
CA TRP A 10 -7.92 -8.00 -27.06
C TRP A 10 -8.33 -6.77 -26.26
N THR A 11 -9.46 -6.89 -25.57
CA THR A 11 -9.97 -5.80 -24.76
C THR A 11 -10.09 -6.23 -23.30
N LYS A 12 -10.85 -5.45 -22.55
CA LYS A 12 -11.06 -5.74 -21.14
C LYS A 12 -11.36 -7.23 -20.97
N GLU A 13 -12.46 -7.65 -21.58
CA GLU A 13 -12.87 -9.04 -21.49
C GLU A 13 -11.67 -9.96 -21.69
N GLU A 14 -10.82 -9.58 -22.64
CA GLU A 14 -9.63 -10.36 -22.94
C GLU A 14 -8.65 -10.31 -21.76
N ASP A 15 -8.49 -9.11 -21.23
CA ASP A 15 -7.59 -8.92 -20.11
C ASP A 15 -8.07 -9.75 -18.92
N GLN A 16 -9.29 -9.44 -18.49
CA GLN A 16 -9.88 -10.15 -17.36
C GLN A 16 -9.66 -11.66 -17.51
N LYS A 17 -9.50 -12.08 -18.76
CA LYS A 17 -9.28 -13.48 -19.04
C LYS A 17 -7.96 -13.93 -18.42
N VAL A 18 -6.90 -13.23 -18.80
CA VAL A 18 -5.57 -13.55 -18.29
C VAL A 18 -5.66 -13.81 -16.79
N ILE A 19 -6.24 -12.84 -16.09
CA ILE A 19 -6.39 -12.94 -14.64
C ILE A 19 -7.16 -14.22 -14.31
N GLU A 20 -8.09 -14.58 -15.19
CA GLU A 20 -8.89 -15.77 -15.01
C GLU A 20 -8.13 -17.01 -15.48
N LEU A 21 -7.07 -16.76 -16.25
CA LEU A 21 -6.25 -17.84 -16.78
C LEU A 21 -5.22 -18.25 -15.73
N VAL A 22 -4.60 -17.24 -15.14
CA VAL A 22 -3.59 -17.48 -14.12
C VAL A 22 -4.27 -18.07 -12.87
N LYS A 23 -5.49 -17.63 -12.64
CA LYS A 23 -6.25 -18.11 -11.50
C LYS A 23 -6.67 -19.56 -11.73
N LYS A 24 -6.98 -19.86 -12.98
CA LYS A 24 -7.39 -21.19 -13.36
C LYS A 24 -6.15 -22.07 -13.56
N TYR A 25 -5.06 -21.41 -13.92
CA TYR A 25 -3.81 -22.11 -14.15
C TYR A 25 -3.04 -22.32 -12.84
N GLY A 26 -2.81 -21.22 -12.14
CA GLY A 26 -2.10 -21.27 -10.88
C GLY A 26 -0.72 -21.93 -11.05
N THR A 27 0.29 -21.08 -11.17
CA THR A 27 1.65 -21.56 -11.33
C THR A 27 2.55 -20.44 -11.86
N LYS A 28 2.20 -19.95 -13.03
CA LYS A 28 2.98 -18.88 -13.65
C LYS A 28 2.39 -18.57 -15.04
N GLN A 29 2.76 -19.40 -15.99
CA GLN A 29 2.28 -19.22 -17.35
C GLN A 29 2.26 -17.75 -17.73
N TRP A 30 3.37 -17.08 -17.45
CA TRP A 30 3.49 -15.66 -17.75
C TRP A 30 3.52 -15.49 -19.27
N THR A 31 3.62 -16.62 -19.95
CA THR A 31 3.66 -16.62 -21.40
C THR A 31 2.26 -16.43 -21.97
N LEU A 32 1.29 -17.04 -21.31
CA LEU A 32 -0.09 -16.94 -21.75
C LEU A 32 -0.56 -15.49 -21.64
N ILE A 33 -0.41 -14.94 -20.44
CA ILE A 33 -0.81 -13.57 -20.19
C ILE A 33 -0.43 -12.71 -21.39
N ALA A 34 0.86 -12.68 -21.67
CA ALA A 34 1.37 -11.90 -22.79
C ALA A 34 0.80 -12.46 -24.09
N LYS A 35 1.18 -13.69 -24.38
CA LYS A 35 0.72 -14.35 -25.60
C LYS A 35 -0.78 -14.09 -25.78
N HIS A 36 -1.43 -13.85 -24.65
CA HIS A 36 -2.87 -13.58 -24.67
C HIS A 36 -3.11 -12.09 -24.90
N LEU A 37 -2.53 -11.29 -24.02
CA LEU A 37 -2.68 -9.84 -24.10
C LEU A 37 -1.36 -9.23 -24.57
N LYS A 38 -1.42 -8.53 -25.68
CA LYS A 38 -0.24 -7.88 -26.23
C LYS A 38 0.58 -8.91 -27.02
N GLY A 39 0.71 -8.64 -28.32
CA GLY A 39 1.45 -9.53 -29.19
C GLY A 39 2.89 -9.70 -28.71
N ARG A 40 3.30 -8.80 -27.83
CA ARG A 40 4.64 -8.84 -27.28
C ARG A 40 4.63 -9.50 -25.89
N LEU A 41 5.70 -9.25 -25.15
CA LEU A 41 5.82 -9.80 -23.81
C LEU A 41 4.72 -9.24 -22.92
N GLY A 42 4.08 -8.19 -23.42
CA GLY A 42 3.01 -7.55 -22.68
C GLY A 42 3.23 -6.04 -22.59
N LYS A 43 3.30 -5.55 -21.36
CA LYS A 43 3.51 -4.13 -21.13
C LYS A 43 3.86 -3.91 -19.65
N GLN A 44 4.77 -4.74 -19.15
CA GLN A 44 5.20 -4.64 -17.77
C GLN A 44 4.21 -5.40 -16.86
N CYS A 45 3.89 -6.61 -17.27
CA CYS A 45 2.96 -7.44 -16.51
C CYS A 45 3.54 -7.62 -15.10
N ARG A 46 2.80 -8.34 -14.28
CA ARG A 46 3.21 -8.60 -12.92
C ARG A 46 3.04 -7.34 -12.06
N GLU A 47 3.70 -6.28 -12.50
CA GLU A 47 3.63 -5.02 -11.78
C GLU A 47 2.21 -4.46 -11.83
N ARG A 48 1.36 -5.04 -11.00
CA ARG A 48 -0.04 -4.61 -10.94
C ARG A 48 -0.80 -5.46 -9.93
N TRP A 49 -0.72 -6.78 -10.12
CA TRP A 49 -1.40 -7.71 -9.24
C TRP A 49 -0.36 -8.69 -8.70
N HIS A 50 0.88 -8.48 -9.11
CA HIS A 50 1.97 -9.34 -8.68
C HIS A 50 2.77 -8.64 -7.58
N ASN A 51 3.58 -7.68 -8.02
CA ASN A 51 4.41 -6.93 -7.08
C ASN A 51 3.81 -5.53 -6.90
N HIS A 52 2.50 -5.50 -6.78
CA HIS A 52 1.80 -4.24 -6.61
C HIS A 52 1.24 -4.17 -5.19
N LEU A 53 0.21 -4.96 -4.94
CA LEU A 53 -0.43 -4.99 -3.63
C LEU A 53 -1.10 -3.65 -3.37
N ASN A 54 -2.25 -3.72 -2.70
CA ASN A 54 -3.01 -2.52 -2.37
C ASN A 54 -2.05 -1.44 -1.88
N PRO A 55 -2.51 -0.16 -2.01
CA PRO A 55 -1.69 0.97 -1.59
C PRO A 55 -1.69 1.10 -0.07
N GLU A 56 -1.41 2.31 0.39
CA GLU A 56 -1.37 2.58 1.82
C GLU A 56 -2.22 3.81 2.15
N VAL A 57 -2.06 4.28 3.37
CA VAL A 57 -2.80 5.44 3.83
C VAL A 57 -1.97 6.71 3.60
N LYS A 58 -1.12 6.65 2.58
CA LYS A 58 -0.26 7.78 2.26
C LYS A 58 0.20 8.45 3.55
N LYS A 59 1.36 8.01 4.02
CA LYS A 59 1.92 8.57 5.24
C LYS A 59 1.18 7.99 6.45
N SER A 60 1.54 8.50 7.62
CA SER A 60 0.92 8.04 8.85
C SER A 60 -0.59 7.92 8.66
N SER A 61 -1.28 9.03 8.96
CA SER A 61 -2.72 9.06 8.83
C SER A 61 -3.33 7.74 9.27
N TRP A 62 -4.49 7.43 8.72
CA TRP A 62 -5.18 6.19 9.06
C TRP A 62 -4.28 5.03 8.66
N THR A 63 -4.74 3.82 8.99
CA THR A 63 -3.99 2.62 8.66
C THR A 63 -4.83 1.69 7.78
N GLU A 64 -4.46 0.41 7.82
CA GLU A 64 -5.17 -0.58 7.04
C GLU A 64 -6.45 -1.02 7.76
N GLU A 65 -6.26 -1.92 8.72
CA GLU A 65 -7.38 -2.43 9.49
C GLU A 65 -8.30 -1.28 9.91
N GLU A 66 -7.69 -0.12 10.14
CA GLU A 66 -8.43 1.05 10.54
C GLU A 66 -9.36 1.51 9.42
N ASP A 67 -8.84 1.43 8.20
CA ASP A 67 -9.60 1.83 7.03
C ASP A 67 -10.76 0.86 6.82
N ARG A 68 -10.43 -0.43 6.86
CA ARG A 68 -11.43 -1.47 6.68
C ARG A 68 -12.53 -1.34 7.74
N ILE A 69 -12.13 -1.48 8.99
CA ILE A 69 -13.06 -1.37 10.10
C ILE A 69 -14.09 -0.28 9.79
N ILE A 70 -13.61 0.96 9.80
CA ILE A 70 -14.47 2.09 9.53
C ILE A 70 -15.29 1.82 8.27
N PHE A 71 -14.58 1.39 7.22
CA PHE A 71 -15.23 1.09 5.96
C PHE A 71 -16.25 -0.04 6.12
N GLU A 72 -16.14 -0.74 7.24
CA GLU A 72 -17.04 -1.84 7.53
C GLU A 72 -17.73 -1.63 8.88
N ALA A 73 -17.71 -0.39 9.33
CA ALA A 73 -18.32 -0.05 10.60
C ALA A 73 -19.48 0.93 10.36
N HIS A 74 -19.36 1.68 9.28
CA HIS A 74 -20.38 2.65 8.92
C HIS A 74 -21.57 1.92 8.29
N LYS A 75 -21.31 0.71 7.82
CA LYS A 75 -22.35 -0.09 7.19
C LYS A 75 -22.85 -1.14 8.18
N VAL A 76 -22.55 -0.89 9.46
CA VAL A 76 -22.96 -1.81 10.51
C VAL A 76 -23.73 -1.03 11.59
N LEU A 77 -23.23 0.16 11.88
CA LEU A 77 -23.84 1.01 12.88
C LEU A 77 -24.49 2.21 12.20
N GLY A 78 -23.65 3.15 11.81
CA GLY A 78 -24.12 4.36 11.14
C GLY A 78 -23.04 5.44 11.11
N ASN A 79 -23.47 6.67 11.34
CA ASN A 79 -22.54 7.79 11.34
C ASN A 79 -22.12 8.10 12.79
N ARG A 80 -22.36 7.13 13.65
CA ARG A 80 -22.01 7.28 15.05
C ARG A 80 -20.49 7.29 15.22
N TRP A 81 -19.85 8.19 14.51
CA TRP A 81 -18.40 8.31 14.57
C TRP A 81 -17.99 8.29 16.05
N ALA A 82 -18.85 8.87 16.88
CA ALA A 82 -18.59 8.92 18.30
C ALA A 82 -18.29 7.51 18.82
N GLU A 83 -18.67 6.54 18.01
CA GLU A 83 -18.45 5.14 18.37
C GLU A 83 -17.36 4.54 17.50
N ILE A 84 -17.45 4.82 16.21
CA ILE A 84 -16.47 4.31 15.26
C ILE A 84 -15.07 4.46 15.82
N ALA A 85 -14.82 5.64 16.38
CA ALA A 85 -13.52 5.93 16.97
C ALA A 85 -13.33 5.08 18.23
N LYS A 86 -14.39 5.03 19.04
CA LYS A 86 -14.34 4.26 20.27
C LYS A 86 -13.75 2.88 19.98
N LEU A 87 -14.01 2.40 18.77
CA LEU A 87 -13.51 1.10 18.36
C LEU A 87 -12.02 1.21 18.03
N LEU A 88 -11.66 2.32 17.40
CA LEU A 88 -10.28 2.56 17.03
C LEU A 88 -9.70 3.66 17.92
N PRO A 89 -8.89 3.22 18.93
CA PRO A 89 -8.28 4.15 19.86
C PRO A 89 -7.10 4.88 19.20
N GLY A 90 -7.20 6.21 19.19
CA GLY A 90 -6.17 7.03 18.60
C GLY A 90 -6.77 8.20 17.82
N ARG A 91 -7.98 7.98 17.32
CA ARG A 91 -8.68 9.00 16.57
C ARG A 91 -9.99 9.38 17.26
N THR A 92 -10.43 10.59 16.98
CA THR A 92 -11.67 11.09 17.57
C THR A 92 -12.84 10.87 16.61
N ASP A 93 -13.97 11.47 16.97
CA ASP A 93 -15.17 11.35 16.15
C ASP A 93 -15.00 12.20 14.89
N ASN A 94 -14.57 13.44 15.10
CA ASN A 94 -14.37 14.35 13.99
C ASN A 94 -13.29 13.79 13.05
N ALA A 95 -12.58 12.80 13.56
CA ALA A 95 -11.52 12.17 12.78
C ALA A 95 -12.14 11.22 11.76
N VAL A 96 -12.71 10.14 12.29
CA VAL A 96 -13.34 9.14 11.44
C VAL A 96 -14.40 9.81 10.56
N LYS A 97 -15.25 10.58 11.21
CA LYS A 97 -16.31 11.30 10.50
C LYS A 97 -15.74 11.88 9.20
N ASN A 98 -14.91 12.90 9.37
CA ASN A 98 -14.30 13.56 8.23
C ASN A 98 -13.62 12.51 7.34
N HIS A 99 -12.81 11.66 7.97
CA HIS A 99 -12.12 10.62 7.25
C HIS A 99 -13.08 9.93 6.28
N TRP A 100 -14.35 9.92 6.66
CA TRP A 100 -15.37 9.31 5.83
C TRP A 100 -15.36 10.01 4.47
N ASN A 101 -15.72 11.28 4.50
CA ASN A 101 -15.76 12.07 3.28
C ASN A 101 -14.33 12.39 2.83
N SER A 102 -13.38 11.96 3.65
CA SER A 102 -11.98 12.18 3.35
C SER A 102 -11.53 11.25 2.22
N THR A 103 -11.33 9.99 2.58
CA THR A 103 -10.90 9.00 1.61
C THR A 103 -11.96 7.91 1.47
N ILE A 104 -12.90 7.91 2.39
CA ILE A 104 -13.98 6.93 2.39
C ILE A 104 -15.14 7.47 1.56
N LYS A 105 -14.81 8.31 0.59
CA LYS A 105 -15.81 8.90 -0.27
C LYS A 105 -15.18 9.24 -1.62
N ARG A 106 -15.09 8.21 -2.47
CA ARG A 106 -14.51 8.38 -3.79
C ARG A 106 -15.37 9.33 -4.62
N LYS A 107 -16.58 8.87 -4.93
CA LYS A 107 -17.51 9.67 -5.71
C LYS A 107 -18.13 10.75 -4.83
N VAL A 108 -17.64 11.97 -5.02
CA VAL A 108 -18.14 13.10 -4.25
C VAL A 108 -18.54 14.23 -5.20
N ASP A 109 -17.61 14.54 -6.11
CA ASP A 109 -17.86 15.59 -7.09
C ASP A 109 -18.52 14.99 -8.32
N THR A 110 -19.05 13.79 -8.15
CA THR A 110 -19.70 13.10 -9.25
C THR A 110 -18.70 12.80 -10.37
N GLY A 1 24.30 -23.28 -39.21
CA GLY A 1 23.24 -22.28 -39.26
C GLY A 1 23.71 -20.96 -38.64
N ILE A 2 23.61 -20.89 -37.32
CA ILE A 2 24.01 -19.69 -36.60
C ILE A 2 23.72 -18.46 -37.46
N PRO A 3 22.41 -18.31 -37.81
CA PRO A 3 21.99 -17.18 -38.63
C PRO A 3 21.97 -15.88 -37.81
N ASP A 4 21.24 -14.90 -38.32
CA ASP A 4 21.13 -13.61 -37.66
C ASP A 4 20.29 -13.78 -36.38
N LEU A 5 20.62 -12.96 -35.39
CA LEU A 5 19.92 -13.01 -34.12
C LEU A 5 20.28 -14.29 -33.38
N VAL A 6 21.24 -15.01 -33.96
CA VAL A 6 21.69 -16.26 -33.36
C VAL A 6 23.17 -16.14 -33.00
N LYS A 7 23.85 -15.25 -33.71
CA LYS A 7 25.27 -15.04 -33.48
C LYS A 7 25.45 -14.14 -32.25
N GLY A 8 24.37 -14.01 -31.49
CA GLY A 8 24.40 -13.19 -30.30
C GLY A 8 23.06 -13.23 -29.57
N PRO A 9 22.71 -14.45 -29.07
CA PRO A 9 21.46 -14.64 -28.36
C PRO A 9 21.54 -14.06 -26.96
N TRP A 10 20.45 -13.43 -26.55
CA TRP A 10 20.38 -12.82 -25.23
C TRP A 10 20.46 -13.94 -24.19
N THR A 11 20.85 -13.55 -22.98
CA THR A 11 20.97 -14.51 -21.90
C THR A 11 20.77 -13.81 -20.55
N LYS A 12 20.56 -14.63 -19.52
CA LYS A 12 20.35 -14.10 -18.18
C LYS A 12 21.26 -12.90 -17.96
N GLU A 13 22.45 -12.98 -18.54
CA GLU A 13 23.42 -11.90 -18.43
C GLU A 13 22.79 -10.57 -18.87
N GLU A 14 22.13 -10.62 -20.01
CA GLU A 14 21.49 -9.43 -20.55
C GLU A 14 20.53 -8.82 -19.51
N ASP A 15 19.80 -9.70 -18.85
CA ASP A 15 18.84 -9.27 -17.83
C ASP A 15 19.61 -8.88 -16.57
N GLN A 16 20.12 -9.89 -15.89
CA GLN A 16 20.86 -9.66 -14.66
C GLN A 16 21.68 -8.38 -14.77
N LYS A 17 22.13 -8.10 -15.98
CA LYS A 17 22.92 -6.91 -16.24
C LYS A 17 22.02 -5.68 -16.20
N VAL A 18 21.21 -5.54 -17.25
CA VAL A 18 20.30 -4.41 -17.35
C VAL A 18 19.64 -4.17 -15.99
N ILE A 19 19.38 -5.27 -15.29
CA ILE A 19 18.77 -5.20 -13.98
C ILE A 19 19.71 -4.51 -13.00
N GLU A 20 20.96 -4.96 -13.02
CA GLU A 20 21.97 -4.40 -12.14
C GLU A 20 22.24 -2.93 -12.52
N LEU A 21 21.97 -2.61 -13.77
CA LEU A 21 22.17 -1.27 -14.27
C LEU A 21 21.04 -0.37 -13.78
N VAL A 22 19.82 -0.78 -14.09
CA VAL A 22 18.64 -0.03 -13.69
C VAL A 22 18.66 0.15 -12.17
N LYS A 23 19.42 -0.70 -11.52
CA LYS A 23 19.53 -0.65 -10.07
C LYS A 23 20.43 0.51 -9.66
N LYS A 24 21.57 0.60 -10.35
CA LYS A 24 22.53 1.65 -10.09
C LYS A 24 22.12 2.92 -10.84
N TYR A 25 21.20 2.73 -11.78
CA TYR A 25 20.72 3.85 -12.58
C TYR A 25 19.39 4.38 -12.03
N GLY A 26 18.42 3.49 -11.94
CA GLY A 26 17.11 3.86 -11.43
C GLY A 26 16.90 5.37 -11.52
N THR A 27 16.28 5.79 -12.61
CA THR A 27 16.01 7.20 -12.82
C THR A 27 15.00 7.38 -13.95
N LYS A 28 15.34 6.81 -15.11
CA LYS A 28 14.48 6.91 -16.26
C LYS A 28 15.26 6.48 -17.51
N GLN A 29 16.57 6.32 -17.33
CA GLN A 29 17.43 5.91 -18.42
C GLN A 29 17.15 4.45 -18.79
N TRP A 30 16.11 4.27 -19.60
CA TRP A 30 15.74 2.94 -20.04
C TRP A 30 16.51 2.64 -21.34
N THR A 31 17.34 3.58 -21.73
CA THR A 31 18.14 3.42 -22.93
C THR A 31 19.28 2.43 -22.70
N LEU A 32 19.95 2.62 -21.57
CA LEU A 32 21.07 1.75 -21.22
C LEU A 32 20.61 0.29 -21.29
N ILE A 33 19.31 0.10 -21.15
CA ILE A 33 18.73 -1.23 -21.20
C ILE A 33 18.75 -1.74 -22.64
N ALA A 34 18.31 -0.86 -23.54
CA ALA A 34 18.26 -1.22 -24.95
C ALA A 34 19.50 -0.64 -25.65
N LYS A 35 20.52 -0.37 -24.86
CA LYS A 35 21.77 0.17 -25.38
C LYS A 35 22.90 -0.81 -25.10
N HIS A 36 22.79 -1.49 -23.97
CA HIS A 36 23.81 -2.45 -23.58
C HIS A 36 23.53 -3.80 -24.26
N LEU A 37 22.42 -3.84 -24.96
CA LEU A 37 22.02 -5.05 -25.66
C LEU A 37 21.27 -4.68 -26.95
N LYS A 38 21.86 -5.04 -28.07
CA LYS A 38 21.27 -4.75 -29.36
C LYS A 38 20.90 -6.07 -30.05
N GLY A 39 19.78 -6.03 -30.77
CA GLY A 39 19.30 -7.21 -31.48
C GLY A 39 17.80 -7.39 -31.27
N ARG A 40 17.27 -6.68 -30.29
CA ARG A 40 15.85 -6.76 -29.99
C ARG A 40 15.46 -5.67 -29.00
N LEU A 41 14.18 -5.65 -28.66
CA LEU A 41 13.66 -4.67 -27.72
C LEU A 41 14.29 -4.91 -26.34
N GLY A 42 13.91 -4.06 -25.40
CA GLY A 42 14.43 -4.16 -24.05
C GLY A 42 13.92 -5.43 -23.36
N LYS A 43 13.09 -5.24 -22.35
CA LYS A 43 12.54 -6.35 -21.61
C LYS A 43 11.46 -5.84 -20.65
N GLN A 44 10.28 -5.61 -21.20
CA GLN A 44 9.17 -5.11 -20.40
C GLN A 44 9.65 -4.06 -19.41
N CYS A 45 9.59 -2.80 -19.85
CA CYS A 45 10.01 -1.69 -19.01
C CYS A 45 8.89 -1.37 -18.03
N ARG A 46 9.26 -0.68 -16.96
CA ARG A 46 8.29 -0.31 -15.94
C ARG A 46 7.25 -1.42 -15.76
N GLU A 47 7.65 -2.44 -15.02
CA GLU A 47 6.77 -3.56 -14.76
C GLU A 47 7.44 -4.57 -13.83
N ARG A 48 8.10 -4.04 -12.80
CA ARG A 48 8.79 -4.86 -11.84
C ARG A 48 9.33 -4.01 -10.69
N TRP A 49 9.83 -2.84 -11.06
CA TRP A 49 10.40 -1.92 -10.09
C TRP A 49 9.51 -0.68 -10.03
N HIS A 50 8.74 -0.50 -11.10
CA HIS A 50 7.84 0.63 -11.20
C HIS A 50 6.48 0.26 -10.61
N ASN A 51 6.03 -0.94 -10.95
CA ASN A 51 4.75 -1.42 -10.48
C ASN A 51 4.99 -2.57 -9.48
N HIS A 52 5.05 -2.20 -8.21
CA HIS A 52 5.26 -3.18 -7.17
C HIS A 52 5.11 -2.51 -5.79
N LEU A 53 5.85 -1.43 -5.61
CA LEU A 53 5.81 -0.70 -4.36
C LEU A 53 4.34 -0.52 -3.93
N ASN A 54 3.91 -1.42 -3.06
CA ASN A 54 2.55 -1.38 -2.56
C ASN A 54 2.56 -1.50 -1.04
N PRO A 55 2.96 -0.39 -0.38
CA PRO A 55 3.02 -0.38 1.08
C PRO A 55 1.63 -0.26 1.69
N GLU A 56 1.57 0.22 2.92
CA GLU A 56 0.31 0.38 3.62
C GLU A 56 -0.43 1.61 3.11
N VAL A 57 -1.49 1.96 3.81
CA VAL A 57 -2.29 3.12 3.45
C VAL A 57 -1.47 4.39 3.66
N LYS A 58 -0.53 4.30 4.59
CA LYS A 58 0.33 5.43 4.91
C LYS A 58 1.13 5.12 6.17
N LYS A 59 2.29 5.75 6.27
CA LYS A 59 3.16 5.56 7.41
C LYS A 59 2.47 6.09 8.67
N SER A 60 1.68 7.14 8.47
CA SER A 60 0.97 7.75 9.59
C SER A 60 -0.54 7.74 9.30
N SER A 61 -1.22 8.75 9.82
CA SER A 61 -2.65 8.86 9.63
C SER A 61 -3.31 7.49 9.75
N TRP A 62 -4.42 7.34 9.04
CA TRP A 62 -5.15 6.09 9.05
C TRP A 62 -4.24 5.00 8.46
N THR A 63 -4.72 3.77 8.54
CA THR A 63 -3.96 2.64 8.03
C THR A 63 -4.88 1.71 7.22
N GLU A 64 -4.39 0.49 7.02
CA GLU A 64 -5.16 -0.50 6.27
C GLU A 64 -6.31 -1.03 7.12
N GLU A 65 -5.98 -1.91 8.05
CA GLU A 65 -6.98 -2.50 8.92
C GLU A 65 -7.93 -1.41 9.44
N GLU A 66 -7.35 -0.28 9.80
CA GLU A 66 -8.14 0.83 10.30
C GLU A 66 -9.14 1.30 9.25
N ASP A 67 -8.73 1.20 8.00
CA ASP A 67 -9.57 1.60 6.89
C ASP A 67 -10.82 0.71 6.86
N ARG A 68 -10.58 -0.59 6.78
CA ARG A 68 -11.67 -1.55 6.75
C ARG A 68 -12.57 -1.37 7.97
N ILE A 69 -11.96 -1.51 9.14
CA ILE A 69 -12.68 -1.37 10.38
C ILE A 69 -13.71 -0.26 10.25
N ILE A 70 -13.22 0.91 9.86
CA ILE A 70 -14.08 2.07 9.68
C ILE A 70 -15.24 1.71 8.76
N PHE A 71 -14.91 1.53 7.49
CA PHE A 71 -15.91 1.18 6.49
C PHE A 71 -16.81 0.05 6.99
N GLU A 72 -16.29 -0.70 7.95
CA GLU A 72 -17.03 -1.81 8.52
C GLU A 72 -18.08 -1.29 9.50
N ALA A 73 -17.59 -0.60 10.53
CA ALA A 73 -18.47 -0.04 11.55
C ALA A 73 -19.48 0.89 10.88
N HIS A 74 -19.08 1.44 9.74
CA HIS A 74 -19.94 2.35 9.01
C HIS A 74 -21.01 1.55 8.25
N LYS A 75 -20.74 0.26 8.12
CA LYS A 75 -21.67 -0.63 7.43
C LYS A 75 -22.47 -1.42 8.46
N VAL A 76 -22.38 -0.99 9.70
CA VAL A 76 -23.09 -1.66 10.79
C VAL A 76 -24.00 -0.65 11.47
N LEU A 77 -23.50 0.56 11.64
CA LEU A 77 -24.26 1.62 12.28
C LEU A 77 -24.58 2.71 11.25
N GLY A 78 -23.57 3.51 10.96
CA GLY A 78 -23.72 4.58 10.00
C GLY A 78 -22.68 5.69 10.24
N ASN A 79 -23.19 6.88 10.51
CA ASN A 79 -22.33 8.02 10.77
C ASN A 79 -22.03 8.11 12.27
N ARG A 80 -22.19 6.98 12.93
CA ARG A 80 -21.95 6.91 14.36
C ARG A 80 -20.46 7.00 14.64
N TRP A 81 -19.85 8.08 14.17
CA TRP A 81 -18.43 8.30 14.37
C TRP A 81 -18.13 8.15 15.86
N ALA A 82 -19.10 8.55 16.67
CA ALA A 82 -18.94 8.46 18.11
C ALA A 82 -18.80 6.99 18.51
N GLU A 83 -19.39 6.12 17.71
CA GLU A 83 -19.32 4.69 17.97
C GLU A 83 -18.43 4.01 16.94
N ILE A 84 -18.05 4.77 15.93
CA ILE A 84 -17.19 4.25 14.88
C ILE A 84 -15.73 4.29 15.34
N ALA A 85 -15.38 5.40 15.97
CA ALA A 85 -14.03 5.58 16.46
C ALA A 85 -13.82 4.71 17.70
N LYS A 86 -14.87 4.64 18.51
CA LYS A 86 -14.83 3.84 19.73
C LYS A 86 -14.68 2.36 19.36
N LEU A 87 -13.50 2.02 18.86
CA LEU A 87 -13.22 0.65 18.47
C LEU A 87 -11.72 0.40 18.55
N LEU A 88 -10.95 1.36 18.06
CA LEU A 88 -9.51 1.25 18.08
C LEU A 88 -8.92 2.40 18.91
N PRO A 89 -7.65 2.22 19.32
CA PRO A 89 -6.97 3.23 20.11
C PRO A 89 -6.55 4.42 19.24
N GLY A 90 -7.47 5.37 19.12
CA GLY A 90 -7.22 6.56 18.32
C GLY A 90 -8.52 7.09 17.70
N ARG A 91 -8.61 8.41 17.66
CA ARG A 91 -9.78 9.05 17.11
C ARG A 91 -10.94 9.01 18.11
N THR A 92 -11.82 10.01 18.00
CA THR A 92 -12.96 10.09 18.89
C THR A 92 -14.26 9.98 18.09
N ASP A 93 -14.36 10.81 17.06
CA ASP A 93 -15.54 10.82 16.21
C ASP A 93 -15.31 11.75 15.01
N ASN A 94 -14.92 12.98 15.33
CA ASN A 94 -14.66 13.97 14.31
C ASN A 94 -13.49 13.50 13.44
N ALA A 95 -12.72 12.58 13.98
CA ALA A 95 -11.57 12.03 13.27
C ALA A 95 -12.07 11.22 12.07
N VAL A 96 -12.78 10.15 12.37
CA VAL A 96 -13.32 9.28 11.34
C VAL A 96 -14.27 10.09 10.44
N LYS A 97 -15.21 10.75 11.09
CA LYS A 97 -16.19 11.56 10.38
C LYS A 97 -15.49 12.28 9.23
N ASN A 98 -14.47 13.05 9.59
CA ASN A 98 -13.72 13.81 8.60
C ASN A 98 -13.08 12.83 7.59
N HIS A 99 -12.34 11.88 8.13
CA HIS A 99 -11.69 10.88 7.30
C HIS A 99 -12.67 10.36 6.26
N TRP A 100 -13.95 10.43 6.59
CA TRP A 100 -14.99 9.97 5.71
C TRP A 100 -14.96 10.85 4.45
N ASN A 101 -15.34 12.11 4.63
CA ASN A 101 -15.35 13.05 3.53
C ASN A 101 -13.92 13.35 3.09
N SER A 102 -12.98 12.76 3.81
CA SER A 102 -11.57 12.95 3.51
C SER A 102 -11.19 12.17 2.24
N THR A 103 -10.99 10.87 2.42
CA THR A 103 -10.63 10.01 1.31
C THR A 103 -11.61 8.85 1.20
N ILE A 104 -12.39 8.67 2.25
CA ILE A 104 -13.37 7.60 2.28
C ILE A 104 -14.70 8.11 1.73
N LYS A 105 -14.60 9.06 0.81
CA LYS A 105 -15.78 9.64 0.19
C LYS A 105 -15.46 10.02 -1.26
N ARG A 106 -16.10 9.30 -2.17
CA ARG A 106 -15.90 9.56 -3.59
C ARG A 106 -16.62 10.84 -4.02
N LYS A 107 -17.94 10.76 -4.02
CA LYS A 107 -18.75 11.90 -4.40
C LYS A 107 -18.69 12.96 -3.30
N VAL A 108 -17.62 13.73 -3.32
CA VAL A 108 -17.42 14.78 -2.34
C VAL A 108 -16.59 15.91 -2.96
N ASP A 109 -15.46 15.53 -3.52
CA ASP A 109 -14.57 16.49 -4.15
C ASP A 109 -14.54 17.78 -3.32
N THR A 110 -13.90 17.67 -2.15
CA THR A 110 -13.79 18.81 -1.26
C THR A 110 -15.19 19.23 -0.77
N GLY A 1 -1.44 -15.16 -32.66
CA GLY A 1 -2.79 -15.09 -32.11
C GLY A 1 -3.74 -16.00 -32.88
N ILE A 2 -3.26 -17.20 -33.16
CA ILE A 2 -4.06 -18.18 -33.90
C ILE A 2 -4.65 -19.17 -32.91
N PRO A 3 -5.70 -19.90 -33.40
CA PRO A 3 -6.37 -20.89 -32.57
C PRO A 3 -5.51 -22.16 -32.43
N ASP A 4 -4.34 -22.11 -33.05
CA ASP A 4 -3.42 -23.24 -33.00
C ASP A 4 -2.46 -23.06 -31.84
N LEU A 5 -1.63 -24.08 -31.63
CA LEU A 5 -0.66 -24.05 -30.55
C LEU A 5 -1.36 -23.65 -29.25
N VAL A 6 -2.68 -23.87 -29.23
CA VAL A 6 -3.46 -23.54 -28.06
C VAL A 6 -3.63 -24.78 -27.19
N LYS A 7 -3.30 -25.92 -27.78
CA LYS A 7 -3.40 -27.19 -27.07
C LYS A 7 -2.17 -27.37 -26.18
N GLY A 8 -1.42 -26.29 -26.04
CA GLY A 8 -0.21 -26.32 -25.23
C GLY A 8 0.72 -25.16 -25.60
N PRO A 9 0.24 -23.92 -25.31
CA PRO A 9 1.03 -22.73 -25.60
C PRO A 9 2.16 -22.56 -24.60
N TRP A 10 2.80 -21.41 -24.66
CA TRP A 10 3.91 -21.11 -23.77
C TRP A 10 3.37 -21.06 -22.34
N THR A 11 4.07 -21.74 -21.45
CA THR A 11 3.66 -21.79 -20.06
C THR A 11 4.65 -20.99 -19.20
N LYS A 12 4.56 -21.22 -17.89
CA LYS A 12 5.43 -20.53 -16.96
C LYS A 12 6.86 -20.50 -17.52
N GLU A 13 7.39 -21.68 -17.75
CA GLU A 13 8.74 -21.81 -18.28
C GLU A 13 8.98 -20.78 -19.39
N GLU A 14 8.39 -21.07 -20.55
CA GLU A 14 8.52 -20.19 -21.69
C GLU A 14 8.18 -18.76 -21.30
N ASP A 15 7.17 -18.63 -20.45
CA ASP A 15 6.74 -17.32 -19.98
C ASP A 15 7.87 -16.67 -19.19
N GLN A 16 8.68 -17.51 -18.57
CA GLN A 16 9.81 -17.02 -17.79
C GLN A 16 10.81 -16.29 -18.69
N LYS A 17 10.88 -16.74 -19.93
CA LYS A 17 11.78 -16.14 -20.89
C LYS A 17 11.34 -14.70 -21.18
N VAL A 18 10.04 -14.57 -21.44
CA VAL A 18 9.47 -13.27 -21.74
C VAL A 18 9.78 -12.31 -20.58
N ILE A 19 9.54 -12.79 -19.37
CA ILE A 19 9.79 -11.99 -18.19
C ILE A 19 11.22 -11.46 -18.22
N GLU A 20 12.11 -12.28 -18.75
CA GLU A 20 13.51 -11.90 -18.86
C GLU A 20 13.70 -10.84 -19.95
N LEU A 21 12.76 -10.83 -20.89
CA LEU A 21 12.81 -9.88 -21.98
C LEU A 21 12.26 -8.53 -21.51
N VAL A 22 10.99 -8.55 -21.14
CA VAL A 22 10.34 -7.35 -20.66
C VAL A 22 11.17 -6.72 -19.55
N LYS A 23 11.97 -7.56 -18.91
CA LYS A 23 12.83 -7.10 -17.83
C LYS A 23 13.96 -6.24 -18.40
N LYS A 24 14.71 -6.84 -19.32
CA LYS A 24 15.81 -6.14 -19.95
C LYS A 24 15.27 -4.98 -20.78
N TYR A 25 14.01 -5.10 -21.16
CA TYR A 25 13.36 -4.06 -21.95
C TYR A 25 12.81 -2.95 -21.05
N GLY A 26 11.93 -3.35 -20.15
CA GLY A 26 11.32 -2.40 -19.23
C GLY A 26 11.05 -1.06 -19.92
N THR A 27 9.79 -0.85 -20.26
CA THR A 27 9.39 0.39 -20.93
C THR A 27 7.92 0.31 -21.35
N LYS A 28 7.65 -0.60 -22.27
CA LYS A 28 6.29 -0.78 -22.77
C LYS A 28 6.33 -1.64 -24.02
N GLN A 29 7.15 -2.68 -23.97
CA GLN A 29 7.29 -3.59 -25.10
C GLN A 29 6.56 -4.90 -24.82
N TRP A 30 5.25 -4.88 -25.07
CA TRP A 30 4.43 -6.05 -24.84
C TRP A 30 4.33 -6.82 -26.17
N THR A 31 4.92 -6.23 -27.20
CA THR A 31 4.90 -6.85 -28.52
C THR A 31 5.82 -8.07 -28.56
N LEU A 32 7.00 -7.89 -27.98
CA LEU A 32 7.98 -8.96 -27.94
C LEU A 32 7.32 -10.24 -27.42
N ILE A 33 6.64 -10.09 -26.30
CA ILE A 33 5.95 -11.21 -25.68
C ILE A 33 5.03 -11.87 -26.70
N ALA A 34 4.07 -11.08 -27.18
CA ALA A 34 3.13 -11.57 -28.16
C ALA A 34 3.88 -11.98 -29.44
N LYS A 35 5.11 -11.49 -29.54
CA LYS A 35 5.94 -11.80 -30.68
C LYS A 35 6.94 -12.88 -30.31
N HIS A 36 6.86 -13.32 -29.07
CA HIS A 36 7.75 -14.36 -28.57
C HIS A 36 6.96 -15.62 -28.25
N LEU A 37 5.86 -15.43 -27.54
CA LEU A 37 5.00 -16.55 -27.16
C LEU A 37 3.79 -16.59 -28.10
N LYS A 38 3.92 -17.42 -29.13
CA LYS A 38 2.85 -17.56 -30.11
C LYS A 38 1.70 -18.36 -29.48
N GLY A 39 0.75 -18.72 -30.33
CA GLY A 39 -0.40 -19.47 -29.88
C GLY A 39 -1.13 -18.76 -28.73
N ARG A 40 -0.84 -17.46 -28.62
CA ARG A 40 -1.45 -16.66 -27.58
C ARG A 40 -1.38 -15.18 -27.94
N LEU A 41 -2.41 -14.45 -27.54
CA LEU A 41 -2.49 -13.02 -27.82
C LEU A 41 -1.45 -12.29 -26.95
N GLY A 42 -1.43 -10.97 -27.12
CA GLY A 42 -0.50 -10.15 -26.37
C GLY A 42 -1.23 -9.02 -25.65
N LYS A 43 -2.55 -8.98 -25.84
CA LYS A 43 -3.37 -7.96 -25.22
C LYS A 43 -3.27 -8.11 -23.69
N GLN A 44 -3.86 -9.18 -23.19
CA GLN A 44 -3.84 -9.45 -21.76
C GLN A 44 -2.58 -10.22 -21.37
N CYS A 45 -1.44 -9.68 -21.79
CA CYS A 45 -0.16 -10.31 -21.49
C CYS A 45 0.34 -9.77 -20.16
N ARG A 46 -0.34 -8.73 -19.68
CA ARG A 46 0.04 -8.11 -18.42
C ARG A 46 -1.07 -8.32 -17.37
N GLU A 47 -0.98 -7.54 -16.32
CA GLU A 47 -1.96 -7.63 -15.24
C GLU A 47 -1.57 -8.74 -14.27
N ARG A 48 -0.32 -8.68 -13.80
CA ARG A 48 0.19 -9.66 -12.87
C ARG A 48 1.43 -9.13 -12.15
N TRP A 49 2.51 -9.04 -12.90
CA TRP A 49 3.76 -8.54 -12.35
C TRP A 49 3.80 -7.03 -12.55
N HIS A 50 2.89 -6.55 -13.38
CA HIS A 50 2.80 -5.13 -13.67
C HIS A 50 1.88 -4.45 -12.65
N ASN A 51 0.77 -5.11 -12.38
CA ASN A 51 -0.20 -4.59 -11.44
C ASN A 51 -0.17 -5.43 -10.15
N HIS A 52 0.98 -5.41 -9.49
CA HIS A 52 1.15 -6.16 -8.27
C HIS A 52 1.59 -5.21 -7.15
N LEU A 53 2.83 -4.76 -7.24
CA LEU A 53 3.38 -3.85 -6.25
C LEU A 53 2.31 -2.83 -5.85
N ASN A 54 1.94 -2.86 -4.58
CA ASN A 54 0.95 -1.94 -4.07
C ASN A 54 1.39 -1.42 -2.70
N PRO A 55 1.27 -0.07 -2.54
CA PRO A 55 1.67 0.57 -1.29
C PRO A 55 0.63 0.31 -0.20
N GLU A 56 0.63 1.20 0.79
CA GLU A 56 -0.30 1.08 1.90
C GLU A 56 -0.90 2.44 2.23
N VAL A 57 -1.62 2.48 3.34
CA VAL A 57 -2.26 3.72 3.79
C VAL A 57 -1.20 4.64 4.38
N LYS A 58 0.03 4.14 4.43
CA LYS A 58 1.13 4.91 4.98
C LYS A 58 1.17 4.74 6.49
N LYS A 59 2.27 5.19 7.08
CA LYS A 59 2.43 5.11 8.53
C LYS A 59 1.50 6.11 9.20
N SER A 60 1.99 7.33 9.32
CA SER A 60 1.22 8.40 9.95
C SER A 60 -0.20 8.42 9.37
N SER A 61 -1.11 8.95 10.17
CA SER A 61 -2.50 9.05 9.76
C SER A 61 -3.21 7.71 10.00
N TRP A 62 -4.30 7.51 9.28
CA TRP A 62 -5.08 6.30 9.42
C TRP A 62 -4.20 5.12 8.96
N THR A 63 -4.75 3.93 9.10
CA THR A 63 -4.04 2.73 8.71
C THR A 63 -4.89 1.87 7.78
N GLU A 64 -4.45 0.63 7.59
CA GLU A 64 -5.17 -0.30 6.73
C GLU A 64 -6.43 -0.79 7.43
N GLU A 65 -6.24 -1.72 8.36
CA GLU A 65 -7.35 -2.28 9.11
C GLU A 65 -8.30 -1.17 9.56
N GLU A 66 -7.72 -0.05 9.93
CA GLU A 66 -8.50 1.09 10.38
C GLU A 66 -9.43 1.57 9.27
N ASP A 67 -8.95 1.46 8.04
CA ASP A 67 -9.72 1.88 6.88
C ASP A 67 -10.88 0.91 6.68
N ARG A 68 -10.53 -0.37 6.57
CA ARG A 68 -11.53 -1.41 6.38
C ARG A 68 -12.60 -1.34 7.47
N ILE A 69 -12.14 -1.42 8.72
CA ILE A 69 -13.03 -1.36 9.85
C ILE A 69 -14.09 -0.29 9.61
N ILE A 70 -13.64 0.96 9.69
CA ILE A 70 -14.54 2.09 9.48
C ILE A 70 -15.40 1.83 8.24
N PHE A 71 -14.72 1.49 7.15
CA PHE A 71 -15.41 1.22 5.90
C PHE A 71 -16.49 0.15 6.09
N GLU A 72 -16.39 -0.55 7.22
CA GLU A 72 -17.34 -1.60 7.53
C GLU A 72 -18.29 -1.14 8.63
N ALA A 73 -17.71 -0.63 9.70
CA ALA A 73 -18.49 -0.16 10.83
C ALA A 73 -19.61 0.77 10.32
N HIS A 74 -19.25 1.58 9.33
CA HIS A 74 -20.21 2.51 8.75
C HIS A 74 -21.36 1.73 8.11
N LYS A 75 -21.13 0.43 7.95
CA LYS A 75 -22.14 -0.43 7.35
C LYS A 75 -22.76 -1.30 8.44
N VAL A 76 -22.71 -0.80 9.67
CA VAL A 76 -23.26 -1.52 10.80
C VAL A 76 -24.03 -0.55 11.69
N LEU A 77 -23.43 0.61 11.91
CA LEU A 77 -24.04 1.63 12.74
C LEU A 77 -24.71 2.68 11.85
N GLY A 78 -23.88 3.50 11.24
CA GLY A 78 -24.37 4.54 10.35
C GLY A 78 -23.82 5.91 10.77
N ASN A 79 -22.77 6.32 10.06
CA ASN A 79 -22.14 7.61 10.33
C ASN A 79 -22.00 7.78 11.85
N ARG A 80 -21.99 6.66 12.55
CA ARG A 80 -21.87 6.67 13.99
C ARG A 80 -20.41 6.89 14.40
N TRP A 81 -19.81 7.92 13.81
CA TRP A 81 -18.43 8.24 14.09
C TRP A 81 -18.24 8.25 15.61
N ALA A 82 -19.26 8.75 16.29
CA ALA A 82 -19.23 8.82 17.74
C ALA A 82 -18.90 7.44 18.31
N GLU A 83 -19.17 6.43 17.51
CA GLU A 83 -18.91 5.06 17.92
C GLU A 83 -17.69 4.51 17.17
N ILE A 84 -17.61 4.85 15.90
CA ILE A 84 -16.51 4.40 15.06
C ILE A 84 -15.19 4.62 15.80
N ALA A 85 -15.03 5.83 16.32
CA ALA A 85 -13.82 6.18 17.05
C ALA A 85 -13.72 5.31 18.30
N LYS A 86 -14.87 5.10 18.94
CA LYS A 86 -14.92 4.30 20.15
C LYS A 86 -14.67 2.84 19.78
N LEU A 87 -13.49 2.60 19.22
CA LEU A 87 -13.11 1.25 18.82
C LEU A 87 -11.58 1.12 18.87
N LEU A 88 -10.91 2.16 18.39
CA LEU A 88 -9.47 2.18 18.37
C LEU A 88 -8.95 2.86 19.64
N PRO A 89 -7.64 2.65 19.92
CA PRO A 89 -7.02 3.23 21.09
C PRO A 89 -6.74 4.73 20.87
N GLY A 90 -7.13 5.20 19.70
CA GLY A 90 -6.94 6.59 19.35
C GLY A 90 -8.06 7.10 18.44
N ARG A 91 -7.72 8.06 17.59
CA ARG A 91 -8.69 8.63 16.67
C ARG A 91 -9.91 9.14 17.44
N THR A 92 -10.72 9.91 16.74
CA THR A 92 -11.93 10.46 17.34
C THR A 92 -13.06 10.53 16.31
N ASP A 93 -14.23 10.96 16.78
CA ASP A 93 -15.38 11.06 15.90
C ASP A 93 -15.06 12.03 14.76
N ASN A 94 -14.77 13.27 15.13
CA ASN A 94 -14.44 14.29 14.16
C ASN A 94 -13.40 13.75 13.19
N ALA A 95 -12.55 12.88 13.71
CA ALA A 95 -11.49 12.28 12.91
C ALA A 95 -12.12 11.36 11.85
N VAL A 96 -12.77 10.31 12.34
CA VAL A 96 -13.42 9.35 11.47
C VAL A 96 -14.39 10.10 10.54
N LYS A 97 -15.36 10.74 11.15
CA LYS A 97 -16.36 11.49 10.40
C LYS A 97 -15.69 12.16 9.20
N ASN A 98 -14.74 13.03 9.51
CA ASN A 98 -14.01 13.74 8.47
C ASN A 98 -13.29 12.73 7.57
N HIS A 99 -12.49 11.89 8.20
CA HIS A 99 -11.74 10.88 7.48
C HIS A 99 -12.66 10.21 6.45
N TRP A 100 -13.94 10.19 6.77
CA TRP A 100 -14.91 9.59 5.88
C TRP A 100 -14.88 10.34 4.54
N ASN A 101 -15.31 11.60 4.60
CA ASN A 101 -15.33 12.44 3.42
C ASN A 101 -13.90 12.82 3.05
N SER A 102 -12.97 12.40 3.89
CA SER A 102 -11.57 12.69 3.66
C SER A 102 -11.04 11.85 2.51
N THR A 103 -10.72 10.60 2.82
CA THR A 103 -10.21 9.68 1.82
C THR A 103 -11.20 8.54 1.58
N ILE A 104 -12.16 8.44 2.49
CA ILE A 104 -13.18 7.41 2.38
C ILE A 104 -14.35 7.92 1.53
N LYS A 105 -14.02 8.82 0.62
CA LYS A 105 -15.02 9.40 -0.26
C LYS A 105 -14.36 9.82 -1.57
N ARG A 106 -14.67 9.08 -2.61
CA ARG A 106 -14.12 9.37 -3.93
C ARG A 106 -14.79 10.60 -4.53
N LYS A 107 -16.08 10.46 -4.80
CA LYS A 107 -16.86 11.55 -5.37
C LYS A 107 -16.95 12.69 -4.36
N VAL A 108 -15.83 13.36 -4.16
CA VAL A 108 -15.77 14.48 -3.23
C VAL A 108 -14.65 15.42 -3.64
N ASP A 109 -13.46 14.86 -3.81
CA ASP A 109 -12.30 15.65 -4.20
C ASP A 109 -11.31 14.75 -4.94
N THR A 110 -11.62 14.48 -6.20
CA THR A 110 -10.77 13.64 -7.02
C THR A 110 -9.36 14.24 -7.12
N GLY A 1 28.27 -14.12 -27.01
CA GLY A 1 28.19 -15.57 -27.11
C GLY A 1 28.34 -16.22 -25.73
N ILE A 2 29.59 -16.37 -25.32
CA ILE A 2 29.88 -16.97 -24.03
C ILE A 2 31.08 -16.27 -23.40
N PRO A 3 30.83 -15.03 -22.90
CA PRO A 3 31.88 -14.25 -22.28
C PRO A 3 32.21 -14.78 -20.88
N ASP A 4 32.84 -13.93 -20.09
CA ASP A 4 33.22 -14.30 -18.73
C ASP A 4 31.95 -14.57 -17.92
N LEU A 5 32.15 -15.14 -16.75
CA LEU A 5 31.04 -15.46 -15.86
C LEU A 5 30.26 -16.64 -16.44
N VAL A 6 30.86 -17.29 -17.42
CA VAL A 6 30.23 -18.43 -18.07
C VAL A 6 30.83 -19.72 -17.50
N LYS A 7 32.08 -19.62 -17.07
CA LYS A 7 32.77 -20.77 -16.52
C LYS A 7 32.22 -21.05 -15.12
N GLY A 8 31.00 -20.60 -14.88
CA GLY A 8 30.35 -20.79 -13.59
C GLY A 8 29.18 -19.82 -13.42
N PRO A 9 28.08 -20.11 -14.16
CA PRO A 9 26.89 -19.28 -14.09
C PRO A 9 26.12 -19.51 -12.80
N TRP A 10 25.99 -18.45 -12.02
CA TRP A 10 25.27 -18.53 -10.75
C TRP A 10 23.78 -18.54 -11.04
N THR A 11 23.00 -18.72 -9.99
CA THR A 11 21.55 -18.76 -10.12
C THR A 11 20.88 -18.29 -8.83
N LYS A 12 19.61 -18.61 -8.71
CA LYS A 12 18.85 -18.23 -7.52
C LYS A 12 19.44 -18.93 -6.30
N GLU A 13 19.58 -20.25 -6.43
CA GLU A 13 20.13 -21.05 -5.35
C GLU A 13 21.30 -20.31 -4.69
N GLU A 14 22.10 -19.66 -5.52
CA GLU A 14 23.25 -18.91 -5.03
C GLU A 14 22.79 -17.64 -4.32
N ASP A 15 21.96 -16.88 -5.00
CA ASP A 15 21.44 -15.64 -4.46
C ASP A 15 20.68 -15.94 -3.16
N GLN A 16 19.65 -16.76 -3.29
CA GLN A 16 18.84 -17.14 -2.15
C GLN A 16 19.72 -17.41 -0.93
N LYS A 17 20.87 -18.01 -1.20
CA LYS A 17 21.81 -18.33 -0.14
C LYS A 17 22.13 -17.08 0.66
N VAL A 18 22.45 -16.00 -0.07
CA VAL A 18 22.77 -14.74 0.55
C VAL A 18 21.62 -14.32 1.46
N ILE A 19 20.42 -14.40 0.92
CA ILE A 19 19.22 -14.03 1.66
C ILE A 19 19.11 -14.93 2.91
N GLU A 20 19.50 -16.18 2.72
CA GLU A 20 19.46 -17.14 3.81
C GLU A 20 20.66 -16.96 4.74
N LEU A 21 21.69 -16.33 4.21
CA LEU A 21 22.91 -16.09 4.97
C LEU A 21 22.68 -14.91 5.90
N VAL A 22 22.09 -13.85 5.35
CA VAL A 22 21.82 -12.65 6.11
C VAL A 22 20.75 -12.95 7.16
N LYS A 23 19.91 -13.93 6.83
CA LYS A 23 18.83 -14.32 7.73
C LYS A 23 19.43 -15.05 8.94
N LYS A 24 20.47 -15.82 8.66
CA LYS A 24 21.13 -16.58 9.71
C LYS A 24 22.16 -15.68 10.42
N TYR A 25 22.64 -14.71 9.67
CA TYR A 25 23.63 -13.78 10.20
C TYR A 25 22.94 -12.63 10.97
N GLY A 26 22.07 -11.93 10.26
CA GLY A 26 21.34 -10.82 10.85
C GLY A 26 22.16 -10.18 11.97
N THR A 27 22.82 -9.08 11.61
CA THR A 27 23.64 -8.35 12.56
C THR A 27 24.26 -7.12 11.90
N LYS A 28 25.06 -7.38 10.88
CA LYS A 28 25.72 -6.30 10.16
C LYS A 28 26.71 -6.90 9.16
N GLN A 29 26.28 -7.98 8.52
CA GLN A 29 27.12 -8.65 7.54
C GLN A 29 26.56 -8.44 6.14
N TRP A 30 27.09 -7.43 5.47
CA TRP A 30 26.64 -7.11 4.12
C TRP A 30 27.75 -7.53 3.15
N THR A 31 28.86 -7.99 3.72
CA THR A 31 29.99 -8.43 2.92
C THR A 31 29.74 -9.82 2.36
N LEU A 32 29.18 -10.68 3.20
CA LEU A 32 28.87 -12.04 2.80
C LEU A 32 28.04 -12.01 1.51
N ILE A 33 27.00 -11.21 1.53
CA ILE A 33 26.12 -11.08 0.37
C ILE A 33 26.97 -11.02 -0.90
N ALA A 34 28.01 -10.21 -0.85
CA ALA A 34 28.90 -10.05 -1.98
C ALA A 34 29.97 -11.15 -1.93
N LYS A 35 30.20 -11.64 -0.73
CA LYS A 35 31.20 -12.69 -0.54
C LYS A 35 30.63 -14.03 -1.01
N HIS A 36 29.36 -14.25 -0.69
CA HIS A 36 28.68 -15.47 -1.08
C HIS A 36 28.13 -15.32 -2.49
N LEU A 37 28.55 -14.25 -3.15
CA LEU A 37 28.09 -13.98 -4.50
C LEU A 37 29.13 -13.10 -5.21
N LYS A 38 29.89 -13.72 -6.08
CA LYS A 38 30.92 -13.01 -6.83
C LYS A 38 30.40 -12.71 -8.24
N GLY A 39 31.34 -12.48 -9.14
CA GLY A 39 30.99 -12.18 -10.52
C GLY A 39 30.47 -10.75 -10.67
N ARG A 40 29.46 -10.44 -9.85
CA ARG A 40 28.86 -9.12 -9.87
C ARG A 40 28.68 -8.60 -8.44
N LEU A 41 28.13 -7.39 -8.35
CA LEU A 41 27.91 -6.77 -7.07
C LEU A 41 26.88 -7.59 -6.28
N GLY A 42 26.87 -7.39 -4.98
CA GLY A 42 25.96 -8.10 -4.10
C GLY A 42 24.57 -8.19 -4.74
N LYS A 43 23.83 -9.22 -4.33
CA LYS A 43 22.49 -9.42 -4.85
C LYS A 43 21.59 -8.28 -4.40
N GLN A 44 21.69 -7.16 -5.12
CA GLN A 44 20.90 -5.99 -4.79
C GLN A 44 21.15 -5.55 -3.35
N CYS A 45 22.36 -5.09 -3.11
CA CYS A 45 22.74 -4.63 -1.78
C CYS A 45 21.56 -3.88 -1.17
N ARG A 46 20.96 -4.49 -0.17
CA ARG A 46 19.82 -3.89 0.51
C ARG A 46 18.57 -3.97 -0.39
N GLU A 47 17.71 -4.92 -0.07
CA GLU A 47 16.49 -5.10 -0.83
C GLU A 47 15.74 -6.33 -0.34
N ARG A 48 14.42 -6.19 -0.24
CA ARG A 48 13.57 -7.28 0.22
C ARG A 48 13.52 -7.29 1.75
N TRP A 49 14.37 -6.47 2.35
CA TRP A 49 14.42 -6.39 3.80
C TRP A 49 14.70 -4.92 4.18
N HIS A 50 15.96 -4.56 4.10
CA HIS A 50 16.36 -3.19 4.43
C HIS A 50 15.30 -2.21 3.93
N ASN A 51 14.87 -2.44 2.69
CA ASN A 51 13.87 -1.58 2.09
C ASN A 51 12.59 -2.39 1.86
N HIS A 52 11.91 -2.07 0.77
CA HIS A 52 10.66 -2.75 0.44
C HIS A 52 9.56 -2.33 1.41
N LEU A 53 9.89 -2.40 2.69
CA LEU A 53 8.94 -2.02 3.73
C LEU A 53 8.02 -0.93 3.19
N ASN A 54 6.87 -1.36 2.70
CA ASN A 54 5.88 -0.44 2.17
C ASN A 54 5.43 0.52 3.26
N PRO A 55 5.00 1.73 2.84
CA PRO A 55 4.54 2.74 3.77
C PRO A 55 3.14 2.40 4.30
N GLU A 56 2.44 3.43 4.76
CA GLU A 56 1.10 3.26 5.28
C GLU A 56 0.06 3.68 4.25
N VAL A 57 -1.17 3.80 4.70
CA VAL A 57 -2.26 4.19 3.82
C VAL A 57 -2.04 5.63 3.36
N LYS A 58 -1.38 6.40 4.21
CA LYS A 58 -1.09 7.79 3.90
C LYS A 58 -0.26 8.40 5.03
N LYS A 59 0.97 7.90 5.15
CA LYS A 59 1.87 8.38 6.17
C LYS A 59 1.10 8.61 7.48
N SER A 60 1.65 9.46 8.32
CA SER A 60 1.02 9.77 9.59
C SER A 60 -0.47 10.02 9.39
N SER A 61 -1.25 8.97 9.57
CA SER A 61 -2.69 9.06 9.42
C SER A 61 -3.32 7.67 9.58
N TRP A 62 -4.46 7.50 8.93
CA TRP A 62 -5.18 6.23 9.00
C TRP A 62 -4.28 5.16 8.38
N THR A 63 -4.73 3.92 8.50
CA THR A 63 -3.99 2.79 7.97
C THR A 63 -4.91 1.87 7.18
N GLU A 64 -4.47 0.63 7.04
CA GLU A 64 -5.25 -0.37 6.31
C GLU A 64 -6.37 -0.91 7.19
N GLU A 65 -6.00 -1.83 8.07
CA GLU A 65 -6.96 -2.44 8.97
C GLU A 65 -7.88 -1.37 9.57
N GLU A 66 -7.30 -0.19 9.80
CA GLU A 66 -8.06 0.90 10.36
C GLU A 66 -9.13 1.37 9.38
N ASP A 67 -8.75 1.40 8.10
CA ASP A 67 -9.68 1.82 7.07
C ASP A 67 -10.89 0.89 7.04
N ARG A 68 -10.59 -0.41 6.97
CA ARG A 68 -11.64 -1.41 6.94
C ARG A 68 -12.55 -1.26 8.16
N ILE A 69 -11.96 -1.41 9.33
CA ILE A 69 -12.72 -1.28 10.56
C ILE A 69 -13.73 -0.14 10.43
N ILE A 70 -13.24 0.98 9.92
CA ILE A 70 -14.09 2.15 9.73
C ILE A 70 -15.25 1.79 8.81
N PHE A 71 -14.91 1.55 7.56
CA PHE A 71 -15.91 1.20 6.56
C PHE A 71 -16.86 0.13 7.11
N GLU A 72 -16.35 -0.64 8.06
CA GLU A 72 -17.14 -1.71 8.66
C GLU A 72 -18.12 -1.12 9.67
N ALA A 73 -17.57 -0.65 10.78
CA ALA A 73 -18.39 -0.07 11.84
C ALA A 73 -19.35 0.95 11.22
N HIS A 74 -18.98 1.44 10.05
CA HIS A 74 -19.80 2.42 9.35
C HIS A 74 -21.05 1.73 8.79
N LYS A 75 -20.84 0.55 8.24
CA LYS A 75 -21.94 -0.21 7.67
C LYS A 75 -22.62 -1.01 8.78
N VAL A 76 -22.20 -0.74 10.00
CA VAL A 76 -22.77 -1.43 11.14
C VAL A 76 -23.55 -0.43 12.00
N LEU A 77 -23.31 0.85 11.73
CA LEU A 77 -23.98 1.91 12.45
C LEU A 77 -24.55 2.93 11.46
N GLY A 78 -23.70 3.36 10.55
CA GLY A 78 -24.11 4.31 9.54
C GLY A 78 -23.16 5.51 9.49
N ASN A 79 -23.20 6.29 10.56
CA ASN A 79 -22.35 7.46 10.67
C ASN A 79 -22.00 7.72 12.13
N ARG A 80 -22.14 6.66 12.93
CA ARG A 80 -21.84 6.75 14.35
C ARG A 80 -20.34 6.89 14.57
N TRP A 81 -19.79 7.95 13.99
CA TRP A 81 -18.36 8.21 14.12
C TRP A 81 -18.00 8.17 15.61
N ALA A 82 -18.91 8.68 16.42
CA ALA A 82 -18.71 8.71 17.86
C ALA A 82 -18.48 7.27 18.36
N GLU A 83 -18.92 6.32 17.56
CA GLU A 83 -18.78 4.92 17.91
C GLU A 83 -17.67 4.27 17.07
N ILE A 84 -17.56 4.73 15.84
CA ILE A 84 -16.55 4.22 14.93
C ILE A 84 -15.19 4.25 15.62
N ALA A 85 -14.87 5.39 16.21
CA ALA A 85 -13.62 5.55 16.90
C ALA A 85 -13.55 4.58 18.08
N LYS A 86 -14.66 4.49 18.79
CA LYS A 86 -14.75 3.60 19.94
C LYS A 86 -14.24 2.21 19.55
N LEU A 87 -14.34 1.93 18.25
CA LEU A 87 -13.90 0.64 17.74
C LEU A 87 -12.41 0.71 17.41
N LEU A 88 -11.99 1.91 16.98
CA LEU A 88 -10.60 2.12 16.63
C LEU A 88 -9.93 2.96 17.72
N PRO A 89 -9.09 2.27 18.53
CA PRO A 89 -8.37 2.93 19.61
C PRO A 89 -7.22 3.77 19.07
N GLY A 90 -7.57 4.95 18.56
CA GLY A 90 -6.57 5.85 18.01
C GLY A 90 -7.24 6.96 17.19
N ARG A 91 -8.36 7.45 17.71
CA ARG A 91 -9.10 8.50 17.03
C ARG A 91 -10.44 8.74 17.72
N THR A 92 -11.23 9.62 17.13
CA THR A 92 -12.54 9.94 17.68
C THR A 92 -13.59 9.95 16.57
N ASP A 93 -14.50 10.91 16.66
CA ASP A 93 -15.56 11.04 15.68
C ASP A 93 -15.13 12.03 14.60
N ASN A 94 -14.93 13.27 15.03
CA ASN A 94 -14.52 14.32 14.11
C ASN A 94 -13.41 13.79 13.20
N ALA A 95 -12.64 12.86 13.74
CA ALA A 95 -11.55 12.27 12.99
C ALA A 95 -12.12 11.36 11.89
N VAL A 96 -12.74 10.28 12.33
CA VAL A 96 -13.33 9.34 11.40
C VAL A 96 -14.29 10.07 10.47
N LYS A 97 -15.30 10.69 11.07
CA LYS A 97 -16.29 11.43 10.30
C LYS A 97 -15.59 12.14 9.13
N ASN A 98 -14.64 12.98 9.48
CA ASN A 98 -13.90 13.72 8.48
C ASN A 98 -13.21 12.75 7.52
N HIS A 99 -12.46 11.82 8.10
CA HIS A 99 -11.76 10.83 7.32
C HIS A 99 -12.70 10.26 6.25
N TRP A 100 -13.98 10.32 6.55
CA TRP A 100 -14.98 9.82 5.62
C TRP A 100 -14.93 10.68 4.35
N ASN A 101 -15.31 11.94 4.51
CA ASN A 101 -15.31 12.87 3.38
C ASN A 101 -13.86 13.20 3.02
N SER A 102 -12.94 12.65 3.79
CA SER A 102 -11.52 12.89 3.55
C SER A 102 -11.07 12.12 2.31
N THR A 103 -10.81 10.83 2.51
CA THR A 103 -10.36 9.98 1.42
C THR A 103 -11.33 8.80 1.23
N ILE A 104 -12.18 8.62 2.24
CA ILE A 104 -13.15 7.55 2.20
C ILE A 104 -14.44 8.05 1.55
N LYS A 105 -14.27 8.97 0.61
CA LYS A 105 -15.42 9.54 -0.09
C LYS A 105 -15.00 9.91 -1.52
N ARG A 106 -15.37 9.04 -2.45
CA ARG A 106 -15.04 9.25 -3.84
C ARG A 106 -15.71 10.54 -4.35
N LYS A 107 -17.03 10.57 -4.26
CA LYS A 107 -17.78 11.72 -4.71
C LYS A 107 -17.50 12.90 -3.76
N VAL A 108 -16.26 13.38 -3.84
CA VAL A 108 -15.85 14.50 -3.00
C VAL A 108 -14.65 15.20 -3.64
N ASP A 109 -13.66 14.40 -3.98
CA ASP A 109 -12.45 14.91 -4.60
C ASP A 109 -12.64 14.97 -6.12
N THR A 110 -13.79 15.50 -6.52
CA THR A 110 -14.11 15.61 -7.93
C THR A 110 -15.33 16.52 -8.13
N GLY A 1 30.62 -9.53 -14.57
CA GLY A 1 31.17 -8.88 -15.75
C GLY A 1 31.69 -9.92 -16.75
N ILE A 2 30.76 -10.53 -17.47
CA ILE A 2 31.11 -11.53 -18.45
C ILE A 2 30.97 -10.94 -19.86
N PRO A 3 31.26 -11.79 -20.88
CA PRO A 3 31.18 -11.36 -22.26
C PRO A 3 29.72 -11.27 -22.71
N ASP A 4 28.83 -11.17 -21.72
CA ASP A 4 27.40 -11.08 -22.01
C ASP A 4 26.84 -9.83 -21.34
N LEU A 5 25.56 -9.89 -21.01
CA LEU A 5 24.89 -8.77 -20.36
C LEU A 5 24.74 -7.63 -21.37
N VAL A 6 25.14 -7.91 -22.60
CA VAL A 6 25.04 -6.92 -23.67
C VAL A 6 24.42 -7.57 -24.91
N LYS A 7 24.77 -7.01 -26.05
CA LYS A 7 24.25 -7.52 -27.31
C LYS A 7 22.79 -7.94 -27.13
N GLY A 8 22.13 -7.28 -26.19
CA GLY A 8 20.74 -7.57 -25.92
C GLY A 8 20.59 -8.36 -24.62
N PRO A 9 20.82 -7.65 -23.49
CA PRO A 9 20.71 -8.27 -22.17
C PRO A 9 19.26 -8.49 -21.78
N TRP A 10 19.04 -8.61 -20.48
CA TRP A 10 17.69 -8.82 -19.97
C TRP A 10 16.96 -7.47 -19.97
N THR A 11 17.35 -6.62 -19.03
CA THR A 11 16.74 -5.31 -18.90
C THR A 11 15.30 -5.43 -18.44
N LYS A 12 14.50 -4.43 -18.82
CA LYS A 12 13.09 -4.42 -18.45
C LYS A 12 12.33 -5.44 -19.29
N GLU A 13 12.78 -5.60 -20.52
CA GLU A 13 12.15 -6.54 -21.43
C GLU A 13 12.03 -7.91 -20.77
N GLU A 14 13.18 -8.49 -20.44
CA GLU A 14 13.20 -9.79 -19.80
C GLU A 14 12.26 -9.81 -18.59
N ASP A 15 12.26 -8.71 -17.85
CA ASP A 15 11.41 -8.59 -16.69
C ASP A 15 9.94 -8.62 -17.13
N GLN A 16 9.72 -8.25 -18.39
CA GLN A 16 8.38 -8.22 -18.94
C GLN A 16 7.97 -9.61 -19.42
N LYS A 17 8.98 -10.40 -19.76
CA LYS A 17 8.75 -11.76 -20.24
C LYS A 17 8.64 -12.71 -19.04
N VAL A 18 9.58 -12.54 -18.12
CA VAL A 18 9.61 -13.37 -16.93
C VAL A 18 8.34 -13.11 -16.10
N ILE A 19 7.82 -11.89 -16.24
CA ILE A 19 6.64 -11.49 -15.50
C ILE A 19 5.42 -12.21 -16.10
N GLU A 20 5.26 -12.06 -17.41
CA GLU A 20 4.15 -12.69 -18.10
C GLU A 20 4.27 -14.21 -18.03
N LEU A 21 5.51 -14.68 -18.06
CA LEU A 21 5.78 -16.10 -18.01
C LEU A 21 5.34 -16.64 -16.65
N VAL A 22 5.91 -16.07 -15.60
CA VAL A 22 5.59 -16.48 -14.25
C VAL A 22 4.10 -16.23 -13.99
N LYS A 23 3.52 -15.42 -14.84
CA LYS A 23 2.10 -15.09 -14.71
C LYS A 23 1.27 -16.20 -15.35
N LYS A 24 1.89 -16.91 -16.29
CA LYS A 24 1.23 -17.99 -16.99
C LYS A 24 1.65 -19.33 -16.36
N TYR A 25 2.81 -19.30 -15.72
CA TYR A 25 3.34 -20.50 -15.09
C TYR A 25 2.86 -20.61 -13.64
N GLY A 26 3.09 -19.55 -12.90
CA GLY A 26 2.69 -19.51 -11.50
C GLY A 26 3.66 -18.68 -10.66
N THR A 27 4.46 -19.39 -9.88
CA THR A 27 5.45 -18.74 -9.03
C THR A 27 6.32 -19.78 -8.32
N LYS A 28 6.93 -20.63 -9.12
CA LYS A 28 7.79 -21.67 -8.59
C LYS A 28 8.88 -22.01 -9.62
N GLN A 29 8.44 -22.14 -10.86
CA GLN A 29 9.36 -22.48 -11.94
C GLN A 29 10.20 -21.26 -12.30
N TRP A 30 11.27 -21.08 -11.54
CA TRP A 30 12.18 -19.95 -11.76
C TRP A 30 12.97 -20.25 -13.04
N THR A 31 12.78 -21.45 -13.56
CA THR A 31 13.47 -21.86 -14.78
C THR A 31 13.01 -21.01 -15.96
N LEU A 32 11.70 -20.80 -16.03
CA LEU A 32 11.13 -20.02 -17.11
C LEU A 32 11.85 -18.67 -17.19
N ILE A 33 12.53 -18.33 -16.11
CA ILE A 33 13.26 -17.08 -16.05
C ILE A 33 14.66 -17.29 -16.62
N ALA A 34 15.32 -18.35 -16.15
CA ALA A 34 16.66 -18.67 -16.60
C ALA A 34 16.58 -19.78 -17.65
N LYS A 35 15.47 -19.78 -18.39
CA LYS A 35 15.26 -20.77 -19.43
C LYS A 35 15.01 -20.06 -20.75
N HIS A 36 14.28 -18.96 -20.67
CA HIS A 36 13.97 -18.18 -21.86
C HIS A 36 15.14 -17.25 -22.19
N LEU A 37 16.06 -17.16 -21.25
CA LEU A 37 17.23 -16.31 -21.43
C LEU A 37 18.49 -17.18 -21.43
N LYS A 38 19.63 -16.52 -21.55
CA LYS A 38 20.90 -17.23 -21.57
C LYS A 38 21.99 -16.31 -21.01
N GLY A 39 21.59 -15.46 -20.07
CA GLY A 39 22.51 -14.54 -19.44
C GLY A 39 23.09 -15.13 -18.16
N ARG A 40 22.57 -16.28 -17.78
CA ARG A 40 23.03 -16.96 -16.58
C ARG A 40 22.47 -16.26 -15.33
N LEU A 41 22.32 -17.05 -14.28
CA LEU A 41 21.80 -16.53 -13.02
C LEU A 41 20.76 -15.44 -13.32
N GLY A 42 19.51 -15.88 -13.36
CA GLY A 42 18.41 -14.96 -13.63
C GLY A 42 18.72 -13.56 -13.08
N LYS A 43 19.04 -12.66 -14.00
CA LYS A 43 19.35 -11.29 -13.63
C LYS A 43 18.39 -10.84 -12.53
N GLN A 44 18.92 -10.79 -11.31
CA GLN A 44 18.12 -10.38 -10.17
C GLN A 44 17.02 -11.41 -9.88
N CYS A 45 17.35 -12.36 -9.02
CA CYS A 45 16.41 -13.40 -8.66
C CYS A 45 15.75 -13.01 -7.33
N ARG A 46 14.43 -12.97 -7.35
CA ARG A 46 13.68 -12.61 -6.16
C ARG A 46 14.13 -11.25 -5.63
N GLU A 47 13.42 -10.22 -6.07
CA GLU A 47 13.73 -8.86 -5.65
C GLU A 47 12.66 -7.90 -6.14
N ARG A 48 12.23 -8.12 -7.38
CA ARG A 48 11.21 -7.27 -7.98
C ARG A 48 9.81 -7.78 -7.60
N TRP A 49 9.74 -9.07 -7.35
CA TRP A 49 8.47 -9.69 -6.99
C TRP A 49 8.51 -9.97 -5.48
N HIS A 50 9.54 -10.70 -5.07
CA HIS A 50 9.70 -11.05 -3.67
C HIS A 50 9.35 -9.84 -2.80
N ASN A 51 9.89 -8.69 -3.19
CA ASN A 51 9.65 -7.47 -2.46
C ASN A 51 8.80 -6.52 -3.32
N HIS A 52 9.01 -5.23 -3.11
CA HIS A 52 8.28 -4.22 -3.85
C HIS A 52 6.90 -4.01 -3.21
N LEU A 53 6.21 -5.12 -2.98
CA LEU A 53 4.89 -5.07 -2.38
C LEU A 53 4.93 -4.16 -1.15
N ASN A 54 4.48 -2.93 -1.34
CA ASN A 54 4.46 -1.96 -0.27
C ASN A 54 3.18 -1.12 -0.36
N PRO A 55 2.08 -1.68 0.24
CA PRO A 55 0.80 -1.00 0.22
C PRO A 55 0.79 0.17 1.21
N GLU A 56 0.38 -0.14 2.44
CA GLU A 56 0.32 0.87 3.48
C GLU A 56 -0.62 2.00 3.07
N VAL A 57 -1.24 2.60 4.07
CA VAL A 57 -2.16 3.71 3.82
C VAL A 57 -1.37 4.93 3.34
N LYS A 58 -0.71 5.57 4.30
CA LYS A 58 0.08 6.75 3.98
C LYS A 58 0.97 7.09 5.18
N LYS A 59 2.15 6.47 5.19
CA LYS A 59 3.11 6.68 6.25
C LYS A 59 2.40 6.53 7.60
N SER A 60 1.88 7.64 8.09
CA SER A 60 1.18 7.64 9.38
C SER A 60 -0.33 7.65 9.14
N SER A 61 -0.90 8.84 9.22
CA SER A 61 -2.34 9.00 9.03
C SER A 61 -3.09 7.78 9.58
N TRP A 62 -4.21 7.48 8.96
CA TRP A 62 -5.02 6.35 9.37
C TRP A 62 -4.19 5.08 9.17
N THR A 63 -4.82 3.96 9.48
CA THR A 63 -4.16 2.67 9.34
C THR A 63 -4.94 1.77 8.38
N GLU A 64 -4.57 0.49 8.40
CA GLU A 64 -5.22 -0.48 7.54
C GLU A 64 -6.58 -0.88 8.13
N GLU A 65 -6.52 -1.74 9.14
CA GLU A 65 -7.73 -2.20 9.80
C GLU A 65 -8.68 -1.02 10.06
N GLU A 66 -8.08 0.13 10.33
CA GLU A 66 -8.86 1.32 10.60
C GLU A 66 -9.65 1.73 9.36
N ASP A 67 -9.04 1.52 8.20
CA ASP A 67 -9.68 1.86 6.94
C ASP A 67 -10.82 0.87 6.68
N ARG A 68 -10.48 -0.41 6.75
CA ARG A 68 -11.47 -1.45 6.52
C ARG A 68 -12.60 -1.34 7.53
N ILE A 69 -12.26 -1.50 8.80
CA ILE A 69 -13.23 -1.42 9.86
C ILE A 69 -14.24 -0.31 9.55
N ILE A 70 -13.75 0.93 9.66
CA ILE A 70 -14.58 2.09 9.39
C ILE A 70 -15.32 1.88 8.07
N PHE A 71 -14.56 1.48 7.06
CA PHE A 71 -15.14 1.25 5.74
C PHE A 71 -16.21 0.16 5.79
N GLU A 72 -16.23 -0.55 6.91
CA GLU A 72 -17.21 -1.62 7.10
C GLU A 72 -17.86 -1.50 8.48
N ALA A 73 -17.81 -0.29 9.02
CA ALA A 73 -18.39 -0.03 10.32
C ALA A 73 -19.49 1.03 10.19
N HIS A 74 -19.50 1.68 9.05
CA HIS A 74 -20.49 2.72 8.78
C HIS A 74 -21.79 2.06 8.31
N LYS A 75 -21.64 0.95 7.59
CA LYS A 75 -22.78 0.23 7.08
C LYS A 75 -23.26 -0.78 8.12
N VAL A 76 -22.71 -0.64 9.32
CA VAL A 76 -23.06 -1.52 10.42
C VAL A 76 -23.81 -0.74 11.49
N LEU A 77 -23.56 0.56 11.51
CA LEU A 77 -24.20 1.43 12.48
C LEU A 77 -24.74 2.67 11.77
N GLY A 78 -23.83 3.57 11.42
CA GLY A 78 -24.20 4.79 10.72
C GLY A 78 -23.09 5.84 10.83
N ASN A 79 -23.52 7.09 11.01
CA ASN A 79 -22.58 8.19 11.13
C ASN A 79 -22.26 8.41 12.61
N ARG A 80 -22.52 7.38 13.40
CA ARG A 80 -22.26 7.46 14.82
C ARG A 80 -20.75 7.42 15.10
N TRP A 81 -20.03 8.27 14.37
CA TRP A 81 -18.59 8.34 14.52
C TRP A 81 -18.26 8.24 16.00
N ALA A 82 -19.15 8.80 16.82
CA ALA A 82 -18.97 8.77 18.26
C ALA A 82 -18.58 7.37 18.69
N GLU A 83 -18.95 6.39 17.88
CA GLU A 83 -18.64 5.01 18.16
C GLU A 83 -17.71 4.43 17.09
N ILE A 84 -18.05 4.73 15.84
CA ILE A 84 -17.26 4.24 14.72
C ILE A 84 -15.77 4.43 15.03
N ALA A 85 -15.50 5.42 15.87
CA ALA A 85 -14.13 5.71 16.26
C ALA A 85 -13.74 4.83 17.45
N LYS A 86 -14.66 4.74 18.40
CA LYS A 86 -14.42 3.94 19.59
C LYS A 86 -14.30 2.47 19.19
N LEU A 87 -13.16 2.15 18.57
CA LEU A 87 -12.90 0.80 18.13
C LEU A 87 -11.40 0.56 18.07
N LEU A 88 -10.70 1.55 17.52
CA LEU A 88 -9.26 1.47 17.40
C LEU A 88 -8.61 2.63 18.16
N PRO A 89 -7.38 2.38 18.67
CA PRO A 89 -6.65 3.38 19.43
C PRO A 89 -6.08 4.45 18.49
N GLY A 90 -6.79 5.56 18.40
CA GLY A 90 -6.36 6.66 17.56
C GLY A 90 -7.54 7.24 16.77
N ARG A 91 -7.52 8.56 16.63
CA ARG A 91 -8.58 9.24 15.90
C ARG A 91 -9.91 9.13 16.66
N THR A 92 -10.61 10.25 16.73
CA THR A 92 -11.89 10.29 17.43
C THR A 92 -13.03 10.29 16.42
N ASP A 93 -14.15 10.87 16.84
CA ASP A 93 -15.32 10.94 15.99
C ASP A 93 -15.08 11.97 14.88
N ASN A 94 -14.62 13.14 15.29
CA ASN A 94 -14.34 14.20 14.35
C ASN A 94 -13.26 13.75 13.37
N ALA A 95 -12.60 12.67 13.74
CA ALA A 95 -11.53 12.13 12.91
C ALA A 95 -12.15 11.23 11.83
N VAL A 96 -12.69 10.11 12.27
CA VAL A 96 -13.31 9.16 11.36
C VAL A 96 -14.37 9.89 10.52
N LYS A 97 -15.22 10.62 11.22
CA LYS A 97 -16.28 11.36 10.57
C LYS A 97 -15.76 11.95 9.26
N ASN A 98 -14.76 12.80 9.39
CA ASN A 98 -14.16 13.44 8.21
C ASN A 98 -13.52 12.36 7.34
N HIS A 99 -12.91 11.39 7.99
CA HIS A 99 -12.25 10.31 7.28
C HIS A 99 -13.22 9.73 6.24
N TRP A 100 -14.50 9.96 6.47
CA TRP A 100 -15.52 9.47 5.56
C TRP A 100 -15.44 10.27 4.27
N ASN A 101 -15.43 11.59 4.42
CA ASN A 101 -15.34 12.47 3.27
C ASN A 101 -13.87 12.74 2.94
N SER A 102 -13.01 12.22 3.80
CA SER A 102 -11.58 12.39 3.61
C SER A 102 -11.09 11.51 2.45
N THR A 103 -11.03 10.22 2.72
CA THR A 103 -10.59 9.27 1.71
C THR A 103 -11.52 8.04 1.69
N ILE A 104 -12.41 8.00 2.66
CA ILE A 104 -13.35 6.90 2.76
C ILE A 104 -14.69 7.32 2.17
N LYS A 105 -14.62 8.14 1.13
CA LYS A 105 -15.81 8.62 0.46
C LYS A 105 -15.81 8.15 -1.00
N ARG A 106 -15.42 6.90 -1.18
CA ARG A 106 -15.38 6.32 -2.51
C ARG A 106 -16.79 6.05 -3.03
N LYS A 107 -17.46 5.14 -2.34
CA LYS A 107 -18.82 4.77 -2.72
C LYS A 107 -19.75 5.97 -2.48
N VAL A 108 -19.94 6.75 -3.53
CA VAL A 108 -20.79 7.92 -3.45
C VAL A 108 -21.29 8.29 -4.84
N ASP A 109 -20.33 8.42 -5.75
CA ASP A 109 -20.65 8.78 -7.12
C ASP A 109 -19.56 8.25 -8.06
N THR A 110 -19.64 6.94 -8.31
CA THR A 110 -18.67 6.30 -9.18
C THR A 110 -17.25 6.80 -8.87
N GLY A 1 -39.72 37.81 -5.41
CA GLY A 1 -38.34 38.18 -5.19
C GLY A 1 -37.40 37.39 -6.10
N ILE A 2 -37.68 37.45 -7.39
CA ILE A 2 -36.88 36.75 -8.37
C ILE A 2 -37.02 35.24 -8.15
N PRO A 3 -36.82 34.48 -9.26
CA PRO A 3 -36.92 33.02 -9.19
C PRO A 3 -35.69 32.43 -8.52
N ASP A 4 -35.57 31.11 -8.63
CA ASP A 4 -34.45 30.41 -8.04
C ASP A 4 -33.17 30.74 -8.81
N LEU A 5 -32.28 31.45 -8.13
CA LEU A 5 -31.03 31.85 -8.74
C LEU A 5 -31.27 32.31 -10.18
N VAL A 6 -31.26 33.61 -10.35
CA VAL A 6 -31.48 34.20 -11.67
C VAL A 6 -30.28 33.90 -12.57
N LYS A 7 -29.46 34.91 -12.75
CA LYS A 7 -28.27 34.77 -13.58
C LYS A 7 -27.15 34.14 -12.75
N GLY A 8 -27.55 33.22 -11.88
CA GLY A 8 -26.59 32.53 -11.03
C GLY A 8 -26.14 33.43 -9.88
N PRO A 9 -27.14 34.06 -9.20
CA PRO A 9 -26.86 34.95 -8.09
C PRO A 9 -26.49 34.15 -6.84
N TRP A 10 -25.22 34.27 -6.46
CA TRP A 10 -24.73 33.56 -5.29
C TRP A 10 -24.30 34.61 -4.25
N THR A 11 -23.29 35.39 -4.64
CA THR A 11 -22.78 36.42 -3.76
C THR A 11 -22.00 35.81 -2.60
N LYS A 12 -21.44 36.68 -1.77
CA LYS A 12 -20.67 36.23 -0.62
C LYS A 12 -21.59 35.47 0.33
N GLU A 13 -22.88 35.66 0.14
CA GLU A 13 -23.88 35.00 0.97
C GLU A 13 -23.86 33.49 0.73
N GLU A 14 -23.97 33.12 -0.54
CA GLU A 14 -23.96 31.72 -0.92
C GLU A 14 -22.74 31.02 -0.33
N ASP A 15 -21.60 31.67 -0.48
CA ASP A 15 -20.35 31.12 0.03
C ASP A 15 -20.42 31.03 1.56
N GLN A 16 -20.42 32.20 2.18
CA GLN A 16 -20.47 32.28 3.63
C GLN A 16 -21.42 31.19 4.18
N LYS A 17 -22.40 30.83 3.36
CA LYS A 17 -23.35 29.82 3.75
C LYS A 17 -22.66 28.46 3.82
N VAL A 18 -22.52 27.84 2.66
CA VAL A 18 -21.88 26.54 2.58
C VAL A 18 -20.64 26.53 3.48
N ILE A 19 -19.97 27.68 3.52
CA ILE A 19 -18.78 27.81 4.33
C ILE A 19 -19.14 27.62 5.80
N GLU A 20 -19.67 28.67 6.40
CA GLU A 20 -20.06 28.64 7.79
C GLU A 20 -20.81 27.33 8.10
N LEU A 21 -21.73 26.99 7.20
CA LEU A 21 -22.52 25.78 7.36
C LEU A 21 -21.57 24.59 7.54
N VAL A 22 -20.85 24.29 6.48
CA VAL A 22 -19.91 23.18 6.49
C VAL A 22 -19.04 23.27 7.75
N LYS A 23 -18.96 24.47 8.30
CA LYS A 23 -18.19 24.70 9.49
C LYS A 23 -18.92 24.11 10.71
N LYS A 24 -20.24 24.27 10.68
CA LYS A 24 -21.06 23.76 11.76
C LYS A 24 -21.71 22.44 11.33
N TYR A 25 -21.44 22.06 10.09
CA TYR A 25 -21.98 20.83 9.54
C TYR A 25 -20.89 19.78 9.36
N GLY A 26 -19.84 20.18 8.64
CA GLY A 26 -18.73 19.28 8.38
C GLY A 26 -18.70 18.86 6.91
N THR A 27 -19.34 17.73 6.65
CA THR A 27 -19.40 17.20 5.29
C THR A 27 -20.27 15.94 5.25
N LYS A 28 -21.34 15.98 6.03
CA LYS A 28 -22.25 14.84 6.09
C LYS A 28 -23.62 15.28 5.55
N GLN A 29 -23.76 16.58 5.35
CA GLN A 29 -25.01 17.12 4.84
C GLN A 29 -24.73 18.02 3.63
N TRP A 30 -24.19 17.39 2.59
CA TRP A 30 -23.88 18.11 1.37
C TRP A 30 -25.17 18.75 0.85
N THR A 31 -26.28 18.24 1.34
CA THR A 31 -27.59 18.76 0.94
C THR A 31 -27.66 20.27 1.17
N LEU A 32 -27.08 20.69 2.29
CA LEU A 32 -27.07 22.10 2.63
C LEU A 32 -26.48 22.90 1.47
N ILE A 33 -25.33 22.44 1.00
CA ILE A 33 -24.67 23.12 -0.10
C ILE A 33 -25.60 23.14 -1.31
N ALA A 34 -26.24 22.01 -1.55
CA ALA A 34 -27.16 21.89 -2.67
C ALA A 34 -28.54 22.40 -2.25
N LYS A 35 -28.59 22.97 -1.06
CA LYS A 35 -29.83 23.49 -0.52
C LYS A 35 -29.74 25.02 -0.43
N HIS A 36 -28.59 25.48 0.03
CA HIS A 36 -28.36 26.91 0.17
C HIS A 36 -27.92 27.49 -1.18
N LEU A 37 -27.32 26.64 -1.98
CA LEU A 37 -26.86 27.07 -3.29
C LEU A 37 -27.79 26.51 -4.37
N LYS A 38 -29.04 26.92 -4.28
CA LYS A 38 -30.05 26.48 -5.24
C LYS A 38 -29.57 26.80 -6.66
N GLY A 39 -30.52 26.79 -7.59
CA GLY A 39 -30.22 27.08 -8.97
C GLY A 39 -30.12 25.79 -9.79
N ARG A 40 -30.58 24.71 -9.19
CA ARG A 40 -30.56 23.41 -9.85
C ARG A 40 -29.23 22.71 -9.58
N LEU A 41 -29.33 21.48 -9.09
CA LEU A 41 -28.15 20.69 -8.78
C LEU A 41 -27.06 21.62 -8.26
N GLY A 42 -26.92 21.64 -6.94
CA GLY A 42 -25.92 22.46 -6.30
C GLY A 42 -24.69 22.64 -7.20
N LYS A 43 -24.72 23.71 -7.98
CA LYS A 43 -23.62 24.00 -8.90
C LYS A 43 -22.29 23.67 -8.21
N GLN A 44 -21.68 22.59 -8.67
CA GLN A 44 -20.41 22.16 -8.11
C GLN A 44 -20.62 21.58 -6.71
N CYS A 45 -21.00 20.32 -6.67
CA CYS A 45 -21.24 19.64 -5.40
C CYS A 45 -20.01 18.77 -5.10
N ARG A 46 -19.39 19.07 -3.96
CA ARG A 46 -18.22 18.33 -3.54
C ARG A 46 -17.03 18.64 -4.46
N GLU A 47 -16.39 19.76 -4.17
CA GLU A 47 -15.24 20.18 -4.96
C GLU A 47 -14.12 20.68 -4.04
N ARG A 48 -14.33 21.89 -3.52
CA ARG A 48 -13.35 22.48 -2.63
C ARG A 48 -13.41 21.83 -1.24
N TRP A 49 -14.55 21.21 -0.99
CA TRP A 49 -14.76 20.54 0.29
C TRP A 49 -14.77 19.03 0.05
N HIS A 50 -14.19 18.65 -1.08
CA HIS A 50 -14.13 17.24 -1.45
C HIS A 50 -12.72 16.91 -1.94
N ASN A 51 -12.66 16.38 -3.15
CA ASN A 51 -11.39 16.02 -3.75
C ASN A 51 -10.31 16.98 -3.28
N HIS A 52 -10.45 18.23 -3.71
CA HIS A 52 -9.50 19.27 -3.34
C HIS A 52 -9.05 19.05 -1.89
N LEU A 53 -10.03 18.92 -1.01
CA LEU A 53 -9.75 18.71 0.40
C LEU A 53 -9.51 17.22 0.65
N ASN A 54 -8.29 16.80 0.33
CA ASN A 54 -7.92 15.40 0.52
C ASN A 54 -6.49 15.34 1.08
N PRO A 55 -6.42 15.20 2.43
CA PRO A 55 -5.14 15.12 3.11
C PRO A 55 -4.49 13.76 2.90
N GLU A 56 -5.26 12.85 2.32
CA GLU A 56 -4.78 11.50 2.06
C GLU A 56 -4.30 10.85 3.35
N VAL A 57 -4.23 9.53 3.33
CA VAL A 57 -3.79 8.78 4.49
C VAL A 57 -2.26 8.83 4.58
N LYS A 58 -1.62 8.08 3.70
CA LYS A 58 -0.17 8.04 3.67
C LYS A 58 0.33 7.02 4.69
N LYS A 59 1.62 7.11 4.99
CA LYS A 59 2.23 6.20 5.95
C LYS A 59 1.61 6.44 7.34
N SER A 60 1.46 7.70 7.67
CA SER A 60 0.89 8.08 8.96
C SER A 60 -0.63 8.07 8.87
N SER A 61 -1.23 8.95 9.66
CA SER A 61 -2.69 9.05 9.69
C SER A 61 -3.32 7.67 9.81
N TRP A 62 -4.46 7.51 9.17
CA TRP A 62 -5.17 6.24 9.20
C TRP A 62 -4.27 5.18 8.56
N THR A 63 -4.72 3.94 8.64
CA THR A 63 -3.97 2.83 8.08
C THR A 63 -4.88 1.97 7.19
N GLU A 64 -4.42 0.75 6.93
CA GLU A 64 -5.16 -0.17 6.10
C GLU A 64 -6.35 -0.74 6.88
N GLU A 65 -6.05 -1.70 7.75
CA GLU A 65 -7.07 -2.33 8.55
C GLU A 65 -8.03 -1.27 9.12
N GLU A 66 -7.44 -0.17 9.57
CA GLU A 66 -8.23 0.92 10.13
C GLU A 66 -9.21 1.45 9.08
N ASP A 67 -8.74 1.51 7.85
CA ASP A 67 -9.56 2.01 6.75
C ASP A 67 -10.83 1.15 6.65
N ARG A 68 -10.62 -0.16 6.58
CA ARG A 68 -11.72 -1.09 6.48
C ARG A 68 -12.60 -1.02 7.74
N ILE A 69 -11.97 -1.29 8.87
CA ILE A 69 -12.68 -1.27 10.14
C ILE A 69 -13.71 -0.13 10.11
N ILE A 70 -13.23 1.06 9.81
CA ILE A 70 -14.09 2.22 9.75
C ILE A 70 -15.28 1.93 8.84
N PHE A 71 -14.98 1.79 7.55
CA PHE A 71 -16.01 1.51 6.57
C PHE A 71 -16.90 0.35 7.03
N GLU A 72 -16.34 -0.48 7.90
CA GLU A 72 -17.07 -1.62 8.42
C GLU A 72 -18.05 -1.17 9.51
N ALA A 73 -17.47 -0.81 10.66
CA ALA A 73 -18.29 -0.36 11.78
C ALA A 73 -19.36 0.60 11.29
N HIS A 74 -19.06 1.26 10.17
CA HIS A 74 -19.98 2.21 9.57
C HIS A 74 -21.25 1.48 9.13
N LYS A 75 -21.05 0.42 8.35
CA LYS A 75 -22.15 -0.37 7.85
C LYS A 75 -22.66 -1.29 8.96
N VAL A 76 -22.03 -1.17 10.12
CA VAL A 76 -22.41 -1.99 11.27
C VAL A 76 -23.19 -1.13 12.25
N LEU A 77 -23.09 0.18 12.08
CA LEU A 77 -23.78 1.10 12.94
C LEU A 77 -24.49 2.17 12.09
N GLY A 78 -23.68 3.04 11.51
CA GLY A 78 -24.22 4.10 10.67
C GLY A 78 -23.63 5.46 11.07
N ASN A 79 -22.65 5.89 10.29
CA ASN A 79 -22.00 7.17 10.55
C ASN A 79 -21.84 7.36 12.06
N ARG A 80 -21.72 6.22 12.75
CA ARG A 80 -21.56 6.24 14.19
C ARG A 80 -20.11 6.58 14.56
N TRP A 81 -19.63 7.68 14.00
CA TRP A 81 -18.26 8.11 14.25
C TRP A 81 -18.05 8.15 15.77
N ALA A 82 -19.09 8.59 16.47
CA ALA A 82 -19.05 8.69 17.91
C ALA A 82 -18.77 7.30 18.50
N GLU A 83 -19.00 6.28 17.67
CA GLU A 83 -18.77 4.91 18.10
C GLU A 83 -17.56 4.33 17.39
N ILE A 84 -17.43 4.69 16.11
CA ILE A 84 -16.31 4.22 15.31
C ILE A 84 -15.00 4.43 16.07
N ALA A 85 -14.87 5.63 16.62
CA ALA A 85 -13.68 5.99 17.37
C ALA A 85 -13.65 5.18 18.67
N LYS A 86 -14.75 5.26 19.41
CA LYS A 86 -14.86 4.55 20.67
C LYS A 86 -14.34 3.12 20.49
N LEU A 87 -14.43 2.64 19.26
CA LEU A 87 -13.98 1.29 18.94
C LEU A 87 -12.45 1.29 18.84
N LEU A 88 -11.93 2.29 18.14
CA LEU A 88 -10.50 2.40 17.96
C LEU A 88 -9.93 3.34 19.02
N PRO A 89 -9.03 2.76 19.86
CA PRO A 89 -8.41 3.53 20.93
C PRO A 89 -7.33 4.46 20.37
N GLY A 90 -7.75 5.68 20.07
CA GLY A 90 -6.84 6.68 19.54
C GLY A 90 -7.47 7.41 18.35
N ARG A 91 -8.62 8.01 18.60
CA ARG A 91 -9.33 8.74 17.57
C ARG A 91 -10.71 9.17 18.06
N THR A 92 -11.19 10.27 17.51
CA THR A 92 -12.50 10.78 17.89
C THR A 92 -13.49 10.66 16.73
N ASP A 93 -14.65 11.24 16.91
CA ASP A 93 -15.69 11.20 15.90
C ASP A 93 -15.34 12.19 14.77
N ASN A 94 -14.85 13.35 15.19
CA ASN A 94 -14.49 14.38 14.23
C ASN A 94 -13.36 13.86 13.34
N ALA A 95 -12.68 12.84 13.84
CA ALA A 95 -11.58 12.24 13.09
C ALA A 95 -12.15 11.29 12.02
N VAL A 96 -12.77 10.23 12.50
CA VAL A 96 -13.37 9.25 11.60
C VAL A 96 -14.32 9.96 10.64
N LYS A 97 -15.33 10.60 11.20
CA LYS A 97 -16.30 11.32 10.41
C LYS A 97 -15.60 12.03 9.26
N ASN A 98 -14.60 12.82 9.62
CA ASN A 98 -13.83 13.56 8.63
C ASN A 98 -13.15 12.58 7.68
N HIS A 99 -12.50 11.59 8.26
CA HIS A 99 -11.81 10.58 7.49
C HIS A 99 -12.76 9.98 6.45
N TRP A 100 -14.05 10.03 6.77
CA TRP A 100 -15.06 9.50 5.89
C TRP A 100 -15.08 10.36 4.63
N ASN A 101 -15.15 11.67 4.84
CA ASN A 101 -15.17 12.60 3.73
C ASN A 101 -13.73 12.95 3.32
N SER A 102 -12.80 12.32 4.02
CA SER A 102 -11.38 12.56 3.74
C SER A 102 -10.97 11.84 2.45
N THR A 103 -10.74 10.54 2.59
CA THR A 103 -10.34 9.74 1.44
C THR A 103 -11.27 8.53 1.30
N ILE A 104 -12.11 8.34 2.30
CA ILE A 104 -13.03 7.22 2.30
C ILE A 104 -14.42 7.72 1.86
N LYS A 105 -14.41 8.60 0.88
CA LYS A 105 -15.66 9.16 0.37
C LYS A 105 -15.73 8.92 -1.14
N ARG A 106 -15.29 7.75 -1.55
CA ARG A 106 -15.30 7.40 -2.96
C ARG A 106 -16.56 6.60 -3.30
N LYS A 107 -16.70 5.46 -2.64
CA LYS A 107 -17.85 4.60 -2.87
C LYS A 107 -19.12 5.33 -2.41
N VAL A 108 -19.70 6.08 -3.34
CA VAL A 108 -20.91 6.82 -3.05
C VAL A 108 -21.66 7.09 -4.35
N ASP A 109 -20.94 7.59 -5.33
CA ASP A 109 -21.51 7.89 -6.63
C ASP A 109 -20.43 7.82 -7.70
N THR A 110 -19.99 6.61 -7.98
CA THR A 110 -18.97 6.39 -8.98
C THR A 110 -17.83 7.41 -8.80
N GLY A 1 47.28 -12.35 -5.61
CA GLY A 1 47.94 -13.07 -6.69
C GLY A 1 46.97 -13.32 -7.85
N ILE A 2 46.25 -12.28 -8.20
CA ILE A 2 45.28 -12.37 -9.29
C ILE A 2 45.23 -11.03 -10.03
N PRO A 3 45.76 -11.03 -11.28
CA PRO A 3 45.78 -9.83 -12.09
C PRO A 3 44.39 -9.54 -12.66
N ASP A 4 43.45 -10.40 -12.30
CA ASP A 4 42.07 -10.25 -12.77
C ASP A 4 41.18 -9.89 -11.59
N LEU A 5 40.18 -9.07 -11.88
CA LEU A 5 39.24 -8.66 -10.85
C LEU A 5 39.91 -7.61 -9.95
N VAL A 6 41.06 -7.13 -10.40
CA VAL A 6 41.80 -6.13 -9.66
C VAL A 6 41.92 -4.86 -10.50
N LYS A 7 43.13 -4.33 -10.55
CA LYS A 7 43.39 -3.13 -11.31
C LYS A 7 42.21 -2.17 -11.15
N GLY A 8 41.58 -2.24 -9.99
CA GLY A 8 40.44 -1.39 -9.71
C GLY A 8 39.16 -2.23 -9.50
N PRO A 9 39.05 -2.82 -8.29
CA PRO A 9 37.90 -3.65 -7.96
C PRO A 9 36.67 -2.77 -7.69
N TRP A 10 35.52 -3.27 -8.15
CA TRP A 10 34.27 -2.56 -7.97
C TRP A 10 33.65 -3.03 -6.65
N THR A 11 33.24 -2.06 -5.85
CA THR A 11 32.64 -2.36 -4.56
C THR A 11 31.29 -1.62 -4.43
N LYS A 12 30.87 -1.45 -3.18
CA LYS A 12 29.61 -0.77 -2.91
C LYS A 12 29.46 0.40 -3.88
N GLU A 13 30.39 1.34 -3.78
CA GLU A 13 30.36 2.51 -4.64
C GLU A 13 30.03 2.11 -6.09
N GLU A 14 30.51 0.92 -6.46
CA GLU A 14 30.27 0.41 -7.79
C GLU A 14 28.77 0.19 -8.03
N ASP A 15 28.11 -0.29 -6.99
CA ASP A 15 26.69 -0.55 -7.07
C ASP A 15 25.94 0.77 -7.23
N GLN A 16 26.48 1.80 -6.60
CA GLN A 16 25.88 3.12 -6.67
C GLN A 16 25.80 3.59 -8.12
N LYS A 17 26.74 3.10 -8.92
CA LYS A 17 26.78 3.46 -10.32
C LYS A 17 25.64 2.76 -11.07
N VAL A 18 25.50 1.46 -10.79
CA VAL A 18 24.47 0.67 -11.42
C VAL A 18 23.11 1.33 -11.18
N ILE A 19 23.03 2.08 -10.08
CA ILE A 19 21.80 2.76 -9.72
C ILE A 19 21.60 3.95 -10.67
N GLU A 20 22.59 4.82 -10.70
CA GLU A 20 22.52 6.00 -11.55
C GLU A 20 22.53 5.59 -13.02
N LEU A 21 23.04 4.39 -13.27
CA LEU A 21 23.11 3.87 -14.63
C LEU A 21 21.69 3.61 -15.14
N VAL A 22 20.98 2.78 -14.39
CA VAL A 22 19.61 2.43 -14.76
C VAL A 22 18.75 3.71 -14.76
N LYS A 23 19.24 4.71 -14.05
CA LYS A 23 18.53 5.98 -13.97
C LYS A 23 18.73 6.76 -15.27
N LYS A 24 19.92 6.60 -15.85
CA LYS A 24 20.24 7.28 -17.08
C LYS A 24 19.80 6.41 -18.27
N TYR A 25 19.76 5.11 -18.01
CA TYR A 25 19.35 4.17 -19.05
C TYR A 25 17.83 3.99 -19.07
N GLY A 26 17.29 3.67 -17.91
CA GLY A 26 15.86 3.47 -17.77
C GLY A 26 15.55 2.35 -16.77
N THR A 27 15.26 1.18 -17.31
CA THR A 27 14.94 0.04 -16.48
C THR A 27 14.74 -1.21 -17.35
N LYS A 28 15.59 -1.34 -18.36
CA LYS A 28 15.52 -2.47 -19.26
C LYS A 28 16.91 -2.78 -19.80
N GLN A 29 17.91 -2.33 -19.07
CA GLN A 29 19.29 -2.54 -19.47
C GLN A 29 20.07 -3.24 -18.35
N TRP A 30 19.55 -4.39 -17.94
CA TRP A 30 20.18 -5.16 -16.88
C TRP A 30 21.66 -5.34 -17.24
N THR A 31 21.94 -5.21 -18.53
CA THR A 31 23.30 -5.35 -19.02
C THR A 31 24.20 -4.26 -18.42
N LEU A 32 23.67 -3.06 -18.39
CA LEU A 32 24.39 -1.93 -17.84
C LEU A 32 24.92 -2.28 -16.45
N ILE A 33 24.30 -3.29 -15.87
CA ILE A 33 24.68 -3.74 -14.54
C ILE A 33 25.75 -4.83 -14.66
N ALA A 34 25.45 -5.81 -15.50
CA ALA A 34 26.37 -6.91 -15.71
C ALA A 34 27.34 -6.55 -16.84
N LYS A 35 27.38 -5.27 -17.15
CA LYS A 35 28.25 -4.78 -18.20
C LYS A 35 29.29 -3.83 -17.61
N HIS A 36 28.84 -3.04 -16.65
CA HIS A 36 29.70 -2.08 -15.99
C HIS A 36 30.46 -2.77 -14.85
N LEU A 37 29.73 -3.61 -14.13
CA LEU A 37 30.33 -4.33 -13.02
C LEU A 37 30.83 -5.68 -13.51
N LYS A 38 31.83 -5.62 -14.38
CA LYS A 38 32.41 -6.84 -14.93
C LYS A 38 33.14 -7.60 -13.83
N GLY A 39 32.40 -8.48 -13.17
CA GLY A 39 32.96 -9.27 -12.09
C GLY A 39 31.86 -9.80 -11.17
N ARG A 40 30.79 -10.27 -11.80
CA ARG A 40 29.66 -10.81 -11.05
C ARG A 40 28.50 -11.14 -12.00
N LEU A 41 27.37 -11.49 -11.41
CA LEU A 41 26.20 -11.84 -12.18
C LEU A 41 25.50 -10.55 -12.63
N GLY A 42 26.06 -9.43 -12.20
CA GLY A 42 25.51 -8.13 -12.56
C GLY A 42 23.99 -8.11 -12.37
N LYS A 43 23.53 -8.96 -11.46
CA LYS A 43 22.11 -9.05 -11.17
C LYS A 43 21.80 -8.25 -9.90
N GLN A 44 20.92 -8.80 -9.10
CA GLN A 44 20.52 -8.14 -7.86
C GLN A 44 20.54 -6.62 -8.02
N CYS A 45 19.41 -6.09 -8.42
CA CYS A 45 19.28 -4.65 -8.62
C CYS A 45 17.84 -4.24 -8.34
N ARG A 46 16.95 -4.64 -9.25
CA ARG A 46 15.54 -4.32 -9.10
C ARG A 46 15.00 -4.87 -7.78
N GLU A 47 15.27 -4.12 -6.72
CA GLU A 47 14.82 -4.50 -5.39
C GLU A 47 14.69 -3.28 -4.50
N ARG A 48 15.70 -2.41 -4.58
CA ARG A 48 15.71 -1.20 -3.79
C ARG A 48 14.71 -0.19 -4.34
N TRP A 49 14.59 -0.19 -5.66
CA TRP A 49 13.68 0.72 -6.33
C TRP A 49 12.55 -0.11 -6.95
N HIS A 50 12.75 -1.41 -6.95
CA HIS A 50 11.77 -2.32 -7.51
C HIS A 50 10.62 -2.50 -6.53
N ASN A 51 10.51 -3.71 -6.00
CA ASN A 51 9.45 -4.02 -5.05
C ASN A 51 9.80 -3.40 -3.70
N HIS A 52 9.96 -2.08 -3.72
CA HIS A 52 10.28 -1.35 -2.51
C HIS A 52 9.16 -0.37 -2.19
N LEU A 53 8.59 0.20 -3.24
CA LEU A 53 7.51 1.16 -3.08
C LEU A 53 6.59 0.70 -1.95
N ASN A 54 6.32 1.61 -1.03
CA ASN A 54 5.46 1.31 0.10
C ASN A 54 4.26 2.27 0.08
N PRO A 55 3.06 1.67 -0.13
CA PRO A 55 1.84 2.45 -0.18
C PRO A 55 1.41 2.87 1.23
N GLU A 56 0.68 1.99 1.90
CA GLU A 56 0.21 2.26 3.24
C GLU A 56 -0.57 3.57 3.27
N VAL A 57 -1.35 3.73 4.34
CA VAL A 57 -2.15 4.93 4.50
C VAL A 57 -1.34 5.98 5.26
N LYS A 58 -0.02 5.86 5.15
CA LYS A 58 0.87 6.79 5.82
C LYS A 58 0.91 6.48 7.31
N LYS A 59 2.11 6.49 7.86
CA LYS A 59 2.29 6.21 9.27
C LYS A 59 1.67 7.34 10.10
N SER A 60 1.24 6.98 11.30
CA SER A 60 0.63 7.95 12.19
C SER A 60 -0.86 8.10 11.86
N SER A 61 -1.13 8.44 10.61
CA SER A 61 -2.50 8.61 10.16
C SER A 61 -3.24 7.27 10.19
N TRP A 62 -4.30 7.20 9.40
CA TRP A 62 -5.09 5.98 9.33
C TRP A 62 -4.20 4.87 8.76
N THR A 63 -4.77 3.67 8.71
CA THR A 63 -4.04 2.52 8.20
C THR A 63 -4.96 1.67 7.32
N GLU A 64 -4.59 0.40 7.19
CA GLU A 64 -5.36 -0.52 6.39
C GLU A 64 -6.56 -1.04 7.18
N GLU A 65 -6.28 -2.01 8.04
CA GLU A 65 -7.33 -2.61 8.87
C GLU A 65 -8.19 -1.51 9.49
N GLU A 66 -7.55 -0.38 9.75
CA GLU A 66 -8.24 0.75 10.35
C GLU A 66 -9.27 1.32 9.38
N ASP A 67 -8.88 1.34 8.11
CA ASP A 67 -9.76 1.85 7.07
C ASP A 67 -11.01 0.98 6.98
N ARG A 68 -10.77 -0.31 6.86
CA ARG A 68 -11.86 -1.28 6.76
C ARG A 68 -12.80 -1.14 7.96
N ILE A 69 -12.24 -1.37 9.14
CA ILE A 69 -13.02 -1.27 10.36
C ILE A 69 -14.01 -0.12 10.25
N ILE A 70 -13.52 1.00 9.72
CA ILE A 70 -14.35 2.17 9.54
C ILE A 70 -15.50 1.84 8.60
N PHE A 71 -15.16 1.67 7.33
CA PHE A 71 -16.15 1.35 6.32
C PHE A 71 -17.08 0.23 6.80
N GLU A 72 -16.57 -0.55 7.75
CA GLU A 72 -17.34 -1.66 8.29
C GLU A 72 -18.33 -1.15 9.35
N ALA A 73 -17.78 -0.72 10.47
CA ALA A 73 -18.61 -0.21 11.55
C ALA A 73 -19.62 0.78 10.99
N HIS A 74 -19.27 1.36 9.85
CA HIS A 74 -20.14 2.33 9.21
C HIS A 74 -21.37 1.62 8.64
N LYS A 75 -21.11 0.47 8.03
CA LYS A 75 -22.19 -0.31 7.44
C LYS A 75 -22.80 -1.21 8.51
N VAL A 76 -22.37 -0.98 9.74
CA VAL A 76 -22.86 -1.77 10.87
C VAL A 76 -23.72 -0.88 11.77
N LEU A 77 -23.50 0.43 11.64
CA LEU A 77 -24.23 1.39 12.43
C LEU A 77 -24.80 2.48 11.52
N GLY A 78 -23.91 3.35 11.08
CA GLY A 78 -24.31 4.44 10.20
C GLY A 78 -23.68 5.76 10.64
N ASN A 79 -22.67 6.19 9.89
CA ASN A 79 -21.98 7.42 10.21
C ASN A 79 -21.83 7.56 11.71
N ARG A 80 -21.77 6.41 12.38
CA ARG A 80 -21.64 6.39 13.82
C ARG A 80 -20.19 6.66 14.22
N TRP A 81 -19.66 7.77 13.71
CA TRP A 81 -18.29 8.15 14.00
C TRP A 81 -18.11 8.15 15.51
N ALA A 82 -19.16 8.58 16.21
CA ALA A 82 -19.13 8.63 17.66
C ALA A 82 -18.93 7.21 18.21
N GLU A 83 -19.14 6.24 17.34
CA GLU A 83 -19.00 4.85 17.73
C GLU A 83 -17.81 4.22 17.00
N ILE A 84 -17.50 4.77 15.83
CA ILE A 84 -16.40 4.28 15.03
C ILE A 84 -15.09 4.48 15.80
N ALA A 85 -14.95 5.67 16.36
CA ALA A 85 -13.76 6.00 17.12
C ALA A 85 -13.78 5.23 18.45
N LYS A 86 -14.97 5.10 19.01
CA LYS A 86 -15.14 4.41 20.27
C LYS A 86 -14.23 3.18 20.29
N LEU A 87 -14.01 2.63 19.11
CA LEU A 87 -13.16 1.44 18.96
C LEU A 87 -11.70 1.88 19.02
N LEU A 88 -11.37 2.85 18.19
CA LEU A 88 -10.00 3.35 18.12
C LEU A 88 -9.93 4.68 18.89
N PRO A 89 -9.19 4.65 20.03
CA PRO A 89 -9.03 5.82 20.86
C PRO A 89 -8.05 6.81 20.22
N GLY A 90 -8.50 8.04 20.07
CA GLY A 90 -7.67 9.08 19.47
C GLY A 90 -8.29 9.59 18.17
N ARG A 91 -9.51 9.12 17.90
CA ARG A 91 -10.21 9.52 16.69
C ARG A 91 -11.49 10.29 17.05
N THR A 92 -11.83 10.23 18.34
CA THR A 92 -13.01 10.92 18.82
C THR A 92 -14.20 10.64 17.89
N ASP A 93 -14.37 11.54 16.93
CA ASP A 93 -15.46 11.42 15.97
C ASP A 93 -15.12 12.24 14.73
N ASN A 94 -14.65 13.46 14.96
CA ASN A 94 -14.29 14.35 13.88
C ASN A 94 -13.22 13.70 13.01
N ALA A 95 -12.45 12.82 13.65
CA ALA A 95 -11.39 12.12 12.94
C ALA A 95 -11.99 11.22 11.86
N VAL A 96 -12.76 10.24 12.30
CA VAL A 96 -13.41 9.32 11.38
C VAL A 96 -14.36 10.10 10.46
N LYS A 97 -15.32 10.76 11.09
CA LYS A 97 -16.30 11.54 10.35
C LYS A 97 -15.59 12.29 9.21
N ASN A 98 -14.65 13.13 9.60
CA ASN A 98 -13.90 13.90 8.62
C ASN A 98 -13.18 12.95 7.67
N HIS A 99 -12.37 12.09 8.26
CA HIS A 99 -11.62 11.12 7.47
C HIS A 99 -12.53 10.49 6.41
N TRP A 100 -13.81 10.46 6.73
CA TRP A 100 -14.79 9.88 5.83
C TRP A 100 -14.81 10.74 4.56
N ASN A 101 -15.30 11.95 4.70
CA ASN A 101 -15.37 12.87 3.57
C ASN A 101 -13.96 13.31 3.19
N SER A 102 -12.99 12.83 3.96
CA SER A 102 -11.60 13.17 3.71
C SER A 102 -11.10 12.43 2.47
N THR A 103 -10.74 11.18 2.66
CA THR A 103 -10.24 10.36 1.57
C THR A 103 -11.16 9.15 1.36
N ILE A 104 -12.02 8.92 2.34
CA ILE A 104 -12.95 7.80 2.27
C ILE A 104 -14.26 8.27 1.65
N LYS A 105 -14.13 9.18 0.69
CA LYS A 105 -15.29 9.71 0.00
C LYS A 105 -14.88 10.16 -1.41
N ARG A 106 -14.75 9.19 -2.29
CA ARG A 106 -14.38 9.47 -3.66
C ARG A 106 -15.46 10.30 -4.36
N LYS A 107 -16.61 9.67 -4.56
CA LYS A 107 -17.73 10.33 -5.21
C LYS A 107 -18.26 11.44 -4.29
N VAL A 108 -17.72 12.63 -4.48
CA VAL A 108 -18.13 13.77 -3.69
C VAL A 108 -18.98 14.71 -4.55
N ASP A 109 -18.40 15.13 -5.66
CA ASP A 109 -19.10 16.03 -6.57
C ASP A 109 -18.55 15.82 -7.99
N THR A 110 -18.96 14.72 -8.59
CA THR A 110 -18.52 14.40 -9.94
C THR A 110 -18.94 15.50 -10.91
N GLY A 1 27.85 -17.67 -19.80
CA GLY A 1 27.11 -18.01 -21.00
C GLY A 1 27.36 -16.98 -22.10
N ILE A 2 26.47 -15.98 -22.13
CA ILE A 2 26.58 -14.93 -23.13
C ILE A 2 27.76 -14.02 -22.79
N PRO A 3 28.27 -13.32 -23.83
CA PRO A 3 29.39 -12.41 -23.65
C PRO A 3 28.95 -11.13 -22.95
N ASP A 4 28.01 -11.29 -22.03
CA ASP A 4 27.49 -10.15 -21.29
C ASP A 4 27.20 -10.57 -19.85
N LEU A 5 26.61 -9.66 -19.10
CA LEU A 5 26.27 -9.92 -17.71
C LEU A 5 27.55 -9.94 -16.87
N VAL A 6 28.66 -9.67 -17.53
CA VAL A 6 29.94 -9.66 -16.86
C VAL A 6 30.78 -8.49 -17.39
N LYS A 7 31.09 -8.56 -18.68
CA LYS A 7 31.87 -7.52 -19.33
C LYS A 7 30.99 -6.29 -19.55
N GLY A 8 29.75 -6.40 -19.08
CA GLY A 8 28.81 -5.30 -19.23
C GLY A 8 27.40 -5.73 -18.78
N PRO A 9 27.31 -6.10 -17.48
CA PRO A 9 26.04 -6.52 -16.91
C PRO A 9 25.11 -5.32 -16.69
N TRP A 10 23.82 -5.62 -16.61
CA TRP A 10 22.82 -4.58 -16.40
C TRP A 10 23.19 -3.84 -15.12
N THR A 11 22.49 -2.74 -14.89
CA THR A 11 22.73 -1.93 -13.70
C THR A 11 21.45 -1.19 -13.30
N LYS A 12 21.62 -0.21 -12.44
CA LYS A 12 20.49 0.57 -11.95
C LYS A 12 19.70 1.11 -13.15
N GLU A 13 20.43 1.41 -14.21
CA GLU A 13 19.81 1.92 -15.43
C GLU A 13 18.59 1.07 -15.80
N GLU A 14 18.89 -0.09 -16.36
CA GLU A 14 17.85 -1.01 -16.77
C GLU A 14 16.86 -1.26 -15.62
N ASP A 15 17.43 -1.36 -14.42
CA ASP A 15 16.62 -1.59 -13.24
C ASP A 15 15.71 -0.38 -13.01
N GLN A 16 16.16 0.76 -13.50
CA GLN A 16 15.39 1.99 -13.35
C GLN A 16 14.06 1.89 -14.11
N LYS A 17 14.12 1.18 -15.23
CA LYS A 17 12.94 0.99 -16.06
C LYS A 17 11.95 0.09 -15.32
N VAL A 18 12.48 -0.94 -14.69
CA VAL A 18 11.66 -1.88 -13.95
C VAL A 18 10.85 -1.11 -12.89
N ILE A 19 11.46 -0.09 -12.35
CA ILE A 19 10.82 0.73 -11.33
C ILE A 19 9.65 1.50 -11.97
N GLU A 20 9.89 1.96 -13.19
CA GLU A 20 8.88 2.70 -13.91
C GLU A 20 7.71 1.79 -14.29
N LEU A 21 8.00 0.49 -14.31
CA LEU A 21 6.99 -0.48 -14.65
C LEU A 21 6.13 -0.78 -13.42
N VAL A 22 6.77 -1.39 -12.43
CA VAL A 22 6.08 -1.74 -11.19
C VAL A 22 5.34 -0.51 -10.67
N LYS A 23 5.81 0.65 -11.10
CA LYS A 23 5.20 1.91 -10.69
C LYS A 23 3.83 2.05 -11.36
N LYS A 24 3.86 2.09 -12.68
CA LYS A 24 2.63 2.23 -13.45
C LYS A 24 1.75 0.99 -13.23
N TYR A 25 2.39 -0.08 -12.80
CA TYR A 25 1.69 -1.32 -12.55
C TYR A 25 1.09 -1.34 -11.13
N GLY A 26 1.98 -1.24 -10.15
CA GLY A 26 1.56 -1.23 -8.76
C GLY A 26 0.32 -2.11 -8.56
N THR A 27 0.55 -3.33 -8.11
CA THR A 27 -0.52 -4.27 -7.87
C THR A 27 0.03 -5.60 -7.36
N LYS A 28 0.76 -6.28 -8.22
CA LYS A 28 1.35 -7.56 -7.87
C LYS A 28 2.04 -8.16 -9.10
N GLN A 29 2.79 -7.31 -9.79
CA GLN A 29 3.50 -7.75 -10.98
C GLN A 29 5.01 -7.69 -10.76
N TRP A 30 5.57 -8.85 -10.45
CA TRP A 30 7.00 -8.95 -10.20
C TRP A 30 7.62 -9.75 -11.35
N THR A 31 6.76 -10.36 -12.14
CA THR A 31 7.21 -11.15 -13.27
C THR A 31 7.83 -10.25 -14.34
N LEU A 32 7.23 -9.09 -14.52
CA LEU A 32 7.71 -8.14 -15.51
C LEU A 32 9.19 -7.85 -15.24
N ILE A 33 9.47 -7.43 -14.02
CA ILE A 33 10.83 -7.12 -13.63
C ILE A 33 11.78 -8.16 -14.22
N ALA A 34 11.75 -9.35 -13.63
CA ALA A 34 12.61 -10.43 -14.09
C ALA A 34 12.39 -10.64 -15.59
N LYS A 35 11.15 -10.92 -15.95
CA LYS A 35 10.81 -11.15 -17.34
C LYS A 35 11.42 -10.04 -18.20
N HIS A 36 11.60 -8.89 -17.57
CA HIS A 36 12.18 -7.74 -18.26
C HIS A 36 13.71 -7.83 -18.23
N LEU A 37 14.25 -7.70 -17.03
CA LEU A 37 15.68 -7.77 -16.85
C LEU A 37 16.10 -9.23 -16.62
N LYS A 38 16.52 -9.87 -17.70
CA LYS A 38 16.95 -11.25 -17.63
C LYS A 38 18.45 -11.30 -17.33
N GLY A 39 18.88 -10.37 -16.50
CA GLY A 39 20.28 -10.29 -16.12
C GLY A 39 20.51 -10.87 -14.71
N ARG A 40 19.40 -11.16 -14.05
CA ARG A 40 19.46 -11.71 -12.71
C ARG A 40 18.10 -12.31 -12.32
N LEU A 41 18.15 -13.20 -11.34
CA LEU A 41 16.93 -13.85 -10.87
C LEU A 41 16.09 -12.85 -10.10
N GLY A 42 14.77 -13.05 -10.14
CA GLY A 42 13.85 -12.18 -9.45
C GLY A 42 13.64 -12.64 -8.01
N LYS A 43 14.75 -12.85 -7.32
CA LYS A 43 14.70 -13.29 -5.94
C LYS A 43 14.82 -12.08 -5.02
N GLN A 44 15.93 -11.37 -5.17
CA GLN A 44 16.18 -10.19 -4.37
C GLN A 44 15.27 -9.04 -4.80
N CYS A 45 13.98 -9.29 -4.72
CA CYS A 45 12.99 -8.29 -5.10
C CYS A 45 12.23 -7.87 -3.85
N ARG A 46 11.18 -7.08 -4.06
CA ARG A 46 10.37 -6.59 -2.96
C ARG A 46 11.24 -6.33 -1.73
N GLU A 47 12.18 -5.41 -1.88
CA GLU A 47 13.08 -5.08 -0.79
C GLU A 47 13.61 -3.65 -0.97
N ARG A 48 13.31 -2.82 0.02
CA ARG A 48 13.76 -1.44 -0.02
C ARG A 48 12.82 -0.60 -0.90
N TRP A 49 11.87 -1.29 -1.51
CA TRP A 49 10.91 -0.63 -2.38
C TRP A 49 9.51 -1.13 -2.00
N HIS A 50 9.40 -2.44 -1.88
CA HIS A 50 8.13 -3.05 -1.52
C HIS A 50 7.83 -2.80 -0.05
N ASN A 51 8.28 -3.72 0.78
CA ASN A 51 8.06 -3.61 2.22
C ASN A 51 8.70 -2.31 2.72
N HIS A 52 7.95 -1.22 2.58
CA HIS A 52 8.42 0.08 3.02
C HIS A 52 7.30 1.11 2.90
N LEU A 53 6.90 1.36 1.66
CA LEU A 53 5.85 2.32 1.40
C LEU A 53 5.16 1.96 0.07
N ASN A 54 5.06 0.67 -0.18
CA ASN A 54 4.44 0.17 -1.39
C ASN A 54 2.92 0.29 -1.26
N PRO A 55 2.40 -0.25 -0.12
CA PRO A 55 0.97 -0.21 0.14
C PRO A 55 0.53 1.19 0.56
N GLU A 56 0.55 1.43 1.85
CA GLU A 56 0.15 2.73 2.39
C GLU A 56 -1.29 3.03 1.98
N VAL A 57 -1.94 3.86 2.80
CA VAL A 57 -3.32 4.24 2.54
C VAL A 57 -3.34 5.41 1.56
N LYS A 58 -3.48 6.61 2.11
CA LYS A 58 -3.51 7.81 1.30
C LYS A 58 -3.00 8.99 2.11
N LYS A 59 -3.17 10.18 1.55
CA LYS A 59 -2.72 11.40 2.21
C LYS A 59 -3.51 11.57 3.51
N SER A 60 -2.98 10.99 4.57
CA SER A 60 -3.61 11.08 5.88
C SER A 60 -2.75 10.39 6.93
N SER A 61 -3.32 10.24 8.11
CA SER A 61 -2.62 9.59 9.21
C SER A 61 -3.38 8.32 9.65
N TRP A 62 -4.15 7.78 8.71
CA TRP A 62 -4.92 6.59 8.97
C TRP A 62 -4.08 5.38 8.56
N THR A 63 -4.66 4.20 8.75
CA THR A 63 -3.98 2.97 8.41
C THR A 63 -4.86 2.10 7.51
N GLU A 64 -4.47 0.84 7.38
CA GLU A 64 -5.21 -0.09 6.55
C GLU A 64 -6.41 -0.64 7.32
N GLU A 65 -6.14 -1.59 8.19
CA GLU A 65 -7.19 -2.21 8.99
C GLU A 65 -8.11 -1.12 9.57
N GLU A 66 -7.54 0.06 9.75
CA GLU A 66 -8.29 1.17 10.29
C GLU A 66 -9.38 1.62 9.31
N ASP A 67 -9.01 1.60 8.03
CA ASP A 67 -9.94 2.00 6.99
C ASP A 67 -11.03 0.94 6.86
N ARG A 68 -10.61 -0.31 6.83
CA ARG A 68 -11.54 -1.42 6.72
C ARG A 68 -12.53 -1.41 7.89
N ILE A 69 -11.98 -1.57 9.08
CA ILE A 69 -12.81 -1.58 10.27
C ILE A 69 -13.91 -0.53 10.14
N ILE A 70 -13.50 0.73 10.21
CA ILE A 70 -14.45 1.83 10.10
C ILE A 70 -15.35 1.59 8.88
N PHE A 71 -14.71 1.30 7.76
CA PHE A 71 -15.44 1.06 6.52
C PHE A 71 -16.42 -0.10 6.68
N GLU A 72 -16.21 -0.87 7.76
CA GLU A 72 -17.07 -2.01 8.04
C GLU A 72 -18.01 -1.69 9.20
N ALA A 73 -17.70 -0.60 9.90
CA ALA A 73 -18.50 -0.17 11.03
C ALA A 73 -19.58 0.80 10.55
N HIS A 74 -19.31 1.41 9.41
CA HIS A 74 -20.24 2.37 8.83
C HIS A 74 -21.43 1.63 8.22
N LYS A 75 -21.25 0.32 8.06
CA LYS A 75 -22.30 -0.51 7.50
C LYS A 75 -23.00 -1.27 8.62
N VAL A 76 -22.72 -0.86 9.85
CA VAL A 76 -23.31 -1.48 11.02
C VAL A 76 -24.20 -0.47 11.73
N LEU A 77 -23.78 0.79 11.70
CA LEU A 77 -24.54 1.85 12.33
C LEU A 77 -24.84 2.94 11.31
N GLY A 78 -23.80 3.69 10.96
CA GLY A 78 -23.94 4.76 10.00
C GLY A 78 -22.86 5.83 10.21
N ASN A 79 -23.33 7.05 10.46
CA ASN A 79 -22.42 8.16 10.68
C ASN A 79 -22.12 8.27 12.17
N ARG A 80 -22.30 7.16 12.87
CA ARG A 80 -22.05 7.12 14.29
C ARG A 80 -20.55 7.17 14.58
N TRP A 81 -19.91 8.19 14.02
CA TRP A 81 -18.48 8.36 14.19
C TRP A 81 -18.17 8.22 15.69
N ALA A 82 -19.09 8.71 16.50
CA ALA A 82 -18.93 8.65 17.94
C ALA A 82 -18.65 7.20 18.36
N GLU A 83 -19.22 6.28 17.60
CA GLU A 83 -19.04 4.87 17.88
C GLU A 83 -18.05 4.25 16.90
N ILE A 84 -18.18 4.65 15.64
CA ILE A 84 -17.32 4.14 14.59
C ILE A 84 -15.86 4.23 15.07
N ALA A 85 -15.54 5.34 15.70
CA ALA A 85 -14.20 5.55 16.21
C ALA A 85 -13.97 4.64 17.41
N LYS A 86 -15.04 4.37 18.13
CA LYS A 86 -14.97 3.51 19.31
C LYS A 86 -14.62 2.09 18.87
N LEU A 87 -13.40 1.94 18.36
CA LEU A 87 -12.93 0.64 17.91
C LEU A 87 -11.40 0.59 18.00
N LEU A 88 -10.79 1.67 17.56
CA LEU A 88 -9.34 1.76 17.58
C LEU A 88 -8.91 2.87 18.55
N PRO A 89 -8.00 2.50 19.49
CA PRO A 89 -7.52 3.44 20.47
C PRO A 89 -6.52 4.43 19.85
N GLY A 90 -7.01 5.63 19.59
CA GLY A 90 -6.18 6.66 18.98
C GLY A 90 -6.92 7.39 17.87
N ARG A 91 -8.08 7.94 18.23
CA ARG A 91 -8.90 8.67 17.29
C ARG A 91 -10.24 9.06 17.93
N THR A 92 -10.95 9.92 17.23
CA THR A 92 -12.24 10.38 17.72
C THR A 92 -13.28 10.35 16.59
N ASP A 93 -14.42 10.97 16.85
CA ASP A 93 -15.48 11.02 15.88
C ASP A 93 -15.10 11.96 14.73
N ASN A 94 -14.94 13.23 15.09
CA ASN A 94 -14.57 14.24 14.11
C ASN A 94 -13.42 13.71 13.25
N ALA A 95 -12.62 12.83 13.85
CA ALA A 95 -11.50 12.24 13.16
C ALA A 95 -12.00 11.36 12.02
N VAL A 96 -12.65 10.27 12.40
CA VAL A 96 -13.19 9.35 11.41
C VAL A 96 -14.15 10.10 10.48
N LYS A 97 -15.11 10.76 11.09
CA LYS A 97 -16.10 11.52 10.34
C LYS A 97 -15.42 12.17 9.14
N ASN A 98 -14.52 13.10 9.44
CA ASN A 98 -13.79 13.81 8.41
C ASN A 98 -13.12 12.80 7.48
N HIS A 99 -12.41 11.85 8.09
CA HIS A 99 -11.72 10.83 7.33
C HIS A 99 -12.66 10.26 6.27
N TRP A 100 -13.94 10.35 6.55
CA TRP A 100 -14.95 9.85 5.63
C TRP A 100 -14.87 10.66 4.35
N ASN A 101 -15.27 11.92 4.46
CA ASN A 101 -15.25 12.82 3.31
C ASN A 101 -13.80 13.09 2.91
N SER A 102 -12.89 12.55 3.71
CA SER A 102 -11.47 12.73 3.45
C SER A 102 -11.05 11.90 2.24
N THR A 103 -10.84 10.61 2.49
CA THR A 103 -10.46 9.70 1.43
C THR A 103 -11.44 8.53 1.32
N ILE A 104 -12.25 8.40 2.35
CA ILE A 104 -13.24 7.34 2.40
C ILE A 104 -14.55 7.83 1.78
N LYS A 105 -14.40 8.72 0.80
CA LYS A 105 -15.56 9.28 0.12
C LYS A 105 -15.19 9.60 -1.33
N ARG A 106 -15.78 8.83 -2.24
CA ARG A 106 -15.52 9.02 -3.65
C ARG A 106 -16.24 10.27 -4.17
N LYS A 107 -17.56 10.18 -4.21
CA LYS A 107 -18.37 11.29 -4.66
C LYS A 107 -18.31 12.42 -3.65
N VAL A 108 -17.20 13.14 -3.67
CA VAL A 108 -17.00 14.25 -2.76
C VAL A 108 -16.11 15.30 -3.43
N ASP A 109 -15.02 14.82 -4.02
CA ASP A 109 -14.08 15.71 -4.69
C ASP A 109 -13.36 14.93 -5.80
N THR A 110 -14.09 14.68 -6.86
CA THR A 110 -13.54 13.95 -7.99
C THR A 110 -12.16 14.49 -8.37
N GLY A 1 30.99 -3.11 -23.41
CA GLY A 1 31.40 -4.44 -23.84
C GLY A 1 31.00 -5.50 -22.82
N ILE A 2 30.29 -6.51 -23.31
CA ILE A 2 29.84 -7.60 -22.45
C ILE A 2 30.07 -8.93 -23.17
N PRO A 3 31.24 -9.03 -23.86
CA PRO A 3 31.58 -10.23 -24.59
C PRO A 3 32.04 -11.34 -23.63
N ASP A 4 31.87 -11.06 -22.34
CA ASP A 4 32.25 -12.02 -21.32
C ASP A 4 31.04 -12.31 -20.42
N LEU A 5 29.86 -12.05 -20.97
CA LEU A 5 28.63 -12.28 -20.24
C LEU A 5 27.49 -12.52 -21.23
N VAL A 6 27.86 -12.90 -22.44
CA VAL A 6 26.89 -13.16 -23.48
C VAL A 6 26.93 -14.65 -23.85
N LYS A 7 28.08 -15.26 -23.59
CA LYS A 7 28.26 -16.67 -23.89
C LYS A 7 27.52 -17.50 -22.84
N GLY A 8 26.72 -16.82 -22.04
CA GLY A 8 25.96 -17.49 -21.00
C GLY A 8 25.18 -16.47 -20.15
N PRO A 9 24.11 -15.90 -20.78
CA PRO A 9 23.28 -14.93 -20.10
C PRO A 9 22.36 -15.60 -19.08
N TRP A 10 21.81 -14.78 -18.20
CA TRP A 10 20.92 -15.28 -17.17
C TRP A 10 19.51 -14.77 -17.48
N THR A 11 19.46 -13.59 -18.08
CA THR A 11 18.18 -12.99 -18.43
C THR A 11 17.43 -12.56 -17.18
N LYS A 12 16.13 -12.37 -17.35
CA LYS A 12 15.28 -11.96 -16.24
C LYS A 12 14.91 -13.19 -15.41
N GLU A 13 14.87 -14.33 -16.08
CA GLU A 13 14.53 -15.59 -15.43
C GLU A 13 15.28 -15.71 -14.11
N GLU A 14 16.57 -16.02 -14.21
CA GLU A 14 17.40 -16.18 -13.04
C GLU A 14 17.23 -14.98 -12.10
N ASP A 15 17.13 -13.80 -12.71
CA ASP A 15 16.96 -12.58 -11.94
C ASP A 15 15.65 -12.64 -11.16
N GLN A 16 14.69 -13.35 -11.75
CA GLN A 16 13.38 -13.49 -11.13
C GLN A 16 13.51 -14.23 -9.79
N LYS A 17 14.50 -15.13 -9.75
CA LYS A 17 14.74 -15.91 -8.55
C LYS A 17 15.17 -14.98 -7.41
N VAL A 18 16.15 -14.13 -7.73
CA VAL A 18 16.67 -13.19 -6.75
C VAL A 18 15.49 -12.44 -6.11
N ILE A 19 14.51 -12.12 -6.93
CA ILE A 19 13.34 -11.41 -6.46
C ILE A 19 12.67 -12.22 -5.34
N GLU A 20 12.49 -13.50 -5.61
CA GLU A 20 11.87 -14.39 -4.65
C GLU A 20 12.80 -14.60 -3.45
N LEU A 21 14.07 -14.82 -3.76
CA LEU A 21 15.06 -15.04 -2.71
C LEU A 21 15.02 -13.87 -1.73
N VAL A 22 14.98 -12.67 -2.27
CA VAL A 22 14.92 -11.48 -1.45
C VAL A 22 13.80 -11.61 -0.42
N LYS A 23 12.59 -11.76 -0.94
CA LYS A 23 11.41 -11.89 -0.09
C LYS A 23 11.60 -13.11 0.82
N LYS A 24 12.56 -13.94 0.46
CA LYS A 24 12.84 -15.15 1.22
C LYS A 24 13.81 -14.80 2.36
N TYR A 25 14.84 -14.04 2.01
CA TYR A 25 15.84 -13.63 2.99
C TYR A 25 15.38 -12.38 3.75
N GLY A 26 15.01 -11.37 2.98
CA GLY A 26 14.55 -10.12 3.56
C GLY A 26 14.77 -8.95 2.59
N THR A 27 15.45 -7.94 3.08
CA THR A 27 15.72 -6.76 2.28
C THR A 27 16.81 -5.91 2.92
N LYS A 28 17.99 -6.51 3.04
CA LYS A 28 19.12 -5.82 3.64
C LYS A 28 20.37 -6.72 3.53
N GLN A 29 20.44 -7.46 2.44
CA GLN A 29 21.56 -8.35 2.21
C GLN A 29 22.29 -7.96 0.92
N TRP A 30 21.57 -8.04 -0.18
CA TRP A 30 22.14 -7.70 -1.47
C TRP A 30 23.21 -8.75 -1.81
N THR A 31 23.24 -9.79 -1.01
CA THR A 31 24.20 -10.86 -1.21
C THR A 31 23.58 -12.00 -2.01
N LEU A 32 22.42 -12.46 -1.54
CA LEU A 32 21.73 -13.54 -2.21
C LEU A 32 21.52 -13.18 -3.68
N ILE A 33 21.66 -11.89 -3.96
CA ILE A 33 21.50 -11.41 -5.32
C ILE A 33 22.85 -11.42 -6.04
N ALA A 34 23.81 -10.71 -5.43
CA ALA A 34 25.14 -10.63 -6.00
C ALA A 34 25.90 -11.93 -5.67
N LYS A 35 25.17 -12.90 -5.16
CA LYS A 35 25.75 -14.18 -4.80
C LYS A 35 25.11 -15.27 -5.65
N HIS A 36 23.83 -15.10 -5.91
CA HIS A 36 23.10 -16.07 -6.72
C HIS A 36 23.28 -15.76 -8.20
N LEU A 37 23.27 -14.47 -8.51
CA LEU A 37 23.44 -14.02 -9.88
C LEU A 37 24.81 -13.34 -10.02
N LYS A 38 25.71 -14.03 -10.70
CA LYS A 38 27.05 -13.52 -10.91
C LYS A 38 27.07 -12.72 -12.22
N GLY A 39 28.25 -12.67 -12.82
CA GLY A 39 28.42 -11.95 -14.07
C GLY A 39 28.64 -10.46 -13.83
N ARG A 40 27.76 -9.90 -13.01
CA ARG A 40 27.84 -8.48 -12.69
C ARG A 40 27.29 -8.23 -11.28
N LEU A 41 27.22 -6.96 -10.93
CA LEU A 41 26.72 -6.57 -9.62
C LEU A 41 25.25 -6.98 -9.49
N GLY A 42 24.68 -6.68 -8.34
CA GLY A 42 23.29 -7.01 -8.08
C GLY A 42 22.41 -6.64 -9.28
N LYS A 43 21.15 -7.06 -9.21
CA LYS A 43 20.20 -6.79 -10.27
C LYS A 43 19.38 -5.55 -9.89
N GLN A 44 20.08 -4.52 -9.45
CA GLN A 44 19.41 -3.29 -9.07
C GLN A 44 18.06 -3.59 -8.42
N CYS A 45 18.02 -4.69 -7.69
CA CYS A 45 16.79 -5.10 -7.03
C CYS A 45 16.13 -3.85 -6.43
N ARG A 46 16.96 -2.98 -5.90
CA ARG A 46 16.47 -1.74 -5.29
C ARG A 46 15.41 -1.11 -6.20
N GLU A 47 15.84 -0.72 -7.39
CA GLU A 47 14.95 -0.10 -8.34
C GLU A 47 13.83 -1.07 -8.74
N ARG A 48 12.91 -1.25 -7.80
CA ARG A 48 11.78 -2.15 -8.04
C ARG A 48 10.83 -2.14 -6.83
N TRP A 49 11.38 -2.51 -5.68
CA TRP A 49 10.61 -2.55 -4.46
C TRP A 49 11.09 -1.41 -3.56
N HIS A 50 12.31 -0.97 -3.83
CA HIS A 50 12.90 0.12 -3.05
C HIS A 50 12.56 1.46 -3.68
N ASN A 51 12.33 1.42 -4.99
CA ASN A 51 11.98 2.63 -5.72
C ASN A 51 10.50 2.58 -6.12
N HIS A 52 9.79 1.66 -5.49
CA HIS A 52 8.37 1.50 -5.77
C HIS A 52 7.58 2.62 -5.09
N LEU A 53 7.74 2.70 -3.78
CA LEU A 53 7.06 3.71 -3.00
C LEU A 53 5.65 3.21 -2.65
N ASN A 54 5.59 2.40 -1.59
CA ASN A 54 4.32 1.85 -1.16
C ASN A 54 4.28 1.82 0.37
N PRO A 55 4.26 3.05 0.97
CA PRO A 55 4.23 3.16 2.42
C PRO A 55 2.84 2.83 2.97
N GLU A 56 2.57 3.34 4.16
CA GLU A 56 1.29 3.11 4.80
C GLU A 56 0.21 3.98 4.17
N VAL A 57 -0.94 4.03 4.84
CA VAL A 57 -2.05 4.83 4.35
C VAL A 57 -1.68 6.32 4.40
N LYS A 58 -0.65 6.60 5.17
CA LYS A 58 -0.18 7.97 5.33
C LYS A 58 0.70 8.08 6.58
N LYS A 59 1.56 7.08 6.75
CA LYS A 59 2.45 7.05 7.88
C LYS A 59 1.71 7.57 9.12
N SER A 60 1.84 8.87 9.35
CA SER A 60 1.20 9.50 10.48
C SER A 60 -0.25 9.81 10.15
N SER A 61 -1.03 8.75 10.02
CA SER A 61 -2.44 8.89 9.69
C SER A 61 -3.16 7.54 9.86
N TRP A 62 -4.27 7.41 9.15
CA TRP A 62 -5.04 6.19 9.20
C TRP A 62 -4.17 5.04 8.67
N THR A 63 -4.72 3.84 8.76
CA THR A 63 -4.00 2.66 8.28
C THR A 63 -4.92 1.80 7.42
N GLU A 64 -4.45 0.58 7.16
CA GLU A 64 -5.21 -0.35 6.36
C GLU A 64 -6.43 -0.87 7.13
N GLU A 65 -6.17 -1.83 8.01
CA GLU A 65 -7.23 -2.41 8.82
C GLU A 65 -8.14 -1.31 9.36
N GLU A 66 -7.53 -0.19 9.71
CA GLU A 66 -8.28 0.94 10.24
C GLU A 66 -9.28 1.45 9.20
N ASP A 67 -8.85 1.42 7.95
CA ASP A 67 -9.69 1.87 6.86
C ASP A 67 -10.86 0.90 6.68
N ARG A 68 -10.51 -0.38 6.55
CA ARG A 68 -11.51 -1.41 6.38
C ARG A 68 -12.53 -1.36 7.52
N ILE A 69 -12.01 -1.54 8.72
CA ILE A 69 -12.87 -1.52 9.90
C ILE A 69 -13.92 -0.43 9.75
N ILE A 70 -13.47 0.81 9.87
CA ILE A 70 -14.35 1.95 9.75
C ILE A 70 -15.27 1.76 8.54
N PHE A 71 -14.65 1.54 7.40
CA PHE A 71 -15.40 1.33 6.16
C PHE A 71 -16.50 0.29 6.37
N GLU A 72 -16.33 -0.52 7.40
CA GLU A 72 -17.30 -1.55 7.71
C GLU A 72 -18.25 -1.07 8.81
N ALA A 73 -17.66 -0.49 9.85
CA ALA A 73 -18.45 0.01 10.96
C ALA A 73 -19.51 0.99 10.44
N HIS A 74 -19.25 1.51 9.25
CA HIS A 74 -20.16 2.45 8.63
C HIS A 74 -21.36 1.70 8.04
N LYS A 75 -21.19 0.39 7.93
CA LYS A 75 -22.23 -0.46 7.38
C LYS A 75 -22.98 -1.14 8.53
N VAL A 76 -22.68 -0.69 9.74
CA VAL A 76 -23.32 -1.25 10.92
C VAL A 76 -24.25 -0.20 11.53
N LEU A 77 -23.88 1.06 11.36
CA LEU A 77 -24.67 2.15 11.88
C LEU A 77 -24.84 3.22 10.80
N GLY A 78 -23.75 3.90 10.52
CA GLY A 78 -23.76 4.95 9.51
C GLY A 78 -22.74 6.03 9.83
N ASN A 79 -23.24 7.25 10.04
CA ASN A 79 -22.38 8.38 10.36
C ASN A 79 -22.19 8.46 11.87
N ARG A 80 -22.43 7.34 12.53
CA ARG A 80 -22.28 7.26 13.97
C ARG A 80 -20.81 7.28 14.36
N TRP A 81 -20.10 8.28 13.85
CA TRP A 81 -18.68 8.41 14.13
C TRP A 81 -18.49 8.29 15.64
N ALA A 82 -19.45 8.83 16.38
CA ALA A 82 -19.39 8.79 17.83
C ALA A 82 -19.12 7.36 18.29
N GLU A 83 -19.55 6.41 17.45
CA GLU A 83 -19.36 5.01 17.75
C GLU A 83 -18.29 4.41 16.84
N ILE A 84 -18.38 4.76 15.56
CA ILE A 84 -17.44 4.27 14.57
C ILE A 84 -16.01 4.38 15.15
N ALA A 85 -15.75 5.51 15.78
CA ALA A 85 -14.44 5.75 16.37
C ALA A 85 -14.26 4.84 17.58
N LYS A 86 -15.34 4.65 18.30
CA LYS A 86 -15.32 3.80 19.49
C LYS A 86 -15.02 2.35 19.06
N LEU A 87 -13.80 2.13 18.63
CA LEU A 87 -13.38 0.80 18.20
C LEU A 87 -11.87 0.66 18.38
N LEU A 88 -11.16 1.71 17.99
CA LEU A 88 -9.72 1.71 18.10
C LEU A 88 -9.27 2.97 18.87
N PRO A 89 -8.35 2.75 19.85
CA PRO A 89 -7.85 3.85 20.66
C PRO A 89 -6.84 4.69 19.86
N GLY A 90 -7.09 5.99 19.84
CA GLY A 90 -6.22 6.90 19.12
C GLY A 90 -7.03 7.93 18.32
N ARG A 91 -7.96 7.40 17.52
CA ARG A 91 -8.80 8.25 16.71
C ARG A 91 -10.12 8.56 17.45
N THR A 92 -10.83 9.54 16.92
CA THR A 92 -12.10 9.94 17.52
C THR A 92 -13.19 10.00 16.44
N ASP A 93 -14.31 10.60 16.82
CA ASP A 93 -15.43 10.73 15.91
C ASP A 93 -15.07 11.71 14.80
N ASN A 94 -14.98 12.97 15.19
CA ASN A 94 -14.63 14.03 14.23
C ASN A 94 -13.49 13.56 13.35
N ALA A 95 -12.65 12.70 13.91
CA ALA A 95 -11.51 12.16 13.19
C ALA A 95 -12.02 11.32 12.02
N VAL A 96 -12.73 10.25 12.36
CA VAL A 96 -13.27 9.35 11.36
C VAL A 96 -14.21 10.13 10.44
N LYS A 97 -15.18 10.79 11.05
CA LYS A 97 -16.14 11.57 10.30
C LYS A 97 -15.45 12.23 9.10
N ASN A 98 -14.52 13.12 9.41
CA ASN A 98 -13.79 13.82 8.37
C ASN A 98 -13.08 12.81 7.49
N HIS A 99 -12.31 11.94 8.13
CA HIS A 99 -11.57 10.91 7.42
C HIS A 99 -12.49 10.26 6.37
N TRP A 100 -13.77 10.27 6.67
CA TRP A 100 -14.75 9.69 5.76
C TRP A 100 -14.67 10.45 4.43
N ASN A 101 -15.09 11.71 4.48
CA ASN A 101 -15.07 12.55 3.29
C ASN A 101 -13.62 12.88 2.94
N SER A 102 -12.72 12.45 3.80
CA SER A 102 -11.30 12.70 3.58
C SER A 102 -10.79 11.86 2.41
N THR A 103 -10.55 10.58 2.71
CA THR A 103 -10.07 9.66 1.70
C THR A 103 -11.06 8.52 1.48
N ILE A 104 -11.99 8.42 2.42
CA ILE A 104 -13.01 7.37 2.35
C ILE A 104 -14.20 7.88 1.55
N LYS A 105 -13.90 8.76 0.59
CA LYS A 105 -14.94 9.33 -0.25
C LYS A 105 -14.33 9.66 -1.62
N ARG A 106 -14.09 8.63 -2.40
CA ARG A 106 -13.52 8.80 -3.73
C ARG A 106 -14.59 9.33 -4.69
N LYS A 107 -15.81 8.85 -4.50
CA LYS A 107 -16.91 9.27 -5.34
C LYS A 107 -17.51 10.57 -4.79
N VAL A 108 -16.72 11.63 -4.89
CA VAL A 108 -17.14 12.93 -4.41
C VAL A 108 -16.55 14.02 -5.32
N ASP A 109 -15.26 13.90 -5.57
CA ASP A 109 -14.57 14.86 -6.42
C ASP A 109 -13.37 14.18 -7.08
N THR A 110 -13.67 13.42 -8.13
CA THR A 110 -12.62 12.72 -8.85
C THR A 110 -11.53 13.69 -9.31
N GLY A 1 49.61 -8.99 -5.11
CA GLY A 1 49.52 -10.44 -5.19
C GLY A 1 48.40 -10.97 -4.28
N ILE A 2 47.30 -10.24 -4.26
CA ILE A 2 46.16 -10.61 -3.44
C ILE A 2 44.98 -10.96 -4.34
N PRO A 3 44.37 -12.14 -4.05
CA PRO A 3 43.23 -12.61 -4.82
C PRO A 3 41.96 -11.82 -4.47
N ASP A 4 42.12 -10.94 -3.50
CA ASP A 4 41.00 -10.12 -3.06
C ASP A 4 41.48 -8.67 -2.86
N LEU A 5 40.59 -7.74 -3.17
CA LEU A 5 40.91 -6.34 -3.03
C LEU A 5 42.25 -6.04 -3.69
N VAL A 6 42.76 -4.86 -3.43
CA VAL A 6 44.04 -4.44 -4.00
C VAL A 6 44.52 -3.17 -3.30
N LYS A 7 45.76 -2.82 -3.58
CA LYS A 7 46.35 -1.63 -2.98
C LYS A 7 45.69 -0.39 -3.58
N GLY A 8 44.37 -0.47 -3.72
CA GLY A 8 43.61 0.64 -4.27
C GLY A 8 42.48 0.13 -5.18
N PRO A 9 41.45 -0.48 -4.52
CA PRO A 9 40.32 -1.02 -5.25
C PRO A 9 39.39 0.11 -5.73
N TRP A 10 38.20 -0.29 -6.16
CA TRP A 10 37.22 0.68 -6.64
C TRP A 10 36.98 1.69 -5.53
N THR A 11 36.17 2.70 -5.86
CA THR A 11 35.84 3.74 -4.89
C THR A 11 34.47 4.34 -5.21
N LYS A 12 34.19 5.47 -4.57
CA LYS A 12 32.92 6.15 -4.77
C LYS A 12 32.63 6.24 -6.26
N GLU A 13 33.70 6.31 -7.04
CA GLU A 13 33.56 6.39 -8.48
C GLU A 13 32.70 5.25 -9.01
N GLU A 14 33.31 4.08 -9.11
CA GLU A 14 32.62 2.90 -9.59
C GLU A 14 31.28 2.75 -8.87
N ASP A 15 31.30 3.06 -7.58
CA ASP A 15 30.10 2.96 -6.76
C ASP A 15 29.06 3.96 -7.25
N GLN A 16 29.56 5.08 -7.76
CA GLN A 16 28.70 6.13 -8.26
C GLN A 16 27.88 5.62 -9.46
N LYS A 17 28.46 4.63 -10.14
CA LYS A 17 27.80 4.05 -11.29
C LYS A 17 26.58 3.24 -10.82
N VAL A 18 26.84 2.32 -9.91
CA VAL A 18 25.77 1.49 -9.38
C VAL A 18 24.57 2.36 -9.01
N ILE A 19 24.87 3.50 -8.40
CA ILE A 19 23.83 4.43 -7.99
C ILE A 19 23.11 4.95 -9.24
N GLU A 20 23.88 5.21 -10.27
CA GLU A 20 23.33 5.70 -11.52
C GLU A 20 22.57 4.59 -12.25
N LEU A 21 22.84 3.36 -11.82
CA LEU A 21 22.20 2.20 -12.42
C LEU A 21 20.84 1.98 -11.75
N VAL A 22 20.89 1.74 -10.45
CA VAL A 22 19.68 1.50 -9.69
C VAL A 22 18.73 2.69 -9.85
N LYS A 23 19.31 3.81 -10.27
CA LYS A 23 18.55 5.03 -10.47
C LYS A 23 17.74 4.90 -11.76
N LYS A 24 18.47 4.72 -12.85
CA LYS A 24 17.84 4.58 -14.15
C LYS A 24 17.05 3.28 -14.20
N TYR A 25 17.41 2.37 -13.31
CA TYR A 25 16.75 1.08 -13.23
C TYR A 25 15.49 1.15 -12.36
N GLY A 26 15.72 1.50 -11.10
CA GLY A 26 14.62 1.62 -10.15
C GLY A 26 13.49 0.63 -10.49
N THR A 27 13.56 -0.53 -9.86
CA THR A 27 12.57 -1.57 -10.10
C THR A 27 12.81 -2.75 -9.18
N LYS A 28 13.98 -3.38 -9.35
CA LYS A 28 14.34 -4.53 -8.55
C LYS A 28 15.65 -5.12 -9.08
N GLN A 29 16.67 -4.27 -9.13
CA GLN A 29 17.98 -4.70 -9.61
C GLN A 29 19.04 -4.49 -8.54
N TRP A 30 19.37 -5.57 -7.84
CA TRP A 30 20.36 -5.51 -6.79
C TRP A 30 21.53 -6.40 -7.20
N THR A 31 21.34 -7.12 -8.30
CA THR A 31 22.37 -7.99 -8.81
C THR A 31 23.43 -7.20 -9.58
N LEU A 32 22.96 -6.22 -10.34
CA LEU A 32 23.84 -5.39 -11.12
C LEU A 32 24.91 -4.76 -10.19
N ILE A 33 24.43 -4.13 -9.14
CA ILE A 33 25.32 -3.50 -8.18
C ILE A 33 26.55 -4.39 -7.96
N ALA A 34 26.31 -5.51 -7.31
CA ALA A 34 27.38 -6.45 -7.03
C ALA A 34 28.04 -6.87 -8.35
N LYS A 35 27.23 -7.46 -9.22
CA LYS A 35 27.72 -7.90 -10.52
C LYS A 35 28.60 -6.82 -11.13
N HIS A 36 28.27 -5.58 -10.77
CA HIS A 36 29.02 -4.43 -11.29
C HIS A 36 30.26 -4.21 -10.42
N LEU A 37 30.02 -3.90 -9.15
CA LEU A 37 31.10 -3.66 -8.21
C LEU A 37 31.37 -4.94 -7.42
N LYS A 38 32.31 -5.72 -7.94
CA LYS A 38 32.68 -6.97 -7.28
C LYS A 38 33.80 -6.71 -6.27
N GLY A 39 33.71 -5.55 -5.64
CA GLY A 39 34.71 -5.17 -4.65
C GLY A 39 34.09 -5.08 -3.25
N ARG A 40 32.77 -5.05 -3.23
CA ARG A 40 32.05 -4.98 -1.97
C ARG A 40 30.84 -5.91 -1.98
N LEU A 41 31.12 -7.18 -2.25
CA LEU A 41 30.08 -8.18 -2.29
C LEU A 41 28.79 -7.55 -2.83
N GLY A 42 27.89 -7.25 -1.91
CA GLY A 42 26.62 -6.65 -2.28
C GLY A 42 25.58 -6.86 -1.19
N LYS A 43 26.02 -6.71 0.05
CA LYS A 43 25.12 -6.90 1.18
C LYS A 43 24.92 -5.54 1.87
N GLN A 44 26.03 -4.91 2.23
CA GLN A 44 25.97 -3.63 2.90
C GLN A 44 25.65 -2.52 1.89
N CYS A 45 24.56 -2.71 1.18
CA CYS A 45 24.13 -1.74 0.18
C CYS A 45 22.61 -1.66 0.22
N ARG A 46 21.98 -2.84 0.31
CA ARG A 46 20.54 -2.91 0.35
C ARG A 46 20.00 -2.23 1.61
N GLU A 47 20.21 -0.92 1.67
CA GLU A 47 19.76 -0.14 2.82
C GLU A 47 19.32 1.26 2.37
N ARG A 48 19.12 1.38 1.06
CA ARG A 48 18.71 2.66 0.49
C ARG A 48 17.66 2.43 -0.60
N TRP A 49 17.96 1.48 -1.47
CA TRP A 49 17.05 1.15 -2.56
C TRP A 49 16.13 0.02 -2.09
N HIS A 50 16.54 -0.62 -1.01
CA HIS A 50 15.76 -1.71 -0.45
C HIS A 50 14.89 -1.20 0.70
N ASN A 51 15.45 -0.24 1.43
CA ASN A 51 14.74 0.35 2.56
C ASN A 51 14.33 1.78 2.20
N HIS A 52 13.31 1.87 1.36
CA HIS A 52 12.80 3.18 0.94
C HIS A 52 11.32 3.06 0.59
N LEU A 53 11.06 2.38 -0.51
CA LEU A 53 9.69 2.19 -0.96
C LEU A 53 8.79 1.92 0.24
N ASN A 54 8.02 2.94 0.61
CA ASN A 54 7.12 2.83 1.75
C ASN A 54 5.73 3.28 1.32
N PRO A 55 4.81 2.27 1.21
CA PRO A 55 3.45 2.55 0.80
C PRO A 55 2.65 3.17 1.96
N GLU A 56 2.04 2.30 2.74
CA GLU A 56 1.25 2.76 3.88
C GLU A 56 0.22 3.80 3.44
N VAL A 57 -0.71 4.09 4.33
CA VAL A 57 -1.75 5.06 4.05
C VAL A 57 -1.12 6.45 3.86
N LYS A 58 -0.27 6.81 4.81
CA LYS A 58 0.41 8.09 4.76
C LYS A 58 1.17 8.31 6.07
N LYS A 59 2.42 7.88 6.07
CA LYS A 59 3.26 8.02 7.26
C LYS A 59 2.52 7.48 8.48
N SER A 60 1.76 8.37 9.12
CA SER A 60 1.01 7.99 10.29
C SER A 60 -0.49 7.97 9.96
N SER A 61 -1.16 9.06 10.30
CA SER A 61 -2.58 9.17 10.05
C SER A 61 -3.26 7.81 10.20
N TRP A 62 -4.33 7.62 9.44
CA TRP A 62 -5.06 6.37 9.49
C TRP A 62 -4.13 5.25 9.02
N THR A 63 -4.64 4.03 9.10
CA THR A 63 -3.87 2.87 8.69
C THR A 63 -4.70 1.97 7.78
N GLU A 64 -4.22 0.75 7.62
CA GLU A 64 -4.91 -0.23 6.78
C GLU A 64 -6.16 -0.74 7.49
N GLU A 65 -5.95 -1.68 8.41
CA GLU A 65 -7.05 -2.26 9.16
C GLU A 65 -8.01 -1.16 9.62
N GLU A 66 -7.43 -0.06 10.07
CA GLU A 66 -8.22 1.06 10.54
C GLU A 66 -9.13 1.57 9.43
N ASP A 67 -8.61 1.54 8.21
CA ASP A 67 -9.35 1.99 7.05
C ASP A 67 -10.63 1.15 6.92
N ARG A 68 -10.43 -0.16 6.87
CA ARG A 68 -11.55 -1.08 6.74
C ARG A 68 -12.50 -0.93 7.93
N ILE A 69 -11.95 -1.12 9.11
CA ILE A 69 -12.73 -1.01 10.33
C ILE A 69 -13.77 0.11 10.17
N ILE A 70 -13.34 1.18 9.53
CA ILE A 70 -14.22 2.32 9.30
C ILE A 70 -15.33 1.91 8.33
N PHE A 71 -14.95 1.70 7.08
CA PHE A 71 -15.89 1.31 6.07
C PHE A 71 -16.76 0.14 6.54
N GLU A 72 -16.25 -0.56 7.55
CA GLU A 72 -16.97 -1.70 8.10
C GLU A 72 -18.02 -1.21 9.12
N ALA A 73 -17.51 -0.64 10.20
CA ALA A 73 -18.37 -0.15 11.26
C ALA A 73 -19.40 0.83 10.65
N HIS A 74 -19.05 1.35 9.50
CA HIS A 74 -19.92 2.28 8.81
C HIS A 74 -21.07 1.52 8.15
N LYS A 75 -20.91 0.21 8.07
CA LYS A 75 -21.92 -0.63 7.47
C LYS A 75 -22.69 -1.35 8.58
N VAL A 76 -22.49 -0.89 9.79
CA VAL A 76 -23.16 -1.49 10.94
C VAL A 76 -24.06 -0.44 11.59
N LEU A 77 -23.59 0.79 11.60
CA LEU A 77 -24.35 1.89 12.19
C LEU A 77 -24.63 2.95 11.12
N GLY A 78 -23.56 3.61 10.70
CA GLY A 78 -23.68 4.65 9.69
C GLY A 78 -22.69 5.79 9.94
N ASN A 79 -23.23 6.95 10.27
CA ASN A 79 -22.41 8.11 10.54
C ASN A 79 -22.08 8.17 12.03
N ARG A 80 -22.21 7.01 12.67
CA ARG A 80 -21.93 6.92 14.10
C ARG A 80 -20.43 7.00 14.36
N TRP A 81 -19.83 8.07 13.87
CA TRP A 81 -18.40 8.28 14.03
C TRP A 81 -18.08 8.12 15.52
N ALA A 82 -19.00 8.61 16.35
CA ALA A 82 -18.82 8.54 17.78
C ALA A 82 -18.55 7.09 18.19
N GLU A 83 -19.04 6.18 17.36
CA GLU A 83 -18.85 4.76 17.62
C GLU A 83 -17.68 4.21 16.78
N ILE A 84 -17.61 4.67 15.55
CA ILE A 84 -16.56 4.24 14.64
C ILE A 84 -15.21 4.33 15.36
N ALA A 85 -15.02 5.43 16.06
CA ALA A 85 -13.79 5.66 16.81
C ALA A 85 -13.73 4.68 17.98
N LYS A 86 -14.89 4.45 18.58
CA LYS A 86 -14.98 3.55 19.72
C LYS A 86 -14.43 2.18 19.32
N LEU A 87 -14.69 1.81 18.07
CA LEU A 87 -14.22 0.53 17.56
C LEU A 87 -12.71 0.61 17.30
N LEU A 88 -12.22 1.84 17.24
CA LEU A 88 -10.80 2.06 17.00
C LEU A 88 -10.08 2.23 18.34
N PRO A 89 -8.72 2.14 18.27
CA PRO A 89 -7.91 2.29 19.47
C PRO A 89 -7.83 3.75 19.91
N GLY A 90 -8.52 4.60 19.16
CA GLY A 90 -8.53 6.02 19.45
C GLY A 90 -8.34 6.84 18.18
N ARG A 91 -9.45 7.32 17.64
CA ARG A 91 -9.41 8.12 16.43
C ARG A 91 -10.53 9.17 16.46
N THR A 92 -11.05 9.40 17.65
CA THR A 92 -12.11 10.37 17.82
C THR A 92 -13.18 10.20 16.74
N ASP A 93 -14.16 11.09 16.77
CA ASP A 93 -15.24 11.04 15.81
C ASP A 93 -14.95 12.03 14.67
N ASN A 94 -14.76 13.28 15.05
CA ASN A 94 -14.48 14.32 14.07
C ASN A 94 -13.44 13.80 13.07
N ALA A 95 -12.59 12.91 13.56
CA ALA A 95 -11.56 12.33 12.71
C ALA A 95 -12.21 11.43 11.66
N VAL A 96 -12.85 10.38 12.16
CA VAL A 96 -13.52 9.43 11.27
C VAL A 96 -14.48 10.19 10.36
N LYS A 97 -15.41 10.90 10.99
CA LYS A 97 -16.40 11.67 10.25
C LYS A 97 -15.72 12.32 9.04
N ASN A 98 -14.54 12.86 9.28
CA ASN A 98 -13.78 13.51 8.22
C ASN A 98 -13.18 12.45 7.29
N HIS A 99 -12.56 11.45 7.93
CA HIS A 99 -11.94 10.38 7.17
C HIS A 99 -12.90 9.88 6.09
N TRP A 100 -14.18 10.14 6.32
CA TRP A 100 -15.21 9.72 5.39
C TRP A 100 -15.07 10.57 4.12
N ASN A 101 -15.06 11.88 4.32
CA ASN A 101 -14.93 12.80 3.21
C ASN A 101 -13.45 13.06 2.94
N SER A 102 -12.61 12.53 3.82
CA SER A 102 -11.18 12.69 3.69
C SER A 102 -10.66 11.85 2.52
N THR A 103 -10.63 10.55 2.74
CA THR A 103 -10.15 9.63 1.72
C THR A 103 -11.08 8.41 1.64
N ILE A 104 -11.99 8.33 2.59
CA ILE A 104 -12.94 7.23 2.64
C ILE A 104 -14.26 7.66 2.00
N LYS A 105 -14.14 8.52 1.00
CA LYS A 105 -15.31 9.01 0.29
C LYS A 105 -15.26 8.57 -1.16
N ARG A 106 -14.83 7.33 -1.36
CA ARG A 106 -14.73 6.78 -2.70
C ARG A 106 -16.12 6.38 -3.21
N LYS A 107 -16.70 5.40 -2.56
CA LYS A 107 -18.02 4.91 -2.94
C LYS A 107 -19.05 6.01 -2.68
N VAL A 108 -19.31 6.79 -3.72
CA VAL A 108 -20.28 7.88 -3.62
C VAL A 108 -20.80 8.21 -5.01
N ASP A 109 -19.87 8.36 -5.95
CA ASP A 109 -20.23 8.68 -7.32
C ASP A 109 -20.38 7.39 -8.12
N THR A 110 -20.79 6.34 -7.42
CA THR A 110 -20.98 5.04 -8.05
C THR A 110 -19.78 4.70 -8.93
N GLY A 1 52.20 -6.33 3.84
CA GLY A 1 51.13 -7.16 3.30
C GLY A 1 50.13 -7.52 4.39
N ILE A 2 49.17 -8.37 4.03
CA ILE A 2 48.15 -8.80 4.96
C ILE A 2 47.51 -10.08 4.44
N PRO A 3 46.61 -10.67 5.29
CA PRO A 3 45.94 -11.89 4.93
C PRO A 3 44.83 -11.64 3.91
N ASP A 4 43.95 -12.62 3.78
CA ASP A 4 42.85 -12.50 2.83
C ASP A 4 41.88 -11.42 3.32
N LEU A 5 40.82 -11.22 2.54
CA LEU A 5 39.81 -10.23 2.88
C LEU A 5 40.38 -8.84 2.57
N VAL A 6 41.49 -8.82 1.85
CA VAL A 6 42.13 -7.57 1.50
C VAL A 6 41.96 -7.33 -0.01
N LYS A 7 43.07 -6.96 -0.64
CA LYS A 7 43.06 -6.70 -2.06
C LYS A 7 41.76 -5.97 -2.44
N GLY A 8 41.24 -5.22 -1.49
CA GLY A 8 40.01 -4.47 -1.70
C GLY A 8 38.96 -4.84 -0.66
N PRO A 9 39.12 -4.24 0.55
CA PRO A 9 38.19 -4.50 1.64
C PRO A 9 36.87 -3.78 1.41
N TRP A 10 35.78 -4.49 1.68
CA TRP A 10 34.45 -3.93 1.51
C TRP A 10 34.04 -3.27 2.83
N THR A 11 33.09 -2.36 2.74
CA THR A 11 32.60 -1.66 3.91
C THR A 11 31.11 -1.32 3.76
N LYS A 12 30.64 -0.44 4.62
CA LYS A 12 29.25 -0.02 4.59
C LYS A 12 28.80 0.12 3.13
N GLU A 13 29.56 0.91 2.39
CA GLU A 13 29.24 1.14 0.99
C GLU A 13 28.90 -0.17 0.29
N GLU A 14 29.67 -1.20 0.65
CA GLU A 14 29.46 -2.52 0.07
C GLU A 14 28.03 -2.99 0.32
N ASP A 15 27.61 -2.85 1.57
CA ASP A 15 26.27 -3.25 1.95
C ASP A 15 25.25 -2.43 1.17
N GLN A 16 25.44 -1.12 1.19
CA GLN A 16 24.55 -0.22 0.49
C GLN A 16 24.30 -0.71 -0.93
N LYS A 17 25.24 -1.50 -1.43
CA LYS A 17 25.13 -2.05 -2.77
C LYS A 17 24.06 -3.15 -2.78
N VAL A 18 24.22 -4.10 -1.88
CA VAL A 18 23.29 -5.20 -1.78
C VAL A 18 21.86 -4.65 -1.82
N ILE A 19 21.71 -3.44 -1.31
CA ILE A 19 20.41 -2.80 -1.29
C ILE A 19 20.04 -2.34 -2.70
N GLU A 20 21.00 -1.68 -3.35
CA GLU A 20 20.78 -1.19 -4.70
C GLU A 20 20.67 -2.36 -5.67
N LEU A 21 21.12 -3.52 -5.21
CA LEU A 21 21.07 -4.72 -6.04
C LEU A 21 19.74 -5.44 -5.81
N VAL A 22 19.22 -5.29 -4.60
CA VAL A 22 17.97 -5.91 -4.23
C VAL A 22 16.83 -5.22 -4.97
N LYS A 23 16.99 -3.91 -5.15
CA LYS A 23 15.99 -3.12 -5.84
C LYS A 23 16.13 -3.32 -7.35
N LYS A 24 17.38 -3.40 -7.78
CA LYS A 24 17.68 -3.60 -9.20
C LYS A 24 17.27 -5.01 -9.61
N TYR A 25 17.21 -5.89 -8.62
CA TYR A 25 16.83 -7.27 -8.87
C TYR A 25 15.35 -7.51 -8.54
N GLY A 26 14.97 -7.05 -7.36
CA GLY A 26 13.59 -7.20 -6.91
C GLY A 26 13.53 -8.00 -5.61
N THR A 27 14.70 -8.40 -5.14
CA THR A 27 14.78 -9.17 -3.90
C THR A 27 14.42 -10.63 -4.17
N LYS A 28 15.09 -11.21 -5.16
CA LYS A 28 14.83 -12.59 -5.51
C LYS A 28 16.14 -13.39 -5.38
N GLN A 29 17.16 -12.91 -6.07
CA GLN A 29 18.46 -13.57 -6.04
C GLN A 29 19.22 -13.15 -4.78
N TRP A 30 18.78 -13.68 -3.64
CA TRP A 30 19.42 -13.38 -2.38
C TRP A 30 20.90 -13.72 -2.50
N THR A 31 21.20 -14.56 -3.48
CA THR A 31 22.58 -14.96 -3.70
C THR A 31 23.47 -13.73 -3.91
N LEU A 32 22.95 -12.77 -4.67
CA LEU A 32 23.67 -11.55 -4.95
C LEU A 32 24.18 -10.96 -3.63
N ILE A 33 23.28 -10.92 -2.65
CA ILE A 33 23.63 -10.38 -1.35
C ILE A 33 24.75 -11.21 -0.74
N ALA A 34 24.65 -12.51 -0.94
CA ALA A 34 25.66 -13.43 -0.41
C ALA A 34 26.67 -13.75 -1.50
N LYS A 35 26.67 -12.91 -2.53
CA LYS A 35 27.59 -13.10 -3.64
C LYS A 35 28.47 -11.85 -3.79
N HIS A 36 27.87 -10.71 -3.48
CA HIS A 36 28.58 -9.44 -3.57
C HIS A 36 29.41 -9.23 -2.31
N LEU A 37 28.73 -9.30 -1.17
CA LEU A 37 29.40 -9.12 0.11
C LEU A 37 30.00 -10.45 0.56
N LYS A 38 30.99 -10.90 -0.20
CA LYS A 38 31.65 -12.16 0.10
C LYS A 38 32.33 -12.04 1.48
N GLY A 39 33.29 -12.94 1.70
CA GLY A 39 34.03 -12.94 2.95
C GLY A 39 33.23 -13.65 4.05
N ARG A 40 32.06 -14.14 3.66
CA ARG A 40 31.19 -14.84 4.60
C ARG A 40 29.74 -14.80 4.11
N LEU A 41 28.85 -15.23 5.00
CA LEU A 41 27.43 -15.25 4.67
C LEU A 41 26.94 -13.81 4.46
N GLY A 42 26.32 -13.59 3.33
CA GLY A 42 25.79 -12.27 3.00
C GLY A 42 25.25 -11.58 4.24
N LYS A 43 25.99 -10.56 4.69
CA LYS A 43 25.59 -9.81 5.86
C LYS A 43 24.28 -9.08 5.58
N GLN A 44 23.25 -9.86 5.29
CA GLN A 44 21.94 -9.29 4.99
C GLN A 44 21.01 -10.37 4.45
N CYS A 45 20.88 -11.45 5.22
CA CYS A 45 20.03 -12.55 4.82
C CYS A 45 18.64 -12.33 5.43
N ARG A 46 17.87 -11.48 4.77
CA ARG A 46 16.53 -11.17 5.23
C ARG A 46 16.58 -10.59 6.64
N GLU A 47 16.20 -9.32 6.74
CA GLU A 47 16.20 -8.64 8.02
C GLU A 47 16.10 -7.13 7.82
N ARG A 48 15.13 -6.73 7.01
CA ARG A 48 14.91 -5.32 6.73
C ARG A 48 13.74 -5.14 5.77
N TRP A 49 13.65 -6.07 4.82
CA TRP A 49 12.59 -6.03 3.83
C TRP A 49 11.67 -7.22 4.08
N HIS A 50 12.28 -8.33 4.50
CA HIS A 50 11.52 -9.53 4.77
C HIS A 50 10.97 -9.49 6.20
N ASN A 51 11.78 -8.92 7.09
CA ASN A 51 11.38 -8.80 8.48
C ASN A 51 11.19 -7.32 8.84
N HIS A 52 10.25 -6.71 8.16
CA HIS A 52 9.96 -5.30 8.39
C HIS A 52 8.70 -4.90 7.61
N LEU A 53 8.88 -4.71 6.32
CA LEU A 53 7.77 -4.32 5.46
C LEU A 53 6.87 -3.34 6.20
N ASN A 54 5.79 -3.87 6.76
CA ASN A 54 4.85 -3.06 7.51
C ASN A 54 4.63 -1.73 6.76
N PRO A 55 3.86 -1.83 5.64
CA PRO A 55 3.57 -0.66 4.84
C PRO A 55 2.53 0.22 5.52
N GLU A 56 1.86 1.03 4.70
CA GLU A 56 0.83 1.93 5.21
C GLU A 56 -0.29 2.08 4.18
N VAL A 57 -1.25 2.93 4.53
CA VAL A 57 -2.39 3.17 3.65
C VAL A 57 -2.14 4.45 2.86
N LYS A 58 -1.22 5.26 3.37
CA LYS A 58 -0.88 6.52 2.72
C LYS A 58 0.15 7.27 3.57
N LYS A 59 1.25 6.58 3.84
CA LYS A 59 2.32 7.16 4.64
C LYS A 59 1.71 8.01 5.75
N SER A 60 1.47 7.35 6.88
CA SER A 60 0.89 8.01 8.02
C SER A 60 -0.64 8.06 7.90
N SER A 61 -1.26 8.72 8.86
CA SER A 61 -2.71 8.85 8.87
C SER A 61 -3.34 7.53 9.28
N TRP A 62 -4.51 7.26 8.72
CA TRP A 62 -5.24 6.04 9.02
C TRP A 62 -4.36 4.86 8.58
N THR A 63 -4.83 3.66 8.92
CA THR A 63 -4.11 2.45 8.56
C THR A 63 -5.01 1.52 7.74
N GLU A 64 -4.64 0.24 7.75
CA GLU A 64 -5.39 -0.76 7.02
C GLU A 64 -6.64 -1.17 7.79
N GLU A 65 -6.43 -2.05 8.76
CA GLU A 65 -7.52 -2.53 9.58
C GLU A 65 -8.44 -1.37 9.98
N GLU A 66 -7.82 -0.21 10.17
CA GLU A 66 -8.57 0.98 10.56
C GLU A 66 -9.55 1.38 9.44
N ASP A 67 -9.07 1.25 8.21
CA ASP A 67 -9.89 1.60 7.06
C ASP A 67 -11.04 0.60 6.95
N ARG A 68 -10.71 -0.67 7.06
CA ARG A 68 -11.69 -1.73 6.98
C ARG A 68 -12.75 -1.54 8.07
N ILE A 69 -12.31 -1.62 9.32
CA ILE A 69 -13.20 -1.46 10.45
C ILE A 69 -14.25 -0.39 10.13
N ILE A 70 -13.78 0.85 10.08
CA ILE A 70 -14.66 1.96 9.78
C ILE A 70 -15.50 1.64 8.55
N PHE A 71 -14.81 1.20 7.49
CA PHE A 71 -15.48 0.86 6.25
C PHE A 71 -16.49 -0.27 6.48
N GLU A 72 -16.38 -0.90 7.63
CA GLU A 72 -17.28 -1.98 7.98
C GLU A 72 -17.95 -1.71 9.33
N ALA A 73 -17.86 -0.46 9.75
CA ALA A 73 -18.45 -0.05 11.01
C ALA A 73 -19.50 1.03 10.76
N HIS A 74 -19.49 1.54 9.54
CA HIS A 74 -20.42 2.59 9.16
C HIS A 74 -21.71 1.95 8.62
N LYS A 75 -21.57 0.72 8.14
CA LYS A 75 -22.72 -0.01 7.60
C LYS A 75 -23.28 -0.92 8.69
N VAL A 76 -22.82 -0.70 9.92
CA VAL A 76 -23.27 -1.50 11.04
C VAL A 76 -24.03 -0.61 12.02
N LEU A 77 -23.62 0.65 12.07
CA LEU A 77 -24.25 1.61 12.96
C LEU A 77 -24.84 2.75 12.13
N GLY A 78 -23.96 3.62 11.65
CA GLY A 78 -24.39 4.75 10.84
C GLY A 78 -23.78 6.05 11.36
N ASN A 79 -22.86 6.59 10.55
CA ASN A 79 -22.19 7.83 10.92
C ASN A 79 -21.96 7.85 12.42
N ARG A 80 -21.77 6.68 12.99
CA ARG A 80 -21.55 6.55 14.42
C ARG A 80 -20.08 6.81 14.74
N TRP A 81 -19.55 7.89 14.19
CA TRP A 81 -18.17 8.26 14.42
C TRP A 81 -17.91 8.26 15.93
N ALA A 82 -18.92 8.71 16.66
CA ALA A 82 -18.82 8.77 18.11
C ALA A 82 -18.55 7.36 18.65
N GLU A 83 -18.84 6.38 17.83
CA GLU A 83 -18.62 4.99 18.21
C GLU A 83 -17.46 4.39 17.41
N ILE A 84 -17.38 4.80 16.15
CA ILE A 84 -16.33 4.31 15.28
C ILE A 84 -14.98 4.56 15.92
N ALA A 85 -14.75 5.81 16.30
CA ALA A 85 -13.50 6.19 16.93
C ALA A 85 -13.31 5.39 18.22
N LYS A 86 -14.43 5.20 18.92
CA LYS A 86 -14.41 4.46 20.17
C LYS A 86 -14.00 3.01 19.89
N LEU A 87 -14.42 2.53 18.73
CA LEU A 87 -14.11 1.16 18.33
C LEU A 87 -12.72 1.13 17.70
N LEU A 88 -12.04 2.27 17.76
CA LEU A 88 -10.71 2.39 17.20
C LEU A 88 -9.68 2.44 18.33
N PRO A 89 -8.40 2.15 17.97
CA PRO A 89 -7.32 2.16 18.94
C PRO A 89 -6.93 3.59 19.30
N GLY A 90 -7.57 4.54 18.62
CA GLY A 90 -7.29 5.95 18.86
C GLY A 90 -8.25 6.83 18.06
N ARG A 91 -7.66 7.83 17.42
CA ARG A 91 -8.44 8.76 16.60
C ARG A 91 -9.67 9.24 17.39
N THR A 92 -10.51 10.01 16.71
CA THR A 92 -11.71 10.54 17.32
C THR A 92 -12.88 10.47 16.34
N ASP A 93 -13.99 11.05 16.77
CA ASP A 93 -15.20 11.06 15.94
C ASP A 93 -15.04 12.12 14.84
N ASN A 94 -14.35 13.19 15.19
CA ASN A 94 -14.14 14.28 14.24
C ASN A 94 -13.13 13.83 13.18
N ALA A 95 -12.33 12.83 13.55
CA ALA A 95 -11.32 12.30 12.65
C ALA A 95 -11.99 11.38 11.62
N VAL A 96 -12.61 10.33 12.14
CA VAL A 96 -13.29 9.37 11.28
C VAL A 96 -14.32 10.11 10.41
N LYS A 97 -15.26 10.74 11.09
CA LYS A 97 -16.31 11.49 10.40
C LYS A 97 -15.71 12.17 9.17
N ASN A 98 -14.63 12.90 9.40
CA ASN A 98 -13.95 13.61 8.32
C ASN A 98 -13.36 12.59 7.34
N HIS A 99 -12.56 11.68 7.89
CA HIS A 99 -11.92 10.65 7.08
C HIS A 99 -12.95 10.05 6.12
N TRP A 100 -14.21 10.12 6.53
CA TRP A 100 -15.30 9.59 5.73
C TRP A 100 -15.35 10.38 4.42
N ASN A 101 -15.76 11.63 4.54
CA ASN A 101 -15.87 12.51 3.39
C ASN A 101 -14.47 12.79 2.84
N SER A 102 -13.47 12.30 3.57
CA SER A 102 -12.09 12.50 3.17
C SER A 102 -11.77 11.64 1.95
N THR A 103 -11.52 10.37 2.19
CA THR A 103 -11.20 9.45 1.11
C THR A 103 -12.18 8.27 1.12
N ILE A 104 -12.92 8.15 2.21
CA ILE A 104 -13.89 7.08 2.35
C ILE A 104 -15.25 7.57 1.85
N LYS A 105 -15.21 8.41 0.83
CA LYS A 105 -16.42 8.95 0.26
C LYS A 105 -16.20 9.23 -1.23
N ARG A 106 -16.41 8.19 -2.04
CA ARG A 106 -16.22 8.32 -3.48
C ARG A 106 -17.25 9.30 -4.05
N LYS A 107 -18.50 8.86 -4.07
CA LYS A 107 -19.57 9.68 -4.59
C LYS A 107 -19.79 10.88 -3.66
N VAL A 108 -19.10 11.97 -3.98
CA VAL A 108 -19.21 13.19 -3.19
C VAL A 108 -20.06 14.20 -3.93
N ASP A 109 -19.67 14.47 -5.17
CA ASP A 109 -20.38 15.42 -6.00
C ASP A 109 -20.84 16.59 -5.15
N THR A 110 -19.88 17.39 -4.72
CA THR A 110 -20.17 18.55 -3.89
C THR A 110 -20.74 18.11 -2.55
#